data_5VI5
#
_entry.id   5VI5
#
_cell.length_a   132.062
_cell.length_b   163.555
_cell.length_c   139.964
_cell.angle_alpha   90.00
_cell.angle_beta   107.90
_cell.angle_gamma   90.00
#
_symmetry.space_group_name_H-M   'P 1 21 1'
#
loop_
_entity.id
_entity.type
_entity.pdbx_description
1 polymer 'DNA (49-MER)'
2 polymer 'DNA (44-MER)'
3 polymer "RNA (5'-R(*UP*CP*GP*A)-3')"
4 polymer 'DNA-directed RNA polymerase subunit alpha'
5 polymer 'DNA-directed RNA polymerase subunit beta'
6 polymer "DNA-directed RNA polymerase subunit beta'"
7 polymer 'DNA-directed RNA polymerase subunit omega'
8 polymer 'RNA polymerase sigma factor SigA'
9 polymer 'RNA polymerase-binding protein RbpA'
10 non-polymer 'SULFATE ION'
11 non-polymer 'ZINC ION'
12 non-polymer 1,2-ETHANEDIOL
13 water water
#
loop_
_entity_poly.entity_id
_entity_poly.type
_entity_poly.pdbx_seq_one_letter_code
_entity_poly.pdbx_strand_id
1 'polydeoxyribonucleotide'
;(DG)(DC)(DT)(DT)(DG)(DA)(DC)(DA)(DA)(DA)(DA)(DG)(DT)(DG)(DT)(DT)(DA)(DA)(DA)(DT)
(DT)(DG)(DT)(DG)(DC)(DT)(DA)(DT)(DA)(DC)(DT)(DG)(DG)(DG)(DA)(DG)(DC)(DC)(DG)(DT)
(DC)(DA)(DC)(DG)(DG)(DA)(DT)(DG)(DC)(DG)
;
O
2 'polydeoxyribonucleotide'
;(DC)(DG)(DC)(DA)(DT)(DC)(DC)(DG)(DT)(DG)(DA)(DG)(DT)(DC)(DG)(DA)(DG)(DG)(DA)(DT)
(DA)(DA)(DT)(DA)(DA)(DG)(DC)(DA)(DC)(DA)(DA)(DT)(DT)(DT)(DA)(DA)(DC)(DA)(DC)(DT)
(DT)(DT)(DT)(DG)(DT)(DC)(DA)(DA)(DG)(DC)
;
P
3 'polyribonucleotide' UCGA Q
4 'polypeptide(L)'
;MLISQRPTLSEETVAENRSRFVIEPLEPGFGYTLGNSLRRTLLSSIPGAAVTSIRIDGVLHEFTTVPGVKEDVTDIILNL
KGLVVSSDDDEPVTMYLRKQGPGVVTAGDIVPPAGVTVHNPDMHIATLNDKGKLEVELVVERGRGYVPAVQNKASGAEIG
RIPVDSIYSPVLKVTYKVEATRVEQRTDFDKLIIDVETKNSISPRDALASAGGTLVELFGLARELNADSEHIEIGPSPAE
ADHIASFALPIDDLDLTVRSYNCLKREGVHTVGELVARTESDLLDIRNFGQKSIDEVKIKLHQLGLSLKDSPATFDPSEV
AGYDAATGTWTSDAGYDLDDNQDYAETEQL
;
A,B
5 'polypeptide(L)'
;MLEGCILAVSSQSKSNAITNNSVPGAPNRVSFAKLREPLEVPGLLDVQTDSFEWLVGSDRWRQAAIDRGEENPVGGLEEV
LAELSPIEDFSGSMSLSFSDPRFDEVKASVDECKDKDMTYAAPLFVTAEFINNNTGEIKSQTVFMGDFPMMTEKGTFIIN
GTERVVVSQLVRSPGVYFDETIDKSTEKTLHSVKVIPGRGAWLEFDVDKRDTVGVRIDRKRRQPVTVLLKALGWTNENIV
ERFGFSEIMMGTLEKDTTSGTDEALLDIYRKLRPGEPPTKESAQTLLENLFFKEKRYDLARVGRYKVNKKLGLNAGKPIT
SSTLTEEDVVATIEYLVRLHEGQTSMTVPGGVEVPVEVDDIDHFGNRRLRTVGELIQNQIRVGLSRMERVVRERMTTQDV
EAITPQTLINIRPVVAAIKEFFGTSQLSQFMDQNNPLSGLTHKRRLSALGPGGLSRERAGLEVRDVHPSHYGRMCPIETP
EGPNIGLIGSLSVYARVNPFGFIETPYRKVENGVVTDQIDYLTADEEDRHVVAQANSPTDENGRFTEDRVMVRKKGGEVE
FVSADQVDYMDVSPRQMVSVATAMIPFLEHDDANRALMGANMQRQAVPLVRSEAPLVGTGMELRAAIDAGDVVVADKTGV
IEEVSADYITVMADDGTRQSYRLRKFARSNHGTCANQRPIVDAGQRVEAGQVIADGPCTQNGEMALGKNLLVAIMPWEGH
NYEDAIILSNRLVEEDVLTSIHIEEHEIDARDTKLGAEEITRDIPNVSDEVLADLDERGIVRIGAEVRDGDILVGKVTPK
GETELTPEERLLRAIFGEKAREVRDTSLKVPHGESGKVIGIRVFSREDDDELPAGVNELVRVYVAQKRKISDGDKLAGRH
GNKGVIGKILPVEDMPFLPDGTPVDIILNTHGVPRRMNIGQILETHLGWVAKAGWNIDVAAGVPDWASKLPEELYSAPAD
STVATPVFDGAQEGELAGLLGSTLPNRDGEVMVDADGKSTLFDGRSGEPFPYPVTVGYMYILKLHHLVDDKIHARSTGPY
SMITQQPLGGKAQFGGQRFGEMECWAMQAYGAAYTLQELLTIKSDDTVGRVKVYEAIVKGENIPEPGIPESFKVLLKELQ
SLCLNVEVLSSDGAAIEMRDGDDEDLERAAANLGINLSRNESASVEDLA
;
C
6 'polypeptide(L)'
;MLDVNFFDELRIGLATADDIRNWSYGEVKKPETINYRTLKPEKDGLFCEKIFGPTRDWECYCGKYKRVRFKGIICERCGV
EVTRAKVRRERMGHIELAAPVTHIWYFKGVPSRLGYLLDLAPKDLEKIIYFAAYVITSVDDEMRHNELSTLEAEMAVEKK
AVEDQRDADLEARAQKLEADLAELEAEGAKSDVRRKVRDSGEREMRQLRDRAQRELDRLDEIWNTFTKLAPKQLIVDEVL
YRELQDRYGEYFTGAMGAESIKKLIENFDIDAEAESLREVIRSGKGQKKLRALKRLKVVAAFQQSGNSPMGMVLDAVPVI
PPELRPMVQLDGGRFATSDLNDLYRRVINRNNRLKRLIDLGAPEIIVNNEKRMLQESVDALFDNGRRGRPVTGPGNRPLK
SLSDLLKGKQGRFRQNLLGKRVDYSGRSVIVVGPQLKLHQCGLPKLMALELFKPFVMKRLVDLNHAQNIKSAKRMVERQR
PQVWDVLEEVIAEHPVLLNRAPTLHRLGIQAFEPQLVEGKAIQLHPLVCEAFNADFDGDQMAVHLPLSAEAQAEARILML
SSNNILSPASGKPLAMPRLDMVTGLYYLTTLVEGATGEYQAATKDAPEQGVYSSPAEAIMAMDRGALSVRAKIKVRLTEL
RPPTDLEAQLFENGWKPGDAWTEETTLGRVMFNELLPKSYPFVNEQMHKKVQARIINDLAERFPMIVVAQTVDKLKDAGF
YWATRSGVTVSMADVLVPPQKQEILERHEAEADAIERKYQRGALNHTERNESLVKIWQDATEEVGKALEEFYPADNPIIT
IVKSGATGNLTQTRTLAGMKGLVTNPKGEFIPRPIKSSFREGLTVLEYFINTHGARKGLADTALRTADSGYLTRRLVDVS
QDVIVREHDCETERGINVTLAERGPDGTLIRDAHVETSAFARTLATDAVDANGNVIIERGHDLGDPAIDALLAAGITTVK
VRSVLTCTSATGVCAMCYGRSMATGKLVDIGEAVGIVAAQSIGEPGTQLTMRTFHQGGVTGGADIVGGLPRVQELFEARV
PRNKAPIADVAGRVRLEESDKFFKITIVPDDGGEEVVYDKLSKRQRLRVITHEDGTEGVLSDGDHVEVGDQLMEGAADPH
EVLRVQGPREVQIHLVKEVQEVYRAQGVSIHDKHIEVIVRQMLRRVTIIDSGSTEFLPGSLTERAEFEAENRRVVAEGGE
PAAGRPVLMGITKASLATDSWLSAASFQETTRVLTDAAINCRSDKLNGLKENVIIGKLIPAGTGISRYRNINVQPTEEAR
AAAYTIPSYEDQYYSPDFGQATGAAVPLDDYGYSDYR
;
D
7 'polypeptide(L)'
;MSTPHADAQLNAADDLGIDSSAASAYDTPLGITNPPIDELLSRASSKYALVIYAAKRARQINDYYNQLGDGILEYVGPLV
EPGLQEKPLSIALREIHGDLLEHTEGE
;
E
8 'polypeptide(L)'
;MAATKASPATEEPVKRTATKTPAKKAPAKRAAKSAAAKAGGKAPAKKAPAKRAAKGTAAKPEDGVTDDLEVTDDLEAEPG
EDLDVEDTDLELDDLDSDDDTAVEDEEEEADAATPAVATAKAADDDIDEPSEKDKASGDFVWDEEESEALRQARKDAELT
ASADSVRAYLKQIGKVALLNAEEEVELAKRIEAGLYATQKLAELAEKGEKLPVQQRRDMQWICRDGDRAKNHLLEANLRL
VVSLAKRYTGRGMAFLDLIQEGNLGLIRAVEKFDYTKGYKFSTYATWWIRQAITRAMADQARTIRIPVHMVEVINKLGRI
QRELLQDLGREPTPEELAKEMDITPEKVLEIQQYAREPISLDQTIGDEGDSQLGDFIEDSEAVVAVDAVSFTLLQDQLQS
VLETLSEREAGVVRLRFGLTDGQPRTLDEIGQVYGVTRERIRQIESKTMSKLRHPSRSQVLRDYLD
;
F
9 'polypeptide(L)'
;MADRVLRGSRLGAVSYETDRNHDLAPRQVARYRTDNGEEFDVPFADDAEIPGTWLCRNGLEGTLIEGDVPEPKKVKPPRT
HWDMLLERRSVEELEELLKERLDLIKAKRRGTGS
;
J
#
loop_
_chem_comp.id
_chem_comp.type
_chem_comp.name
_chem_comp.formula
A RNA linking ADENOSINE-5'-MONOPHOSPHATE 'C10 H14 N5 O7 P'
C RNA linking CYTIDINE-5'-MONOPHOSPHATE 'C9 H14 N3 O8 P'
DA DNA linking 2'-DEOXYADENOSINE-5'-MONOPHOSPHATE 'C10 H14 N5 O6 P'
DC DNA linking 2'-DEOXYCYTIDINE-5'-MONOPHOSPHATE 'C9 H14 N3 O7 P'
DG DNA linking 2'-DEOXYGUANOSINE-5'-MONOPHOSPHATE 'C10 H14 N5 O7 P'
DT DNA linking THYMIDINE-5'-MONOPHOSPHATE 'C10 H15 N2 O8 P'
EDO non-polymer 1,2-ETHANEDIOL 'C2 H6 O2'
G RNA linking GUANOSINE-5'-MONOPHOSPHATE 'C10 H14 N5 O8 P'
SO4 non-polymer 'SULFATE ION' 'O4 S -2'
U RNA linking URIDINE-5'-MONOPHOSPHATE 'C9 H13 N2 O9 P'
ZN non-polymer 'ZINC ION' 'Zn 2'
#
# COMPACT_ATOMS: atom_id res chain seq x y z
N LEU D 2 51.61 -27.79 42.20
CA LEU D 2 50.94 -26.54 42.51
C LEU D 2 51.81 -25.65 43.39
N ILE D 3 51.59 -24.33 43.28
CA ILE D 3 52.28 -23.35 44.11
C ILE D 3 51.29 -22.80 45.13
N SER D 4 51.76 -22.61 46.36
CA SER D 4 50.89 -22.26 47.49
C SER D 4 51.04 -20.77 47.79
N GLN D 5 50.03 -19.99 47.44
CA GLN D 5 49.95 -18.58 47.81
C GLN D 5 48.48 -18.25 47.97
N ARG D 6 48.03 -18.04 49.20
CA ARG D 6 46.66 -17.64 49.44
C ARG D 6 46.41 -16.27 48.82
N PRO D 7 45.53 -16.15 47.84
CA PRO D 7 45.28 -14.84 47.23
C PRO D 7 44.78 -13.84 48.27
N THR D 8 45.46 -12.70 48.35
CA THR D 8 45.15 -11.66 49.32
C THR D 8 44.74 -10.38 48.60
N LEU D 9 43.73 -9.71 49.12
CA LEU D 9 43.19 -8.49 48.54
C LEU D 9 43.58 -7.29 49.39
N SER D 10 44.11 -6.26 48.76
CA SER D 10 44.51 -5.03 49.44
C SER D 10 43.82 -3.86 48.76
N GLU D 11 43.09 -3.06 49.53
CA GLU D 11 42.33 -1.97 48.95
C GLU D 11 43.20 -0.74 48.75
N GLU D 12 42.79 0.09 47.79
CA GLU D 12 43.40 1.39 47.54
C GLU D 12 42.32 2.46 47.55
N THR D 13 42.76 3.71 47.55
CA THR D 13 41.86 4.85 47.48
C THR D 13 42.40 5.87 46.48
N VAL D 14 41.48 6.46 45.71
CA VAL D 14 41.83 7.53 44.79
C VAL D 14 41.06 8.78 45.21
N ALA D 15 39.74 8.70 45.20
CA ALA D 15 38.86 9.73 45.72
C ALA D 15 37.94 9.11 46.77
N GLU D 16 37.04 9.93 47.30
CA GLU D 16 36.04 9.40 48.23
C GLU D 16 34.95 8.63 47.52
N ASN D 17 34.57 9.03 46.31
CA ASN D 17 33.51 8.34 45.59
C ASN D 17 33.98 7.01 45.03
N ARG D 18 35.23 6.94 44.57
CA ARG D 18 35.78 5.73 43.99
C ARG D 18 37.10 5.37 44.66
N SER D 19 37.39 4.07 44.69
CA SER D 19 38.63 3.56 45.25
C SER D 19 39.02 2.29 44.51
N ARG D 20 40.31 2.14 44.25
CA ARG D 20 40.79 0.96 43.55
C ARG D 20 40.96 -0.22 44.50
N PHE D 21 40.93 -1.42 43.92
CA PHE D 21 41.17 -2.65 44.66
C PHE D 21 42.02 -3.58 43.80
N VAL D 22 42.81 -4.42 44.46
CA VAL D 22 43.73 -5.33 43.79
C VAL D 22 43.75 -6.65 44.53
N ILE D 23 43.77 -7.75 43.79
CA ILE D 23 43.80 -9.10 44.33
C ILE D 23 44.99 -9.85 43.73
N GLU D 24 45.79 -10.46 44.59
CA GLU D 24 46.96 -11.20 44.15
C GLU D 24 47.31 -12.29 45.17
N PRO D 25 47.85 -13.42 44.70
CA PRO D 25 48.00 -13.75 43.28
C PRO D 25 46.81 -14.56 42.76
N LEU D 26 46.66 -14.64 41.44
CA LEU D 26 45.60 -15.41 40.82
C LEU D 26 46.17 -16.18 39.63
N GLU D 27 45.64 -17.38 39.41
CA GLU D 27 46.09 -18.21 38.31
C GLU D 27 45.88 -17.47 36.98
N PRO D 28 46.67 -17.81 35.97
CA PRO D 28 46.59 -17.08 34.70
C PRO D 28 45.21 -17.20 34.06
N GLY D 29 44.67 -16.06 33.64
CA GLY D 29 43.37 -16.00 33.00
C GLY D 29 42.20 -15.81 33.93
N PHE D 30 42.42 -15.76 35.24
CA PHE D 30 41.35 -15.62 36.22
C PHE D 30 40.98 -14.17 36.50
N GLY D 31 41.80 -13.21 36.08
CA GLY D 31 41.52 -11.82 36.39
C GLY D 31 40.34 -11.26 35.61
N TYR D 32 40.23 -11.61 34.33
CA TYR D 32 39.17 -11.08 33.49
C TYR D 32 37.79 -11.52 33.99
N THR D 33 37.62 -12.82 34.20
CA THR D 33 36.29 -13.34 34.52
C THR D 33 35.89 -13.01 35.95
N LEU D 34 36.85 -13.04 36.87
CA LEU D 34 36.54 -12.71 38.26
C LEU D 34 36.22 -11.22 38.42
N GLY D 35 37.01 -10.35 37.77
CA GLY D 35 36.71 -8.94 37.82
C GLY D 35 35.38 -8.59 37.19
N ASN D 36 34.96 -9.35 36.19
CA ASN D 36 33.65 -9.11 35.57
C ASN D 36 32.52 -9.67 36.43
N SER D 37 32.75 -10.82 37.08
CA SER D 37 31.73 -11.38 37.96
C SER D 37 31.38 -10.42 39.08
N LEU D 38 32.36 -9.62 39.55
CA LEU D 38 32.06 -8.59 40.53
C LEU D 38 31.49 -7.34 39.86
N ARG D 39 31.97 -7.01 38.67
CA ARG D 39 31.49 -5.83 37.97
C ARG D 39 30.00 -5.92 37.69
N ARG D 40 29.55 -7.04 37.11
CA ARG D 40 28.13 -7.20 36.81
C ARG D 40 27.30 -7.18 38.08
N THR D 41 27.81 -7.79 39.15
CA THR D 41 27.08 -7.78 40.42
C THR D 41 27.03 -6.38 41.02
N LEU D 42 28.12 -5.62 40.86
CA LEU D 42 28.11 -4.24 41.33
C LEU D 42 27.05 -3.42 40.60
N LEU D 43 27.04 -3.50 39.27
CA LEU D 43 26.16 -2.67 38.45
C LEU D 43 24.70 -3.07 38.59
N SER D 44 24.42 -4.11 39.38
CA SER D 44 23.08 -4.67 39.43
C SER D 44 22.51 -4.71 40.84
N SER D 45 23.07 -5.51 41.74
CA SER D 45 22.36 -5.92 42.96
C SER D 45 22.63 -5.03 44.16
N ILE D 46 23.38 -3.94 44.02
CA ILE D 46 23.64 -3.07 45.16
C ILE D 46 22.36 -2.32 45.50
N PRO D 47 21.88 -2.40 46.74
CA PRO D 47 20.53 -1.91 47.05
C PRO D 47 20.45 -0.39 47.09
N GLY D 48 19.21 0.09 47.06
CA GLY D 48 18.88 1.50 47.21
C GLY D 48 17.58 1.62 47.99
N ALA D 49 17.21 2.79 48.52
CA ALA D 49 17.91 4.07 48.40
C ALA D 49 17.59 4.76 47.07
N ALA D 50 16.30 4.87 46.79
CA ALA D 50 15.81 5.66 45.65
C ALA D 50 14.39 6.13 45.98
N VAL D 51 13.84 6.95 45.08
CA VAL D 51 12.53 7.56 45.27
C VAL D 51 11.54 6.93 44.32
N THR D 52 10.37 6.57 44.83
CA THR D 52 9.34 5.89 44.03
C THR D 52 8.39 6.91 43.39
N SER D 53 7.57 7.57 44.21
CA SER D 53 6.57 8.51 43.72
C SER D 53 6.78 9.88 44.37
N ILE D 54 6.21 10.89 43.73
CA ILE D 54 6.21 12.26 44.25
C ILE D 54 4.78 12.77 44.23
N ARG D 55 4.57 13.88 44.94
CA ARG D 55 3.25 14.49 44.98
C ARG D 55 3.40 16.00 45.12
N ILE D 56 2.66 16.74 44.30
CA ILE D 56 2.64 18.20 44.33
C ILE D 56 1.19 18.65 44.48
N ASP D 57 0.99 19.68 45.30
CA ASP D 57 -0.37 20.11 45.63
C ASP D 57 -1.10 20.68 44.42
N GLY D 58 -0.41 21.51 43.62
CA GLY D 58 -1.08 22.22 42.55
C GLY D 58 -1.35 21.40 41.31
N VAL D 59 -0.57 20.35 41.06
CA VAL D 59 -0.65 19.57 39.84
C VAL D 59 -1.34 18.25 40.12
N LEU D 60 -2.26 17.87 39.23
CA LEU D 60 -2.88 16.54 39.27
C LEU D 60 -2.17 15.53 38.37
N HIS D 61 -1.26 16.00 37.51
CA HIS D 61 -0.52 15.11 36.63
C HIS D 61 0.82 15.76 36.30
N GLU D 62 1.59 15.10 35.44
CA GLU D 62 2.96 15.49 35.17
C GLU D 62 3.10 16.48 34.02
N PHE D 63 2.04 16.70 33.24
CA PHE D 63 2.13 17.47 32.01
C PHE D 63 1.72 18.94 32.17
N THR D 64 1.59 19.43 33.39
CA THR D 64 1.21 20.81 33.64
C THR D 64 2.37 21.58 34.25
N THR D 65 2.34 22.90 34.07
CA THR D 65 3.37 23.78 34.59
C THR D 65 2.91 24.39 35.91
N VAL D 66 3.86 24.56 36.82
CA VAL D 66 3.59 25.22 38.10
C VAL D 66 3.82 26.72 37.93
N PRO D 67 2.92 27.56 38.42
CA PRO D 67 3.05 29.00 38.17
C PRO D 67 4.27 29.59 38.86
N GLY D 68 4.96 30.47 38.13
CA GLY D 68 6.07 31.21 38.69
C GLY D 68 7.42 30.52 38.65
N VAL D 69 7.51 29.33 38.06
CA VAL D 69 8.75 28.60 37.98
C VAL D 69 9.17 28.48 36.52
N LYS D 70 10.48 28.37 36.28
CA LYS D 70 10.97 28.32 34.91
C LYS D 70 10.75 26.95 34.29
N GLU D 71 10.94 25.87 35.05
CA GLU D 71 10.77 24.53 34.53
C GLU D 71 9.29 24.12 34.57
N ASP D 72 9.01 22.94 34.05
CA ASP D 72 7.71 22.30 34.13
C ASP D 72 7.81 21.04 34.99
N VAL D 73 6.66 20.40 35.22
CA VAL D 73 6.65 19.22 36.08
C VAL D 73 7.47 18.09 35.46
N THR D 74 7.35 17.90 34.14
CA THR D 74 8.15 16.87 33.48
C THR D 74 9.63 17.20 33.58
N ASP D 75 10.02 18.44 33.27
CA ASP D 75 11.42 18.82 33.37
C ASP D 75 11.90 18.78 34.82
N ILE D 76 11.03 19.08 35.78
CA ILE D 76 11.40 19.00 37.18
C ILE D 76 11.64 17.55 37.59
N ILE D 77 10.80 16.63 37.10
CA ILE D 77 10.99 15.22 37.41
C ILE D 77 12.26 14.69 36.75
N LEU D 78 12.56 15.14 35.53
CA LEU D 78 13.81 14.76 34.89
C LEU D 78 15.01 15.27 35.68
N ASN D 79 14.85 16.38 36.41
CA ASN D 79 15.91 16.85 37.30
C ASN D 79 15.95 16.05 38.60
N LEU D 80 14.79 15.64 39.11
CA LEU D 80 14.72 14.84 40.34
C LEU D 80 15.26 13.43 40.16
N LYS D 81 15.42 12.94 38.93
CA LYS D 81 15.98 11.61 38.72
C LYS D 81 17.42 11.53 39.19
N GLY D 82 18.17 12.63 39.12
CA GLY D 82 19.54 12.66 39.56
C GLY D 82 19.73 12.60 41.07
N LEU D 83 18.64 12.47 41.83
CA LEU D 83 18.76 12.41 43.28
C LEU D 83 19.52 11.16 43.71
N VAL D 84 20.39 11.33 44.69
CA VAL D 84 21.08 10.22 45.35
C VAL D 84 20.65 10.24 46.81
N VAL D 85 19.80 9.28 47.19
CA VAL D 85 19.28 9.21 48.55
C VAL D 85 19.67 7.85 49.14
N SER D 86 19.72 7.81 50.47
CA SER D 86 20.03 6.60 51.20
C SER D 86 19.07 6.47 52.37
N SER D 87 18.39 5.33 52.47
CA SER D 87 17.39 5.10 53.49
C SER D 87 17.73 3.82 54.27
N ASP D 88 17.54 3.89 55.58
CA ASP D 88 17.74 2.75 56.47
C ASP D 88 16.45 2.03 56.80
N ASP D 89 15.31 2.51 56.29
CA ASP D 89 14.01 1.95 56.60
C ASP D 89 13.48 1.17 55.40
N ASP D 90 13.05 -0.06 55.65
CA ASP D 90 12.45 -0.86 54.57
C ASP D 90 11.11 -0.30 54.15
N GLU D 91 10.23 -0.05 55.12
CA GLU D 91 8.93 0.53 54.82
C GLU D 91 9.12 1.93 54.21
N PRO D 92 8.21 2.35 53.34
CA PRO D 92 8.37 3.65 52.68
C PRO D 92 8.19 4.81 53.64
N VAL D 93 8.77 5.95 53.26
CA VAL D 93 8.66 7.19 54.02
C VAL D 93 8.63 8.35 53.04
N THR D 94 8.13 9.49 53.50
CA THR D 94 7.93 10.66 52.65
C THR D 94 8.73 11.83 53.19
N MET D 95 9.48 12.48 52.30
CA MET D 95 10.16 13.74 52.63
C MET D 95 9.24 14.91 52.29
N TYR D 96 9.74 16.12 52.50
CA TYR D 96 8.94 17.31 52.23
C TYR D 96 9.83 18.45 51.76
N LEU D 97 9.33 19.22 50.80
CA LEU D 97 10.04 20.38 50.26
C LEU D 97 9.04 21.51 50.06
N ARG D 98 9.32 22.66 50.67
CA ARG D 98 8.48 23.85 50.51
C ARG D 98 9.40 25.04 50.32
N LYS D 99 9.25 25.73 49.19
CA LYS D 99 10.07 26.90 48.89
C LYS D 99 9.20 27.97 48.25
N GLN D 100 9.12 29.12 48.92
CA GLN D 100 8.35 30.27 48.46
C GLN D 100 9.29 31.36 47.98
N GLY D 101 8.72 32.38 47.36
CA GLY D 101 9.47 33.54 46.94
C GLY D 101 10.47 33.23 45.85
N PRO D 102 11.22 34.24 45.43
CA PRO D 102 12.22 34.03 44.38
C PRO D 102 13.45 33.31 44.90
N GLY D 103 14.12 32.61 43.99
CA GLY D 103 15.32 31.87 44.31
C GLY D 103 15.43 30.65 43.44
N VAL D 104 16.33 29.75 43.85
CA VAL D 104 16.60 28.51 43.14
C VAL D 104 16.48 27.36 44.14
N VAL D 105 15.59 26.42 43.86
CA VAL D 105 15.41 25.26 44.73
C VAL D 105 16.48 24.24 44.43
N THR D 106 17.21 23.83 45.46
CA THR D 106 18.29 22.84 45.34
C THR D 106 17.93 21.59 46.13
N ALA D 107 18.83 20.60 46.06
CA ALA D 107 18.54 19.30 46.67
C ALA D 107 18.61 19.34 48.20
N GLY D 108 19.24 20.36 48.78
CA GLY D 108 19.31 20.45 50.22
C GLY D 108 18.08 21.01 50.88
N ASP D 109 17.17 21.58 50.10
CA ASP D 109 15.97 22.21 50.65
C ASP D 109 14.93 21.20 51.13
N ILE D 110 15.15 19.91 50.88
CA ILE D 110 14.22 18.89 51.36
C ILE D 110 14.57 18.55 52.80
N VAL D 111 13.55 18.48 53.65
CA VAL D 111 13.72 18.08 55.06
C VAL D 111 13.60 16.56 55.11
N PRO D 112 14.68 15.83 55.37
CA PRO D 112 14.60 14.37 55.38
C PRO D 112 14.00 13.86 56.68
N PRO D 113 13.20 12.79 56.63
CA PRO D 113 12.72 12.17 57.87
C PRO D 113 13.85 11.56 58.66
N ALA D 114 13.51 10.87 59.76
CA ALA D 114 14.53 10.27 60.60
C ALA D 114 15.14 9.05 59.92
N GLY D 115 16.46 9.04 59.79
CA GLY D 115 17.17 7.90 59.25
C GLY D 115 17.53 7.97 57.78
N VAL D 116 17.14 9.04 57.08
CA VAL D 116 17.43 9.19 55.67
C VAL D 116 18.26 10.46 55.47
N THR D 117 18.95 10.52 54.33
CA THR D 117 19.84 11.64 54.04
C THR D 117 19.95 11.83 52.54
N VAL D 118 20.41 13.02 52.15
CA VAL D 118 20.63 13.39 50.76
C VAL D 118 22.11 13.69 50.59
N HIS D 119 22.73 13.08 49.59
CA HIS D 119 24.17 13.09 49.44
C HIS D 119 24.69 14.12 48.44
N ASN D 120 23.81 14.87 47.78
CA ASN D 120 24.22 15.91 46.84
C ASN D 120 23.28 17.10 46.97
N PRO D 121 23.47 17.94 47.98
CA PRO D 121 22.58 19.10 48.16
C PRO D 121 22.68 20.12 47.04
N ASP D 122 23.74 20.09 46.24
CA ASP D 122 23.95 21.10 45.21
C ASP D 122 23.10 20.89 43.97
N MET D 123 22.35 19.79 43.89
CA MET D 123 21.62 19.48 42.67
C MET D 123 20.55 20.55 42.41
N HIS D 124 20.43 20.93 41.14
CA HIS D 124 19.46 21.92 40.69
C HIS D 124 18.12 21.24 40.41
N ILE D 125 17.05 21.78 41.01
CA ILE D 125 15.70 21.27 40.78
C ILE D 125 14.90 22.28 39.96
N ALA D 126 14.64 23.45 40.51
CA ALA D 126 13.81 24.44 39.83
C ALA D 126 14.22 25.84 40.26
N THR D 127 13.76 26.83 39.48
CA THR D 127 13.98 28.24 39.79
C THR D 127 12.64 28.94 39.74
N LEU D 128 12.30 29.67 40.80
CA LEU D 128 11.03 30.37 40.89
C LEU D 128 11.27 31.88 40.95
N ASN D 129 10.17 32.62 40.97
CA ASN D 129 10.22 34.07 41.11
C ASN D 129 9.25 34.53 42.20
N ASP D 130 9.02 35.84 42.28
CA ASP D 130 8.17 36.39 43.34
C ASP D 130 6.86 35.63 43.46
N LYS D 131 6.26 35.29 42.32
CA LYS D 131 4.99 34.55 42.31
C LYS D 131 5.17 33.06 42.49
N GLY D 132 6.41 32.55 42.36
CA GLY D 132 6.62 31.11 42.40
C GLY D 132 6.54 30.55 43.80
N LYS D 133 5.81 29.45 43.96
CA LYS D 133 5.73 28.71 45.21
C LYS D 133 5.70 27.23 44.89
N LEU D 134 6.52 26.45 45.58
CA LEU D 134 6.66 25.02 45.30
C LEU D 134 6.48 24.23 46.57
N GLU D 135 5.44 23.39 46.60
CA GLU D 135 5.21 22.45 47.68
C GLU D 135 5.13 21.04 47.10
N VAL D 136 6.06 20.18 47.51
CA VAL D 136 6.14 18.83 46.95
C VAL D 136 6.63 17.88 48.04
N GLU D 137 6.01 16.70 48.10
CA GLU D 137 6.45 15.62 48.95
C GLU D 137 6.81 14.43 48.09
N LEU D 138 7.88 13.73 48.46
CA LEU D 138 8.39 12.61 47.67
C LEU D 138 8.51 11.37 48.56
N VAL D 139 8.25 10.21 47.98
CA VAL D 139 8.29 8.94 48.70
C VAL D 139 9.62 8.26 48.39
N VAL D 140 10.43 8.04 49.41
CA VAL D 140 11.69 7.31 49.30
C VAL D 140 11.46 5.89 49.76
N GLU D 141 11.98 4.93 49.00
CA GLU D 141 11.73 3.52 49.22
C GLU D 141 13.05 2.76 49.20
N ARG D 142 12.97 1.45 49.44
CA ARG D 142 14.14 0.58 49.46
C ARG D 142 14.03 -0.43 48.32
N GLY D 143 15.16 -0.74 47.71
CA GLY D 143 15.17 -1.70 46.62
C GLY D 143 16.55 -1.84 46.03
N ARG D 144 16.59 -2.33 44.79
CA ARG D 144 17.87 -2.52 44.10
C ARG D 144 17.62 -2.56 42.60
N GLY D 145 18.67 -2.28 41.84
CA GLY D 145 18.55 -2.30 40.39
C GLY D 145 17.72 -1.14 39.88
N TYR D 146 16.93 -1.41 38.84
CA TYR D 146 16.07 -0.42 38.21
C TYR D 146 14.65 -0.95 38.13
N VAL D 147 13.70 -0.14 38.58
CA VAL D 147 12.27 -0.45 38.46
C VAL D 147 11.59 0.73 37.79
N PRO D 148 10.72 0.49 36.81
CA PRO D 148 10.01 1.61 36.17
C PRO D 148 8.96 2.21 37.08
N ALA D 149 8.27 3.23 36.58
CA ALA D 149 7.21 3.85 37.36
C ALA D 149 6.07 2.87 37.57
N VAL D 150 5.65 2.70 38.81
CA VAL D 150 4.55 1.82 39.15
C VAL D 150 3.26 2.62 39.09
N GLN D 151 2.42 2.33 38.10
CA GLN D 151 1.20 3.09 37.89
C GLN D 151 0.24 2.91 39.05
N ASN D 152 -0.46 4.00 39.40
CA ASN D 152 -1.38 3.98 40.52
C ASN D 152 -2.61 3.11 40.26
N LYS D 153 -2.92 2.83 38.99
CA LYS D 153 -4.05 1.94 38.69
C LYS D 153 -3.78 0.53 39.18
N ALA D 154 -2.54 0.04 38.97
CA ALA D 154 -2.15 -1.26 39.51
C ALA D 154 -1.93 -1.21 41.01
N SER D 155 -1.51 -0.07 41.55
CA SER D 155 -1.36 0.13 42.98
C SER D 155 -2.70 0.59 43.56
N GLY D 156 -2.70 0.98 44.83
CA GLY D 156 -3.87 1.53 45.48
C GLY D 156 -3.89 3.03 45.60
N ALA D 157 -2.99 3.72 44.91
CA ALA D 157 -2.90 5.17 45.03
C ALA D 157 -4.05 5.86 44.30
N GLU D 158 -4.26 7.13 44.64
CA GLU D 158 -5.32 7.94 44.06
C GLU D 158 -4.75 8.78 42.92
N ILE D 159 -5.55 9.74 42.45
CA ILE D 159 -5.20 10.49 41.24
C ILE D 159 -4.00 11.40 41.49
N GLY D 160 -3.84 11.90 42.71
CA GLY D 160 -2.82 12.90 42.96
C GLY D 160 -1.40 12.36 42.83
N ARG D 161 -1.17 11.15 43.32
CA ARG D 161 0.18 10.60 43.36
C ARG D 161 0.74 10.41 41.95
N ILE D 162 1.99 10.82 41.76
CA ILE D 162 2.68 10.79 40.48
C ILE D 162 3.79 9.75 40.57
N PRO D 163 3.67 8.60 39.91
CA PRO D 163 4.76 7.63 39.91
C PRO D 163 5.94 8.10 39.07
N VAL D 164 7.14 7.70 39.49
CA VAL D 164 8.37 8.08 38.80
C VAL D 164 9.27 6.85 38.69
N ASP D 165 10.07 6.82 37.64
CA ASP D 165 11.03 5.74 37.46
C ASP D 165 12.03 5.74 38.61
N SER D 166 12.16 4.59 39.27
CA SER D 166 13.00 4.45 40.45
C SER D 166 14.27 3.70 40.08
N ILE D 167 15.42 4.32 40.34
CA ILE D 167 16.73 3.71 40.09
C ILE D 167 17.45 3.57 41.42
N TYR D 168 17.56 2.33 41.90
CA TYR D 168 18.31 2.01 43.11
C TYR D 168 19.68 1.49 42.70
N SER D 169 20.71 2.31 42.84
CA SER D 169 22.06 1.83 42.64
C SER D 169 23.06 2.82 43.24
N PRO D 170 23.92 2.37 44.13
CA PRO D 170 24.97 3.26 44.64
C PRO D 170 26.12 3.41 43.66
N VAL D 171 26.33 2.39 42.83
CA VAL D 171 27.51 2.33 41.96
C VAL D 171 27.30 3.19 40.72
N LEU D 172 28.39 3.78 40.24
CA LEU D 172 28.37 4.64 39.06
C LEU D 172 29.10 3.99 37.90
N LYS D 173 30.44 3.97 37.93
CA LYS D 173 31.25 3.42 36.84
C LYS D 173 32.22 2.40 37.44
N VAL D 174 32.21 1.18 36.91
CA VAL D 174 33.08 0.11 37.37
C VAL D 174 33.84 -0.45 36.18
N THR D 175 35.16 -0.59 36.33
CA THR D 175 36.01 -1.20 35.32
C THR D 175 37.09 -2.01 36.04
N TYR D 176 37.95 -2.65 35.25
CA TYR D 176 39.04 -3.43 35.83
C TYR D 176 40.13 -3.60 34.78
N LYS D 177 41.25 -4.19 35.23
CA LYS D 177 42.38 -4.48 34.37
C LYS D 177 43.22 -5.55 35.07
N VAL D 178 43.98 -6.29 34.26
CA VAL D 178 44.77 -7.41 34.76
C VAL D 178 46.21 -7.22 34.32
N GLU D 179 47.13 -7.53 35.24
CA GLU D 179 48.57 -7.53 34.96
C GLU D 179 49.08 -8.93 35.25
N ALA D 180 49.22 -9.75 34.19
CA ALA D 180 49.84 -11.06 34.36
C ALA D 180 51.33 -10.91 34.66
N THR D 181 51.99 -9.95 33.99
CA THR D 181 53.37 -9.59 34.29
C THR D 181 54.29 -10.80 34.35
N ARG D 182 55.24 -10.77 35.28
CA ARG D 182 56.23 -11.83 35.40
C ARG D 182 56.93 -12.04 34.07
N VAL D 183 56.80 -13.22 33.50
CA VAL D 183 57.36 -13.54 32.18
C VAL D 183 56.59 -14.73 31.62
N GLU D 184 57.04 -15.26 30.49
CA GLU D 184 56.44 -16.48 29.96
C GLU D 184 56.57 -17.61 30.97
N GLN D 185 57.75 -17.77 31.55
CA GLN D 185 57.99 -18.74 32.60
C GLN D 185 57.93 -18.03 33.96
N ARG D 186 58.41 -18.71 35.00
CA ARG D 186 58.50 -18.13 36.35
C ARG D 186 57.12 -18.00 36.99
N THR D 187 56.24 -18.94 36.71
CA THR D 187 54.92 -19.03 37.33
C THR D 187 54.23 -17.66 37.36
N ASP D 188 54.03 -17.11 36.16
CA ASP D 188 53.37 -15.81 36.04
C ASP D 188 52.01 -15.83 36.74
N PHE D 189 51.83 -14.88 37.66
CA PHE D 189 50.58 -14.77 38.42
C PHE D 189 49.71 -13.68 37.82
N ASP D 190 48.46 -14.03 37.53
CA ASP D 190 47.49 -13.04 37.05
C ASP D 190 46.90 -12.31 38.24
N LYS D 191 47.05 -10.99 38.26
CA LYS D 191 46.48 -10.15 39.30
C LYS D 191 45.67 -9.04 38.66
N LEU D 192 44.51 -8.75 39.26
CA LEU D 192 43.59 -7.75 38.73
C LEU D 192 43.53 -6.55 39.66
N ILE D 193 43.56 -5.35 39.07
CA ILE D 193 43.38 -4.10 39.77
C ILE D 193 42.05 -3.51 39.33
N ILE D 194 41.11 -3.39 40.27
CA ILE D 194 39.73 -3.02 39.96
C ILE D 194 39.50 -1.58 40.36
N ASP D 195 38.56 -0.94 39.68
CA ASP D 195 38.18 0.45 39.94
C ASP D 195 36.68 0.49 40.19
N VAL D 196 36.29 0.83 41.41
CA VAL D 196 34.90 0.88 41.83
C VAL D 196 34.57 2.30 42.25
N GLU D 197 33.43 2.82 41.76
CA GLU D 197 32.99 4.17 42.07
C GLU D 197 31.54 4.15 42.51
N THR D 198 31.25 4.83 43.60
CA THR D 198 29.90 4.97 44.13
C THR D 198 29.39 6.40 43.90
N LYS D 199 28.13 6.63 44.26
CA LYS D 199 27.51 7.93 44.13
C LYS D 199 27.54 8.73 45.42
N ASN D 200 28.23 8.24 46.45
CA ASN D 200 28.28 8.75 47.82
C ASN D 200 27.16 8.17 48.68
N SER D 201 26.23 7.42 48.09
CA SER D 201 25.25 6.69 48.89
C SER D 201 25.96 5.74 49.86
N ILE D 202 26.99 5.05 49.38
CA ILE D 202 27.84 4.21 50.20
C ILE D 202 29.27 4.34 49.69
N SER D 203 30.21 3.87 50.50
CA SER D 203 31.62 3.90 50.11
C SER D 203 31.94 2.72 49.19
N PRO D 204 32.99 2.85 48.38
CA PRO D 204 33.35 1.73 47.49
C PRO D 204 33.60 0.42 48.24
N ARG D 205 34.01 0.49 49.51
CA ARG D 205 34.20 -0.73 50.28
C ARG D 205 32.87 -1.39 50.59
N ASP D 206 31.86 -0.60 50.96
CA ASP D 206 30.55 -1.17 51.26
C ASP D 206 29.94 -1.83 50.02
N ALA D 207 30.16 -1.22 48.85
CA ALA D 207 29.61 -1.79 47.62
C ALA D 207 30.30 -3.09 47.25
N LEU D 208 31.63 -3.10 47.26
CA LEU D 208 32.35 -4.32 46.94
C LEU D 208 32.10 -5.41 47.97
N ALA D 209 31.79 -5.04 49.21
CA ALA D 209 31.39 -6.02 50.20
C ALA D 209 29.98 -6.52 49.96
N SER D 210 29.09 -5.63 49.51
CA SER D 210 27.74 -6.05 49.15
C SER D 210 27.77 -6.98 47.95
N ALA D 211 28.58 -6.65 46.94
CA ALA D 211 28.70 -7.53 45.78
C ALA D 211 29.48 -8.79 46.13
N GLY D 212 30.53 -8.65 46.95
CA GLY D 212 31.28 -9.83 47.36
C GLY D 212 30.43 -10.81 48.14
N GLY D 213 29.71 -10.31 49.14
CA GLY D 213 28.82 -11.16 49.91
C GLY D 213 27.60 -11.64 49.15
N THR D 214 27.27 -10.98 48.03
CA THR D 214 26.12 -11.39 47.25
C THR D 214 26.33 -12.76 46.62
N LEU D 215 27.45 -12.93 45.90
CA LEU D 215 27.72 -14.20 45.24
C LEU D 215 28.27 -15.26 46.18
N VAL D 216 28.75 -14.86 47.36
CA VAL D 216 29.19 -15.85 48.34
C VAL D 216 28.06 -16.80 48.70
N GLU D 217 26.88 -16.25 48.97
CA GLU D 217 25.72 -17.09 49.28
C GLU D 217 25.15 -17.75 48.04
N LEU D 218 25.43 -17.22 46.85
CA LEU D 218 24.89 -17.81 45.63
C LEU D 218 25.62 -19.10 45.27
N PHE D 219 26.95 -19.08 45.32
CA PHE D 219 27.72 -20.27 44.99
C PHE D 219 27.43 -21.39 45.98
N GLY D 220 27.04 -22.55 45.46
CA GLY D 220 26.74 -23.69 46.31
C GLY D 220 26.85 -24.98 45.54
N LEU D 221 27.00 -26.07 46.29
CA LEU D 221 27.12 -27.40 45.69
C LEU D 221 26.95 -28.49 46.75
N MET E 1 17.90 -3.88 51.89
CA MET E 1 18.65 -5.14 51.87
C MET E 1 18.31 -5.94 50.62
N LEU E 2 18.10 -7.25 50.79
CA LEU E 2 17.81 -8.11 49.67
C LEU E 2 17.10 -9.36 50.16
N ILE E 3 16.18 -9.85 49.33
CA ILE E 3 15.51 -11.13 49.57
C ILE E 3 15.23 -11.76 48.21
N SER E 4 15.67 -13.01 48.04
CA SER E 4 15.50 -13.76 46.81
C SER E 4 14.91 -15.12 47.14
N GLN E 5 14.49 -15.85 46.11
CA GLN E 5 13.76 -17.09 46.32
C GLN E 5 14.11 -18.14 45.28
N ARG E 6 14.39 -19.35 45.75
CA ARG E 6 14.35 -20.60 44.99
C ARG E 6 15.45 -20.74 43.94
N PRO E 7 16.71 -20.49 44.26
CA PRO E 7 17.79 -21.00 43.41
C PRO E 7 18.06 -22.47 43.74
N THR E 8 18.18 -23.29 42.70
CA THR E 8 18.32 -24.73 42.87
C THR E 8 19.44 -25.26 42.00
N LEU E 9 19.83 -26.51 42.26
CA LEU E 9 20.88 -27.18 41.52
C LEU E 9 20.51 -28.64 41.36
N SER E 10 20.50 -29.11 40.11
CA SER E 10 20.14 -30.48 39.79
C SER E 10 21.26 -31.12 38.99
N GLU E 11 21.24 -32.46 38.92
CA GLU E 11 22.31 -33.23 38.30
C GLU E 11 21.73 -34.25 37.34
N GLU E 12 22.10 -34.14 36.06
CA GLU E 12 21.82 -35.14 35.06
C GLU E 12 23.14 -35.71 34.56
N THR E 13 23.28 -37.03 34.60
CA THR E 13 24.53 -37.69 34.28
C THR E 13 24.50 -38.24 32.86
N VAL E 14 25.41 -37.76 32.02
CA VAL E 14 25.55 -38.29 30.67
C VAL E 14 26.37 -39.58 30.69
N ALA E 15 27.43 -39.60 31.48
CA ALA E 15 28.29 -40.78 31.60
C ALA E 15 29.11 -40.63 32.87
N GLU E 16 29.99 -41.61 33.10
CA GLU E 16 30.87 -41.54 34.27
C GLU E 16 31.84 -40.36 34.17
N ASN E 17 32.25 -40.00 32.96
CA ASN E 17 33.22 -38.94 32.76
C ASN E 17 32.58 -37.56 32.69
N ARG E 18 31.34 -37.46 32.21
CA ARG E 18 30.69 -36.16 32.04
C ARG E 18 29.26 -36.22 32.56
N SER E 19 28.80 -35.08 33.07
CA SER E 19 27.44 -34.94 33.58
C SER E 19 26.98 -33.51 33.34
N ARG E 20 25.66 -33.31 33.39
CA ARG E 20 25.06 -32.00 33.21
C ARG E 20 24.51 -31.48 34.53
N PHE E 21 24.58 -30.17 34.72
CA PHE E 21 24.08 -29.51 35.90
C PHE E 21 23.26 -28.29 35.48
N VAL E 22 22.18 -28.03 36.22
CA VAL E 22 21.28 -26.92 35.94
C VAL E 22 21.02 -26.15 37.22
N ILE E 23 20.83 -24.83 37.08
CA ILE E 23 20.54 -23.94 38.20
C ILE E 23 19.37 -23.07 37.80
N GLU E 24 18.27 -23.17 38.56
CA GLU E 24 17.05 -22.44 38.24
C GLU E 24 16.31 -21.98 39.49
N PRO E 25 15.80 -20.74 39.48
CA PRO E 25 16.11 -19.74 38.46
C PRO E 25 17.20 -18.80 38.95
N LEU E 26 17.85 -18.08 38.04
CA LEU E 26 18.83 -17.06 38.39
C LEU E 26 18.29 -15.68 38.03
N GLU E 27 18.47 -14.73 38.94
CA GLU E 27 18.00 -13.38 38.69
C GLU E 27 18.83 -12.77 37.55
N PRO E 28 18.19 -12.26 36.49
CA PRO E 28 18.87 -11.69 35.33
C PRO E 28 19.86 -10.59 35.70
N GLY E 29 21.05 -10.66 35.13
CA GLY E 29 21.41 -11.75 34.23
C GLY E 29 22.49 -12.64 34.83
N PHE E 30 22.33 -12.96 36.12
CA PHE E 30 23.35 -13.70 36.85
C PHE E 30 23.80 -14.96 36.12
N GLY E 31 22.95 -15.53 35.25
CA GLY E 31 23.38 -16.69 34.49
C GLY E 31 24.68 -16.46 33.76
N TYR E 32 24.79 -15.33 33.06
CA TYR E 32 26.01 -15.00 32.34
C TYR E 32 27.11 -14.47 33.25
N THR E 33 26.75 -13.91 34.41
CA THR E 33 27.74 -13.35 35.30
C THR E 33 28.66 -14.42 35.87
N LEU E 34 28.08 -15.41 36.56
CA LEU E 34 28.85 -16.45 37.22
C LEU E 34 29.09 -17.68 36.34
N GLY E 35 28.52 -17.72 35.13
CA GLY E 35 28.71 -18.88 34.29
C GLY E 35 30.16 -19.06 33.86
N ASN E 36 30.75 -18.00 33.29
CA ASN E 36 32.13 -18.09 32.83
C ASN E 36 33.12 -18.21 33.98
N SER E 37 32.76 -17.75 35.18
CA SER E 37 33.64 -17.92 36.33
C SER E 37 33.66 -19.38 36.78
N LEU E 38 32.51 -20.06 36.71
CA LEU E 38 32.47 -21.49 37.04
C LEU E 38 33.30 -22.29 36.03
N ARG E 39 33.12 -22.02 34.74
CA ARG E 39 33.91 -22.72 33.74
C ARG E 39 35.40 -22.46 33.94
N ARG E 40 35.78 -21.22 34.26
CA ARG E 40 37.19 -20.92 34.48
C ARG E 40 37.70 -21.60 35.75
N THR E 41 36.86 -21.71 36.78
CA THR E 41 37.29 -22.32 38.02
C THR E 41 37.48 -23.83 37.86
N LEU E 42 36.51 -24.50 37.23
CA LEU E 42 36.61 -25.94 37.05
C LEU E 42 37.85 -26.32 36.24
N LEU E 43 38.19 -25.53 35.23
CA LEU E 43 39.26 -25.90 34.32
C LEU E 43 40.64 -25.70 34.93
N SER E 44 40.93 -24.51 35.46
CA SER E 44 42.28 -24.15 35.86
C SER E 44 42.50 -24.08 37.36
N SER E 45 41.47 -24.30 38.18
CA SER E 45 41.56 -24.07 39.61
C SER E 45 41.63 -25.34 40.45
N ILE E 46 41.51 -26.52 39.84
CA ILE E 46 41.44 -27.78 40.57
C ILE E 46 42.80 -28.46 40.52
N PRO E 47 43.39 -28.81 41.67
CA PRO E 47 44.71 -29.47 41.65
C PRO E 47 44.62 -30.88 41.11
N GLY E 48 45.72 -31.31 40.47
CA GLY E 48 45.81 -32.65 39.92
C GLY E 48 47.23 -32.95 39.51
N ALA E 49 47.48 -34.24 39.27
CA ALA E 49 48.80 -34.72 38.90
C ALA E 49 48.82 -35.16 37.44
N ALA E 50 49.95 -34.96 36.79
CA ALA E 50 50.13 -35.33 35.40
C ALA E 50 51.62 -35.56 35.15
N VAL E 51 51.98 -35.75 33.89
CA VAL E 51 53.36 -36.00 33.48
C VAL E 51 53.92 -34.73 32.86
N THR E 52 55.03 -34.23 33.40
CA THR E 52 55.67 -33.04 32.89
C THR E 52 56.79 -33.33 31.90
N SER E 53 57.20 -34.59 31.78
CA SER E 53 58.28 -34.97 30.88
C SER E 53 58.43 -36.49 30.90
N ILE E 54 59.09 -37.01 29.87
CA ILE E 54 59.35 -38.44 29.74
C ILE E 54 60.69 -38.64 29.06
N ARG E 55 61.26 -39.82 29.23
CA ARG E 55 62.53 -40.18 28.58
C ARG E 55 62.45 -41.64 28.17
N ILE E 56 62.46 -41.88 26.87
CA ILE E 56 62.48 -43.22 26.31
C ILE E 56 63.92 -43.62 26.05
N ASP E 57 64.29 -44.84 26.45
CA ASP E 57 65.65 -45.31 26.26
C ASP E 57 65.93 -45.57 24.78
N GLY E 58 67.13 -45.17 24.33
CA GLY E 58 67.55 -45.39 22.97
C GLY E 58 67.25 -44.26 22.01
N VAL E 59 66.44 -43.30 22.40
CA VAL E 59 66.06 -42.17 21.54
C VAL E 59 66.72 -40.91 22.11
N LEU E 60 67.57 -40.28 21.30
CA LEU E 60 68.28 -39.07 21.73
C LEU E 60 68.15 -37.97 20.69
N HIS E 61 68.81 -38.15 19.55
CA HIS E 61 68.78 -37.15 18.48
C HIS E 61 67.77 -37.48 17.39
N GLU E 62 67.00 -38.55 17.55
CA GLU E 62 66.10 -38.99 16.49
C GLU E 62 65.00 -37.97 16.26
N PHE E 63 64.71 -37.71 14.98
CA PHE E 63 63.60 -36.81 14.63
C PHE E 63 62.27 -37.41 15.05
N THR E 64 62.03 -38.68 14.70
CA THR E 64 60.74 -39.31 14.93
C THR E 64 60.91 -40.81 15.00
N THR E 65 59.77 -41.51 15.10
CA THR E 65 59.68 -42.97 15.16
C THR E 65 60.65 -43.58 16.17
N VAL E 66 60.89 -44.88 16.03
CA VAL E 66 61.69 -45.68 16.95
C VAL E 66 61.74 -47.11 16.42
N PRO E 67 62.84 -47.83 16.60
CA PRO E 67 62.88 -49.23 16.17
C PRO E 67 62.17 -50.14 17.16
N GLY E 68 61.48 -51.14 16.62
CA GLY E 68 60.82 -52.14 17.42
C GLY E 68 59.39 -51.86 17.81
N VAL E 69 58.83 -50.70 17.43
CA VAL E 69 57.46 -50.35 17.76
C VAL E 69 56.81 -49.72 16.53
N LYS E 70 55.51 -49.98 16.36
CA LYS E 70 54.75 -49.33 15.30
C LYS E 70 54.37 -47.91 15.65
N GLU E 71 54.41 -47.54 16.92
CA GLU E 71 54.05 -46.19 17.35
C GLU E 71 55.21 -45.23 17.12
N ASP E 72 54.93 -44.13 16.44
CA ASP E 72 55.90 -43.06 16.33
C ASP E 72 56.00 -42.32 17.65
N VAL E 73 57.11 -41.57 17.81
CA VAL E 73 57.33 -40.85 19.06
C VAL E 73 56.17 -39.92 19.35
N THR E 74 55.63 -39.28 18.33
CA THR E 74 54.53 -38.33 18.54
C THR E 74 53.29 -39.05 19.06
N ASP E 75 52.91 -40.16 18.44
CA ASP E 75 51.72 -40.89 18.89
C ASP E 75 51.87 -41.36 20.32
N ILE E 76 53.08 -41.80 20.71
CA ILE E 76 53.31 -42.17 22.09
C ILE E 76 53.28 -40.96 23.00
N ILE E 77 53.73 -39.80 22.51
CA ILE E 77 53.67 -38.58 23.31
C ILE E 77 52.23 -38.28 23.72
N LEU E 78 51.32 -38.26 22.74
CA LEU E 78 49.91 -38.03 23.03
C LEU E 78 49.22 -39.28 23.58
N ASN E 79 49.80 -40.46 23.38
CA ASN E 79 49.30 -41.65 24.07
C ASN E 79 49.58 -41.56 25.56
N LEU E 80 50.75 -41.04 25.93
CA LEU E 80 51.11 -40.88 27.33
C LEU E 80 50.42 -39.68 27.97
N LYS E 81 50.07 -38.67 27.17
CA LYS E 81 49.30 -37.56 27.73
C LYS E 81 47.98 -38.02 28.30
N GLY E 82 47.40 -39.09 27.77
CA GLY E 82 46.08 -39.50 28.23
C GLY E 82 46.17 -40.34 29.48
N LEU E 83 47.33 -40.33 30.12
CA LEU E 83 47.56 -41.08 31.34
C LEU E 83 47.00 -40.30 32.51
N VAL E 84 46.01 -40.87 33.19
CA VAL E 84 45.35 -40.24 34.33
C VAL E 84 45.97 -40.81 35.60
N VAL E 85 46.75 -39.98 36.30
CA VAL E 85 47.47 -40.40 37.50
C VAL E 85 47.39 -39.29 38.54
N SER E 86 47.08 -39.66 39.78
CA SER E 86 47.01 -38.73 40.90
C SER E 86 48.10 -39.05 41.91
N SER E 87 48.89 -38.05 42.27
CA SER E 87 50.01 -38.23 43.17
C SER E 87 49.86 -37.35 44.40
N ASP E 88 50.42 -37.81 45.52
CA ASP E 88 50.41 -37.06 46.77
C ASP E 88 51.71 -36.32 47.02
N ASP E 89 52.65 -36.35 46.08
CA ASP E 89 54.00 -35.85 46.33
C ASP E 89 54.06 -34.33 46.34
N ASP E 90 53.38 -33.67 45.38
CA ASP E 90 53.45 -32.23 45.23
C ASP E 90 54.80 -31.81 44.67
N GLU E 91 55.76 -32.72 44.65
CA GLU E 91 57.06 -32.54 44.05
C GLU E 91 57.26 -33.59 42.96
N PRO E 92 58.11 -33.30 41.96
CA PRO E 92 58.29 -34.24 40.86
C PRO E 92 58.67 -35.63 41.34
N VAL E 93 57.93 -36.63 40.86
CA VAL E 93 58.19 -38.03 41.15
C VAL E 93 58.55 -38.73 39.84
N THR E 94 59.60 -39.53 39.87
CA THR E 94 60.08 -40.25 38.70
C THR E 94 59.52 -41.66 38.69
N MET E 95 58.92 -42.05 37.56
CA MET E 95 58.44 -43.41 37.34
C MET E 95 59.27 -44.06 36.25
N TYR E 96 59.00 -45.34 36.00
CA TYR E 96 59.74 -46.10 35.00
C TYR E 96 58.82 -47.12 34.35
N LEU E 97 58.95 -47.26 33.04
CA LEU E 97 58.22 -48.25 32.26
C LEU E 97 59.22 -49.00 31.38
N ARG E 98 59.18 -50.33 31.44
CA ARG E 98 60.12 -51.16 30.72
C ARG E 98 59.43 -52.41 30.19
N LYS E 99 59.91 -52.89 29.04
CA LYS E 99 59.43 -54.10 28.40
C LYS E 99 60.33 -54.39 27.21
N GLN E 100 60.26 -55.61 26.72
CA GLN E 100 61.07 -56.03 25.58
C GLN E 100 60.38 -57.20 24.89
N GLY E 101 60.83 -57.47 23.66
CA GLY E 101 60.28 -58.56 22.88
C GLY E 101 58.91 -58.25 22.32
N PRO E 102 58.37 -59.17 21.53
CA PRO E 102 57.03 -58.94 20.96
C PRO E 102 55.98 -58.76 22.05
N GLY E 103 55.11 -57.78 21.84
CA GLY E 103 54.05 -57.52 22.80
C GLY E 103 53.48 -56.13 22.60
N VAL E 104 52.54 -55.80 23.48
CA VAL E 104 51.86 -54.51 23.48
C VAL E 104 51.85 -53.98 24.91
N VAL E 105 52.26 -52.73 25.06
CA VAL E 105 52.40 -52.12 26.39
C VAL E 105 51.09 -51.47 26.81
N THR E 106 50.79 -51.56 28.11
CA THR E 106 49.62 -50.95 28.69
C THR E 106 50.04 -50.07 29.86
N ALA E 107 49.06 -49.43 30.51
CA ALA E 107 49.37 -48.56 31.64
C ALA E 107 49.81 -49.36 32.87
N GLY E 108 49.33 -50.59 33.01
CA GLY E 108 49.71 -51.43 34.14
C GLY E 108 51.11 -52.00 34.06
N ASP E 109 51.78 -51.84 32.91
CA ASP E 109 53.14 -52.36 32.78
C ASP E 109 54.14 -51.53 33.57
N ILE E 110 53.90 -50.22 33.68
CA ILE E 110 54.80 -49.36 34.45
C ILE E 110 54.61 -49.62 35.94
N VAL E 111 55.72 -49.60 36.68
CA VAL E 111 55.68 -49.78 38.13
C VAL E 111 55.57 -48.43 38.81
N PRO E 112 54.41 -48.06 39.34
CA PRO E 112 54.25 -46.76 39.98
C PRO E 112 54.91 -46.74 41.34
N PRO E 113 55.70 -45.72 41.64
CA PRO E 113 56.25 -45.58 42.98
C PRO E 113 55.15 -45.35 44.00
N ALA E 114 55.47 -45.67 45.26
CA ALA E 114 54.51 -45.48 46.34
C ALA E 114 54.12 -44.01 46.45
N GLY E 115 52.82 -43.75 46.55
CA GLY E 115 52.28 -42.41 46.62
C GLY E 115 51.60 -41.94 45.35
N VAL E 116 51.85 -42.61 44.22
CA VAL E 116 51.21 -42.27 42.95
C VAL E 116 50.43 -43.49 42.48
N THR E 117 49.37 -43.22 41.71
CA THR E 117 48.51 -44.29 41.24
C THR E 117 47.97 -43.94 39.86
N VAL E 118 47.86 -44.95 39.00
CA VAL E 118 47.30 -44.80 37.66
C VAL E 118 45.90 -45.40 37.66
N HIS E 119 44.93 -44.62 37.17
CA HIS E 119 43.52 -44.99 37.26
C HIS E 119 42.99 -45.66 36.01
N ASN E 120 43.80 -45.78 34.96
CA ASN E 120 43.38 -46.40 33.69
C ASN E 120 44.38 -47.47 33.29
N PRO E 121 44.37 -48.61 34.00
CA PRO E 121 45.33 -49.68 33.65
C PRO E 121 45.11 -50.30 32.28
N ASP E 122 43.94 -50.10 31.67
CA ASP E 122 43.61 -50.72 30.40
C ASP E 122 43.97 -49.86 29.20
N MET E 123 44.64 -48.73 29.41
CA MET E 123 44.94 -47.82 28.32
C MET E 123 46.15 -48.30 27.53
N HIS E 124 46.17 -47.92 26.25
CA HIS E 124 47.13 -48.42 25.28
C HIS E 124 48.25 -47.39 25.12
N ILE E 125 49.46 -47.75 25.55
CA ILE E 125 50.60 -46.85 25.42
C ILE E 125 51.31 -47.05 24.09
N ALA E 126 51.59 -48.30 23.70
CA ALA E 126 52.30 -48.58 22.47
C ALA E 126 52.23 -50.07 22.18
N THR E 127 52.81 -50.47 21.05
CA THR E 127 52.90 -51.85 20.63
C THR E 127 54.34 -52.13 20.22
N LEU E 128 54.90 -53.23 20.74
CA LEU E 128 56.31 -53.56 20.53
C LEU E 128 56.43 -54.58 19.40
N ASN E 129 57.15 -54.20 18.35
CA ASN E 129 57.37 -55.11 17.23
C ASN E 129 58.23 -56.30 17.66
N ASP E 130 58.15 -57.37 16.88
CA ASP E 130 58.89 -58.58 17.22
C ASP E 130 60.37 -58.30 17.36
N LYS E 131 60.97 -58.87 18.40
CA LYS E 131 62.40 -58.71 18.68
C LYS E 131 62.75 -57.24 18.86
N GLY E 132 62.05 -56.59 19.81
CA GLY E 132 62.28 -55.20 20.10
C GLY E 132 62.16 -54.95 21.60
N LYS E 133 62.73 -53.84 22.03
CA LYS E 133 62.77 -53.49 23.45
C LYS E 133 62.40 -52.02 23.63
N LEU E 134 61.73 -51.73 24.74
CA LEU E 134 61.29 -50.38 25.04
C LEU E 134 61.45 -50.10 26.53
N GLU E 135 62.09 -48.98 26.84
CA GLU E 135 62.26 -48.52 28.22
C GLU E 135 62.09 -47.02 28.26
N VAL E 136 61.28 -46.53 29.18
CA VAL E 136 60.91 -45.12 29.24
C VAL E 136 60.87 -44.66 30.70
N GLU E 137 61.42 -43.47 30.94
CA GLU E 137 61.36 -42.84 32.25
C GLU E 137 60.33 -41.72 32.19
N LEU E 138 59.57 -41.57 33.28
CA LEU E 138 58.50 -40.58 33.35
C LEU E 138 58.70 -39.65 34.53
N VAL E 139 58.26 -38.41 34.37
CA VAL E 139 58.32 -37.39 35.41
C VAL E 139 56.89 -36.93 35.67
N VAL E 140 56.37 -37.23 36.86
CA VAL E 140 54.99 -36.91 37.22
C VAL E 140 55.03 -35.89 38.37
N GLU E 141 54.32 -34.78 38.18
CA GLU E 141 54.26 -33.72 39.18
C GLU E 141 52.87 -33.10 39.18
N ARG E 142 52.48 -32.55 40.32
CA ARG E 142 51.17 -31.95 40.46
C ARG E 142 51.15 -30.53 39.89
N GLY E 143 49.94 -30.03 39.67
CA GLY E 143 49.77 -28.68 39.14
C GLY E 143 48.30 -28.41 38.90
N ARG E 144 48.03 -27.21 38.39
CA ARG E 144 46.68 -26.80 38.06
C ARG E 144 46.64 -26.20 36.67
N GLY E 145 45.50 -26.37 36.00
CA GLY E 145 45.33 -25.82 34.67
C GLY E 145 46.03 -26.65 33.61
N TYR E 146 46.48 -25.97 32.56
CA TYR E 146 47.17 -26.60 31.44
C TYR E 146 48.42 -25.77 31.13
N VAL E 147 49.58 -26.36 31.36
CA VAL E 147 50.87 -25.71 31.10
C VAL E 147 51.49 -26.36 29.87
N PRO E 148 51.86 -25.60 28.85
CA PRO E 148 52.41 -26.21 27.63
C PRO E 148 53.81 -26.77 27.84
N ALA E 149 54.44 -27.21 26.76
CA ALA E 149 55.81 -27.69 26.86
C ALA E 149 56.73 -26.57 27.33
N VAL E 150 57.61 -26.89 28.26
CA VAL E 150 58.49 -25.91 28.89
C VAL E 150 59.93 -26.24 28.56
N GLN E 151 60.70 -25.23 28.16
CA GLN E 151 62.14 -25.35 27.95
C GLN E 151 62.83 -24.62 29.08
N ASN E 152 63.29 -25.37 30.07
CA ASN E 152 63.97 -24.81 31.23
C ASN E 152 65.49 -24.90 31.12
N LYS E 153 66.00 -25.47 30.03
CA LYS E 153 67.44 -25.64 29.82
C LYS E 153 67.98 -26.79 30.66
N ALA E 154 67.27 -27.15 31.73
CA ALA E 154 67.56 -28.41 32.41
C ALA E 154 67.04 -29.58 31.59
N SER E 155 65.87 -29.42 30.99
CA SER E 155 65.41 -30.36 29.97
C SER E 155 66.18 -30.17 28.67
N GLY E 156 66.64 -28.95 28.39
CA GLY E 156 67.37 -28.71 27.15
C GLY E 156 68.81 -29.19 27.22
N ALA E 157 69.42 -29.10 28.40
CA ALA E 157 70.79 -29.56 28.56
C ALA E 157 70.88 -31.08 28.41
N GLU E 158 69.98 -31.80 29.07
CA GLU E 158 69.98 -33.26 28.95
C GLU E 158 69.71 -33.68 27.52
N ILE E 159 70.55 -34.60 27.01
CA ILE E 159 70.43 -35.01 25.62
C ILE E 159 69.08 -35.65 25.33
N GLY E 160 68.53 -36.37 26.29
CA GLY E 160 67.33 -37.15 26.03
C GLY E 160 66.02 -36.52 26.46
N ARG E 161 66.07 -35.66 27.47
CA ARG E 161 64.84 -35.19 28.12
C ARG E 161 63.83 -34.68 27.11
N ILE E 162 62.60 -35.16 27.23
CA ILE E 162 61.49 -34.74 26.38
C ILE E 162 60.38 -34.18 27.27
N PRO E 163 60.18 -32.87 27.31
CA PRO E 163 59.04 -32.32 28.05
C PRO E 163 57.74 -32.48 27.26
N VAL E 164 56.66 -32.73 27.99
CA VAL E 164 55.35 -32.92 27.38
C VAL E 164 54.38 -31.89 27.95
N ASP E 165 53.42 -31.49 27.11
CA ASP E 165 52.39 -30.57 27.56
C ASP E 165 51.57 -31.20 28.67
N SER E 166 51.50 -30.51 29.81
CA SER E 166 50.90 -31.08 31.01
C SER E 166 49.42 -30.71 31.08
N ILE E 167 48.57 -31.74 31.20
CA ILE E 167 47.15 -31.58 31.49
C ILE E 167 46.98 -31.89 32.98
N TYR E 168 46.84 -30.85 33.79
CA TYR E 168 46.83 -31.00 35.25
C TYR E 168 45.43 -31.21 35.81
N SER E 169 44.56 -30.21 35.66
CA SER E 169 43.22 -30.30 36.23
C SER E 169 42.49 -31.51 35.66
N PRO E 170 41.86 -32.34 36.51
CA PRO E 170 41.19 -33.54 35.99
C PRO E 170 40.02 -33.25 35.07
N VAL E 171 39.50 -32.02 35.06
CA VAL E 171 38.34 -31.69 34.25
C VAL E 171 38.79 -31.43 32.82
N LEU E 172 38.29 -32.25 31.88
CA LEU E 172 38.74 -32.15 30.50
C LEU E 172 38.01 -31.04 29.74
N LYS E 173 36.69 -31.02 29.80
CA LYS E 173 35.90 -30.13 28.98
C LYS E 173 34.71 -29.59 29.76
N VAL E 174 34.43 -28.31 29.58
CA VAL E 174 33.30 -27.64 30.24
C VAL E 174 32.73 -26.60 29.29
N THR E 175 31.41 -26.62 29.11
CA THR E 175 30.69 -25.62 28.34
C THR E 175 29.46 -25.21 29.14
N TYR E 176 28.84 -24.10 28.72
CA TYR E 176 27.70 -23.56 29.44
C TYR E 176 26.76 -22.89 28.46
N LYS E 177 25.67 -22.34 29.00
CA LYS E 177 24.64 -21.64 28.24
C LYS E 177 23.56 -21.21 29.22
N VAL E 178 22.77 -20.22 28.82
CA VAL E 178 21.70 -19.69 29.65
C VAL E 178 20.42 -19.64 28.84
N GLU E 179 19.30 -19.71 29.53
CA GLU E 179 17.98 -19.65 28.91
C GLU E 179 17.08 -18.78 29.78
N ALA E 180 15.80 -18.71 29.43
CA ALA E 180 14.83 -17.88 30.12
C ALA E 180 13.67 -18.74 30.60
N THR E 181 13.40 -18.72 31.91
CA THR E 181 12.26 -19.40 32.50
C THR E 181 11.43 -18.40 33.29
N ARG E 182 10.11 -18.55 33.25
CA ARG E 182 9.20 -17.67 33.95
C ARG E 182 8.92 -18.26 35.33
N VAL E 183 9.50 -17.66 36.36
CA VAL E 183 9.27 -18.13 37.72
C VAL E 183 7.88 -17.72 38.20
N GLU E 184 7.48 -16.49 37.90
CA GLU E 184 6.15 -15.98 38.23
C GLU E 184 5.70 -15.00 37.15
N GLN E 185 4.89 -14.01 37.54
CA GLN E 185 4.48 -13.00 36.59
C GLN E 185 5.70 -12.35 35.94
N ARG E 186 6.81 -12.27 36.67
CA ARG E 186 8.04 -11.73 36.11
C ARG E 186 8.60 -12.69 35.06
N THR E 187 8.88 -12.17 33.87
CA THR E 187 9.28 -13.00 32.76
C THR E 187 10.80 -13.12 32.67
N ASP E 188 11.24 -14.09 31.87
CA ASP E 188 12.64 -14.23 31.43
C ASP E 188 13.63 -14.23 32.60
N PHE E 189 13.37 -15.06 33.60
CA PHE E 189 14.40 -15.35 34.59
C PHE E 189 15.39 -16.36 34.02
N ASP E 190 16.65 -16.21 34.42
CA ASP E 190 17.74 -16.95 33.80
C ASP E 190 17.91 -18.34 34.41
N LYS E 191 18.16 -19.33 33.56
CA LYS E 191 18.60 -20.65 33.97
C LYS E 191 20.01 -20.88 33.45
N LEU E 192 20.76 -21.74 34.13
CA LEU E 192 22.16 -21.99 33.79
C LEU E 192 22.36 -23.49 33.57
N ILE E 193 22.67 -23.87 32.35
CA ILE E 193 23.04 -25.24 32.00
C ILE E 193 24.55 -25.29 31.83
N ILE E 194 25.20 -26.16 32.59
CA ILE E 194 26.65 -26.30 32.57
C ILE E 194 27.00 -27.77 32.39
N ASP E 195 27.82 -28.07 31.38
CA ASP E 195 28.24 -29.43 31.09
C ASP E 195 29.72 -29.58 31.44
N VAL E 196 30.06 -30.70 32.08
CA VAL E 196 31.42 -30.95 32.56
C VAL E 196 31.80 -32.38 32.23
N GLU E 197 32.90 -32.55 31.51
CA GLU E 197 33.47 -33.87 31.23
C GLU E 197 34.83 -33.96 31.92
N THR E 198 34.99 -34.99 32.76
CA THR E 198 36.22 -35.15 33.53
C THR E 198 36.83 -36.52 33.30
N LYS E 199 37.87 -36.85 34.07
CA LYS E 199 38.49 -38.16 34.02
C LYS E 199 38.45 -38.80 35.41
N ASN E 200 38.81 -40.09 35.46
CA ASN E 200 38.60 -40.91 36.64
C ASN E 200 39.24 -40.34 37.91
N SER E 201 40.07 -39.30 37.80
CA SER E 201 40.67 -38.71 39.00
C SER E 201 39.60 -38.31 40.00
N ILE E 202 38.65 -37.48 39.58
CA ILE E 202 37.52 -37.07 40.41
C ILE E 202 36.26 -37.09 39.56
N SER E 203 35.12 -37.20 40.25
CA SER E 203 33.84 -37.21 39.56
C SER E 203 33.37 -35.78 39.28
N PRO E 204 32.42 -35.61 38.37
CA PRO E 204 31.90 -34.27 38.10
C PRO E 204 31.21 -33.64 39.29
N ARG E 205 30.53 -34.44 40.12
CA ARG E 205 29.87 -33.90 41.30
C ARG E 205 30.88 -33.33 42.29
N ASP E 206 31.98 -34.05 42.53
CA ASP E 206 33.00 -33.56 43.44
C ASP E 206 33.78 -32.39 42.84
N ALA E 207 33.96 -32.38 41.51
CA ALA E 207 34.63 -31.26 40.88
C ALA E 207 33.80 -29.98 40.99
N LEU E 208 32.48 -30.11 40.87
CA LEU E 208 31.62 -28.94 41.04
C LEU E 208 31.67 -28.43 42.48
N ALA E 209 31.61 -29.33 43.45
CA ALA E 209 31.68 -28.91 44.85
C ALA E 209 33.01 -28.25 45.16
N SER E 210 34.12 -28.82 44.65
CA SER E 210 35.42 -28.21 44.86
C SER E 210 35.52 -26.87 44.15
N ALA E 211 35.01 -26.78 42.92
CA ALA E 211 35.03 -25.51 42.20
C ALA E 211 34.23 -24.44 42.94
N GLY E 212 33.07 -24.81 43.48
CA GLY E 212 32.29 -23.87 44.26
C GLY E 212 32.96 -23.49 45.56
N GLY E 213 33.69 -24.41 46.17
CA GLY E 213 34.38 -24.10 47.40
C GLY E 213 35.50 -23.08 47.20
N THR E 214 36.25 -23.20 46.12
CA THR E 214 37.32 -22.26 45.84
C THR E 214 36.78 -20.89 45.42
N LEU E 215 35.59 -20.85 44.84
CA LEU E 215 34.98 -19.58 44.45
C LEU E 215 34.45 -18.82 45.66
N VAL E 216 33.67 -19.49 46.50
CA VAL E 216 33.14 -18.82 47.70
C VAL E 216 34.28 -18.32 48.57
N GLU E 217 35.35 -19.10 48.69
CA GLU E 217 36.53 -18.65 49.42
C GLU E 217 37.31 -17.59 48.65
N LEU E 218 37.15 -17.55 47.33
CA LEU E 218 37.85 -16.54 46.53
C LEU E 218 37.21 -15.17 46.66
N PHE E 219 35.87 -15.11 46.73
CA PHE E 219 35.15 -13.85 46.97
C PHE E 219 35.04 -13.51 48.45
N GLY E 220 35.47 -14.41 49.35
CA GLY E 220 35.45 -14.14 50.77
C GLY E 220 36.30 -12.95 51.20
N LEU E 221 37.37 -12.63 50.46
CA LEU E 221 38.21 -11.49 50.83
C LEU E 221 37.50 -10.17 50.60
N ALA E 222 36.60 -10.09 49.63
CA ALA E 222 35.84 -8.88 49.40
C ALA E 222 34.69 -8.74 50.41
N ARG E 223 34.09 -9.85 50.82
CA ARG E 223 33.00 -9.80 51.78
C ARG E 223 33.48 -9.36 53.16
N GLU E 224 34.75 -9.63 53.49
CA GLU E 224 35.27 -9.32 54.81
C GLU E 224 35.41 -7.82 55.07
N LEU E 225 35.23 -6.98 54.05
CA LEU E 225 35.45 -5.55 54.23
C LEU E 225 34.38 -4.92 55.11
N ASN E 226 33.12 -5.31 54.90
CA ASN E 226 32.04 -4.72 55.68
C ASN E 226 31.06 -5.78 56.16
N ALA E 227 30.49 -6.55 55.24
CA ALA E 227 29.40 -7.47 55.53
C ALA E 227 28.11 -6.74 55.86
N ASP E 228 27.89 -5.59 55.21
CA ASP E 228 26.70 -4.77 55.41
C ASP E 228 25.42 -5.55 55.10
N SER E 229 25.17 -5.77 53.81
CA SER E 229 24.00 -6.52 53.36
C SER E 229 24.31 -7.14 52.01
N GLU E 230 23.74 -8.32 51.77
CA GLU E 230 23.99 -9.05 50.54
C GLU E 230 22.72 -9.76 50.11
N HIS E 231 22.73 -10.22 48.85
CA HIS E 231 21.60 -10.96 48.32
C HIS E 231 21.36 -12.22 49.13
N ILE E 232 20.12 -12.42 49.56
CA ILE E 232 19.81 -13.55 50.42
C ILE E 232 19.97 -14.87 49.67
N GLU E 233 20.12 -15.95 50.43
CA GLU E 233 20.26 -17.28 49.87
C GLU E 233 18.99 -17.71 49.16
N ASN F 21 26.22 31.58 11.65
CA ASN F 21 26.05 32.53 12.74
C ASN F 21 25.33 33.79 12.25
N SER F 22 25.92 34.95 12.56
CA SER F 22 25.34 36.24 12.25
C SER F 22 23.98 36.44 12.93
N VAL F 23 23.74 35.69 14.00
CA VAL F 23 22.52 35.82 14.80
C VAL F 23 22.91 36.15 16.23
N PRO F 24 22.16 37.01 16.93
CA PRO F 24 22.61 37.44 18.27
C PRO F 24 22.80 36.29 19.25
N GLY F 25 21.82 35.41 19.37
CA GLY F 25 21.90 34.32 20.32
C GLY F 25 22.59 33.06 19.82
N ALA F 26 23.24 33.12 18.67
CA ALA F 26 23.87 31.94 18.08
C ALA F 26 24.91 31.35 19.02
N PRO F 27 24.79 30.07 19.38
CA PRO F 27 25.85 29.42 20.16
C PRO F 27 27.13 29.29 19.35
N ASN F 28 28.17 28.71 19.94
CA ASN F 28 29.48 28.61 19.30
C ASN F 28 29.64 27.20 18.71
N ARG F 29 29.60 27.11 17.39
CA ARG F 29 29.84 25.86 16.67
C ARG F 29 30.85 26.14 15.57
N VAL F 30 32.06 25.59 15.73
CA VAL F 30 33.14 25.87 14.78
C VAL F 30 32.86 25.16 13.46
N SER F 31 33.09 25.88 12.35
CA SER F 31 32.85 25.36 11.01
C SER F 31 34.17 25.12 10.30
N PHE F 32 34.19 24.08 9.47
CA PHE F 32 35.34 23.74 8.63
C PHE F 32 35.29 24.40 7.26
N ALA F 33 34.31 25.27 7.02
CA ALA F 33 34.14 25.85 5.70
C ALA F 33 35.39 26.58 5.25
N LYS F 34 35.86 26.26 4.04
CA LYS F 34 36.99 26.95 3.46
C LYS F 34 36.60 28.25 2.76
N LEU F 35 35.31 28.53 2.62
CA LEU F 35 34.83 29.74 1.98
C LEU F 35 33.96 30.54 2.95
N ARG F 36 33.78 31.81 2.62
CA ARG F 36 32.89 32.71 3.35
C ARG F 36 31.63 32.95 2.52
N GLU F 37 30.48 32.89 3.15
CA GLU F 37 29.22 33.07 2.45
C GLU F 37 29.05 34.51 2.01
N PRO F 38 29.06 34.81 0.70
CA PRO F 38 28.80 36.19 0.29
C PRO F 38 27.35 36.60 0.47
N LEU F 39 26.42 35.66 0.45
CA LEU F 39 25.00 35.94 0.59
C LEU F 39 24.42 35.12 1.74
N GLU F 40 23.67 35.79 2.62
CA GLU F 40 22.98 35.09 3.69
C GLU F 40 21.81 34.28 3.13
N VAL F 41 21.46 33.21 3.84
CA VAL F 41 20.31 32.39 3.47
C VAL F 41 19.05 33.26 3.60
N PRO F 42 18.30 33.46 2.53
CA PRO F 42 17.10 34.30 2.62
C PRO F 42 16.03 33.65 3.49
N GLY F 43 15.04 34.46 3.87
CA GLY F 43 13.91 33.97 4.61
C GLY F 43 13.28 32.76 3.97
N LEU F 44 13.26 31.63 4.68
CA LEU F 44 12.84 30.37 4.09
C LEU F 44 11.33 30.27 3.92
N LEU F 45 10.56 31.10 4.61
CA LEU F 45 9.11 31.13 4.46
C LEU F 45 8.64 32.17 3.45
N ASP F 46 9.58 32.84 2.77
CA ASP F 46 9.20 33.91 1.85
C ASP F 46 8.31 33.43 0.73
N VAL F 47 8.48 32.18 0.29
CA VAL F 47 7.68 31.67 -0.83
C VAL F 47 6.19 31.79 -0.53
N GLN F 48 5.80 31.51 0.72
CA GLN F 48 4.39 31.57 1.08
C GLN F 48 3.95 33.01 1.35
N THR F 49 4.75 33.78 2.10
CA THR F 49 4.32 35.11 2.51
C THR F 49 4.30 36.08 1.35
N ASP F 50 5.33 36.04 0.48
CA ASP F 50 5.40 36.99 -0.62
C ASP F 50 4.23 36.82 -1.58
N SER F 51 3.87 35.57 -1.88
CA SER F 51 2.75 35.33 -2.80
C SER F 51 1.43 35.76 -2.18
N PHE F 52 1.27 35.56 -0.87
CA PHE F 52 0.01 35.95 -0.22
C PHE F 52 -0.09 37.47 -0.09
N GLU F 53 1.03 38.14 0.17
CA GLU F 53 1.01 39.61 0.24
C GLU F 53 0.68 40.21 -1.11
N TRP F 54 1.23 39.64 -2.18
CA TRP F 54 0.87 40.11 -3.52
C TRP F 54 -0.62 39.97 -3.78
N LEU F 55 -1.26 38.96 -3.19
CA LEU F 55 -2.67 38.71 -3.45
C LEU F 55 -3.54 39.84 -2.92
N VAL F 56 -3.39 40.18 -1.64
CA VAL F 56 -4.28 41.11 -0.95
C VAL F 56 -3.49 42.35 -0.57
N GLY F 57 -3.85 43.48 -1.17
CA GLY F 57 -3.19 44.77 -0.99
C GLY F 57 -2.38 44.95 0.27
N SER F 58 -1.23 44.29 0.33
CA SER F 58 -0.29 44.45 1.43
C SER F 58 0.69 45.57 1.08
N ASP F 59 0.68 46.64 1.90
CA ASP F 59 1.61 47.74 1.68
C ASP F 59 3.05 47.31 1.77
N ARG F 60 3.33 46.16 2.41
CA ARG F 60 4.69 45.64 2.42
C ARG F 60 5.11 45.16 1.03
N TRP F 61 4.20 44.47 0.33
CA TRP F 61 4.47 44.09 -1.05
C TRP F 61 4.35 45.28 -2.00
N ARG F 62 3.51 46.26 -1.65
CA ARG F 62 3.39 47.46 -2.49
C ARG F 62 4.72 48.16 -2.64
N GLN F 63 5.49 48.27 -1.55
CA GLN F 63 6.79 48.93 -1.62
C GLN F 63 7.77 48.14 -2.49
N ALA F 64 7.74 46.81 -2.41
CA ALA F 64 8.68 45.99 -3.15
C ALA F 64 8.58 46.27 -4.66
N ALA F 65 7.36 46.29 -5.19
CA ALA F 65 7.19 46.55 -6.61
C ALA F 65 7.52 47.99 -6.96
N ILE F 66 7.33 48.92 -6.04
CA ILE F 66 7.60 50.33 -6.32
C ILE F 66 9.07 50.70 -6.38
N ASP F 67 9.87 50.23 -5.42
CA ASP F 67 11.29 50.57 -5.40
C ASP F 67 12.04 50.10 -6.64
N ARG F 68 11.80 48.85 -7.03
CA ARG F 68 12.35 48.29 -8.26
C ARG F 68 11.23 47.65 -9.07
N GLY F 69 10.74 48.36 -10.08
CA GLY F 69 9.73 47.82 -10.96
C GLY F 69 8.73 48.88 -11.34
N GLU F 70 7.57 48.41 -11.81
CA GLU F 70 6.52 49.30 -12.30
C GLU F 70 5.99 50.18 -11.18
N GLU F 71 5.45 51.34 -11.57
CA GLU F 71 4.87 52.29 -10.62
C GLU F 71 3.40 52.04 -10.35
N ASN F 72 2.81 51.00 -10.92
CA ASN F 72 1.39 50.68 -10.75
C ASN F 72 1.26 49.25 -10.25
N PRO F 73 1.54 49.01 -8.97
CA PRO F 73 1.33 47.66 -8.42
C PRO F 73 -0.16 47.32 -8.36
N VAL F 74 -0.47 46.07 -8.70
CA VAL F 74 -1.85 45.59 -8.72
C VAL F 74 -1.91 44.31 -7.89
N GLY F 75 -2.69 44.33 -6.81
CA GLY F 75 -2.85 43.15 -6.00
C GLY F 75 -3.66 42.08 -6.69
N GLY F 76 -3.47 40.84 -6.22
CA GLY F 76 -4.20 39.72 -6.80
C GLY F 76 -5.70 39.96 -6.82
N LEU F 77 -6.23 40.55 -5.75
CA LEU F 77 -7.65 40.90 -5.74
C LEU F 77 -7.94 42.01 -6.75
N GLU F 78 -7.08 43.03 -6.80
CA GLU F 78 -7.33 44.17 -7.67
C GLU F 78 -7.33 43.74 -9.14
N GLU F 79 -6.49 42.78 -9.50
CA GLU F 79 -6.41 42.35 -10.89
C GLU F 79 -7.60 41.51 -11.31
N VAL F 80 -8.17 40.73 -10.38
CA VAL F 80 -9.36 39.94 -10.70
C VAL F 80 -10.59 40.84 -10.74
N LEU F 81 -10.67 41.83 -9.86
CA LEU F 81 -11.73 42.82 -9.95
C LEU F 81 -11.63 43.61 -11.25
N ALA F 82 -10.42 43.87 -11.73
CA ALA F 82 -10.25 44.52 -13.02
C ALA F 82 -10.79 43.66 -14.15
N GLU F 83 -10.68 42.33 -14.02
CA GLU F 83 -11.26 41.44 -15.03
C GLU F 83 -12.77 41.48 -15.00
N LEU F 84 -13.36 41.51 -13.80
CA LEU F 84 -14.82 41.54 -13.67
C LEU F 84 -15.42 42.90 -14.00
N SER F 85 -14.62 43.95 -14.01
CA SER F 85 -15.14 45.29 -14.28
C SER F 85 -15.09 45.62 -15.78
N PRO F 86 -16.23 46.03 -16.34
CA PRO F 86 -17.50 46.10 -15.61
C PRO F 86 -18.41 44.92 -15.91
N ILE F 87 -19.61 44.91 -15.32
CA ILE F 87 -20.63 43.91 -15.61
C ILE F 87 -21.76 44.61 -16.35
N GLU F 88 -21.97 44.24 -17.60
CA GLU F 88 -22.99 44.84 -18.44
C GLU F 88 -24.00 43.80 -18.90
N ASP F 89 -25.23 44.25 -19.14
CA ASP F 89 -26.36 43.38 -19.39
C ASP F 89 -26.52 42.98 -20.85
N PHE F 90 -25.59 43.37 -21.72
CA PHE F 90 -25.61 43.18 -23.16
C PHE F 90 -26.48 44.22 -23.86
N SER F 91 -27.32 44.96 -23.14
CA SER F 91 -28.05 46.08 -23.72
C SER F 91 -27.25 47.36 -23.73
N GLY F 92 -26.19 47.45 -22.91
CA GLY F 92 -25.40 48.64 -22.79
C GLY F 92 -26.04 49.76 -21.99
N SER F 93 -27.29 49.61 -21.56
CA SER F 93 -27.97 50.68 -20.85
C SER F 93 -27.41 50.86 -19.44
N MET F 94 -27.08 49.75 -18.77
CA MET F 94 -26.58 49.79 -17.40
C MET F 94 -25.27 49.02 -17.31
N SER F 95 -24.56 49.26 -16.21
CA SER F 95 -23.27 48.61 -15.97
C SER F 95 -23.05 48.50 -14.47
N LEU F 96 -22.27 47.48 -14.08
CA LEU F 96 -21.93 47.23 -12.68
C LEU F 96 -20.41 47.19 -12.58
N SER F 97 -19.86 48.11 -11.79
CA SER F 97 -18.41 48.25 -11.66
C SER F 97 -17.98 47.87 -10.24
N PHE F 98 -16.85 47.17 -10.14
CA PHE F 98 -16.24 46.82 -8.87
C PHE F 98 -14.92 47.56 -8.70
N SER F 99 -14.51 47.74 -7.45
CA SER F 99 -13.26 48.44 -7.17
C SER F 99 -13.07 48.52 -5.65
N ASP F 100 -11.86 48.92 -5.27
CA ASP F 100 -11.49 49.24 -3.90
C ASP F 100 -11.72 48.06 -2.95
N PRO F 101 -10.88 47.03 -3.01
CA PRO F 101 -10.96 45.96 -2.01
C PRO F 101 -10.51 46.47 -0.65
N ARG F 102 -11.28 46.14 0.39
CA ARG F 102 -11.02 46.63 1.74
C ARG F 102 -10.99 45.46 2.71
N PHE F 103 -10.01 45.50 3.62
CA PHE F 103 -9.86 44.48 4.66
C PHE F 103 -9.77 45.15 6.02
N ASP F 104 -10.37 44.50 7.02
CA ASP F 104 -10.34 44.96 8.39
C ASP F 104 -9.58 43.95 9.26
N GLU F 105 -9.52 44.24 10.56
CA GLU F 105 -8.79 43.36 11.47
C GLU F 105 -9.38 41.96 11.48
N VAL F 106 -8.52 40.98 11.79
CA VAL F 106 -8.96 39.60 11.79
C VAL F 106 -10.02 39.37 12.86
N LYS F 107 -10.82 38.33 12.68
CA LYS F 107 -11.96 38.09 13.56
C LYS F 107 -11.52 37.63 14.94
N ALA F 108 -10.54 36.72 15.01
CA ALA F 108 -10.07 36.21 16.27
C ALA F 108 -8.62 35.76 16.14
N SER F 109 -7.93 35.70 17.27
CA SER F 109 -6.55 35.26 17.28
C SER F 109 -6.47 33.78 16.87
N VAL F 110 -5.34 33.43 16.24
CA VAL F 110 -5.18 32.07 15.74
C VAL F 110 -5.35 31.04 16.85
N ASP F 111 -4.87 31.37 18.06
CA ASP F 111 -5.05 30.46 19.18
C ASP F 111 -6.53 30.19 19.45
N GLU F 112 -7.35 31.25 19.45
CA GLU F 112 -8.78 31.08 19.68
C GLU F 112 -9.45 30.36 18.52
N CYS F 113 -8.89 30.48 17.31
CA CYS F 113 -9.44 29.77 16.16
C CYS F 113 -9.14 28.27 16.25
N LYS F 114 -7.88 27.92 16.50
CA LYS F 114 -7.52 26.52 16.65
C LYS F 114 -8.25 25.87 17.81
N ASP F 115 -8.68 26.67 18.80
CA ASP F 115 -9.40 26.12 19.94
C ASP F 115 -10.88 25.92 19.63
N LYS F 116 -11.51 26.90 18.99
CA LYS F 116 -12.95 26.89 18.74
C LYS F 116 -13.34 26.20 17.44
N ASP F 117 -12.38 25.63 16.71
CA ASP F 117 -12.67 24.93 15.45
C ASP F 117 -13.28 25.86 14.42
N MET F 118 -12.87 27.12 14.42
CA MET F 118 -13.34 28.12 13.46
C MET F 118 -12.18 28.61 12.62
N THR F 119 -12.46 28.88 11.35
CA THR F 119 -11.42 29.36 10.44
C THR F 119 -10.92 30.74 10.86
N TYR F 120 -9.67 31.02 10.49
CA TYR F 120 -9.02 32.29 10.82
C TYR F 120 -9.09 33.19 9.60
N ALA F 121 -9.96 34.21 9.66
CA ALA F 121 -10.23 35.02 8.48
C ALA F 121 -10.51 36.46 8.90
N ALA F 122 -10.44 37.35 7.91
CA ALA F 122 -10.73 38.76 8.06
C ALA F 122 -11.76 39.18 7.01
N PRO F 123 -12.66 40.10 7.35
CA PRO F 123 -13.72 40.49 6.41
C PRO F 123 -13.14 41.18 5.18
N LEU F 124 -13.95 41.18 4.12
CA LEU F 124 -13.59 41.78 2.84
C LEU F 124 -14.65 42.80 2.44
N PHE F 125 -14.21 44.01 2.11
CA PHE F 125 -15.10 45.07 1.67
C PHE F 125 -14.71 45.55 0.28
N VAL F 126 -15.71 45.98 -0.49
CA VAL F 126 -15.48 46.48 -1.84
C VAL F 126 -16.52 47.54 -2.17
N THR F 127 -16.41 48.14 -3.36
CA THR F 127 -17.32 49.17 -3.82
C THR F 127 -17.99 48.73 -5.11
N ALA F 128 -19.31 48.76 -5.14
CA ALA F 128 -20.10 48.36 -6.31
C ALA F 128 -21.04 49.48 -6.68
N GLU F 129 -20.87 50.03 -7.87
CA GLU F 129 -21.69 51.13 -8.37
C GLU F 129 -22.67 50.61 -9.42
N PHE F 130 -23.94 50.91 -9.23
CA PHE F 130 -25.00 50.55 -10.18
C PHE F 130 -25.36 51.81 -10.95
N ILE F 131 -25.05 51.82 -12.25
CA ILE F 131 -25.26 52.98 -13.10
C ILE F 131 -26.24 52.62 -14.20
N ASN F 132 -27.35 53.35 -14.26
CA ASN F 132 -28.29 53.26 -15.38
C ASN F 132 -28.69 54.70 -15.70
N ASN F 133 -28.03 55.28 -16.72
CA ASN F 133 -28.35 56.63 -17.15
C ASN F 133 -29.32 56.66 -18.33
N ASN F 134 -29.60 55.51 -18.94
CA ASN F 134 -30.72 55.42 -19.87
C ASN F 134 -32.02 55.83 -19.18
N THR F 135 -32.29 55.23 -18.03
CA THR F 135 -33.35 55.66 -17.12
C THR F 135 -32.73 56.55 -16.05
N GLY F 136 -33.47 56.79 -14.97
CA GLY F 136 -32.91 57.55 -13.86
C GLY F 136 -31.68 56.86 -13.29
N GLU F 137 -30.65 57.65 -13.01
CA GLU F 137 -29.40 57.09 -12.55
C GLU F 137 -29.58 56.43 -11.17
N ILE F 138 -28.84 55.35 -10.95
CA ILE F 138 -28.92 54.61 -9.70
C ILE F 138 -27.83 55.09 -8.74
N LYS F 139 -27.65 54.40 -7.61
CA LYS F 139 -26.73 54.82 -6.57
C LYS F 139 -25.74 53.70 -6.26
N SER F 140 -24.72 54.05 -5.48
CA SER F 140 -23.65 53.12 -5.12
C SER F 140 -24.02 52.38 -3.84
N GLN F 141 -23.04 51.74 -3.22
CA GLN F 141 -23.23 50.98 -1.98
C GLN F 141 -21.88 50.42 -1.56
N THR F 142 -21.84 49.89 -0.34
CA THR F 142 -20.68 49.18 0.18
C THR F 142 -21.04 47.72 0.37
N VAL F 143 -20.31 46.83 -0.30
CA VAL F 143 -20.62 45.41 -0.34
C VAL F 143 -19.58 44.64 0.46
N PHE F 144 -20.04 43.54 1.07
CA PHE F 144 -19.19 42.66 1.87
C PHE F 144 -19.20 41.28 1.23
N MET F 145 -18.05 40.84 0.74
CA MET F 145 -17.99 39.57 0.02
C MET F 145 -17.98 38.39 0.98
N GLY F 146 -17.30 38.51 2.11
CA GLY F 146 -17.26 37.44 3.08
C GLY F 146 -15.99 37.48 3.90
N ASP F 147 -15.97 36.66 4.94
CA ASP F 147 -14.78 36.52 5.77
C ASP F 147 -13.71 35.75 4.99
N PHE F 148 -12.54 36.36 4.84
CA PHE F 148 -11.51 35.86 3.95
C PHE F 148 -10.38 35.22 4.74
N PRO F 149 -10.11 33.93 4.54
CA PRO F 149 -8.99 33.31 5.26
C PRO F 149 -7.68 34.02 4.99
N MET F 150 -6.92 34.26 6.06
CA MET F 150 -5.67 34.98 6.00
C MET F 150 -4.51 34.08 6.44
N MET F 151 -3.39 34.19 5.74
CA MET F 151 -2.21 33.42 6.11
C MET F 151 -1.58 33.99 7.37
N THR F 152 -1.16 33.10 8.25
CA THR F 152 -0.56 33.51 9.53
C THR F 152 0.87 33.99 9.31
N GLU F 153 1.52 34.38 10.41
CA GLU F 153 2.92 34.76 10.35
C GLU F 153 3.82 33.55 10.13
N LYS F 154 3.33 32.35 10.40
CA LYS F 154 4.07 31.11 10.20
C LYS F 154 3.96 30.57 8.79
N GLY F 155 3.22 31.25 7.92
CA GLY F 155 3.03 30.78 6.56
C GLY F 155 1.94 29.75 6.38
N THR F 156 1.11 29.53 7.39
CA THR F 156 0.06 28.52 7.36
C THR F 156 -1.31 29.19 7.45
N PHE F 157 -2.35 28.36 7.39
CA PHE F 157 -3.72 28.80 7.52
C PHE F 157 -4.41 28.01 8.62
N ILE F 158 -5.48 28.59 9.16
CA ILE F 158 -6.35 27.90 10.11
C ILE F 158 -7.73 27.80 9.46
N ILE F 159 -8.09 26.59 9.04
CA ILE F 159 -9.37 26.34 8.38
C ILE F 159 -10.16 25.39 9.28
N ASN F 160 -11.27 25.90 9.83
CA ASN F 160 -12.14 25.10 10.69
C ASN F 160 -11.37 24.52 11.87
N GLY F 161 -10.44 25.30 12.41
CA GLY F 161 -9.70 24.91 13.59
C GLY F 161 -8.47 24.07 13.33
N THR F 162 -8.25 23.62 12.11
CA THR F 162 -7.08 22.80 11.77
C THR F 162 -6.06 23.66 11.03
N GLU F 163 -4.78 23.38 11.30
CA GLU F 163 -3.68 24.12 10.69
C GLU F 163 -3.32 23.46 9.37
N ARG F 164 -3.41 24.22 8.28
CA ARG F 164 -3.21 23.69 6.93
C ARG F 164 -2.17 24.53 6.20
N VAL F 165 -1.64 23.95 5.11
CA VAL F 165 -0.62 24.59 4.28
C VAL F 165 -1.00 24.41 2.82
N VAL F 166 -0.96 25.49 2.06
CA VAL F 166 -1.20 25.44 0.62
C VAL F 166 0.14 25.26 -0.08
N VAL F 167 0.27 24.16 -0.83
CA VAL F 167 1.52 23.83 -1.49
C VAL F 167 1.65 24.63 -2.77
N SER F 168 2.77 24.45 -3.48
CA SER F 168 3.06 25.17 -4.70
C SER F 168 3.05 24.18 -5.87
N GLN F 169 2.10 24.36 -6.78
CA GLN F 169 1.93 23.44 -7.89
C GLN F 169 2.91 23.78 -9.02
N LEU F 170 3.30 22.75 -9.76
CA LEU F 170 4.16 22.89 -10.94
C LEU F 170 3.31 22.70 -12.18
N VAL F 171 3.12 23.78 -12.94
CA VAL F 171 2.29 23.78 -14.13
C VAL F 171 3.12 24.20 -15.32
N ARG F 172 2.71 23.75 -16.50
CA ARG F 172 3.36 24.15 -17.75
C ARG F 172 2.93 25.57 -18.09
N SER F 173 3.90 26.47 -18.22
CA SER F 173 3.58 27.88 -18.46
C SER F 173 2.93 28.05 -19.84
N PRO F 174 1.97 28.95 -19.97
CA PRO F 174 1.39 29.22 -21.30
C PRO F 174 2.45 29.77 -22.25
N GLY F 175 2.35 29.35 -23.50
CA GLY F 175 3.31 29.78 -24.50
C GLY F 175 3.35 28.78 -25.65
N VAL F 176 4.30 29.02 -26.55
CA VAL F 176 4.51 28.18 -27.73
C VAL F 176 5.77 27.36 -27.52
N TYR F 177 5.63 26.04 -27.62
CA TYR F 177 6.76 25.11 -27.48
C TYR F 177 6.72 24.14 -28.65
N PHE F 178 7.82 24.07 -29.39
CA PHE F 178 7.89 23.23 -30.58
C PHE F 178 8.77 22.01 -30.31
N ASP F 179 8.43 20.89 -30.94
CA ASP F 179 9.16 19.65 -30.78
C ASP F 179 9.34 18.98 -32.14
N GLU F 180 10.31 18.08 -32.20
CA GLU F 180 10.60 17.30 -33.40
C GLU F 180 10.52 15.82 -33.08
N THR F 181 9.89 15.07 -33.97
CA THR F 181 9.74 13.63 -33.80
C THR F 181 10.18 12.90 -35.06
N ILE F 182 10.38 11.59 -34.93
CA ILE F 182 10.75 10.74 -36.05
C ILE F 182 9.49 10.04 -36.54
N ASP F 183 9.08 10.34 -37.77
CA ASP F 183 7.87 9.76 -38.32
C ASP F 183 8.01 8.26 -38.51
N LYS F 184 6.93 7.52 -38.25
CA LYS F 184 6.94 6.09 -38.49
C LYS F 184 6.95 5.75 -39.97
N SER F 185 6.52 6.67 -40.82
CA SER F 185 6.48 6.41 -42.26
C SER F 185 7.90 6.40 -42.84
N THR F 186 8.68 7.45 -42.57
CA THR F 186 10.02 7.58 -43.12
C THR F 186 10.97 8.05 -42.04
N GLU F 187 12.26 7.93 -42.33
CA GLU F 187 13.28 8.32 -41.36
C GLU F 187 13.45 9.83 -41.28
N LYS F 188 12.92 10.57 -42.24
CA LYS F 188 13.05 12.02 -42.22
C LYS F 188 12.35 12.60 -40.99
N THR F 189 12.91 13.70 -40.48
CA THR F 189 12.40 14.32 -39.27
C THR F 189 11.12 15.10 -39.56
N LEU F 190 10.33 15.30 -38.51
CA LEU F 190 9.11 16.09 -38.58
C LEU F 190 9.09 17.10 -37.43
N HIS F 191 8.24 18.11 -37.57
CA HIS F 191 8.08 19.15 -36.57
C HIS F 191 6.59 19.37 -36.32
N SER F 192 6.18 19.26 -35.06
CA SER F 192 4.82 19.59 -34.64
C SER F 192 4.85 20.79 -33.71
N VAL F 193 3.85 21.65 -33.83
CA VAL F 193 3.78 22.90 -33.09
C VAL F 193 2.50 22.91 -32.25
N LYS F 194 2.62 23.39 -31.02
CA LYS F 194 1.49 23.47 -30.10
C LYS F 194 1.58 24.75 -29.30
N VAL F 195 0.57 25.61 -29.43
CA VAL F 195 0.44 26.80 -28.60
C VAL F 195 -0.45 26.44 -27.41
N ILE F 196 0.02 26.75 -26.21
CA ILE F 196 -0.68 26.34 -25.00
C ILE F 196 -1.17 27.58 -24.25
N PRO F 197 -2.46 27.89 -24.31
CA PRO F 197 -3.00 28.97 -23.48
C PRO F 197 -3.54 28.45 -22.16
N GLY F 198 -4.04 29.35 -21.32
CA GLY F 198 -4.65 28.96 -20.07
C GLY F 198 -6.08 28.51 -20.26
N ARG F 199 -6.89 29.35 -20.92
CA ARG F 199 -8.30 29.10 -21.12
C ARG F 199 -8.67 28.85 -22.58
N GLY F 200 -7.69 28.80 -23.48
CA GLY F 200 -7.97 28.71 -24.90
C GLY F 200 -8.37 27.33 -25.38
N ALA F 201 -8.74 27.27 -26.65
CA ALA F 201 -9.09 26.03 -27.34
C ALA F 201 -7.88 25.33 -27.95
N TRP F 202 -6.68 25.89 -27.76
CA TRP F 202 -5.41 25.28 -28.13
C TRP F 202 -5.41 24.66 -29.52
N LEU F 203 -5.26 25.50 -30.54
CA LEU F 203 -4.98 25.00 -31.87
C LEU F 203 -3.53 24.54 -31.96
N GLU F 204 -3.29 23.47 -32.71
CA GLU F 204 -1.97 22.86 -32.80
C GLU F 204 -1.62 22.59 -34.25
N PHE F 205 -0.36 22.78 -34.60
CA PHE F 205 0.11 22.54 -35.96
C PHE F 205 0.86 21.22 -36.05
N VAL F 215 -2.35 21.20 -38.43
CA VAL F 215 -3.03 22.44 -38.07
C VAL F 215 -4.34 22.13 -37.36
N ARG F 216 -4.29 21.19 -36.42
CA ARG F 216 -5.48 20.78 -35.69
C ARG F 216 -5.87 21.85 -34.68
N ILE F 217 -7.14 22.26 -34.72
CA ILE F 217 -7.65 23.29 -33.82
C ILE F 217 -8.84 22.72 -33.05
N ASP F 218 -8.89 23.02 -31.76
CA ASP F 218 -10.00 22.61 -30.90
C ASP F 218 -10.25 21.11 -30.98
N ARG F 219 -9.17 20.34 -31.14
CA ARG F 219 -9.25 18.88 -31.20
C ARG F 219 -10.11 18.42 -32.37
N LYS F 220 -9.86 19.00 -33.54
CA LYS F 220 -10.52 18.63 -34.78
C LYS F 220 -9.45 18.16 -35.76
N ARG F 221 -9.45 16.87 -36.07
CA ARG F 221 -8.39 16.28 -36.86
C ARG F 221 -8.55 16.60 -38.34
N ARG F 222 -7.57 16.17 -39.14
CA ARG F 222 -7.58 16.32 -40.59
C ARG F 222 -7.76 17.79 -40.98
N GLN F 223 -6.66 18.54 -40.82
CA GLN F 223 -6.67 19.96 -41.10
C GLN F 223 -5.54 20.32 -42.07
N PRO F 224 -5.82 21.13 -43.08
CA PRO F 224 -4.76 21.62 -43.95
C PRO F 224 -4.02 22.78 -43.30
N VAL F 225 -2.88 23.12 -43.90
CA VAL F 225 -2.04 24.20 -43.37
C VAL F 225 -2.46 25.55 -43.91
N THR F 226 -2.80 25.63 -45.20
CA THR F 226 -3.00 26.90 -45.88
C THR F 226 -4.42 27.44 -45.76
N VAL F 227 -5.34 26.70 -45.13
CA VAL F 227 -6.72 27.18 -45.04
C VAL F 227 -6.84 28.37 -44.09
N LEU F 228 -5.85 28.58 -43.22
CA LEU F 228 -5.99 29.61 -42.19
C LEU F 228 -5.80 31.01 -42.78
N LEU F 229 -4.86 31.17 -43.71
CA LEU F 229 -4.64 32.49 -44.31
C LEU F 229 -5.88 32.95 -45.07
N LYS F 230 -6.44 32.07 -45.90
CA LYS F 230 -7.70 32.40 -46.55
C LYS F 230 -8.84 32.55 -45.54
N ALA F 231 -8.76 31.84 -44.41
CA ALA F 231 -9.76 32.01 -43.37
C ALA F 231 -9.64 33.36 -42.70
N LEU F 232 -8.43 33.84 -42.50
CA LEU F 232 -8.20 35.16 -41.90
C LEU F 232 -8.46 36.29 -42.88
N GLY F 233 -8.60 36.00 -44.17
CA GLY F 233 -8.77 37.02 -45.18
C GLY F 233 -7.49 37.48 -45.83
N TRP F 234 -6.36 36.82 -45.55
CA TRP F 234 -5.09 37.21 -46.14
C TRP F 234 -5.15 37.11 -47.66
N THR F 235 -4.63 38.14 -48.33
CA THR F 235 -4.53 38.10 -49.79
C THR F 235 -3.47 37.08 -50.21
N ASN F 236 -3.71 36.46 -51.37
CA ASN F 236 -2.87 35.35 -51.81
C ASN F 236 -1.42 35.78 -52.03
N GLU F 237 -1.20 37.02 -52.46
CA GLU F 237 0.16 37.46 -52.74
C GLU F 237 1.01 37.56 -51.48
N ASN F 238 0.39 37.80 -50.33
CA ASN F 238 1.15 37.90 -49.09
C ASN F 238 1.76 36.57 -48.68
N ILE F 239 1.08 35.46 -49.00
CA ILE F 239 1.60 34.14 -48.63
C ILE F 239 2.92 33.87 -49.34
N VAL F 240 3.01 34.25 -50.62
CA VAL F 240 4.21 33.96 -51.40
C VAL F 240 5.42 34.67 -50.80
N GLU F 241 5.23 35.91 -50.33
CA GLU F 241 6.35 36.66 -49.78
C GLU F 241 6.93 35.98 -48.55
N ARG F 242 6.08 35.66 -47.58
CA ARG F 242 6.55 35.09 -46.32
C ARG F 242 6.94 33.62 -46.47
N PHE F 243 6.10 32.83 -47.13
CA PHE F 243 6.33 31.39 -47.26
C PHE F 243 7.15 31.02 -48.49
N GLY F 244 7.44 31.97 -49.37
CA GLY F 244 8.21 31.65 -50.57
C GLY F 244 9.57 31.08 -50.25
N PHE F 245 10.20 31.58 -49.19
CA PHE F 245 11.52 31.11 -48.82
C PHE F 245 11.44 29.70 -48.23
N SER F 246 12.37 28.84 -48.66
CA SER F 246 12.48 27.46 -48.19
C SER F 246 11.30 26.60 -48.59
N GLU F 247 10.60 26.97 -49.67
CA GLU F 247 9.48 26.18 -50.17
C GLU F 247 8.49 25.85 -49.06
N ILE F 248 8.32 24.56 -48.77
CA ILE F 248 7.45 24.12 -47.68
C ILE F 248 6.01 24.57 -47.88
N MET F 249 5.56 25.50 -47.04
CA MET F 249 4.16 25.93 -47.08
C MET F 249 3.70 26.28 -48.49
N MET F 250 4.59 26.82 -49.31
CA MET F 250 4.24 27.06 -50.71
C MET F 250 3.75 25.78 -51.38
N GLY F 251 4.45 24.67 -51.14
CA GLY F 251 3.95 23.38 -51.61
C GLY F 251 2.65 22.99 -50.93
N THR F 252 2.52 23.30 -49.65
CA THR F 252 1.26 23.06 -48.95
C THR F 252 0.16 23.95 -49.50
N LEU F 253 0.49 25.20 -49.82
CA LEU F 253 -0.48 26.09 -50.47
C LEU F 253 -0.77 25.66 -51.90
N GLU F 254 0.16 24.93 -52.53
CA GLU F 254 -0.10 24.45 -53.90
C GLU F 254 -1.16 23.37 -53.92
N LYS F 255 -1.27 22.58 -52.86
CA LYS F 255 -2.27 21.52 -52.74
C LYS F 255 -3.28 21.92 -51.69
N ASP F 256 -4.50 22.23 -52.13
CA ASP F 256 -5.56 22.64 -51.23
C ASP F 256 -6.90 22.31 -51.85
N THR F 257 -7.93 22.24 -51.01
CA THR F 257 -9.28 21.96 -51.49
C THR F 257 -9.80 23.10 -52.35
N THR F 258 -9.79 24.32 -51.81
CA THR F 258 -10.25 25.50 -52.54
C THR F 258 -9.36 26.69 -52.18
N SER F 259 -9.26 27.63 -53.11
CA SER F 259 -8.46 28.83 -52.92
C SER F 259 -9.30 30.04 -52.55
N GLY F 260 -10.62 29.88 -52.42
CA GLY F 260 -11.47 31.01 -52.11
C GLY F 260 -11.25 31.48 -50.69
N THR F 261 -11.11 32.80 -50.51
CA THR F 261 -10.95 33.37 -49.18
C THR F 261 -12.21 33.17 -48.35
N ASP F 262 -13.36 33.61 -48.86
CA ASP F 262 -14.61 33.37 -48.17
C ASP F 262 -15.02 31.91 -48.26
N GLU F 263 -14.62 31.22 -49.33
CA GLU F 263 -14.92 29.79 -49.45
C GLU F 263 -14.18 28.97 -48.39
N ALA F 264 -12.96 29.38 -48.04
CA ALA F 264 -12.24 28.68 -46.99
C ALA F 264 -12.94 28.83 -45.65
N LEU F 265 -13.60 29.96 -45.40
CA LEU F 265 -14.40 30.13 -44.19
C LEU F 265 -15.48 29.06 -44.11
N LEU F 266 -16.32 28.96 -45.14
CA LEU F 266 -17.38 27.96 -45.13
C LEU F 266 -16.84 26.54 -45.05
N ASP F 267 -15.60 26.32 -45.47
CA ASP F 267 -15.02 24.99 -45.40
C ASP F 267 -14.52 24.67 -43.99
N ILE F 268 -13.82 25.61 -43.36
CA ILE F 268 -13.25 25.36 -42.04
C ILE F 268 -14.29 25.59 -40.95
N TYR F 269 -15.15 26.60 -41.12
CA TYR F 269 -16.14 26.89 -40.10
C TYR F 269 -17.05 25.71 -39.85
N ARG F 270 -17.36 24.94 -40.89
CA ARG F 270 -18.24 23.79 -40.74
C ARG F 270 -17.49 22.57 -40.23
N LYS F 271 -16.18 22.48 -40.51
CA LYS F 271 -15.42 21.29 -40.12
C LYS F 271 -15.49 21.07 -38.61
N LEU F 272 -15.28 22.13 -37.82
CA LEU F 272 -15.23 21.97 -36.38
C LEU F 272 -16.59 21.70 -35.79
N ARG F 273 -17.60 22.49 -36.18
CA ARG F 273 -18.88 22.51 -35.47
C ARG F 273 -19.96 21.66 -36.14
N PRO F 274 -19.68 20.98 -37.26
CA PRO F 274 -20.75 20.68 -38.24
C PRO F 274 -22.07 20.24 -37.65
N GLY F 275 -22.82 21.22 -37.15
CA GLY F 275 -24.19 20.99 -36.70
C GLY F 275 -24.92 22.31 -36.75
N GLU F 276 -26.23 22.24 -36.95
CA GLU F 276 -27.02 23.45 -37.11
C GLU F 276 -26.40 24.30 -38.22
N PRO F 277 -26.86 24.14 -39.46
CA PRO F 277 -26.09 24.64 -40.62
C PRO F 277 -25.54 26.03 -40.39
N PRO F 278 -24.31 26.28 -40.80
CA PRO F 278 -23.62 27.52 -40.41
C PRO F 278 -24.19 28.73 -41.13
N THR F 279 -24.27 29.84 -40.40
CA THR F 279 -24.66 31.11 -40.99
C THR F 279 -23.44 31.80 -41.60
N LYS F 280 -23.69 32.66 -42.58
CA LYS F 280 -22.59 33.34 -43.25
C LYS F 280 -21.91 34.34 -42.32
N GLU F 281 -22.69 35.21 -41.68
CA GLU F 281 -22.11 36.22 -40.80
C GLU F 281 -21.59 35.61 -39.51
N SER F 282 -22.25 34.57 -39.00
CA SER F 282 -21.81 33.96 -37.75
C SER F 282 -20.45 33.27 -37.89
N ALA F 283 -20.16 32.73 -39.08
CA ALA F 283 -18.90 32.03 -39.28
C ALA F 283 -17.73 32.99 -39.46
N GLN F 284 -17.99 34.20 -39.97
CA GLN F 284 -16.91 35.15 -40.21
C GLN F 284 -16.26 35.59 -38.90
N THR F 285 -17.07 36.12 -37.97
CA THR F 285 -16.55 36.60 -36.70
C THR F 285 -16.39 35.50 -35.66
N LEU F 286 -16.70 34.25 -36.00
CA LEU F 286 -16.56 33.17 -35.03
C LEU F 286 -15.11 32.95 -34.64
N LEU F 287 -14.20 33.01 -35.61
CA LEU F 287 -12.79 32.83 -35.29
C LEU F 287 -12.26 33.96 -34.44
N GLU F 288 -12.67 35.20 -34.73
CA GLU F 288 -12.34 36.31 -33.84
C GLU F 288 -12.95 36.11 -32.46
N ASN F 289 -14.14 35.49 -32.40
CA ASN F 289 -14.74 35.18 -31.12
C ASN F 289 -14.01 34.03 -30.43
N LEU F 290 -13.59 33.03 -31.19
CA LEU F 290 -12.96 31.86 -30.59
C LEU F 290 -11.54 32.14 -30.13
N PHE F 291 -10.82 33.02 -30.83
CA PHE F 291 -9.42 33.30 -30.52
C PHE F 291 -9.17 34.76 -30.21
N PHE F 292 -9.40 35.66 -31.17
CA PHE F 292 -9.07 37.07 -30.96
C PHE F 292 -9.79 37.63 -29.74
N LYS F 293 -11.01 37.20 -29.49
CA LYS F 293 -11.77 37.71 -28.36
C LYS F 293 -11.13 37.27 -27.04
N GLU F 294 -11.09 38.19 -26.08
CA GLU F 294 -10.51 37.91 -24.78
C GLU F 294 -11.42 37.09 -23.89
N LYS F 295 -12.73 37.10 -24.15
CA LYS F 295 -13.67 36.35 -23.32
C LYS F 295 -13.51 34.84 -23.52
N ARG F 296 -13.62 34.39 -24.77
CA ARG F 296 -13.50 32.97 -25.06
C ARG F 296 -12.05 32.49 -24.94
N TYR F 297 -11.12 33.25 -25.53
CA TYR F 297 -9.70 32.94 -25.47
C TYR F 297 -9.03 33.96 -24.57
N ASP F 298 -8.65 33.54 -23.37
CA ASP F 298 -8.06 34.42 -22.36
C ASP F 298 -6.55 34.42 -22.52
N LEU F 299 -5.99 35.55 -22.95
CA LEU F 299 -4.55 35.68 -23.09
C LEU F 299 -3.88 35.63 -21.72
N ALA F 300 -2.93 34.72 -21.55
CA ALA F 300 -2.25 34.57 -20.27
C ALA F 300 -1.17 35.65 -20.12
N ARG F 301 -1.18 36.32 -18.96
CA ARG F 301 -0.17 37.34 -18.71
C ARG F 301 1.23 36.75 -18.70
N VAL F 302 1.36 35.47 -18.38
CA VAL F 302 2.65 34.79 -18.47
C VAL F 302 2.95 34.41 -19.91
N GLY F 303 1.95 33.85 -20.60
CA GLY F 303 2.15 33.49 -22.00
C GLY F 303 2.42 34.69 -22.89
N ARG F 304 1.74 35.82 -22.60
CA ARG F 304 1.99 37.03 -23.36
C ARG F 304 3.46 37.44 -23.27
N TYR F 305 4.05 37.34 -22.07
CA TYR F 305 5.47 37.62 -21.92
C TYR F 305 6.31 36.54 -22.59
N LYS F 306 5.89 35.29 -22.50
CA LYS F 306 6.65 34.18 -23.08
C LYS F 306 6.72 34.30 -24.60
N VAL F 307 5.56 34.36 -25.25
CA VAL F 307 5.53 34.28 -26.71
C VAL F 307 6.02 35.57 -27.35
N ASN F 308 5.77 36.72 -26.72
CA ASN F 308 6.14 38.00 -27.33
C ASN F 308 7.65 38.13 -27.46
N LYS F 309 8.37 37.90 -26.37
CA LYS F 309 9.83 38.02 -26.41
C LYS F 309 10.50 36.78 -27.00
N LYS F 310 9.87 35.61 -26.87
CA LYS F 310 10.40 34.40 -27.51
C LYS F 310 10.33 34.51 -29.02
N LEU F 311 9.21 34.99 -29.56
CA LEU F 311 9.05 35.16 -30.99
C LEU F 311 9.44 36.54 -31.48
N GLY F 312 9.77 37.46 -30.58
CA GLY F 312 10.24 38.78 -30.95
C GLY F 312 9.18 39.84 -31.14
N LEU F 313 7.90 39.52 -30.93
CA LEU F 313 6.83 40.49 -31.11
C LEU F 313 6.77 41.43 -29.93
N ASN F 314 6.61 42.73 -30.23
CA ASN F 314 6.48 43.77 -29.20
C ASN F 314 7.67 43.74 -28.25
N ALA F 315 8.87 43.63 -28.81
CA ALA F 315 10.09 43.59 -28.00
C ALA F 315 10.29 44.91 -27.28
N GLY F 316 10.44 44.84 -25.96
CA GLY F 316 10.63 46.04 -25.16
C GLY F 316 9.46 46.99 -25.21
N LYS F 317 8.24 46.46 -25.24
CA LYS F 317 7.02 47.24 -25.30
C LYS F 317 6.15 46.96 -24.07
N PRO F 318 5.24 47.86 -23.74
CA PRO F 318 4.37 47.64 -22.59
C PRO F 318 3.64 46.31 -22.69
N ILE F 319 3.35 45.72 -21.54
CA ILE F 319 2.75 44.41 -21.46
C ILE F 319 1.23 44.51 -21.34
N THR F 320 0.59 43.42 -20.95
CA THR F 320 -0.87 43.37 -20.75
C THR F 320 -1.61 43.38 -22.08
N SER F 321 -1.05 42.68 -23.08
CA SER F 321 -1.70 42.55 -24.38
C SER F 321 -2.62 41.34 -24.37
N SER F 322 -3.75 41.46 -25.07
CA SER F 322 -4.71 40.37 -25.15
C SER F 322 -4.26 39.36 -26.21
N THR F 323 -5.15 38.45 -26.60
CA THR F 323 -4.81 37.42 -27.57
C THR F 323 -4.25 38.04 -28.83
N LEU F 324 -3.19 37.43 -29.36
CA LEU F 324 -2.50 37.95 -30.53
C LEU F 324 -3.47 38.08 -31.71
N THR F 325 -3.55 39.28 -32.27
CA THR F 325 -4.42 39.53 -33.42
C THR F 325 -4.03 38.64 -34.59
N GLU F 326 -2.87 38.91 -35.20
CA GLU F 326 -2.42 38.13 -36.35
C GLU F 326 -0.91 37.92 -36.31
N GLU F 327 -0.17 39.03 -36.21
CA GLU F 327 1.29 39.01 -36.31
C GLU F 327 1.93 37.85 -35.56
N ASP F 328 1.52 37.62 -34.31
CA ASP F 328 2.12 36.54 -33.53
C ASP F 328 1.88 35.18 -34.19
N VAL F 329 0.67 34.93 -34.67
CA VAL F 329 0.39 33.69 -35.38
C VAL F 329 1.20 33.62 -36.66
N VAL F 330 1.42 34.75 -37.31
CA VAL F 330 2.25 34.77 -38.52
C VAL F 330 3.68 34.42 -38.17
N ALA F 331 4.13 34.70 -36.95
CA ALA F 331 5.47 34.35 -36.53
C ALA F 331 5.58 32.87 -36.17
N THR F 332 4.49 32.26 -35.67
CA THR F 332 4.52 30.85 -35.33
C THR F 332 4.71 29.99 -36.58
N ILE F 333 3.92 30.25 -37.62
CA ILE F 333 4.06 29.51 -38.88
C ILE F 333 5.43 29.77 -39.49
N GLU F 334 5.93 31.00 -39.36
CA GLU F 334 7.27 31.31 -39.86
C GLU F 334 8.33 30.59 -39.04
N TYR F 335 8.12 30.48 -37.73
CA TYR F 335 9.07 29.75 -36.89
C TYR F 335 9.08 28.27 -37.24
N LEU F 336 7.91 27.71 -37.56
CA LEU F 336 7.83 26.29 -37.92
C LEU F 336 8.63 26.01 -39.19
N VAL F 337 8.33 26.76 -40.26
CA VAL F 337 9.07 26.59 -41.51
C VAL F 337 10.55 26.93 -41.31
N ARG F 338 10.84 27.90 -40.44
CA ARG F 338 12.22 28.23 -40.14
C ARG F 338 12.91 27.08 -39.41
N LEU F 339 12.20 26.40 -38.52
CA LEU F 339 12.78 25.27 -37.79
C LEU F 339 13.15 24.14 -38.74
N HIS F 340 12.34 23.91 -39.78
CA HIS F 340 12.67 22.88 -40.75
C HIS F 340 13.93 23.23 -41.53
N GLU F 341 14.08 24.49 -41.93
CA GLU F 341 15.28 24.91 -42.65
C GLU F 341 16.51 24.91 -41.75
N GLY F 342 16.32 25.21 -40.47
CA GLY F 342 17.44 25.24 -39.54
C GLY F 342 18.10 26.59 -39.36
N GLN F 343 17.53 27.65 -39.93
CA GLN F 343 18.11 28.98 -39.78
C GLN F 343 17.97 29.44 -38.33
N THR F 344 19.11 29.80 -37.72
CA THR F 344 19.08 30.19 -36.31
C THR F 344 18.46 31.57 -36.14
N SER F 345 18.90 32.55 -36.92
CA SER F 345 18.43 33.92 -36.80
C SER F 345 17.19 34.12 -37.67
N MET F 346 16.09 34.51 -37.05
CA MET F 346 14.85 34.81 -37.75
C MET F 346 14.35 36.18 -37.30
N THR F 347 14.15 37.08 -38.26
CA THR F 347 13.61 38.41 -37.98
C THR F 347 12.16 38.44 -38.45
N VAL F 348 11.24 38.50 -37.50
CA VAL F 348 9.83 38.64 -37.88
C VAL F 348 9.65 39.91 -38.71
N PRO F 349 8.81 39.91 -39.73
CA PRO F 349 8.60 41.14 -40.50
C PRO F 349 8.22 42.30 -39.61
N GLY F 350 9.01 43.37 -39.65
CA GLY F 350 8.81 44.51 -38.77
C GLY F 350 9.20 44.27 -37.34
N GLY F 351 9.66 43.08 -36.98
CA GLY F 351 10.02 42.74 -35.63
C GLY F 351 11.52 42.59 -35.45
N VAL F 352 11.89 41.92 -34.37
CA VAL F 352 13.28 41.71 -34.00
C VAL F 352 13.72 40.30 -34.42
N GLU F 353 14.96 39.96 -34.08
CA GLU F 353 15.55 38.67 -34.41
C GLU F 353 15.77 37.86 -33.14
N VAL F 354 15.40 36.58 -33.20
CA VAL F 354 15.53 35.68 -32.06
C VAL F 354 15.97 34.30 -32.54
N PRO F 355 16.80 33.60 -31.76
CA PRO F 355 17.20 32.25 -32.15
C PRO F 355 16.00 31.37 -32.44
N VAL F 356 16.21 30.39 -33.32
CA VAL F 356 15.18 29.41 -33.68
C VAL F 356 15.70 28.04 -33.26
N GLU F 357 15.08 27.46 -32.24
CA GLU F 357 15.49 26.16 -31.73
C GLU F 357 14.33 25.53 -30.98
N VAL F 358 14.39 24.20 -30.85
CA VAL F 358 13.34 23.47 -30.16
C VAL F 358 13.41 23.73 -28.66
N ASP F 359 12.26 23.63 -28.00
CA ASP F 359 12.14 23.93 -26.58
C ASP F 359 11.96 22.64 -25.78
N ASP F 360 12.52 22.63 -24.57
CA ASP F 360 12.34 21.53 -23.63
C ASP F 360 11.29 21.94 -22.62
N ILE F 361 10.30 21.06 -22.41
CA ILE F 361 9.21 21.38 -21.49
C ILE F 361 9.69 21.44 -20.05
N ASP F 362 10.69 20.63 -19.70
CA ASP F 362 11.13 20.56 -18.31
C ASP F 362 12.05 21.71 -17.91
N HIS F 363 12.59 22.43 -18.89
CA HIS F 363 13.42 23.59 -18.57
C HIS F 363 12.61 24.59 -17.76
N PHE F 364 13.11 24.94 -16.57
CA PHE F 364 12.32 25.74 -15.65
C PHE F 364 11.92 27.10 -16.21
N GLY F 365 12.48 27.51 -17.35
CA GLY F 365 11.98 28.71 -18.00
C GLY F 365 10.64 28.50 -18.66
N ASN F 366 10.35 27.26 -19.09
CA ASN F 366 9.08 26.91 -19.71
C ASN F 366 8.14 26.20 -18.73
N ARG F 367 8.58 25.96 -17.50
CA ARG F 367 7.77 25.31 -16.48
C ARG F 367 7.80 26.18 -15.24
N ARG F 368 6.65 26.71 -14.85
CA ARG F 368 6.56 27.68 -13.77
C ARG F 368 5.85 27.11 -12.56
N LEU F 369 5.99 27.81 -11.43
CA LEU F 369 5.47 27.38 -10.14
C LEU F 369 4.29 28.29 -9.76
N ARG F 370 3.09 27.73 -9.72
CA ARG F 370 1.93 28.46 -9.26
C ARG F 370 1.94 28.51 -7.73
N THR F 371 2.01 29.71 -7.18
CA THR F 371 2.21 29.89 -5.75
C THR F 371 0.87 29.86 -5.01
N VAL F 372 0.95 30.02 -3.69
CA VAL F 372 -0.27 29.96 -2.86
C VAL F 372 -1.20 31.12 -3.20
N GLY F 373 -0.66 32.33 -3.29
CA GLY F 373 -1.49 33.47 -3.61
C GLY F 373 -2.17 33.34 -4.96
N GLU F 374 -1.46 32.79 -5.94
CA GLU F 374 -2.04 32.63 -7.28
C GLU F 374 -3.08 31.53 -7.29
N LEU F 375 -2.82 30.42 -6.59
CA LEU F 375 -3.79 29.33 -6.54
C LEU F 375 -5.11 29.80 -5.94
N ILE F 376 -5.05 30.61 -4.89
CA ILE F 376 -6.27 31.17 -4.31
C ILE F 376 -6.92 32.13 -5.28
N GLN F 377 -6.12 32.87 -6.06
CA GLN F 377 -6.67 33.82 -7.02
C GLN F 377 -7.56 33.11 -8.04
N ASN F 378 -7.13 31.96 -8.54
CA ASN F 378 -7.92 31.25 -9.54
C ASN F 378 -9.28 30.82 -8.99
N GLN F 379 -9.34 30.48 -7.70
CA GLN F 379 -10.64 30.10 -7.11
C GLN F 379 -11.53 31.30 -6.93
N ILE F 380 -10.95 32.45 -6.56
CA ILE F 380 -11.74 33.68 -6.47
C ILE F 380 -12.30 34.06 -7.84
N ARG F 381 -11.48 33.88 -8.89
CA ARG F 381 -11.96 34.14 -10.23
C ARG F 381 -13.16 33.26 -10.57
N VAL F 382 -13.10 31.98 -10.22
CA VAL F 382 -14.23 31.08 -10.48
C VAL F 382 -15.44 31.51 -9.66
N GLY F 383 -15.21 31.95 -8.42
CA GLY F 383 -16.32 32.42 -7.60
C GLY F 383 -16.99 33.65 -8.18
N LEU F 384 -16.19 34.59 -8.70
CA LEU F 384 -16.77 35.79 -9.30
C LEU F 384 -17.48 35.45 -10.61
N SER F 385 -16.90 34.56 -11.42
CA SER F 385 -17.55 34.16 -12.65
C SER F 385 -18.83 33.38 -12.37
N ARG F 386 -18.84 32.56 -11.33
CA ARG F 386 -20.06 31.87 -10.92
C ARG F 386 -21.10 32.85 -10.38
N MET F 387 -20.68 34.04 -9.93
CA MET F 387 -21.63 35.01 -9.41
C MET F 387 -22.27 35.82 -10.53
N GLU F 388 -21.50 36.20 -11.55
CA GLU F 388 -22.05 37.04 -12.61
C GLU F 388 -23.20 36.35 -13.32
N ARG F 389 -23.20 35.02 -13.39
CA ARG F 389 -24.32 34.30 -13.98
C ARG F 389 -25.61 34.60 -13.21
N VAL F 390 -25.52 34.74 -11.88
CA VAL F 390 -26.68 35.10 -11.09
C VAL F 390 -26.99 36.58 -11.24
N VAL F 391 -25.96 37.43 -11.25
CA VAL F 391 -26.18 38.87 -11.39
C VAL F 391 -26.71 39.19 -12.78
N ARG F 392 -26.13 38.59 -13.81
CA ARG F 392 -26.62 38.82 -15.17
C ARG F 392 -28.06 38.37 -15.34
N GLU F 393 -28.41 37.21 -14.76
CA GLU F 393 -29.78 36.74 -14.80
C GLU F 393 -30.68 37.55 -13.86
N ARG F 394 -30.12 38.17 -12.82
CA ARG F 394 -30.95 38.92 -11.87
C ARG F 394 -31.27 40.32 -12.38
N MET F 395 -30.27 41.02 -12.94
CA MET F 395 -30.47 42.42 -13.33
C MET F 395 -31.60 42.58 -14.34
N THR F 396 -31.84 41.56 -15.17
CA THR F 396 -32.85 41.69 -16.22
C THR F 396 -34.26 41.55 -15.67
N THR F 397 -34.52 40.48 -14.92
CA THR F 397 -35.87 40.11 -14.52
C THR F 397 -36.23 40.53 -13.10
N GLN F 398 -35.38 41.30 -12.43
CA GLN F 398 -35.62 41.70 -11.04
C GLN F 398 -36.10 43.14 -11.01
N ASP F 399 -37.42 43.32 -10.80
CA ASP F 399 -38.01 44.65 -10.69
C ASP F 399 -37.49 45.61 -11.76
N VAL F 400 -37.23 46.85 -11.39
CA VAL F 400 -36.65 47.81 -12.33
C VAL F 400 -36.25 49.09 -11.60
N GLU F 401 -35.07 49.61 -11.93
CA GLU F 401 -34.70 50.99 -11.66
C GLU F 401 -34.33 51.26 -10.21
N ALA F 402 -34.84 50.48 -9.27
CA ALA F 402 -34.60 50.70 -7.86
C ALA F 402 -33.81 49.57 -7.20
N ILE F 403 -33.46 48.53 -7.96
CA ILE F 403 -32.93 47.30 -7.36
C ILE F 403 -31.60 47.55 -6.67
N THR F 404 -30.60 48.03 -7.42
CA THR F 404 -29.29 48.29 -6.86
C THR F 404 -28.62 46.99 -6.43
N PRO F 405 -27.34 47.02 -6.03
CA PRO F 405 -26.66 45.78 -5.64
C PRO F 405 -27.37 45.02 -4.52
N GLN F 406 -28.12 45.72 -3.66
CA GLN F 406 -28.81 45.04 -2.58
C GLN F 406 -29.88 44.09 -3.09
N THR F 407 -30.54 44.43 -4.20
CA THR F 407 -31.58 43.58 -4.77
C THR F 407 -31.08 42.15 -4.91
N LEU F 408 -30.09 41.93 -5.78
CA LEU F 408 -29.52 40.59 -5.95
C LEU F 408 -28.03 40.71 -6.20
N ILE F 409 -27.23 40.43 -5.18
CA ILE F 409 -25.82 40.08 -5.31
C ILE F 409 -25.60 38.94 -4.33
N ASN F 410 -25.49 37.72 -4.85
CA ASN F 410 -25.39 36.52 -4.02
C ASN F 410 -23.93 36.08 -3.96
N ILE F 411 -23.31 36.28 -2.79
CA ILE F 411 -21.91 35.92 -2.59
C ILE F 411 -21.73 34.45 -2.21
N ARG F 412 -22.82 33.70 -2.05
CA ARG F 412 -22.73 32.29 -1.72
C ARG F 412 -21.80 31.53 -2.66
N PRO F 413 -21.88 31.69 -3.98
CA PRO F 413 -20.93 30.99 -4.86
C PRO F 413 -19.49 31.48 -4.70
N VAL F 414 -19.30 32.75 -4.33
CA VAL F 414 -17.95 33.28 -4.17
C VAL F 414 -17.27 32.63 -2.97
N VAL F 415 -17.89 32.71 -1.80
CA VAL F 415 -17.29 32.13 -0.61
C VAL F 415 -17.23 30.61 -0.73
N ALA F 416 -18.16 30.00 -1.46
CA ALA F 416 -18.12 28.55 -1.66
C ALA F 416 -16.88 28.14 -2.43
N ALA F 417 -16.45 28.95 -3.39
CA ALA F 417 -15.23 28.65 -4.13
C ALA F 417 -14.03 28.66 -3.21
N ILE F 418 -14.02 29.54 -2.21
CA ILE F 418 -12.93 29.59 -1.26
C ILE F 418 -13.00 28.40 -0.30
N LYS F 419 -14.16 28.20 0.32
CA LYS F 419 -14.32 27.10 1.27
C LYS F 419 -14.09 25.75 0.59
N GLU F 420 -14.62 25.58 -0.62
CA GLU F 420 -14.44 24.31 -1.32
C GLU F 420 -13.00 24.11 -1.79
N PHE F 421 -12.19 25.17 -1.81
CA PHE F 421 -10.80 25.03 -2.23
C PHE F 421 -9.90 24.61 -1.08
N PHE F 422 -9.97 25.32 0.04
CA PHE F 422 -9.13 24.99 1.18
C PHE F 422 -9.36 23.56 1.66
N GLY F 423 -10.56 23.02 1.45
CA GLY F 423 -10.78 21.61 1.70
C GLY F 423 -10.92 20.85 0.41
N THR F 424 -10.70 19.53 0.42
CA THR F 424 -10.94 18.69 -0.75
C THR F 424 -9.92 18.90 -1.87
N SER F 425 -9.14 19.97 -1.80
CA SER F 425 -8.16 20.27 -2.83
C SER F 425 -6.84 19.58 -2.52
N GLN F 426 -6.18 19.09 -3.57
CA GLN F 426 -4.92 18.39 -3.39
C GLN F 426 -3.79 19.34 -3.00
N LEU F 427 -3.90 20.62 -3.38
CA LEU F 427 -2.82 21.57 -3.07
C LEU F 427 -2.85 22.00 -1.60
N SER F 428 -4.05 22.15 -1.03
CA SER F 428 -4.23 22.50 0.37
C SER F 428 -4.23 21.22 1.20
N GLN F 429 -3.18 21.01 1.99
CA GLN F 429 -3.02 19.80 2.79
C GLN F 429 -2.86 20.17 4.26
N PHE F 430 -3.21 19.21 5.12
CA PHE F 430 -2.96 19.34 6.55
C PHE F 430 -1.47 19.53 6.78
N MET F 431 -1.11 20.57 7.53
CA MET F 431 0.29 20.82 7.84
C MET F 431 0.90 19.58 8.48
N ASP F 432 1.92 19.02 7.84
CA ASP F 432 2.61 17.84 8.35
C ASP F 432 3.64 18.30 9.38
N GLN F 433 3.39 17.97 10.66
CA GLN F 433 4.28 18.42 11.74
C GLN F 433 4.49 17.28 12.72
N ASN F 434 5.56 16.53 12.50
CA ASN F 434 6.14 15.68 13.54
C ASN F 434 7.16 16.47 14.35
N ASN F 435 7.95 17.27 13.66
CA ASN F 435 8.97 18.16 14.24
C ASN F 435 8.96 19.46 13.46
N PRO F 436 9.61 20.52 13.96
CA PRO F 436 9.65 21.77 13.19
C PRO F 436 10.26 21.62 11.82
N LEU F 437 11.05 20.56 11.59
CA LEU F 437 11.65 20.36 10.27
C LEU F 437 10.59 19.96 9.25
N SER F 438 9.75 18.98 9.60
CA SER F 438 8.72 18.52 8.67
C SER F 438 7.78 19.65 8.28
N GLY F 439 7.42 20.51 9.24
CA GLY F 439 6.56 21.64 8.93
C GLY F 439 7.22 22.62 7.98
N LEU F 440 8.51 22.89 8.17
CA LEU F 440 9.21 23.81 7.29
C LEU F 440 9.35 23.23 5.88
N THR F 441 9.78 21.97 5.79
CA THR F 441 9.96 21.36 4.48
C THR F 441 8.64 21.26 3.71
N HIS F 442 7.52 21.10 4.43
CA HIS F 442 6.22 21.02 3.76
C HIS F 442 5.90 22.33 3.05
N LYS F 443 6.21 23.46 3.68
CA LYS F 443 5.81 24.75 3.13
C LYS F 443 6.56 25.08 1.84
N ARG F 444 7.79 24.58 1.70
CA ARG F 444 8.59 24.86 0.51
C ARG F 444 8.46 23.77 -0.55
N ARG F 445 7.50 22.86 -0.39
CA ARG F 445 7.36 21.72 -1.29
C ARG F 445 6.83 22.16 -2.65
N LEU F 446 7.27 21.45 -3.69
CA LEU F 446 6.84 21.69 -5.06
C LEU F 446 6.34 20.37 -5.64
N SER F 447 5.05 20.32 -5.98
CA SER F 447 4.44 19.12 -6.54
C SER F 447 3.74 19.46 -7.84
N ALA F 448 3.89 18.58 -8.84
CA ALA F 448 3.29 18.81 -10.14
C ALA F 448 1.85 18.32 -10.22
N LEU F 449 1.42 17.46 -9.29
CA LEU F 449 0.08 16.89 -9.36
C LEU F 449 -0.95 17.85 -8.78
N GLY F 450 -2.18 17.75 -9.30
CA GLY F 450 -3.28 18.57 -8.86
C GLY F 450 -4.17 19.02 -10.00
N PRO F 451 -5.24 19.75 -9.68
CA PRO F 451 -6.07 20.33 -10.73
C PRO F 451 -5.24 21.26 -11.62
N GLY F 452 -5.42 21.12 -12.93
CA GLY F 452 -4.54 21.77 -13.87
C GLY F 452 -3.17 21.13 -13.97
N GLY F 453 -3.02 19.90 -13.46
CA GLY F 453 -1.76 19.20 -13.52
C GLY F 453 -1.97 17.73 -13.82
N LEU F 454 -0.86 17.03 -13.99
CA LEU F 454 -0.90 15.63 -14.40
C LEU F 454 -1.32 14.73 -13.23
N SER F 455 -2.00 13.63 -13.58
CA SER F 455 -2.31 12.60 -12.61
C SER F 455 -1.10 11.69 -12.40
N ARG F 456 -1.07 11.01 -11.25
CA ARG F 456 0.11 10.22 -10.89
C ARG F 456 0.36 9.10 -11.90
N GLU F 457 -0.70 8.41 -12.33
CA GLU F 457 -0.54 7.40 -13.36
C GLU F 457 -0.30 8.01 -14.73
N ARG F 458 -0.86 9.20 -14.98
CA ARG F 458 -0.71 9.87 -16.26
C ARG F 458 0.69 10.44 -16.46
N ALA F 459 1.45 10.61 -15.38
CA ALA F 459 2.77 11.23 -15.49
C ALA F 459 3.79 10.24 -16.02
N GLY F 460 4.53 10.66 -17.06
CA GLY F 460 5.58 9.85 -17.61
C GLY F 460 6.86 9.93 -16.79
N LEU F 461 7.87 9.23 -17.26
CA LEU F 461 9.17 9.19 -16.60
C LEU F 461 10.08 10.34 -17.00
N GLU F 462 9.63 11.22 -17.90
CA GLU F 462 10.46 12.33 -18.33
C GLU F 462 10.52 13.43 -17.27
N VAL F 463 9.41 13.66 -16.58
CA VAL F 463 9.38 14.71 -15.57
C VAL F 463 10.20 14.31 -14.35
N ARG F 464 10.19 13.02 -14.00
CA ARG F 464 10.82 12.58 -12.77
C ARG F 464 12.34 12.75 -12.81
N ASP F 465 12.95 12.61 -13.99
CA ASP F 465 14.39 12.78 -14.11
C ASP F 465 14.76 14.24 -13.87
N VAL F 466 15.81 14.46 -13.08
CA VAL F 466 16.23 15.82 -12.75
C VAL F 466 16.75 16.50 -14.01
N HIS F 467 16.32 17.72 -14.23
CA HIS F 467 16.76 18.50 -15.38
C HIS F 467 17.98 19.34 -15.02
N PRO F 468 18.86 19.62 -15.99
CA PRO F 468 20.01 20.47 -15.70
C PRO F 468 19.64 21.86 -15.21
N SER F 469 18.38 22.28 -15.39
CA SER F 469 17.91 23.57 -14.91
C SER F 469 17.45 23.55 -13.46
N HIS F 470 17.54 22.39 -12.79
CA HIS F 470 17.17 22.29 -11.39
C HIS F 470 18.27 22.78 -10.45
N TYR F 471 19.46 23.06 -10.96
CA TYR F 471 20.57 23.50 -10.13
C TYR F 471 20.21 24.81 -9.43
N GLY F 472 20.31 24.82 -8.10
CA GLY F 472 19.99 25.99 -7.30
C GLY F 472 18.52 26.33 -7.21
N ARG F 473 17.64 25.61 -7.90
CA ARG F 473 16.21 25.88 -7.88
C ARG F 473 15.43 24.80 -7.15
N MET F 474 15.47 23.57 -7.64
CA MET F 474 14.82 22.44 -6.99
C MET F 474 15.86 21.42 -6.56
N CYS F 475 15.69 20.88 -5.36
CA CYS F 475 16.64 19.92 -4.82
C CYS F 475 16.51 18.58 -5.52
N PRO F 476 17.55 18.08 -6.19
CA PRO F 476 17.42 16.80 -6.90
C PRO F 476 17.39 15.60 -5.95
N ILE F 477 17.98 15.71 -4.77
CA ILE F 477 18.07 14.56 -3.87
C ILE F 477 16.72 14.28 -3.21
N GLU F 478 16.07 15.31 -2.67
CA GLU F 478 14.89 15.11 -1.85
C GLU F 478 13.66 14.89 -2.72
N THR F 479 12.98 13.76 -2.50
CA THR F 479 11.74 13.41 -3.18
C THR F 479 11.19 12.13 -2.54
N PRO F 480 9.93 11.78 -2.80
CA PRO F 480 9.40 10.53 -2.24
C PRO F 480 9.96 9.31 -2.95
N GLU F 481 9.96 8.19 -2.24
CA GLU F 481 10.38 6.91 -2.79
C GLU F 481 9.21 6.05 -3.26
N GLY F 482 7.98 6.53 -3.07
CA GLY F 482 6.82 5.78 -3.48
C GLY F 482 6.45 6.07 -4.93
N PRO F 483 5.14 6.03 -5.22
CA PRO F 483 4.70 6.36 -6.59
C PRO F 483 4.93 7.79 -6.98
N ASN F 484 5.26 8.67 -6.04
CA ASN F 484 5.36 10.11 -6.29
C ASN F 484 6.78 10.56 -6.64
N ILE F 485 7.70 9.63 -6.90
CA ILE F 485 9.08 10.01 -7.18
C ILE F 485 9.12 10.99 -8.35
N GLY F 486 9.93 12.04 -8.21
CA GLY F 486 10.11 13.03 -9.26
C GLY F 486 9.00 14.05 -9.39
N LEU F 487 7.80 13.76 -8.90
CA LEU F 487 6.71 14.74 -9.00
C LEU F 487 6.77 15.76 -7.86
N ILE F 488 7.09 15.30 -6.65
CA ILE F 488 7.20 16.17 -5.48
C ILE F 488 8.65 16.48 -5.23
N GLY F 489 8.95 17.76 -4.96
CA GLY F 489 10.30 18.19 -4.69
C GLY F 489 10.30 19.33 -3.70
N SER F 490 11.50 19.67 -3.23
CA SER F 490 11.69 20.73 -2.25
C SER F 490 12.44 21.88 -2.89
N LEU F 491 11.91 23.10 -2.70
CA LEU F 491 12.56 24.29 -3.23
C LEU F 491 13.93 24.48 -2.58
N SER F 492 14.87 24.97 -3.37
CA SER F 492 16.25 25.08 -2.93
C SER F 492 16.38 26.13 -1.81
N VAL F 493 17.62 26.31 -1.34
CA VAL F 493 17.86 27.20 -0.21
C VAL F 493 17.81 28.66 -0.65
N TYR F 494 18.75 29.06 -1.52
CA TYR F 494 18.88 30.46 -1.90
C TYR F 494 17.91 30.89 -2.99
N ALA F 495 17.07 29.99 -3.49
CA ALA F 495 16.18 30.32 -4.59
C ALA F 495 14.96 31.10 -4.09
N ARG F 496 14.36 31.86 -5.00
CA ARG F 496 13.13 32.58 -4.72
C ARG F 496 12.34 32.73 -6.01
N VAL F 497 11.04 32.98 -5.86
CA VAL F 497 10.10 32.92 -6.97
C VAL F 497 9.95 34.28 -7.62
N ASN F 498 9.73 34.27 -8.93
CA ASN F 498 9.51 35.49 -9.69
C ASN F 498 8.05 35.94 -9.60
N PRO F 499 7.76 37.19 -9.96
CA PRO F 499 6.36 37.58 -10.10
C PRO F 499 5.61 36.77 -11.15
N PHE F 500 6.29 36.32 -12.19
CA PHE F 500 5.68 35.46 -13.20
C PHE F 500 5.63 34.00 -12.76
N GLY F 501 6.44 33.61 -11.78
CA GLY F 501 6.42 32.26 -11.25
C GLY F 501 7.64 31.43 -11.57
N PHE F 502 8.62 31.97 -12.28
CA PHE F 502 9.83 31.23 -12.62
C PHE F 502 10.87 31.41 -11.52
N ILE F 503 11.44 30.29 -11.07
CA ILE F 503 12.36 30.32 -9.93
C ILE F 503 13.65 31.04 -10.33
N GLU F 504 14.15 31.89 -9.43
CA GLU F 504 15.40 32.60 -9.61
C GLU F 504 16.44 32.11 -8.62
N THR F 505 17.70 32.16 -9.03
CA THR F 505 18.80 31.74 -8.19
C THR F 505 19.84 32.85 -8.10
N PRO F 506 20.42 33.08 -6.93
CA PRO F 506 21.43 34.13 -6.80
C PRO F 506 22.77 33.71 -7.37
N TYR F 507 23.51 34.69 -7.88
CA TYR F 507 24.83 34.46 -8.43
C TYR F 507 25.69 35.70 -8.21
N ARG F 508 27.00 35.48 -8.12
CA ARG F 508 27.98 36.56 -7.96
C ARG F 508 28.55 36.88 -9.33
N LYS F 509 28.21 38.06 -9.86
CA LYS F 509 28.75 38.48 -11.14
C LYS F 509 30.25 38.69 -11.04
N VAL F 510 30.99 38.18 -12.02
CA VAL F 510 32.43 38.34 -12.10
C VAL F 510 32.77 38.86 -13.49
N GLU F 511 33.47 39.99 -13.54
CA GLU F 511 33.83 40.64 -14.80
C GLU F 511 35.34 40.78 -14.87
N ASN F 512 35.91 40.31 -15.99
CA ASN F 512 37.35 40.45 -16.25
C ASN F 512 38.19 39.71 -15.21
N GLY F 513 37.75 38.51 -14.85
CA GLY F 513 38.53 37.66 -13.96
C GLY F 513 38.67 38.16 -12.55
N VAL F 514 37.71 38.95 -12.06
CA VAL F 514 37.74 39.46 -10.70
C VAL F 514 36.34 39.36 -10.11
N VAL F 515 36.20 38.57 -9.03
CA VAL F 515 34.90 38.43 -8.39
C VAL F 515 34.43 39.79 -7.90
N THR F 516 33.13 40.04 -8.01
CA THR F 516 32.54 41.31 -7.67
C THR F 516 31.58 41.17 -6.50
N ASP F 517 31.36 42.29 -5.80
CA ASP F 517 30.37 42.31 -4.73
C ASP F 517 28.94 42.28 -5.26
N GLN F 518 28.75 42.44 -6.56
CA GLN F 518 27.42 42.45 -7.13
C GLN F 518 26.81 41.06 -7.12
N ILE F 519 25.51 40.99 -6.85
CA ILE F 519 24.75 39.75 -6.87
C ILE F 519 23.49 39.97 -7.71
N ASP F 520 23.22 39.07 -8.65
CA ASP F 520 22.04 39.14 -9.49
C ASP F 520 21.28 37.82 -9.41
N TYR F 521 19.96 37.91 -9.38
CA TYR F 521 19.09 36.74 -9.36
C TYR F 521 18.73 36.37 -10.80
N LEU F 522 19.22 35.23 -11.26
CA LEU F 522 19.01 34.74 -12.61
C LEU F 522 17.98 33.62 -12.62
N THR F 523 17.26 33.50 -13.72
CA THR F 523 16.19 32.52 -13.85
C THR F 523 16.27 31.85 -15.21
N ALA F 524 16.59 30.55 -15.22
CA ALA F 524 16.51 29.70 -16.40
C ALA F 524 17.07 30.35 -17.65
N ASP F 525 16.20 30.77 -18.56
CA ASP F 525 16.62 31.29 -19.86
C ASP F 525 17.75 32.31 -19.70
N GLU F 526 17.67 33.15 -18.67
CA GLU F 526 18.72 34.14 -18.45
C GLU F 526 20.00 33.48 -17.95
N GLU F 527 19.89 32.32 -17.29
CA GLU F 527 21.09 31.64 -16.79
C GLU F 527 21.87 31.00 -17.92
N ASP F 528 21.20 30.57 -18.99
CA ASP F 528 21.87 29.94 -20.11
C ASP F 528 22.63 30.94 -20.99
N ARG F 529 22.21 32.20 -20.99
CA ARG F 529 22.93 33.23 -21.75
C ARG F 529 24.27 33.59 -21.14
N HIS F 530 24.58 33.07 -19.95
CA HIS F 530 25.86 33.31 -19.29
C HIS F 530 26.48 31.98 -18.92
N VAL F 531 27.78 32.02 -18.61
CA VAL F 531 28.50 30.87 -18.07
C VAL F 531 28.62 31.06 -16.57
N VAL F 532 28.43 29.97 -15.82
CA VAL F 532 28.36 30.02 -14.36
C VAL F 532 29.63 29.42 -13.80
N ALA F 533 30.41 30.24 -13.09
CA ALA F 533 31.62 29.76 -12.45
C ALA F 533 31.27 28.85 -11.28
N GLN F 534 32.23 28.03 -10.90
CA GLN F 534 32.05 27.12 -9.80
C GLN F 534 32.25 27.87 -8.51
N ALA F 535 31.39 27.60 -7.57
CA ALA F 535 31.44 28.27 -6.31
C ALA F 535 32.76 28.00 -5.66
N ASN F 536 33.22 26.78 -5.82
CA ASN F 536 34.47 26.41 -5.22
C ASN F 536 35.55 26.73 -6.23
N SER F 537 36.36 27.74 -5.92
CA SER F 537 37.42 28.09 -6.82
C SER F 537 38.44 28.85 -6.01
N PRO F 538 39.68 28.85 -6.45
CA PRO F 538 40.72 29.56 -5.71
C PRO F 538 40.45 31.06 -5.68
N THR F 539 40.72 31.66 -4.52
CA THR F 539 40.46 33.08 -4.30
C THR F 539 41.66 33.71 -3.62
N ASP F 540 42.25 34.71 -4.26
CA ASP F 540 43.35 35.45 -3.66
C ASP F 540 42.82 36.44 -2.63
N GLU F 541 43.75 36.96 -1.81
CA GLU F 541 43.37 37.88 -0.74
C GLU F 541 42.56 39.06 -1.29
N ASN F 542 43.16 39.82 -2.21
CA ASN F 542 42.44 40.93 -2.81
C ASN F 542 41.22 40.47 -3.59
N GLY F 543 41.25 39.24 -4.11
CA GLY F 543 40.10 38.75 -4.85
C GLY F 543 40.32 38.73 -6.36
N ARG F 544 40.10 37.57 -6.97
CA ARG F 544 40.25 37.36 -8.39
C ARG F 544 40.29 35.87 -8.70
N PHE F 545 40.42 35.50 -9.96
CA PHE F 545 40.59 34.10 -10.32
C PHE F 545 42.07 33.73 -10.15
N THR F 546 42.37 32.91 -9.15
CA THR F 546 43.74 32.59 -8.83
C THR F 546 44.33 31.60 -9.84
N GLU F 547 43.58 30.55 -10.16
CA GLU F 547 44.04 29.56 -11.11
C GLU F 547 43.87 30.06 -12.54
N ASP F 548 44.68 29.49 -13.44
CA ASP F 548 44.63 29.92 -14.83
C ASP F 548 43.40 29.35 -15.55
N ARG F 549 43.06 28.09 -15.25
CA ARG F 549 41.90 27.43 -15.82
C ARG F 549 40.88 27.19 -14.72
N VAL F 550 39.61 27.53 -14.99
CA VAL F 550 38.56 27.47 -13.99
C VAL F 550 37.39 26.67 -14.52
N MET F 551 36.60 26.12 -13.60
CA MET F 551 35.42 25.35 -13.95
C MET F 551 34.26 26.27 -14.29
N VAL F 552 33.28 25.71 -15.00
CA VAL F 552 32.07 26.44 -15.37
C VAL F 552 31.05 25.45 -15.93
N ARG F 553 29.80 25.88 -16.04
CA ARG F 553 28.72 25.07 -16.61
C ARG F 553 27.98 25.91 -17.65
N LYS F 554 27.97 25.41 -18.88
CA LYS F 554 27.46 26.19 -20.02
C LYS F 554 25.95 25.96 -20.19
N LYS F 555 25.41 26.42 -21.33
CA LYS F 555 23.98 26.38 -21.60
C LYS F 555 23.46 24.97 -21.86
N GLY F 556 24.31 23.96 -21.87
CA GLY F 556 23.89 22.59 -22.10
C GLY F 556 22.66 22.14 -21.32
N GLY F 557 22.77 22.10 -20.00
CA GLY F 557 24.01 22.45 -19.32
C GLY F 557 25.08 21.39 -19.46
N GLU F 558 26.28 21.83 -19.84
CA GLU F 558 27.43 20.94 -20.02
C GLU F 558 28.64 21.55 -19.33
N VAL F 559 29.33 20.76 -18.52
CA VAL F 559 30.51 21.24 -17.81
C VAL F 559 31.61 21.58 -18.81
N GLU F 560 32.38 22.62 -18.50
CA GLU F 560 33.42 23.10 -19.40
C GLU F 560 34.56 23.68 -18.58
N PHE F 561 35.77 23.55 -19.10
CA PHE F 561 36.97 24.10 -18.49
C PHE F 561 37.43 25.27 -19.33
N VAL F 562 37.27 26.49 -18.82
CA VAL F 562 37.60 27.70 -19.57
C VAL F 562 38.56 28.55 -18.77
N SER F 563 38.86 29.76 -19.26
CA SER F 563 39.74 30.70 -18.59
C SER F 563 38.94 31.90 -18.09
N ALA F 564 39.54 32.65 -17.17
CA ALA F 564 38.86 33.76 -16.51
C ALA F 564 38.32 34.80 -17.49
N ASP F 565 38.74 34.77 -18.76
CA ASP F 565 38.32 35.81 -19.69
C ASP F 565 36.81 35.75 -19.95
N GLN F 566 36.25 34.54 -20.06
CA GLN F 566 34.89 34.36 -20.52
C GLN F 566 33.88 34.16 -19.40
N VAL F 567 34.30 34.29 -18.14
CA VAL F 567 33.44 34.02 -17.00
C VAL F 567 32.64 35.29 -16.66
N ASP F 568 31.34 35.12 -16.43
CA ASP F 568 30.47 36.22 -16.04
C ASP F 568 29.85 36.02 -14.67
N TYR F 569 29.12 34.93 -14.46
CA TYR F 569 28.43 34.66 -13.20
C TYR F 569 29.09 33.51 -12.47
N MET F 570 28.97 33.52 -11.14
CA MET F 570 29.56 32.52 -10.28
C MET F 570 28.58 32.15 -9.17
N ASP F 571 28.62 30.89 -8.75
CA ASP F 571 27.77 30.46 -7.65
C ASP F 571 28.09 31.24 -6.39
N VAL F 572 27.05 31.57 -5.62
CA VAL F 572 27.26 32.24 -4.34
C VAL F 572 27.89 31.29 -3.33
N SER F 573 27.71 29.98 -3.49
CA SER F 573 28.26 28.99 -2.58
C SER F 573 27.81 27.59 -2.97
N PRO F 574 28.48 26.55 -2.48
CA PRO F 574 27.93 25.19 -2.64
C PRO F 574 26.63 25.06 -1.87
N ARG F 575 25.91 23.97 -2.13
CA ARG F 575 24.60 23.64 -1.58
C ARG F 575 23.49 24.53 -2.14
N GLN F 576 23.79 25.39 -3.12
CA GLN F 576 22.74 26.18 -3.75
C GLN F 576 21.57 25.32 -4.17
N MET F 577 21.82 24.08 -4.58
CA MET F 577 20.76 23.21 -5.09
C MET F 577 20.02 22.51 -3.96
N VAL F 578 20.75 21.77 -3.12
CA VAL F 578 20.16 20.95 -2.06
C VAL F 578 19.27 21.82 -1.18
N SER F 579 18.19 21.24 -0.67
CA SER F 579 17.21 21.97 0.11
C SER F 579 17.61 21.99 1.58
N VAL F 580 16.69 22.42 2.44
CA VAL F 580 16.99 22.54 3.86
C VAL F 580 17.23 21.17 4.48
N ALA F 581 16.32 20.23 4.24
CA ALA F 581 16.47 18.89 4.82
C ALA F 581 17.73 18.21 4.31
N THR F 582 18.06 18.40 3.03
CA THR F 582 19.26 17.78 2.48
C THR F 582 20.53 18.43 3.03
N ALA F 583 20.50 19.76 3.20
CA ALA F 583 21.68 20.48 3.67
C ALA F 583 21.99 20.20 5.13
N MET F 584 21.12 19.50 5.85
CA MET F 584 21.33 19.22 7.27
C MET F 584 22.05 17.89 7.51
N ILE F 585 22.50 17.21 6.46
CA ILE F 585 23.17 15.92 6.58
C ILE F 585 24.67 16.17 6.55
N PRO F 586 25.41 15.89 7.62
CA PRO F 586 26.86 16.03 7.57
C PRO F 586 27.48 14.98 6.66
N PHE F 587 28.59 15.35 6.02
CA PHE F 587 29.29 14.48 5.08
C PHE F 587 28.32 13.99 4.00
N LEU F 588 27.54 14.93 3.45
CA LEU F 588 26.58 14.57 2.42
C LEU F 588 27.27 14.10 1.14
N GLU F 589 28.45 14.65 0.83
CA GLU F 589 29.15 14.30 -0.40
C GLU F 589 29.67 12.87 -0.41
N HIS F 590 29.71 12.21 0.75
CA HIS F 590 30.22 10.84 0.85
C HIS F 590 29.12 9.78 0.77
N ASP F 591 27.87 10.20 0.56
CA ASP F 591 26.74 9.28 0.53
C ASP F 591 26.08 9.30 -0.85
N ASP F 592 25.53 8.15 -1.23
CA ASP F 592 24.84 8.04 -2.51
C ASP F 592 23.49 8.72 -2.46
N ALA F 593 23.02 9.18 -3.62
CA ALA F 593 21.79 9.96 -3.67
C ALA F 593 20.62 9.18 -3.09
N ASN F 594 20.61 7.85 -3.28
CA ASN F 594 19.54 7.02 -2.76
C ASN F 594 19.44 7.15 -1.24
N ARG F 595 20.50 6.74 -0.53
CA ARG F 595 20.48 6.81 0.92
C ARG F 595 20.38 8.25 1.41
N ALA F 596 20.91 9.21 0.64
CA ALA F 596 20.75 10.61 0.99
C ALA F 596 19.29 11.03 0.94
N LEU F 597 18.56 10.53 -0.07
CA LEU F 597 17.12 10.81 -0.14
C LEU F 597 16.39 10.20 1.05
N MET F 598 16.79 9.00 1.47
CA MET F 598 16.18 8.38 2.64
C MET F 598 16.53 9.16 3.91
N GLY F 599 17.78 9.59 4.03
CA GLY F 599 18.19 10.34 5.21
C GLY F 599 17.44 11.66 5.34
N ALA F 600 17.25 12.36 4.22
CA ALA F 600 16.53 13.63 4.26
C ALA F 600 15.05 13.42 4.55
N ASN F 601 14.45 12.38 3.98
CA ASN F 601 13.03 12.11 4.23
C ASN F 601 12.80 11.66 5.67
N MET F 602 13.70 10.85 6.22
CA MET F 602 13.52 10.37 7.58
C MET F 602 13.79 11.46 8.61
N GLN F 603 14.47 12.54 8.24
CA GLN F 603 14.67 13.64 9.19
C GLN F 603 13.35 14.31 9.54
N ARG F 604 12.46 14.48 8.56
CA ARG F 604 11.13 15.00 8.85
C ARG F 604 10.24 13.96 9.53
N GLN F 605 10.67 12.71 9.61
CA GLN F 605 9.92 11.66 10.28
C GLN F 605 10.34 11.46 11.73
N ALA F 606 11.25 12.28 12.24
CA ALA F 606 11.68 12.18 13.63
C ALA F 606 10.55 12.64 14.55
N VAL F 607 10.79 12.52 15.85
CA VAL F 607 9.78 12.86 16.85
C VAL F 607 10.41 13.70 17.95
N PRO F 608 9.69 14.68 18.50
CA PRO F 608 10.26 15.46 19.61
C PRO F 608 10.46 14.58 20.84
N LEU F 609 11.66 14.68 21.41
CA LEU F 609 11.99 13.97 22.63
C LEU F 609 11.72 14.85 23.84
N VAL F 610 11.82 14.24 25.04
CA VAL F 610 11.58 14.99 26.27
C VAL F 610 12.62 16.10 26.43
N ARG F 611 13.90 15.74 26.38
CA ARG F 611 15.00 16.69 26.35
C ARG F 611 15.73 16.52 25.02
N SER F 612 15.54 17.46 24.11
CA SER F 612 16.18 17.41 22.80
C SER F 612 17.54 18.10 22.87
N GLU F 613 18.59 17.35 22.54
CA GLU F 613 19.95 17.87 22.54
C GLU F 613 20.45 18.03 21.11
N ALA F 614 21.15 19.13 20.85
CA ALA F 614 21.62 19.42 19.51
C ALA F 614 22.65 18.37 19.07
N PRO F 615 22.85 18.22 17.77
CA PRO F 615 23.81 17.23 17.27
C PRO F 615 25.23 17.61 17.63
N LEU F 616 25.99 16.62 18.11
CA LEU F 616 27.40 16.85 18.44
C LEU F 616 28.16 17.36 17.22
N VAL F 617 28.03 16.64 16.10
CA VAL F 617 28.64 17.04 14.82
C VAL F 617 27.52 17.23 13.82
N GLY F 618 27.47 18.41 13.21
CA GLY F 618 26.44 18.71 12.25
C GLY F 618 26.74 19.99 11.52
N THR F 619 26.16 20.11 10.31
CA THR F 619 26.33 21.30 9.52
C THR F 619 25.63 22.49 10.16
N GLY F 620 26.03 23.69 9.75
CA GLY F 620 25.54 24.92 10.37
C GLY F 620 24.13 25.30 9.98
N MET F 621 23.45 24.42 9.24
CA MET F 621 22.09 24.74 8.79
C MET F 621 21.07 24.64 9.92
N GLU F 622 21.37 23.89 10.98
CA GLU F 622 20.38 23.70 12.04
C GLU F 622 20.03 25.02 12.71
N LEU F 623 20.99 25.92 12.84
CA LEU F 623 20.72 27.21 13.49
C LEU F 623 19.67 28.00 12.71
N ARG F 624 19.94 28.29 11.45
CA ARG F 624 19.05 29.13 10.66
C ARG F 624 17.69 28.47 10.47
N ALA F 625 17.68 27.19 10.11
CA ALA F 625 16.43 26.51 9.81
C ALA F 625 15.52 26.43 11.03
N ALA F 626 16.08 26.44 12.23
CA ALA F 626 15.27 26.31 13.44
C ALA F 626 14.44 27.56 13.68
N ILE F 627 15.07 28.74 13.58
CA ILE F 627 14.36 29.97 13.88
C ILE F 627 13.36 30.34 12.79
N ASP F 628 13.54 29.84 11.57
CA ASP F 628 12.62 30.13 10.48
C ASP F 628 11.46 29.16 10.41
N ALA F 629 11.46 28.10 11.22
CA ALA F 629 10.34 27.16 11.19
C ALA F 629 9.12 27.73 11.88
N GLY F 630 9.33 28.67 12.81
CA GLY F 630 8.25 29.29 13.52
C GLY F 630 7.87 28.61 14.82
N ASP F 631 8.39 27.42 15.09
CA ASP F 631 8.08 26.70 16.32
C ASP F 631 8.99 27.08 17.48
N VAL F 632 9.86 28.07 17.32
CA VAL F 632 10.70 28.56 18.40
C VAL F 632 10.26 29.97 18.75
N VAL F 633 10.85 30.55 19.79
CA VAL F 633 10.49 31.89 20.25
C VAL F 633 11.66 32.83 19.97
N VAL F 634 11.37 33.94 19.31
CA VAL F 634 12.39 34.92 18.91
C VAL F 634 12.05 36.26 19.53
N ALA F 635 13.09 37.02 19.91
CA ALA F 635 12.93 38.35 20.47
C ALA F 635 13.06 39.38 19.36
N ASP F 636 12.05 40.23 19.21
CA ASP F 636 12.00 41.22 18.15
C ASP F 636 12.47 42.60 18.57
N LYS F 637 12.87 42.78 19.82
CA LYS F 637 13.39 44.05 20.30
C LYS F 637 14.51 43.81 21.28
N THR F 638 15.59 44.58 21.14
CA THR F 638 16.69 44.53 22.09
C THR F 638 16.24 45.09 23.44
N GLY F 639 16.61 44.40 24.51
CA GLY F 639 16.23 44.86 25.84
C GLY F 639 16.65 43.85 26.89
N VAL F 640 15.92 43.88 28.00
CA VAL F 640 16.20 43.05 29.17
C VAL F 640 14.93 42.32 29.56
N ILE F 641 15.07 41.05 29.94
CA ILE F 641 13.91 40.24 30.33
C ILE F 641 13.38 40.73 31.67
N GLU F 642 12.08 41.02 31.71
CA GLU F 642 11.44 41.45 32.95
C GLU F 642 11.01 40.28 33.82
N GLU F 643 10.44 39.23 33.22
CA GLU F 643 9.98 38.08 33.98
C GLU F 643 10.17 36.83 33.13
N VAL F 644 10.41 35.71 33.82
CA VAL F 644 10.57 34.41 33.17
C VAL F 644 9.70 33.40 33.92
N SER F 645 8.97 32.58 33.18
CA SER F 645 8.10 31.58 33.76
C SER F 645 7.82 30.51 32.71
N ALA F 646 7.39 29.34 33.19
CA ALA F 646 7.05 28.27 32.26
C ALA F 646 5.84 28.62 31.40
N ASP F 647 4.98 29.51 31.90
CA ASP F 647 3.77 29.86 31.16
C ASP F 647 4.06 30.93 30.10
N TYR F 648 4.85 31.94 30.45
CA TYR F 648 5.16 33.01 29.51
C TYR F 648 6.43 33.70 29.95
N ILE F 649 7.00 34.48 29.02
CA ILE F 649 8.17 35.31 29.30
C ILE F 649 7.84 36.73 28.87
N THR F 650 8.37 37.70 29.62
CA THR F 650 8.15 39.11 29.35
C THR F 650 9.50 39.81 29.18
N VAL F 651 9.60 40.63 28.14
CA VAL F 651 10.82 41.38 27.84
C VAL F 651 10.51 42.87 27.97
N MET F 652 11.48 43.62 28.47
CA MET F 652 11.39 45.08 28.58
C MET F 652 12.34 45.68 27.55
N ALA F 653 11.77 46.23 26.49
CA ALA F 653 12.59 46.83 25.44
C ALA F 653 13.29 48.09 25.95
N ASP F 654 14.38 48.43 25.27
CA ASP F 654 15.12 49.64 25.63
C ASP F 654 14.36 50.91 25.26
N ASP F 655 13.35 50.81 24.40
CA ASP F 655 12.53 51.95 24.03
C ASP F 655 11.37 52.19 24.99
N GLY F 656 11.17 51.31 25.97
CA GLY F 656 10.16 51.47 26.98
C GLY F 656 8.97 50.53 26.86
N THR F 657 8.76 49.92 25.70
CA THR F 657 7.63 49.04 25.50
C THR F 657 7.85 47.70 26.19
N ARG F 658 6.74 46.99 26.44
CA ARG F 658 6.75 45.71 27.11
C ARG F 658 6.08 44.67 26.22
N GLN F 659 6.85 43.68 25.78
CA GLN F 659 6.33 42.59 24.97
C GLN F 659 6.37 41.29 25.76
N SER F 660 5.40 40.41 25.48
CA SER F 660 5.31 39.11 26.12
C SER F 660 5.09 38.04 25.07
N TYR F 661 5.53 36.82 25.40
CA TYR F 661 5.42 35.67 24.52
C TYR F 661 4.91 34.49 25.32
N ARG F 662 3.73 33.99 24.96
CA ARG F 662 3.16 32.82 25.63
C ARG F 662 3.76 31.55 25.04
N LEU F 663 4.20 30.65 25.92
CA LEU F 663 4.86 29.43 25.50
C LEU F 663 3.82 28.32 25.31
N ARG F 664 3.81 27.72 24.12
CA ARG F 664 3.00 26.53 23.91
C ARG F 664 3.50 25.41 24.81
N LYS F 665 2.62 24.89 25.66
CA LYS F 665 2.97 23.88 26.67
C LYS F 665 2.22 22.59 26.38
N PHE F 666 2.97 21.56 25.99
CA PHE F 666 2.42 20.23 25.77
C PHE F 666 1.19 20.27 24.87
N ALA F 667 1.29 21.02 23.78
CA ALA F 667 0.24 21.08 22.78
C ALA F 667 0.36 19.88 21.83
N ARG F 668 -0.79 19.29 21.50
CA ARG F 668 -0.81 18.12 20.63
C ARG F 668 -0.60 18.55 19.18
N SER F 669 0.46 18.03 18.56
CA SER F 669 0.72 18.33 17.16
C SER F 669 -0.34 17.69 16.27
N ASN F 670 -0.38 18.14 15.02
CA ASN F 670 -1.36 17.62 14.08
C ASN F 670 -1.24 16.11 13.91
N HIS F 671 -0.02 15.58 14.04
CA HIS F 671 0.23 14.15 13.91
C HIS F 671 0.31 13.43 15.25
N GLY F 672 0.16 14.15 16.36
CA GLY F 672 0.12 13.53 17.67
C GLY F 672 1.35 13.74 18.53
N THR F 673 2.34 14.50 18.07
CA THR F 673 3.53 14.76 18.85
C THR F 673 3.32 15.95 19.77
N CYS F 674 4.32 16.27 20.58
CA CYS F 674 4.23 17.33 21.57
C CYS F 674 4.99 18.56 21.11
N ALA F 675 4.38 19.73 21.31
CA ALA F 675 4.97 21.00 20.91
C ALA F 675 5.55 21.78 22.10
N ASN F 676 5.75 21.11 23.24
CA ASN F 676 6.16 21.79 24.46
C ASN F 676 7.41 22.64 24.22
N GLN F 677 7.39 23.86 24.75
CA GLN F 677 8.50 24.79 24.65
C GLN F 677 9.06 25.07 26.03
N ARG F 678 10.37 25.39 26.08
CA ARG F 678 11.04 25.67 27.33
C ARG F 678 11.86 26.95 27.22
N PRO F 679 11.84 27.79 28.26
CA PRO F 679 12.64 29.01 28.22
C PRO F 679 14.11 28.73 28.45
N ILE F 680 14.96 29.40 27.67
CA ILE F 680 16.41 29.24 27.79
C ILE F 680 17.07 30.43 28.46
N VAL F 681 16.29 31.41 28.90
CA VAL F 681 16.83 32.69 29.34
C VAL F 681 16.71 32.81 30.86
N ASP F 682 17.62 33.59 31.44
CA ASP F 682 17.57 33.91 32.86
C ASP F 682 16.82 35.20 33.10
N ALA F 683 16.25 35.33 34.30
CA ALA F 683 15.36 36.44 34.60
C ALA F 683 16.05 37.78 34.35
N GLY F 684 17.23 37.97 34.91
CA GLY F 684 17.92 39.26 34.80
C GLY F 684 18.85 39.36 33.62
N GLN F 685 18.63 38.55 32.58
CA GLN F 685 19.51 38.52 31.43
C GLN F 685 19.20 39.68 30.49
N ARG F 686 19.95 39.77 29.40
CA ARG F 686 19.76 40.80 28.39
C ARG F 686 19.74 40.14 27.02
N VAL F 687 18.72 40.44 26.23
CA VAL F 687 18.55 39.82 24.91
C VAL F 687 18.85 40.83 23.82
N GLU F 688 18.73 40.39 22.56
CA GLU F 688 18.98 41.23 21.41
C GLU F 688 17.99 40.87 20.31
N ALA F 689 17.78 41.80 19.39
CA ALA F 689 16.81 41.60 18.32
C ALA F 689 17.16 40.35 17.52
N GLY F 690 16.21 39.42 17.45
CA GLY F 690 16.41 38.18 16.73
C GLY F 690 17.01 37.04 17.54
N GLN F 691 17.24 37.25 18.83
CA GLN F 691 17.85 36.23 19.67
C GLN F 691 16.79 35.24 20.16
N VAL F 692 17.20 33.98 20.29
CA VAL F 692 16.29 32.93 20.71
C VAL F 692 15.94 33.10 22.18
N ILE F 693 14.73 32.69 22.55
CA ILE F 693 14.23 32.85 23.91
C ILE F 693 13.81 31.50 24.48
N ALA F 694 12.88 30.84 23.82
CA ALA F 694 12.37 29.54 24.25
C ALA F 694 12.52 28.54 23.12
N ASP F 695 13.04 27.35 23.46
CA ASP F 695 13.22 26.31 22.45
C ASP F 695 11.89 25.67 22.08
N GLY F 696 11.87 25.04 20.92
CA GLY F 696 10.67 24.42 20.41
C GLY F 696 10.59 22.94 20.72
N PRO F 697 9.71 22.22 20.00
CA PRO F 697 9.59 20.77 20.27
C PRO F 697 10.90 20.03 20.10
N CYS F 698 11.57 20.21 18.98
CA CYS F 698 12.89 19.64 18.72
C CYS F 698 13.86 20.79 18.51
N THR F 699 14.59 21.16 19.56
CA THR F 699 15.56 22.25 19.49
C THR F 699 16.44 22.18 20.72
N GLN F 700 17.63 22.77 20.60
CA GLN F 700 18.53 22.94 21.74
C GLN F 700 19.28 24.25 21.56
N ASN F 701 18.97 25.23 22.40
CA ASN F 701 19.70 26.49 22.47
C ASN F 701 19.77 27.18 21.10
N GLY F 702 18.73 27.01 20.29
CA GLY F 702 18.62 27.71 19.03
C GLY F 702 18.95 26.90 17.79
N GLU F 703 19.29 25.62 17.93
CA GLU F 703 19.58 24.77 16.79
C GLU F 703 18.59 23.62 16.72
N MET F 704 18.46 23.05 15.53
CA MET F 704 17.56 21.93 15.33
C MET F 704 18.14 20.67 15.93
N ALA F 705 17.44 20.09 16.91
CA ALA F 705 17.84 18.84 17.56
C ALA F 705 16.77 17.80 17.25
N LEU F 706 17.07 16.90 16.31
CA LEU F 706 16.14 15.86 15.89
C LEU F 706 16.42 14.51 16.56
N GLY F 707 17.50 14.40 17.31
CA GLY F 707 17.82 13.14 17.95
C GLY F 707 18.86 13.30 19.03
N LYS F 708 19.52 12.20 19.35
CA LYS F 708 20.50 12.15 20.42
C LYS F 708 21.87 11.74 19.86
N ASN F 709 22.91 12.05 20.63
CA ASN F 709 24.27 11.62 20.33
C ASN F 709 24.59 10.41 21.22
N LEU F 710 24.79 9.25 20.60
CA LEU F 710 25.04 8.01 21.31
C LEU F 710 26.43 7.48 21.00
N LEU F 711 27.02 6.81 21.99
CA LEU F 711 28.26 6.09 21.80
C LEU F 711 27.96 4.78 21.07
N VAL F 712 28.51 4.61 19.88
CA VAL F 712 28.19 3.49 19.01
C VAL F 712 29.46 2.72 18.68
N ALA F 713 29.43 1.42 18.94
CA ALA F 713 30.47 0.49 18.49
C ALA F 713 29.92 -0.34 17.35
N ILE F 714 30.65 -0.36 16.23
CA ILE F 714 30.20 -1.01 15.00
C ILE F 714 30.82 -2.39 14.95
N MET F 715 30.02 -3.41 15.27
CA MET F 715 30.46 -4.79 15.20
C MET F 715 29.23 -5.68 15.22
N PRO F 716 29.31 -6.88 14.65
CA PRO F 716 28.20 -7.83 14.80
C PRO F 716 28.24 -8.45 16.20
N TRP F 717 27.08 -8.46 16.87
CA TRP F 717 26.99 -8.91 18.25
C TRP F 717 26.05 -10.09 18.33
N GLU F 718 26.62 -11.30 18.37
CA GLU F 718 25.92 -12.54 18.62
C GLU F 718 24.53 -12.60 17.99
N GLY F 719 24.42 -12.12 16.75
CA GLY F 719 23.20 -12.26 15.98
C GLY F 719 22.04 -11.39 16.38
N HIS F 720 22.12 -10.68 17.50
CA HIS F 720 21.00 -9.84 17.92
C HIS F 720 20.85 -8.59 17.08
N ASN F 721 21.92 -8.14 16.42
CA ASN F 721 21.85 -7.10 15.39
C ASN F 721 22.24 -7.78 14.08
N TYR F 722 21.23 -8.11 13.28
CA TYR F 722 21.43 -8.90 12.06
C TYR F 722 20.57 -8.30 10.95
N GLU F 723 21.22 -7.90 9.87
CA GLU F 723 20.52 -7.38 8.69
C GLU F 723 19.66 -6.16 9.04
N ASP F 724 20.34 -5.11 9.49
CA ASP F 724 19.82 -3.79 9.81
C ASP F 724 19.26 -3.70 11.22
N ALA F 725 19.13 -4.80 11.96
CA ALA F 725 18.64 -4.73 13.32
C ALA F 725 19.62 -3.97 14.20
N ILE F 726 19.10 -3.37 15.28
CA ILE F 726 19.89 -2.55 16.17
C ILE F 726 19.67 -3.00 17.61
N ILE F 727 20.70 -2.82 18.45
CA ILE F 727 20.65 -3.15 19.86
C ILE F 727 20.92 -1.90 20.66
N LEU F 728 20.20 -1.73 21.76
CA LEU F 728 20.27 -0.53 22.58
C LEU F 728 20.85 -0.84 23.95
N SER F 729 21.47 0.17 24.55
CA SER F 729 21.85 0.10 25.96
C SER F 729 20.68 0.48 26.84
N ASN F 730 20.48 -0.30 27.91
CA ASN F 730 19.34 -0.04 28.79
C ASN F 730 19.40 1.33 29.45
N ARG F 731 20.54 2.01 29.38
CA ARG F 731 20.62 3.37 29.93
C ARG F 731 19.64 4.31 29.24
N LEU F 732 19.43 4.11 27.94
CA LEU F 732 18.52 4.97 27.20
C LEU F 732 17.10 4.88 27.73
N VAL F 733 16.73 3.72 28.30
CA VAL F 733 15.39 3.58 28.88
C VAL F 733 15.35 4.18 30.28
N GLU F 734 16.41 3.99 31.06
CA GLU F 734 16.42 4.51 32.43
C GLU F 734 16.57 6.02 32.45
N GLU F 735 17.34 6.59 31.52
CA GLU F 735 17.59 8.02 31.48
C GLU F 735 16.65 8.76 30.54
N ASP F 736 15.70 8.08 29.90
CA ASP F 736 14.65 8.68 29.09
C ASP F 736 15.17 9.38 27.84
N VAL F 737 16.46 9.25 27.51
CA VAL F 737 17.04 10.02 26.41
C VAL F 737 16.23 9.83 25.14
N LEU F 738 15.71 8.63 24.91
CA LEU F 738 14.91 8.33 23.74
C LEU F 738 13.41 8.38 24.01
N THR F 739 13.00 8.77 25.21
CA THR F 739 11.58 8.81 25.54
C THR F 739 10.92 10.03 24.89
N SER F 740 9.70 9.82 24.40
CA SER F 740 8.92 10.88 23.78
C SER F 740 7.49 10.85 24.34
N ILE F 741 6.79 11.97 24.17
CA ILE F 741 5.43 12.13 24.65
C ILE F 741 4.48 12.15 23.46
N HIS F 742 3.36 11.46 23.59
CA HIS F 742 2.36 11.37 22.54
C HIS F 742 0.99 11.71 23.12
N ILE F 743 0.30 12.66 22.51
CA ILE F 743 -1.02 13.09 22.94
C ILE F 743 -2.05 12.68 21.90
N GLU F 744 -3.22 12.27 22.36
CA GLU F 744 -4.29 11.82 21.49
C GLU F 744 -5.59 12.51 21.88
N GLU F 745 -6.39 12.84 20.86
CA GLU F 745 -7.63 13.59 21.04
C GLU F 745 -8.82 12.72 20.67
N HIS F 746 -9.78 12.62 21.59
CA HIS F 746 -11.02 11.87 21.36
C HIS F 746 -12.21 12.82 21.46
N GLU F 747 -13.24 12.52 20.68
CA GLU F 747 -14.34 13.45 20.49
C GLU F 747 -15.65 12.69 20.35
N ILE F 748 -16.71 13.23 20.96
CA ILE F 748 -18.05 12.70 20.85
C ILE F 748 -19.03 13.84 21.09
N ASP F 749 -20.22 13.72 20.50
CA ASP F 749 -21.23 14.76 20.57
C ASP F 749 -22.56 14.19 21.04
N ALA F 750 -23.33 15.02 21.72
CA ALA F 750 -24.70 14.70 22.12
C ALA F 750 -25.65 15.37 21.14
N ARG F 751 -26.28 14.57 20.29
CA ARG F 751 -27.12 15.09 19.22
C ARG F 751 -28.59 14.80 19.50
N ASP F 752 -29.45 15.70 19.02
CA ASP F 752 -30.87 15.43 18.99
C ASP F 752 -31.15 14.32 18.00
N THR F 753 -31.74 13.22 18.48
CA THR F 753 -32.08 12.09 17.64
C THR F 753 -33.54 12.16 17.21
N LYS F 754 -33.91 11.26 16.30
CA LYS F 754 -35.29 11.17 15.85
C LYS F 754 -36.23 10.79 16.99
N LEU F 755 -35.76 9.96 17.92
CA LEU F 755 -36.59 9.44 19.01
C LEU F 755 -36.44 10.22 20.30
N GLY F 756 -35.57 11.22 20.34
CA GLY F 756 -35.38 12.01 21.54
C GLY F 756 -34.10 12.81 21.47
N ALA F 757 -33.50 13.05 22.63
CA ALA F 757 -32.27 13.80 22.75
C ALA F 757 -31.22 12.96 23.44
N GLU F 758 -29.99 13.00 22.93
CA GLU F 758 -28.88 12.28 23.53
C GLU F 758 -28.40 13.03 24.78
N GLU F 759 -28.19 12.28 25.86
CA GLU F 759 -27.79 12.85 27.13
C GLU F 759 -26.42 12.30 27.54
N ILE F 760 -25.52 13.21 27.90
CA ILE F 760 -24.20 12.84 28.42
C ILE F 760 -24.27 12.93 29.94
N THR F 761 -23.99 11.83 30.61
CA THR F 761 -24.12 11.77 32.07
C THR F 761 -23.38 10.55 32.59
N ARG F 762 -23.41 10.38 33.90
CA ARG F 762 -22.85 9.22 34.59
C ARG F 762 -23.85 8.08 34.69
N ASP F 763 -24.98 8.17 33.99
CA ASP F 763 -26.12 7.30 34.19
C ASP F 763 -26.10 6.06 33.31
N ILE F 764 -24.97 5.72 32.70
CA ILE F 764 -24.85 4.58 31.79
C ILE F 764 -25.67 3.41 32.32
N PRO F 765 -26.58 2.86 31.50
CA PRO F 765 -27.59 1.93 32.07
C PRO F 765 -27.00 0.68 32.68
N ASN F 766 -26.18 -0.05 31.95
CA ASN F 766 -25.68 -1.36 32.38
C ASN F 766 -24.17 -1.28 32.59
N VAL F 767 -23.76 -1.19 33.85
CA VAL F 767 -22.34 -1.21 34.22
C VAL F 767 -22.25 -1.49 35.70
N SER F 768 -21.09 -1.96 36.14
CA SER F 768 -20.80 -2.07 37.56
C SER F 768 -20.30 -0.72 38.08
N ASP F 769 -20.84 -0.30 39.24
CA ASP F 769 -20.49 1.01 39.77
C ASP F 769 -18.99 1.20 39.92
N GLU F 770 -18.22 0.11 39.92
CA GLU F 770 -16.77 0.21 40.09
C GLU F 770 -16.08 0.82 38.87
N VAL F 771 -16.69 0.65 37.69
CA VAL F 771 -16.02 1.09 36.46
C VAL F 771 -16.19 2.58 36.19
N LEU F 772 -17.16 3.24 36.84
CA LEU F 772 -17.39 4.66 36.64
C LEU F 772 -16.72 5.51 37.72
N ALA F 773 -15.88 4.92 38.56
CA ALA F 773 -15.35 5.65 39.71
C ALA F 773 -14.54 6.87 39.29
N ASP F 774 -13.98 6.87 38.08
CA ASP F 774 -13.12 7.94 37.62
C ASP F 774 -13.87 9.07 36.91
N LEU F 775 -15.19 9.02 36.88
CA LEU F 775 -16.00 10.02 36.22
C LEU F 775 -16.53 11.03 37.23
N ASP F 776 -16.60 12.28 36.82
CA ASP F 776 -17.22 13.33 37.65
C ASP F 776 -18.73 13.23 37.52
N GLU F 777 -19.45 14.17 38.13
CA GLU F 777 -20.91 14.14 38.06
C GLU F 777 -21.40 14.28 36.63
N ARG F 778 -20.73 15.11 35.83
CA ARG F 778 -21.17 15.36 34.46
C ARG F 778 -21.11 14.10 33.61
N GLY F 779 -20.24 13.16 33.97
CA GLY F 779 -20.11 11.91 33.24
C GLY F 779 -18.86 11.80 32.39
N ILE F 780 -17.95 12.79 32.45
CA ILE F 780 -16.70 12.72 31.71
C ILE F 780 -15.63 12.11 32.62
N VAL F 781 -14.43 11.91 32.08
CA VAL F 781 -13.33 11.40 32.88
C VAL F 781 -12.70 12.56 33.66
N ARG F 782 -12.08 12.23 34.79
CA ARG F 782 -11.46 13.24 35.62
C ARG F 782 -10.05 13.56 35.13
N ILE F 783 -9.71 14.85 35.14
CA ILE F 783 -8.38 15.27 34.70
C ILE F 783 -7.34 14.70 35.64
N GLY F 784 -6.23 14.24 35.06
CA GLY F 784 -5.15 13.65 35.81
C GLY F 784 -5.30 12.17 36.09
N ALA F 785 -6.51 11.62 35.94
CA ALA F 785 -6.73 10.21 36.17
C ALA F 785 -6.08 9.38 35.06
N GLU F 786 -5.84 8.11 35.37
CA GLU F 786 -5.28 7.18 34.40
C GLU F 786 -6.39 6.46 33.66
N VAL F 787 -6.02 5.70 32.64
CA VAL F 787 -6.99 4.95 31.84
C VAL F 787 -6.33 3.76 31.17
N ARG F 788 -7.13 2.96 30.47
CA ARG F 788 -6.64 1.79 29.76
C ARG F 788 -7.67 1.44 28.70
N ASP F 789 -7.25 0.63 27.73
CA ASP F 789 -8.15 0.23 26.65
C ASP F 789 -9.42 -0.39 27.20
N GLY F 790 -10.56 0.18 26.84
CA GLY F 790 -11.86 -0.28 27.30
C GLY F 790 -12.50 0.61 28.34
N ASP F 791 -11.75 1.51 28.95
CA ASP F 791 -12.30 2.39 29.96
C ASP F 791 -13.28 3.38 29.34
N ILE F 792 -14.13 3.96 30.19
CA ILE F 792 -15.13 4.92 29.75
C ILE F 792 -14.55 6.31 29.88
N LEU F 793 -14.34 6.99 28.76
CA LEU F 793 -13.90 8.38 28.80
C LEU F 793 -15.07 9.32 29.01
N VAL F 794 -16.16 9.10 28.27
CA VAL F 794 -17.36 9.93 28.38
C VAL F 794 -18.57 9.01 28.26
N GLY F 795 -19.44 9.04 29.27
CA GLY F 795 -20.68 8.29 29.19
C GLY F 795 -21.75 9.06 28.44
N LYS F 796 -22.53 8.34 27.64
CA LYS F 796 -23.61 8.93 26.87
C LYS F 796 -24.76 7.93 26.80
N VAL F 797 -25.88 8.38 26.22
CA VAL F 797 -27.08 7.56 26.18
C VAL F 797 -27.91 7.97 24.96
N THR F 798 -28.67 7.02 24.43
CA THR F 798 -29.54 7.23 23.29
C THR F 798 -30.85 6.47 23.49
N PRO F 799 -31.98 7.07 23.12
CA PRO F 799 -33.26 6.37 23.27
C PRO F 799 -33.41 5.27 22.23
N LYS F 800 -34.25 4.29 22.57
CA LYS F 800 -34.51 3.14 21.71
C LYS F 800 -35.98 2.75 21.83
N GLY F 801 -36.51 2.14 20.77
CA GLY F 801 -37.89 1.70 20.75
C GLY F 801 -38.33 1.09 19.44
N GLU F 802 -39.14 0.05 19.52
CA GLU F 802 -39.56 -0.51 20.80
C GLU F 802 -38.49 -1.43 21.35
N THR F 803 -38.46 -1.60 22.67
CA THR F 803 -37.42 -2.40 23.30
C THR F 803 -37.50 -3.86 22.83
N GLU F 804 -38.62 -4.51 23.10
CA GLU F 804 -38.87 -5.89 22.67
C GLU F 804 -37.79 -6.83 23.23
N LEU F 805 -37.93 -7.09 24.52
CA LEU F 805 -37.02 -8.01 25.21
C LEU F 805 -37.47 -9.45 25.02
N THR F 806 -36.50 -10.36 25.07
CA THR F 806 -36.77 -11.77 24.87
C THR F 806 -37.54 -12.33 26.07
N PRO F 807 -37.96 -13.60 26.00
CA PRO F 807 -38.55 -14.22 27.20
C PRO F 807 -37.52 -14.57 28.25
N GLU F 808 -36.38 -15.15 27.85
CA GLU F 808 -35.35 -15.52 28.81
C GLU F 808 -34.83 -14.29 29.55
N GLU F 809 -34.20 -13.38 28.84
CA GLU F 809 -33.89 -12.07 29.41
C GLU F 809 -35.17 -11.28 29.54
N ARG F 810 -35.33 -10.60 30.67
CA ARG F 810 -36.59 -10.01 31.15
C ARG F 810 -37.21 -10.95 32.18
N LEU F 811 -36.66 -12.16 32.31
CA LEU F 811 -36.89 -12.96 33.50
C LEU F 811 -35.94 -12.53 34.61
N LEU F 812 -34.67 -12.30 34.28
CA LEU F 812 -33.73 -11.76 35.25
C LEU F 812 -34.13 -10.37 35.69
N ARG F 813 -34.73 -9.57 34.79
CA ARG F 813 -35.19 -8.24 35.17
C ARG F 813 -36.21 -8.32 36.32
N ALA F 814 -36.97 -9.40 36.39
CA ALA F 814 -37.97 -9.55 37.45
C ALA F 814 -37.33 -9.99 38.76
N ILE F 815 -36.35 -10.89 38.70
CA ILE F 815 -35.73 -11.39 39.92
C ILE F 815 -34.76 -10.35 40.50
N PHE F 816 -33.95 -9.72 39.66
CA PHE F 816 -32.99 -8.74 40.12
C PHE F 816 -33.55 -7.33 40.21
N GLY F 817 -34.79 -7.12 39.79
CA GLY F 817 -35.46 -5.84 39.99
C GLY F 817 -34.73 -4.65 39.40
N GLU F 818 -34.01 -4.83 38.31
CA GLU F 818 -33.35 -3.74 37.60
C GLU F 818 -34.18 -3.41 36.36
N LYS F 819 -34.89 -2.28 36.41
CA LYS F 819 -35.77 -1.90 35.32
C LYS F 819 -34.97 -1.67 34.03
N ALA F 820 -35.39 -2.35 32.96
CA ALA F 820 -34.80 -2.11 31.66
C ALA F 820 -35.03 -0.66 31.23
N ARG F 821 -33.94 0.04 30.93
CA ARG F 821 -34.05 1.46 30.59
C ARG F 821 -34.48 1.64 29.14
N GLU F 822 -35.32 2.65 28.92
CA GLU F 822 -35.73 3.00 27.57
C GLU F 822 -34.53 3.37 26.70
N VAL F 823 -33.49 3.93 27.30
CA VAL F 823 -32.33 4.40 26.55
C VAL F 823 -31.37 3.23 26.31
N ARG F 824 -30.58 3.34 25.25
CA ARG F 824 -29.52 2.41 24.93
C ARG F 824 -28.17 3.05 25.24
N ASP F 825 -27.21 2.23 25.67
CA ASP F 825 -25.90 2.72 26.04
C ASP F 825 -25.05 2.93 24.78
N THR F 826 -24.65 4.18 24.54
CA THR F 826 -23.63 4.51 23.55
C THR F 826 -22.64 5.43 24.23
N SER F 827 -21.47 4.90 24.56
CA SER F 827 -20.46 5.62 25.33
C SER F 827 -19.20 5.80 24.49
N LEU F 828 -18.24 6.52 25.06
CA LEU F 828 -16.95 6.75 24.43
C LEU F 828 -15.89 5.98 25.22
N LYS F 829 -15.37 4.91 24.63
CA LYS F 829 -14.42 4.02 25.28
C LYS F 829 -13.10 4.05 24.54
N VAL F 830 -12.01 4.11 25.31
CA VAL F 830 -10.68 4.13 24.70
C VAL F 830 -10.45 2.83 23.95
N PRO F 831 -9.85 2.85 22.76
CA PRO F 831 -9.78 1.66 21.91
C PRO F 831 -8.75 0.67 22.41
N HIS F 832 -8.64 -0.44 21.66
CA HIS F 832 -7.77 -1.54 22.05
C HIS F 832 -6.30 -1.14 21.96
N GLY F 833 -5.57 -1.35 23.06
CA GLY F 833 -4.12 -1.28 23.02
C GLY F 833 -3.49 0.06 23.30
N GLU F 834 -4.13 0.91 24.10
CA GLU F 834 -3.53 2.19 24.46
C GLU F 834 -3.94 2.57 25.87
N SER F 835 -3.11 3.40 26.49
CA SER F 835 -3.35 3.87 27.86
C SER F 835 -2.60 5.18 28.07
N GLY F 836 -2.91 5.84 29.18
CA GLY F 836 -2.24 7.09 29.50
C GLY F 836 -3.02 7.83 30.58
N LYS F 837 -2.57 9.06 30.83
CA LYS F 837 -3.23 9.95 31.77
C LYS F 837 -3.94 11.06 31.01
N VAL F 838 -5.09 11.48 31.52
CA VAL F 838 -5.92 12.49 30.86
C VAL F 838 -5.31 13.86 31.11
N ILE F 839 -4.92 14.55 30.03
CA ILE F 839 -4.29 15.86 30.17
C ILE F 839 -5.34 16.94 30.41
N GLY F 840 -6.39 16.98 29.59
CA GLY F 840 -7.39 18.01 29.73
C GLY F 840 -8.69 17.63 29.05
N ILE F 841 -9.69 18.48 29.25
CA ILE F 841 -11.01 18.30 28.70
C ILE F 841 -11.47 19.58 28.02
N ARG F 842 -12.27 19.44 26.97
CA ARG F 842 -12.90 20.56 26.30
C ARG F 842 -14.35 20.20 26.03
N VAL F 843 -15.28 20.98 26.58
CA VAL F 843 -16.71 20.68 26.51
C VAL F 843 -17.45 21.89 25.99
N PHE F 844 -18.31 21.68 25.00
CA PHE F 844 -19.17 22.72 24.43
C PHE F 844 -20.62 22.31 24.66
N SER F 845 -21.28 22.94 25.61
CA SER F 845 -22.68 22.67 25.88
C SER F 845 -23.57 23.54 25.01
N ARG F 846 -24.81 23.10 24.81
CA ARG F 846 -25.76 23.91 24.08
C ARG F 846 -26.45 24.91 25.01
N GLU F 847 -26.69 24.50 26.27
CA GLU F 847 -27.20 25.42 27.27
C GLU F 847 -26.37 26.70 27.29
N ASP F 848 -25.06 26.54 27.50
CA ASP F 848 -24.14 27.63 27.19
C ASP F 848 -24.13 27.88 25.69
N ASP F 849 -24.19 29.14 25.30
CA ASP F 849 -24.40 29.50 23.90
C ASP F 849 -23.47 28.72 22.99
N ASP F 850 -22.17 28.94 23.09
CA ASP F 850 -21.19 28.22 22.27
C ASP F 850 -21.57 28.40 20.80
N GLU F 851 -21.26 27.40 19.99
CA GLU F 851 -21.66 27.33 18.59
C GLU F 851 -21.65 25.87 18.19
N LEU F 852 -22.75 25.40 17.61
CA LEU F 852 -22.86 23.99 17.27
C LEU F 852 -23.73 23.84 16.03
N PRO F 853 -23.44 22.85 15.19
CA PRO F 853 -24.28 22.60 14.01
C PRO F 853 -25.64 22.07 14.42
N ALA F 854 -26.54 22.03 13.43
CA ALA F 854 -27.92 21.60 13.69
C ALA F 854 -27.95 20.16 14.18
N GLY F 855 -28.68 19.93 15.27
CA GLY F 855 -28.88 18.60 15.80
C GLY F 855 -28.00 18.24 16.98
N VAL F 856 -26.86 18.90 17.15
CA VAL F 856 -25.92 18.59 18.21
C VAL F 856 -26.16 19.53 19.39
N ASN F 857 -26.04 19.00 20.60
CA ASN F 857 -26.24 19.77 21.82
C ASN F 857 -24.93 19.95 22.60
N GLU F 858 -24.34 18.86 23.08
CA GLU F 858 -23.13 18.90 23.88
C GLU F 858 -22.00 18.22 23.15
N LEU F 859 -20.86 18.90 23.06
CA LEU F 859 -19.66 18.38 22.40
C LEU F 859 -18.51 18.39 23.40
N VAL F 860 -17.86 17.24 23.57
CA VAL F 860 -16.79 17.08 24.55
C VAL F 860 -15.61 16.43 23.87
N ARG F 861 -14.42 16.97 24.12
CA ARG F 861 -13.17 16.41 23.62
C ARG F 861 -12.24 16.15 24.79
N VAL F 862 -11.65 14.95 24.82
CA VAL F 862 -10.74 14.53 25.88
C VAL F 862 -9.35 14.33 25.27
N TYR F 863 -8.34 14.88 25.93
CA TYR F 863 -6.95 14.81 25.46
C TYR F 863 -6.17 13.91 26.40
N VAL F 864 -5.74 12.75 25.88
CA VAL F 864 -4.98 11.77 26.65
C VAL F 864 -3.56 11.73 26.11
N ALA F 865 -2.59 11.70 27.03
CA ALA F 865 -1.18 11.65 26.68
C ALA F 865 -0.51 10.51 27.42
N GLN F 866 0.68 10.14 26.94
CA GLN F 866 1.43 9.05 27.54
C GLN F 866 2.92 9.26 27.27
N LYS F 867 3.74 8.82 28.23
CA LYS F 867 5.19 8.89 28.11
C LYS F 867 5.69 7.57 27.53
N ARG F 868 6.15 7.61 26.28
CA ARG F 868 6.55 6.41 25.55
C ARG F 868 8.04 6.18 25.72
N LYS F 869 8.41 5.13 26.44
CA LYS F 869 9.80 4.71 26.50
C LYS F 869 10.20 4.07 25.16
N ILE F 870 11.50 4.10 24.88
CA ILE F 870 12.00 3.43 23.68
C ILE F 870 11.89 1.92 23.90
N SER F 871 11.16 1.25 23.00
CA SER F 871 10.84 -0.16 23.16
C SER F 871 11.39 -0.98 22.01
N ASP F 872 11.48 -2.28 22.24
CA ASP F 872 11.92 -3.20 21.20
C ASP F 872 10.96 -3.17 20.03
N GLY F 873 11.49 -2.91 18.83
CA GLY F 873 10.70 -2.81 17.62
C GLY F 873 10.53 -1.40 17.11
N ASP F 874 10.67 -0.40 17.98
CA ASP F 874 10.61 0.98 17.52
C ASP F 874 11.71 1.26 16.51
N LYS F 875 11.41 2.15 15.57
CA LYS F 875 12.30 2.41 14.44
C LYS F 875 13.24 3.57 14.77
N LEU F 876 14.54 3.31 14.67
CA LEU F 876 15.57 4.34 14.75
C LEU F 876 16.27 4.46 13.40
N ALA F 877 16.80 5.65 13.14
CA ALA F 877 17.49 5.89 11.88
C ALA F 877 18.48 7.03 12.06
N GLY F 878 19.59 6.94 11.31
CA GLY F 878 20.54 8.02 11.23
C GLY F 878 20.17 9.02 10.16
N ARG F 879 21.05 9.99 9.97
CA ARG F 879 20.83 11.04 8.97
C ARG F 879 21.30 10.64 7.58
N HIS F 880 21.99 9.51 7.44
CA HIS F 880 22.56 9.09 6.16
C HIS F 880 21.71 8.07 5.44
N GLY F 881 20.54 7.72 5.97
CA GLY F 881 19.69 6.71 5.37
C GLY F 881 19.78 5.35 6.01
N ASN F 882 20.57 5.20 7.08
CA ASN F 882 20.63 3.95 7.81
C ASN F 882 19.44 3.84 8.75
N LYS F 883 18.74 2.71 8.68
CA LYS F 883 17.50 2.51 9.43
C LYS F 883 17.39 1.07 9.87
N GLY F 884 16.68 0.86 10.98
CA GLY F 884 16.48 -0.48 11.50
C GLY F 884 15.72 -0.43 12.81
N VAL F 885 15.06 -1.54 13.11
CA VAL F 885 14.28 -1.66 14.34
C VAL F 885 15.22 -2.04 15.48
N ILE F 886 14.66 -2.22 16.67
CA ILE F 886 15.41 -2.59 17.86
C ILE F 886 15.19 -4.08 18.10
N GLY F 887 16.21 -4.89 17.81
CA GLY F 887 16.10 -6.32 18.01
C GLY F 887 16.16 -6.77 19.45
N LYS F 888 16.71 -5.94 20.33
CA LYS F 888 16.82 -6.30 21.74
C LYS F 888 17.52 -5.15 22.46
N ILE F 889 17.32 -5.09 23.78
CA ILE F 889 17.95 -4.09 24.63
C ILE F 889 18.65 -4.83 25.76
N LEU F 890 19.98 -4.81 25.77
CA LEU F 890 20.67 -5.51 26.84
C LEU F 890 20.82 -4.61 28.07
N PRO F 891 20.78 -5.20 29.26
CA PRO F 891 21.08 -4.42 30.47
C PRO F 891 22.46 -3.79 30.37
N VAL F 892 22.64 -2.69 31.11
CA VAL F 892 23.90 -1.98 31.07
C VAL F 892 25.06 -2.84 31.55
N GLU F 893 24.77 -3.86 32.37
CA GLU F 893 25.85 -4.66 32.93
C GLU F 893 26.62 -5.40 31.84
N ASP F 894 25.92 -6.16 31.00
CA ASP F 894 26.54 -6.93 29.92
C ASP F 894 26.37 -6.18 28.61
N MET F 895 27.42 -5.44 28.22
CA MET F 895 27.46 -4.75 26.94
C MET F 895 28.91 -4.43 26.64
N PRO F 896 29.31 -4.41 25.37
CA PRO F 896 30.68 -4.01 25.03
C PRO F 896 30.98 -2.61 25.55
N PHE F 897 32.06 -2.50 26.31
CA PHE F 897 32.44 -1.24 26.94
C PHE F 897 33.94 -1.04 26.84
N LEU F 898 34.34 0.22 26.77
CA LEU F 898 35.74 0.62 26.65
C LEU F 898 36.49 0.27 27.93
N PRO F 899 37.81 0.47 27.97
CA PRO F 899 38.53 0.34 29.25
C PRO F 899 38.05 1.32 30.29
N ASP F 900 37.36 2.39 29.89
CA ASP F 900 36.81 3.34 30.84
C ASP F 900 35.88 2.68 31.85
N GLY F 901 35.28 1.55 31.49
CA GLY F 901 34.09 1.10 32.17
C GLY F 901 32.82 1.76 31.69
N THR F 902 32.92 2.59 30.63
CA THR F 902 31.77 3.28 30.07
C THR F 902 31.13 2.40 29.01
N PRO F 903 29.93 1.86 29.24
CA PRO F 903 29.31 1.03 28.23
C PRO F 903 28.93 1.83 26.99
N VAL F 904 28.88 1.14 25.86
CA VAL F 904 28.42 1.76 24.62
C VAL F 904 26.90 1.90 24.69
N ASP F 905 26.30 2.49 23.66
CA ASP F 905 24.86 2.71 23.62
C ASP F 905 24.19 1.87 22.54
N ILE F 906 24.54 2.08 21.28
CA ILE F 906 24.00 1.31 20.16
C ILE F 906 25.10 0.46 19.55
N ILE F 907 24.72 -0.73 19.08
CA ILE F 907 25.62 -1.62 18.38
C ILE F 907 25.08 -1.78 16.96
N LEU F 908 25.83 -1.26 15.99
CA LEU F 908 25.41 -1.29 14.60
C LEU F 908 26.09 -2.45 13.87
N ASN F 909 25.31 -3.14 13.04
CA ASN F 909 25.84 -4.26 12.28
C ASN F 909 26.84 -3.77 11.24
N THR F 910 28.02 -4.39 11.21
CA THR F 910 29.07 -3.95 10.30
C THR F 910 28.73 -4.25 8.84
N HIS F 911 28.00 -5.34 8.60
CA HIS F 911 27.77 -5.77 7.22
C HIS F 911 26.91 -4.79 6.43
N GLY F 912 26.14 -3.94 7.11
CA GLY F 912 25.24 -3.04 6.40
C GLY F 912 25.89 -1.77 5.90
N VAL F 913 27.06 -1.41 6.43
CA VAL F 913 27.72 -0.15 6.10
C VAL F 913 28.24 -0.17 4.67
N PRO F 914 29.05 -1.16 4.29
CA PRO F 914 29.71 -1.09 2.97
C PRO F 914 28.75 -1.21 1.80
N ARG F 915 27.72 -2.05 1.93
CA ARG F 915 26.86 -2.36 0.78
C ARG F 915 26.00 -1.17 0.37
N ARG F 916 25.43 -0.46 1.34
CA ARG F 916 24.44 0.56 1.05
C ARG F 916 25.03 1.83 0.45
N MET F 917 26.36 1.95 0.36
CA MET F 917 27.04 3.07 -0.28
C MET F 917 26.89 4.38 0.47
N ASN F 918 26.64 4.34 1.77
CA ASN F 918 26.62 5.55 2.60
C ASN F 918 27.72 5.40 3.64
N ILE F 919 28.87 6.03 3.37
CA ILE F 919 30.01 5.96 4.27
C ILE F 919 30.11 7.18 5.18
N GLY F 920 29.28 8.21 4.96
CA GLY F 920 29.34 9.40 5.79
C GLY F 920 29.07 9.12 7.25
N GLN F 921 28.30 8.07 7.55
CA GLN F 921 28.02 7.74 8.95
C GLN F 921 29.29 7.40 9.70
N ILE F 922 30.23 6.73 9.04
CA ILE F 922 31.51 6.44 9.66
C ILE F 922 32.29 7.73 9.91
N LEU F 923 32.22 8.67 8.97
CA LEU F 923 32.95 9.92 9.12
C LEU F 923 32.44 10.72 10.31
N GLU F 924 31.12 10.88 10.42
CA GLU F 924 30.56 11.58 11.58
C GLU F 924 30.71 10.78 12.86
N THR F 925 30.92 9.47 12.76
CA THR F 925 31.18 8.67 13.95
C THR F 925 32.59 8.93 14.48
N HIS F 926 33.58 8.99 13.59
CA HIS F 926 34.93 9.38 14.01
C HIS F 926 34.95 10.83 14.46
N LEU F 927 34.43 11.73 13.63
CA LEU F 927 34.36 13.14 14.03
C LEU F 927 33.49 13.31 15.27
N GLY F 928 32.45 12.49 15.42
CA GLY F 928 31.65 12.55 16.62
C GLY F 928 32.45 12.31 17.88
N TRP F 929 33.37 11.34 17.83
CA TRP F 929 34.26 11.12 18.95
C TRP F 929 35.31 12.23 19.07
N VAL F 930 35.76 12.77 17.94
CA VAL F 930 36.73 13.87 17.98
C VAL F 930 36.15 15.08 18.69
N ALA F 931 34.90 15.43 18.38
CA ALA F 931 34.27 16.58 19.00
C ALA F 931 33.80 16.30 20.42
N LYS F 932 33.54 15.04 20.77
CA LYS F 932 33.11 14.72 22.13
C LYS F 932 34.19 15.04 23.13
N ALA F 933 35.38 14.47 22.96
CA ALA F 933 36.52 14.76 23.80
C ALA F 933 37.26 15.97 23.25
N GLY F 934 37.89 16.73 24.16
CA GLY F 934 38.70 17.84 23.72
C GLY F 934 39.86 17.38 22.87
N TRP F 935 40.31 18.26 21.97
CA TRP F 935 41.41 17.92 21.07
C TRP F 935 42.30 19.13 20.88
N ASN F 936 43.62 18.90 20.93
CA ASN F 936 44.62 19.95 20.84
C ASN F 936 45.67 19.54 19.83
N ILE F 937 45.94 20.42 18.87
CA ILE F 937 46.96 20.19 17.86
C ILE F 937 48.28 20.74 18.39
N ASP F 938 49.32 19.91 18.36
CA ASP F 938 50.65 20.37 18.78
C ASP F 938 51.08 21.56 17.94
N VAL F 939 51.13 21.39 16.62
CA VAL F 939 51.39 22.49 15.68
C VAL F 939 52.87 22.85 15.68
N ALA F 940 53.56 22.57 16.77
CA ALA F 940 54.99 22.88 16.88
C ALA F 940 55.26 24.31 16.43
N ALA F 941 56.32 24.50 15.65
CA ALA F 941 56.64 25.82 15.11
C ALA F 941 56.15 25.97 13.67
N GLY F 942 56.32 24.93 12.86
CA GLY F 942 55.99 24.93 11.46
C GLY F 942 54.61 24.43 11.07
N VAL F 943 53.84 23.87 12.00
CA VAL F 943 52.48 23.40 11.71
C VAL F 943 52.56 22.14 10.86
N PRO F 944 51.65 21.19 11.04
CA PRO F 944 51.57 20.05 10.11
C PRO F 944 50.98 20.48 8.79
N ASP F 945 51.57 19.95 7.72
CA ASP F 945 51.18 20.29 6.37
C ASP F 945 49.78 19.81 6.13
N TRP F 946 49.35 18.86 6.95
CA TRP F 946 48.00 18.39 6.81
C TRP F 946 47.09 19.58 7.06
N ALA F 947 47.59 20.58 7.78
CA ALA F 947 46.85 21.78 8.11
C ALA F 947 47.15 22.99 7.21
N SER F 948 47.81 22.79 6.07
CA SER F 948 48.12 23.91 5.20
C SER F 948 46.85 24.58 4.77
N LYS F 949 45.88 23.78 4.40
CA LYS F 949 44.58 24.27 4.03
C LYS F 949 43.70 24.02 5.25
N LEU F 950 44.31 23.94 6.42
CA LEU F 950 43.60 23.61 7.63
C LEU F 950 42.64 24.61 8.11
N PRO F 951 41.87 24.09 9.13
CA PRO F 951 40.86 25.00 9.64
C PRO F 951 41.52 26.13 10.33
N GLU F 952 40.94 27.29 10.20
CA GLU F 952 41.50 28.45 10.89
C GLU F 952 41.20 28.58 12.38
N GLU F 953 42.27 28.71 13.17
CA GLU F 953 42.17 28.90 14.60
C GLU F 953 41.19 27.91 15.19
N LEU F 954 41.30 26.68 14.78
CA LEU F 954 40.42 25.66 15.28
C LEU F 954 41.26 24.65 16.00
N TYR F 955 42.56 24.84 15.87
CA TYR F 955 43.52 23.89 16.42
C TYR F 955 43.09 23.40 17.80
N SER F 956 42.77 24.31 18.70
CA SER F 956 42.33 23.92 20.04
C SER F 956 40.82 23.79 20.08
N ALA F 957 40.33 23.21 21.18
CA ALA F 957 38.90 23.00 21.40
C ALA F 957 38.69 22.23 22.69
N PRO F 958 37.73 22.63 23.51
CA PRO F 958 37.51 21.95 24.79
C PRO F 958 36.77 20.62 24.59
N ALA F 959 36.48 19.96 25.70
CA ALA F 959 35.74 18.71 25.67
C ALA F 959 34.26 18.97 25.42
N ASP F 960 33.61 18.04 24.73
CA ASP F 960 32.19 18.15 24.42
C ASP F 960 31.92 19.37 23.55
N SER F 961 32.82 19.64 22.61
CA SER F 961 32.69 20.80 21.74
C SER F 961 31.80 20.47 20.54
N THR F 962 31.02 21.46 20.12
CA THR F 962 30.20 21.32 18.92
C THR F 962 30.98 21.79 17.70
N VAL F 963 30.87 21.03 16.62
CA VAL F 963 31.58 21.32 15.38
C VAL F 963 30.60 21.31 14.23
N ALA F 964 30.91 22.08 13.19
CA ALA F 964 30.06 22.21 12.01
C ALA F 964 30.85 21.82 10.77
N THR F 965 30.27 20.93 9.96
CA THR F 965 30.87 20.47 8.71
C THR F 965 29.90 20.77 7.58
N PRO F 966 29.96 21.98 7.00
CA PRO F 966 29.10 22.29 5.84
C PRO F 966 29.27 21.22 4.76
N VAL F 967 28.21 21.03 3.98
CA VAL F 967 28.13 19.94 3.02
C VAL F 967 29.38 19.88 2.14
N PHE F 968 29.50 20.81 1.19
CA PHE F 968 30.56 20.76 0.20
C PHE F 968 31.77 21.60 0.57
N ASP F 969 31.75 22.26 1.73
CA ASP F 969 32.93 22.81 2.38
C ASP F 969 32.96 22.14 3.77
N GLY F 970 33.56 20.96 3.83
CA GLY F 970 33.53 20.17 5.05
C GLY F 970 34.89 19.86 5.63
N ALA F 971 34.89 18.97 6.62
CA ALA F 971 36.13 18.46 7.19
C ALA F 971 36.62 17.31 6.32
N GLN F 972 37.78 17.49 5.70
CA GLN F 972 38.26 16.55 4.71
C GLN F 972 38.92 15.35 5.37
N GLU F 973 39.35 14.39 4.54
CA GLU F 973 39.88 13.13 5.04
C GLU F 973 41.18 13.34 5.81
N GLY F 974 42.10 14.13 5.25
CA GLY F 974 43.37 14.36 5.94
C GLY F 974 43.18 14.97 7.31
N GLU F 975 42.22 15.89 7.45
CA GLU F 975 41.97 16.52 8.74
C GLU F 975 41.40 15.53 9.73
N LEU F 976 40.50 14.64 9.28
CA LEU F 976 39.91 13.67 10.18
C LEU F 976 40.98 12.78 10.82
N ALA F 977 41.91 12.28 10.02
CA ALA F 977 42.99 11.46 10.56
C ALA F 977 43.81 12.25 11.57
N GLY F 978 44.21 13.47 11.20
CA GLY F 978 44.94 14.31 12.14
C GLY F 978 44.13 14.71 13.34
N LEU F 979 42.81 14.86 13.17
CA LEU F 979 41.95 15.20 14.30
C LEU F 979 41.81 14.04 15.27
N LEU F 980 41.95 12.80 14.80
CA LEU F 980 41.87 11.66 15.71
C LEU F 980 42.97 11.73 16.76
N GLY F 981 44.19 12.12 16.38
CA GLY F 981 45.20 12.41 17.36
C GLY F 981 44.80 13.65 18.13
N SER F 982 44.57 13.49 19.43
CA SER F 982 43.97 14.57 20.21
C SER F 982 44.02 14.15 21.67
N THR F 983 43.58 15.06 22.53
CA THR F 983 43.54 14.81 23.97
C THR F 983 42.43 13.83 24.30
N LEU F 984 42.77 12.81 25.10
CA LEU F 984 41.82 11.79 25.53
C LEU F 984 42.08 11.47 26.99
N PRO F 985 41.80 12.42 27.90
CA PRO F 985 41.99 12.15 29.33
C PRO F 985 40.75 11.55 29.97
N ASN F 986 40.63 10.23 29.94
CA ASN F 986 39.49 9.52 30.54
C ASN F 986 39.71 9.45 32.05
N ARG F 987 39.31 10.51 32.75
CA ARG F 987 39.51 10.62 34.20
C ARG F 987 40.98 10.58 34.58
N ASP F 988 41.81 9.97 33.73
CA ASP F 988 43.24 9.83 33.96
C ASP F 988 43.94 10.13 32.63
N GLY F 989 45.22 9.76 32.54
CA GLY F 989 45.99 10.08 31.34
C GLY F 989 45.71 9.20 30.15
N GLU F 990 45.01 8.08 30.33
CA GLU F 990 44.84 7.09 29.27
C GLU F 990 43.86 7.57 28.21
N VAL F 991 44.22 7.34 26.94
CA VAL F 991 43.40 7.67 25.79
C VAL F 991 42.66 6.41 25.35
N MET F 992 41.38 6.57 25.02
CA MET F 992 40.51 5.44 24.73
C MET F 992 40.30 5.17 23.25
N VAL F 993 40.86 6.00 22.37
CA VAL F 993 40.72 5.81 20.93
C VAL F 993 42.05 6.13 20.26
N ASP F 994 42.49 5.26 19.37
CA ASP F 994 43.74 5.45 18.66
C ASP F 994 43.54 6.39 17.47
N ALA F 995 44.63 6.64 16.73
CA ALA F 995 44.55 7.47 15.54
C ALA F 995 43.74 6.82 14.43
N ASP F 996 43.56 5.49 14.48
CA ASP F 996 42.75 4.78 13.51
C ASP F 996 41.28 4.74 13.91
N GLY F 997 40.91 5.31 15.04
CA GLY F 997 39.52 5.39 15.44
C GLY F 997 38.93 4.11 16.01
N LYS F 998 39.75 3.10 16.29
CA LYS F 998 39.30 1.84 16.85
C LYS F 998 39.79 1.70 18.29
N SER F 999 38.92 1.15 19.14
CA SER F 999 39.25 0.89 20.54
C SER F 999 39.05 -0.59 20.85
N THR F 1000 39.69 -1.04 21.92
CA THR F 1000 39.60 -2.43 22.35
C THR F 1000 38.46 -2.55 23.35
N LEU F 1001 37.35 -3.14 22.93
CA LEU F 1001 36.18 -3.24 23.79
C LEU F 1001 36.27 -4.46 24.70
N PHE F 1002 35.58 -4.37 25.84
CA PHE F 1002 35.48 -5.46 26.79
C PHE F 1002 34.06 -6.00 26.79
N ASP F 1003 33.92 -7.31 26.61
CA ASP F 1003 32.62 -7.95 26.72
C ASP F 1003 32.20 -8.00 28.19
N GLY F 1004 31.08 -7.35 28.50
CA GLY F 1004 30.58 -7.38 29.86
C GLY F 1004 29.91 -8.69 30.23
N ARG F 1005 29.41 -9.43 29.24
CA ARG F 1005 28.75 -10.69 29.51
C ARG F 1005 29.79 -11.78 29.80
N SER F 1006 30.77 -11.93 28.91
CA SER F 1006 31.77 -12.97 29.07
C SER F 1006 32.82 -12.57 30.11
N GLY F 1007 33.28 -11.33 30.08
CA GLY F 1007 34.31 -10.85 30.97
C GLY F 1007 35.68 -10.75 30.34
N GLU F 1008 35.83 -11.13 29.08
CA GLU F 1008 37.11 -11.08 28.38
C GLU F 1008 37.05 -10.05 27.25
N PRO F 1009 38.18 -9.45 26.89
CA PRO F 1009 38.18 -8.45 25.83
C PRO F 1009 37.96 -9.08 24.46
N PHE F 1010 37.41 -8.29 23.55
CA PHE F 1010 37.18 -8.77 22.19
C PHE F 1010 38.52 -8.94 21.48
N PRO F 1011 38.60 -9.91 20.55
CA PRO F 1011 39.92 -10.25 19.99
C PRO F 1011 40.53 -9.16 19.14
N TYR F 1012 39.73 -8.33 18.48
CA TYR F 1012 40.24 -7.32 17.58
C TYR F 1012 39.75 -5.93 17.97
N PRO F 1013 40.42 -4.88 17.52
CA PRO F 1013 39.92 -3.53 17.77
C PRO F 1013 38.69 -3.24 16.93
N VAL F 1014 37.74 -2.52 17.52
CA VAL F 1014 36.48 -2.20 16.86
C VAL F 1014 36.34 -0.68 16.79
N THR F 1015 35.54 -0.24 15.82
CA THR F 1015 35.29 1.18 15.62
C THR F 1015 34.22 1.66 16.60
N VAL F 1016 34.56 2.67 17.41
CA VAL F 1016 33.63 3.28 18.33
C VAL F 1016 33.62 4.78 18.08
N GLY F 1017 32.52 5.40 18.48
CA GLY F 1017 32.37 6.84 18.30
C GLY F 1017 30.97 7.29 18.67
N TYR F 1018 30.73 8.57 18.44
CA TYR F 1018 29.46 9.21 18.74
C TYR F 1018 28.77 9.57 17.43
N MET F 1019 27.66 8.90 17.14
CA MET F 1019 26.84 9.21 15.99
C MET F 1019 25.57 9.93 16.44
N TYR F 1020 24.77 10.38 15.47
CA TYR F 1020 23.53 11.10 15.74
C TYR F 1020 22.38 10.31 15.13
N ILE F 1021 21.51 9.76 15.98
CA ILE F 1021 20.41 8.93 15.55
C ILE F 1021 19.09 9.58 15.98
N LEU F 1022 18.04 9.30 15.21
CA LEU F 1022 16.73 9.91 15.42
C LEU F 1022 15.69 8.85 15.71
N LYS F 1023 14.72 9.20 16.54
CA LYS F 1023 13.55 8.35 16.78
C LYS F 1023 12.47 8.70 15.77
N LEU F 1024 11.95 7.70 15.08
CA LEU F 1024 11.00 7.91 14.00
C LEU F 1024 9.58 7.58 14.45
N HIS F 1025 8.61 8.22 13.79
CA HIS F 1025 7.21 8.14 14.20
C HIS F 1025 6.62 6.73 14.04
N HIS F 1026 7.37 5.80 13.47
CA HIS F 1026 6.90 4.42 13.31
C HIS F 1026 7.21 3.66 14.60
N LEU F 1027 6.15 3.31 15.35
CA LEU F 1027 6.30 2.71 16.67
C LEU F 1027 5.49 1.42 16.73
N VAL F 1028 5.97 0.48 17.55
CA VAL F 1028 5.31 -0.82 17.65
C VAL F 1028 3.93 -0.69 18.29
N ASP F 1029 3.81 0.18 19.30
CA ASP F 1029 2.54 0.33 20.00
C ASP F 1029 1.43 0.72 19.04
N ASP F 1030 1.75 1.45 17.97
CA ASP F 1030 0.72 1.84 17.00
C ASP F 1030 0.46 0.74 15.98
N LYS F 1031 1.48 -0.05 15.64
CA LYS F 1031 1.38 -0.97 14.51
C LYS F 1031 0.87 -2.35 14.90
N ILE F 1032 1.10 -2.76 16.14
CA ILE F 1032 0.63 -4.07 16.59
C ILE F 1032 -0.88 -4.12 16.53
N HIS F 1033 -1.42 -5.18 15.93
CA HIS F 1033 -2.86 -5.35 15.82
C HIS F 1033 -3.17 -6.84 15.89
N ALA F 1034 -4.25 -7.17 16.59
CA ALA F 1034 -4.70 -8.55 16.72
C ALA F 1034 -6.22 -8.58 16.77
N ARG F 1035 -6.80 -9.64 16.22
CA ARG F 1035 -8.25 -9.74 16.12
C ARG F 1035 -8.65 -11.21 16.08
N SER F 1036 -9.73 -11.53 16.81
CA SER F 1036 -10.38 -12.84 16.73
C SER F 1036 -11.74 -12.73 16.07
N THR F 1037 -12.66 -11.98 16.67
CA THR F 1037 -13.94 -11.65 16.06
C THR F 1037 -14.20 -10.17 16.26
N GLY F 1038 -14.85 -9.55 15.27
CA GLY F 1038 -15.12 -8.13 15.33
C GLY F 1038 -16.21 -7.69 14.38
N PRO F 1039 -16.21 -6.40 14.03
CA PRO F 1039 -17.26 -5.87 13.15
C PRO F 1039 -17.14 -6.45 11.75
N TYR F 1040 -18.28 -6.67 11.11
CA TYR F 1040 -18.35 -7.23 9.78
C TYR F 1040 -18.95 -6.22 8.81
N SER F 1041 -18.59 -6.35 7.54
CA SER F 1041 -19.11 -5.45 6.52
C SER F 1041 -20.58 -5.76 6.24
N MET F 1042 -21.29 -4.75 5.73
CA MET F 1042 -22.74 -4.86 5.59
C MET F 1042 -23.13 -5.63 4.35
N ILE F 1043 -22.66 -5.19 3.17
CA ILE F 1043 -23.03 -5.87 1.93
C ILE F 1043 -22.42 -7.26 1.88
N THR F 1044 -21.10 -7.35 2.03
CA THR F 1044 -20.41 -8.62 2.17
C THR F 1044 -20.04 -8.84 3.63
N GLN F 1045 -20.19 -10.07 4.10
CA GLN F 1045 -20.00 -10.36 5.52
C GLN F 1045 -18.54 -10.44 5.93
N GLN F 1046 -17.60 -10.15 5.02
CA GLN F 1046 -16.20 -10.17 5.39
C GLN F 1046 -15.92 -9.10 6.45
N PRO F 1047 -14.93 -9.32 7.32
CA PRO F 1047 -14.52 -8.26 8.25
C PRO F 1047 -14.01 -7.03 7.51
N LEU F 1048 -13.63 -6.00 8.24
CA LEU F 1048 -13.15 -4.76 7.66
C LEU F 1048 -11.64 -4.65 7.85
N GLY F 1049 -11.06 -3.56 7.34
CA GLY F 1049 -9.65 -3.29 7.45
C GLY F 1049 -9.34 -2.18 8.44
N GLY F 1050 -8.04 -2.01 8.69
CA GLY F 1050 -7.57 -0.98 9.59
C GLY F 1050 -7.67 -1.34 11.05
N LYS F 1051 -6.78 -0.77 11.88
CA LYS F 1051 -6.82 -1.02 13.31
C LYS F 1051 -7.90 -0.20 13.99
N ALA F 1052 -8.22 0.98 13.46
CA ALA F 1052 -9.29 1.79 14.03
C ALA F 1052 -10.61 1.05 14.01
N GLN F 1053 -10.87 0.30 12.95
CA GLN F 1053 -12.08 -0.51 12.84
C GLN F 1053 -11.93 -1.88 13.50
N PHE F 1054 -10.77 -2.19 14.06
CA PHE F 1054 -10.52 -3.48 14.70
C PHE F 1054 -10.68 -4.62 13.69
N GLY F 1055 -10.27 -4.36 12.44
CA GLY F 1055 -10.47 -5.31 11.38
C GLY F 1055 -9.41 -6.39 11.33
N GLY F 1056 -9.62 -7.34 10.41
CA GLY F 1056 -8.71 -8.44 10.22
C GLY F 1056 -7.81 -8.25 9.02
N GLN F 1057 -6.80 -9.12 8.94
CA GLN F 1057 -5.84 -9.05 7.86
C GLN F 1057 -6.45 -9.57 6.55
N ARG F 1058 -6.10 -8.93 5.44
CA ARG F 1058 -6.58 -9.36 4.14
C ARG F 1058 -5.75 -10.52 3.63
N PHE F 1059 -6.40 -11.63 3.30
CA PHE F 1059 -5.76 -12.77 2.66
C PHE F 1059 -6.06 -12.65 1.17
N GLY F 1060 -5.05 -12.22 0.40
CA GLY F 1060 -5.26 -11.76 -0.95
C GLY F 1060 -5.02 -12.82 -2.00
N GLU F 1061 -5.08 -12.37 -3.26
CA GLU F 1061 -4.93 -13.27 -4.40
C GLU F 1061 -3.55 -13.93 -4.41
N MET F 1062 -2.50 -13.14 -4.17
CA MET F 1062 -1.16 -13.70 -4.18
C MET F 1062 -0.92 -14.63 -3.00
N GLU F 1063 -1.56 -14.36 -1.86
CA GLU F 1063 -1.42 -15.26 -0.71
C GLU F 1063 -2.14 -16.57 -0.94
N CYS F 1064 -3.24 -16.56 -1.70
CA CYS F 1064 -3.91 -17.80 -2.04
C CYS F 1064 -3.07 -18.65 -2.97
N TRP F 1065 -2.29 -18.01 -3.86
CA TRP F 1065 -1.38 -18.77 -4.71
C TRP F 1065 -0.37 -19.54 -3.88
N ALA F 1066 0.21 -18.88 -2.87
CA ALA F 1066 1.15 -19.57 -1.99
C ALA F 1066 0.47 -20.70 -1.23
N MET F 1067 -0.80 -20.52 -0.86
CA MET F 1067 -1.53 -21.57 -0.16
C MET F 1067 -1.81 -22.75 -1.08
N GLN F 1068 -2.06 -22.48 -2.37
CA GLN F 1068 -2.32 -23.55 -3.32
C GLN F 1068 -1.03 -24.25 -3.75
N ALA F 1069 0.10 -23.53 -3.74
CA ALA F 1069 1.36 -24.16 -4.09
C ALA F 1069 1.74 -25.25 -3.10
N TYR F 1070 1.52 -24.99 -1.81
CA TYR F 1070 1.72 -26.04 -0.80
C TYR F 1070 0.76 -27.20 -1.01
N GLY F 1071 -0.40 -26.94 -1.60
CA GLY F 1071 -1.39 -27.98 -1.80
C GLY F 1071 -2.24 -28.26 -0.58
N ALA F 1072 -2.51 -27.25 0.24
CA ALA F 1072 -3.34 -27.40 1.43
C ALA F 1072 -4.72 -26.85 1.14
N ALA F 1073 -5.70 -27.74 0.97
CA ALA F 1073 -7.04 -27.32 0.62
C ALA F 1073 -7.84 -26.89 1.84
N TYR F 1074 -7.70 -27.60 2.96
CA TYR F 1074 -8.50 -27.31 4.13
C TYR F 1074 -8.12 -25.96 4.75
N THR F 1075 -6.82 -25.65 4.79
CA THR F 1075 -6.40 -24.36 5.32
C THR F 1075 -6.91 -23.22 4.46
N LEU F 1076 -6.92 -23.41 3.14
CA LEU F 1076 -7.41 -22.37 2.25
C LEU F 1076 -8.93 -22.21 2.36
N GLN F 1077 -9.66 -23.33 2.32
CA GLN F 1077 -11.11 -23.26 2.47
C GLN F 1077 -11.49 -22.65 3.82
N GLU F 1078 -10.76 -23.01 4.88
CA GLU F 1078 -11.04 -22.45 6.19
C GLU F 1078 -10.93 -20.93 6.18
N LEU F 1079 -9.89 -20.40 5.54
CA LEU F 1079 -9.68 -18.96 5.55
C LEU F 1079 -10.78 -18.23 4.79
N LEU F 1080 -11.30 -18.82 3.73
CA LEU F 1080 -12.24 -18.15 2.84
C LEU F 1080 -13.70 -18.48 3.13
N THR F 1081 -13.97 -19.27 4.17
CA THR F 1081 -15.35 -19.61 4.49
C THR F 1081 -15.70 -19.24 5.93
N ILE F 1082 -15.28 -20.08 6.89
CA ILE F 1082 -15.62 -19.84 8.30
C ILE F 1082 -14.80 -18.71 8.89
N LYS F 1083 -13.63 -18.40 8.32
CA LYS F 1083 -12.84 -17.29 8.84
C LYS F 1083 -13.40 -15.94 8.44
N SER F 1084 -14.23 -15.89 7.39
CA SER F 1084 -14.65 -14.60 6.84
C SER F 1084 -16.13 -14.56 6.48
N ASP F 1085 -16.50 -15.19 5.36
CA ASP F 1085 -17.77 -14.90 4.69
C ASP F 1085 -18.92 -15.81 5.11
N ASP F 1086 -18.67 -16.88 5.85
CA ASP F 1086 -19.74 -17.81 6.19
C ASP F 1086 -20.49 -17.29 7.41
N THR F 1087 -21.75 -16.88 7.21
CA THR F 1087 -22.51 -16.26 8.29
C THR F 1087 -22.80 -17.26 9.41
N VAL F 1088 -23.32 -18.44 9.06
CA VAL F 1088 -23.64 -19.45 10.07
C VAL F 1088 -22.42 -20.22 10.53
N GLY F 1089 -21.35 -20.24 9.74
CA GLY F 1089 -20.18 -21.03 10.10
C GLY F 1089 -19.30 -20.39 11.15
N ARG F 1090 -19.23 -19.05 11.17
CA ARG F 1090 -18.36 -18.37 12.11
C ARG F 1090 -18.90 -18.47 13.54
N VAL F 1091 -20.21 -18.32 13.71
CA VAL F 1091 -20.80 -18.46 15.05
C VAL F 1091 -20.72 -19.89 15.53
N LYS F 1092 -20.84 -20.86 14.61
CA LYS F 1092 -20.74 -22.27 15.00
C LYS F 1092 -19.30 -22.64 15.34
N VAL F 1093 -18.33 -22.10 14.61
CA VAL F 1093 -16.93 -22.34 14.94
C VAL F 1093 -16.61 -21.77 16.31
N TYR F 1094 -17.09 -20.55 16.59
CA TYR F 1094 -16.90 -19.98 17.91
C TYR F 1094 -17.59 -20.83 18.98
N GLU F 1095 -18.76 -21.37 18.65
CA GLU F 1095 -19.46 -22.26 19.57
C GLU F 1095 -18.70 -23.57 19.77
N ALA F 1096 -18.01 -24.05 18.75
CA ALA F 1096 -17.26 -25.30 18.87
C ALA F 1096 -16.00 -25.11 19.71
N ILE F 1097 -15.30 -23.98 19.52
CA ILE F 1097 -14.08 -23.74 20.27
C ILE F 1097 -14.39 -23.56 21.74
N VAL F 1098 -15.41 -22.77 22.06
CA VAL F 1098 -15.76 -22.51 23.46
C VAL F 1098 -16.23 -23.79 24.13
N LYS F 1099 -16.98 -24.63 23.40
CA LYS F 1099 -17.44 -25.91 23.92
C LYS F 1099 -16.40 -27.01 23.82
N GLY F 1100 -15.24 -26.75 23.25
CA GLY F 1100 -14.25 -27.81 23.13
C GLY F 1100 -14.54 -28.83 22.06
N GLU F 1101 -15.63 -28.67 21.31
CA GLU F 1101 -15.97 -29.61 20.27
C GLU F 1101 -15.07 -29.41 19.06
N ASN F 1102 -15.30 -30.21 18.02
CA ASN F 1102 -14.56 -30.10 16.79
C ASN F 1102 -15.10 -28.97 15.93
N ILE F 1103 -14.25 -28.42 15.08
CA ILE F 1103 -14.68 -27.36 14.16
C ILE F 1103 -15.63 -27.96 13.12
N PRO F 1104 -16.78 -27.35 12.87
CA PRO F 1104 -17.76 -27.92 11.94
C PRO F 1104 -17.32 -27.73 10.50
N GLU F 1105 -18.16 -28.22 9.59
CA GLU F 1105 -17.87 -28.17 8.16
C GLU F 1105 -18.27 -26.82 7.58
N PRO F 1106 -17.43 -26.23 6.75
CA PRO F 1106 -17.70 -24.87 6.25
C PRO F 1106 -18.92 -24.83 5.34
N GLY F 1107 -19.44 -23.61 5.17
CA GLY F 1107 -20.58 -23.37 4.31
C GLY F 1107 -20.19 -22.65 3.03
N ILE F 1108 -21.11 -21.87 2.48
CA ILE F 1108 -20.89 -21.13 1.25
C ILE F 1108 -20.56 -19.68 1.60
N PRO F 1109 -19.51 -19.09 1.03
CA PRO F 1109 -19.20 -17.69 1.33
C PRO F 1109 -20.33 -16.77 0.92
N GLU F 1110 -20.70 -15.86 1.81
CA GLU F 1110 -21.85 -14.98 1.55
C GLU F 1110 -21.63 -14.14 0.30
N SER F 1111 -20.39 -13.74 0.02
CA SER F 1111 -20.13 -12.89 -1.14
C SER F 1111 -20.50 -13.60 -2.44
N PHE F 1112 -20.47 -14.93 -2.45
CA PHE F 1112 -20.85 -15.66 -3.66
C PHE F 1112 -22.35 -15.53 -3.93
N LYS F 1113 -23.18 -15.61 -2.89
CA LYS F 1113 -24.60 -15.37 -3.06
C LYS F 1113 -24.85 -13.96 -3.59
N VAL F 1114 -24.11 -12.98 -3.06
CA VAL F 1114 -24.20 -11.61 -3.59
C VAL F 1114 -23.80 -11.58 -5.06
N LEU F 1115 -22.80 -12.39 -5.42
CA LEU F 1115 -22.37 -12.44 -6.81
C LEU F 1115 -23.49 -12.92 -7.73
N LEU F 1116 -24.22 -13.96 -7.30
CA LEU F 1116 -25.34 -14.43 -8.10
C LEU F 1116 -26.42 -13.36 -8.23
N LYS F 1117 -26.75 -12.68 -7.13
CA LYS F 1117 -27.78 -11.66 -7.18
C LYS F 1117 -27.35 -10.50 -8.07
N GLU F 1118 -26.07 -10.14 -8.04
CA GLU F 1118 -25.58 -9.09 -8.92
C GLU F 1118 -25.72 -9.50 -10.38
N LEU F 1119 -25.42 -10.76 -10.69
CA LEU F 1119 -25.56 -11.23 -12.07
C LEU F 1119 -27.02 -11.23 -12.50
N GLN F 1120 -27.93 -11.55 -11.59
CA GLN F 1120 -29.35 -11.55 -11.93
C GLN F 1120 -29.86 -10.14 -12.21
N SER F 1121 -29.24 -9.13 -11.59
CA SER F 1121 -29.63 -7.75 -11.86
C SER F 1121 -29.25 -7.33 -13.28
N LEU F 1122 -28.15 -7.87 -13.81
CA LEU F 1122 -27.78 -7.61 -15.20
C LEU F 1122 -28.66 -8.33 -16.20
N CYS F 1123 -29.67 -9.09 -15.73
CA CYS F 1123 -30.56 -9.84 -16.61
C CYS F 1123 -29.88 -11.09 -17.15
N LEU F 1124 -28.88 -11.61 -16.44
CA LEU F 1124 -28.25 -12.87 -16.77
C LEU F 1124 -28.87 -13.96 -15.91
N ASN F 1125 -29.54 -14.92 -16.56
CA ASN F 1125 -30.14 -16.03 -15.85
C ASN F 1125 -29.05 -16.99 -15.40
N VAL F 1126 -28.84 -17.09 -14.09
CA VAL F 1126 -27.80 -17.92 -13.51
C VAL F 1126 -28.44 -18.95 -12.60
N GLU F 1127 -27.96 -20.19 -12.68
CA GLU F 1127 -28.50 -21.30 -11.90
C GLU F 1127 -27.37 -22.22 -11.46
N VAL F 1128 -27.35 -22.54 -10.17
CA VAL F 1128 -26.47 -23.58 -9.66
C VAL F 1128 -27.27 -24.88 -9.62
N LEU F 1129 -26.83 -25.87 -10.38
CA LEU F 1129 -27.57 -27.10 -10.56
C LEU F 1129 -26.75 -28.30 -10.10
N SER F 1130 -27.45 -29.29 -9.55
CA SER F 1130 -26.80 -30.54 -9.16
C SER F 1130 -26.47 -31.36 -10.40
N SER F 1131 -25.47 -32.24 -10.28
CA SER F 1131 -25.09 -33.10 -11.39
C SER F 1131 -26.29 -33.90 -11.88
N ASP F 1132 -27.08 -34.43 -10.96
CA ASP F 1132 -28.28 -35.17 -11.31
C ASP F 1132 -29.50 -34.25 -11.26
N GLY F 1133 -30.43 -34.46 -12.18
CA GLY F 1133 -31.67 -33.70 -12.14
C GLY F 1133 -31.47 -32.28 -12.62
N ALA F 1134 -32.02 -31.33 -11.86
CA ALA F 1134 -32.05 -29.94 -12.27
C ALA F 1134 -31.43 -29.01 -11.24
N ALA F 1135 -31.64 -27.71 -11.41
CA ALA F 1135 -30.98 -26.70 -10.59
C ALA F 1135 -31.55 -26.69 -9.17
N ILE F 1136 -30.79 -26.07 -8.27
CA ILE F 1136 -31.17 -25.92 -6.87
C ILE F 1136 -31.09 -24.43 -6.51
N GLU F 1137 -31.67 -24.10 -5.37
CA GLU F 1137 -31.73 -22.71 -4.89
C GLU F 1137 -30.91 -22.55 -3.62
N MET F 1138 -30.00 -21.57 -3.63
CA MET F 1138 -29.29 -21.22 -2.41
C MET F 1138 -30.25 -20.68 -1.36
N ARG F 1139 -31.29 -19.97 -1.79
CA ARG F 1139 -32.27 -19.43 -0.86
C ARG F 1139 -33.57 -19.21 -1.62
N ASP F 1140 -34.36 -18.23 -1.20
CA ASP F 1140 -35.62 -17.90 -1.87
C ASP F 1140 -35.45 -17.83 -3.38
N GLY F 1141 -34.31 -17.34 -3.83
CA GLY F 1141 -34.02 -17.26 -5.25
C GLY F 1141 -32.56 -17.52 -5.51
N ASP F 1142 -32.27 -18.02 -6.71
CA ASP F 1142 -30.90 -18.33 -7.10
C ASP F 1142 -30.70 -18.20 -8.60
N VAL G 4 -25.32 -26.83 1.39
CA VAL G 4 -24.91 -28.14 0.91
C VAL G 4 -23.49 -28.06 0.34
N ASN G 5 -23.29 -27.09 -0.55
CA ASN G 5 -21.97 -26.80 -1.11
C ASN G 5 -21.41 -27.97 -1.92
N PHE G 6 -22.28 -28.81 -2.46
CA PHE G 6 -21.88 -29.85 -3.40
C PHE G 6 -22.89 -29.83 -4.55
N PHE G 7 -22.51 -29.15 -5.65
CA PHE G 7 -23.29 -29.14 -6.88
C PHE G 7 -22.31 -29.09 -8.03
N ASP G 8 -22.57 -29.91 -9.05
CA ASP G 8 -21.59 -30.11 -10.12
C ASP G 8 -21.35 -28.84 -10.92
N GLU G 9 -22.42 -28.26 -11.48
CA GLU G 9 -22.28 -27.20 -12.47
C GLU G 9 -23.21 -26.04 -12.14
N LEU G 10 -22.85 -24.87 -12.67
CA LEU G 10 -23.68 -23.68 -12.61
C LEU G 10 -23.77 -23.09 -14.00
N ARG G 11 -24.98 -22.97 -14.52
CA ARG G 11 -25.20 -22.54 -15.91
C ARG G 11 -25.64 -21.08 -15.95
N ILE G 12 -25.24 -20.40 -17.03
CA ILE G 12 -25.59 -19.01 -17.24
C ILE G 12 -26.45 -18.90 -18.49
N GLY G 13 -26.89 -17.68 -18.81
CA GLY G 13 -27.71 -17.48 -19.99
C GLY G 13 -28.35 -16.11 -19.97
N LEU G 14 -29.40 -15.96 -20.79
CA LEU G 14 -30.15 -14.71 -20.86
C LEU G 14 -31.47 -14.84 -20.13
N ALA G 15 -31.87 -13.79 -19.43
CA ALA G 15 -33.11 -13.76 -18.67
C ALA G 15 -34.19 -13.09 -19.52
N THR G 16 -35.19 -13.86 -19.92
CA THR G 16 -36.31 -13.31 -20.66
C THR G 16 -37.19 -12.48 -19.72
N ALA G 17 -38.02 -11.63 -20.34
CA ALA G 17 -38.92 -10.78 -19.55
C ALA G 17 -39.76 -11.60 -18.59
N ASP G 18 -40.11 -12.84 -18.96
CA ASP G 18 -40.87 -13.69 -18.07
C ASP G 18 -39.99 -14.20 -16.92
N ASP G 19 -38.74 -14.54 -17.21
CA ASP G 19 -37.83 -14.93 -16.15
C ASP G 19 -37.67 -13.83 -15.12
N ILE G 20 -37.55 -12.57 -15.58
CA ILE G 20 -37.42 -11.45 -14.67
C ILE G 20 -38.71 -11.26 -13.86
N ARG G 21 -39.86 -11.47 -14.51
CA ARG G 21 -41.12 -11.34 -13.79
C ARG G 21 -41.31 -12.44 -12.76
N ASN G 22 -40.79 -13.64 -13.03
CA ASN G 22 -40.89 -14.72 -12.06
C ASN G 22 -39.97 -14.50 -10.87
N TRP G 23 -38.79 -13.91 -11.09
CA TRP G 23 -37.91 -13.57 -9.98
C TRP G 23 -38.56 -12.54 -9.08
N SER G 24 -39.19 -11.53 -9.65
CA SER G 24 -39.67 -10.39 -8.88
C SER G 24 -40.82 -10.77 -7.96
N TYR G 25 -40.83 -10.17 -6.78
CA TYR G 25 -41.91 -10.30 -5.82
C TYR G 25 -42.89 -9.14 -5.89
N GLY G 26 -42.72 -8.25 -6.85
CA GLY G 26 -43.58 -7.11 -7.01
C GLY G 26 -42.93 -6.04 -7.85
N GLU G 27 -43.77 -5.15 -8.36
CA GLU G 27 -43.32 -4.02 -9.18
C GLU G 27 -43.16 -2.79 -8.31
N VAL G 28 -41.99 -2.16 -8.40
CA VAL G 28 -41.73 -0.90 -7.71
C VAL G 28 -42.32 0.22 -8.56
N LYS G 29 -43.33 0.90 -8.03
CA LYS G 29 -44.10 1.88 -8.79
C LYS G 29 -43.69 3.32 -8.50
N LYS G 30 -42.76 3.55 -7.58
CA LYS G 30 -42.46 4.92 -7.18
C LYS G 30 -40.97 5.02 -6.86
N PRO G 31 -40.34 6.17 -7.16
CA PRO G 31 -38.92 6.38 -6.83
C PRO G 31 -38.71 6.93 -5.41
N GLU G 32 -39.32 6.28 -4.43
CA GLU G 32 -39.24 6.70 -3.05
C GLU G 32 -38.44 5.70 -2.24
N THR G 33 -37.61 6.20 -1.33
CA THR G 33 -36.77 5.34 -0.49
C THR G 33 -37.39 5.15 0.88
N ILE G 34 -37.37 6.20 1.70
CA ILE G 34 -37.93 6.14 3.05
C ILE G 34 -38.63 7.46 3.35
N ASN G 35 -39.61 7.39 4.25
CA ASN G 35 -40.33 8.59 4.67
C ASN G 35 -39.35 9.57 5.32
N TYR G 36 -39.53 10.86 5.03
CA TYR G 36 -38.62 11.88 5.55
C TYR G 36 -38.79 12.09 7.04
N ARG G 37 -39.94 11.73 7.60
CA ARG G 37 -40.20 11.88 9.04
C ARG G 37 -40.04 10.56 9.79
N THR G 38 -40.85 9.56 9.47
CA THR G 38 -40.80 8.30 10.21
C THR G 38 -39.62 7.44 9.80
N LEU G 39 -38.99 7.73 8.66
CA LEU G 39 -37.88 6.97 8.13
C LEU G 39 -38.24 5.52 7.83
N LYS G 40 -39.52 5.25 7.54
CA LYS G 40 -39.99 3.91 7.20
C LYS G 40 -39.89 3.67 5.69
N PRO G 41 -39.81 2.42 5.26
CA PRO G 41 -39.80 2.14 3.83
C PRO G 41 -41.16 2.35 3.20
N GLU G 42 -41.40 3.54 2.65
CA GLU G 42 -42.71 3.86 2.08
C GLU G 42 -43.10 2.84 1.02
N LYS G 43 -44.40 2.61 0.92
CA LYS G 43 -44.93 1.50 0.13
C LYS G 43 -44.73 1.73 -1.37
N ASP G 44 -44.62 0.61 -2.10
CA ASP G 44 -44.54 0.60 -3.56
C ASP G 44 -43.35 1.37 -4.11
N GLY G 45 -42.33 1.62 -3.28
CA GLY G 45 -41.09 2.18 -3.72
C GLY G 45 -39.94 1.21 -3.57
N LEU G 46 -38.74 1.76 -3.49
CA LEU G 46 -37.58 0.96 -3.13
C LEU G 46 -37.59 0.70 -1.62
N PHE G 47 -37.22 -0.50 -1.23
CA PHE G 47 -37.19 -0.97 0.16
C PHE G 47 -38.58 -1.33 0.68
N CYS G 48 -39.63 -1.17 -0.13
CA CYS G 48 -40.99 -1.46 0.32
C CYS G 48 -41.08 -2.87 0.90
N GLU G 49 -41.54 -2.96 2.15
CA GLU G 49 -41.63 -4.27 2.80
C GLU G 49 -42.74 -5.14 2.21
N LYS G 50 -43.70 -4.54 1.50
CA LYS G 50 -44.73 -5.33 0.85
C LYS G 50 -44.13 -6.36 -0.11
N ILE G 51 -42.95 -6.07 -0.66
CA ILE G 51 -42.31 -6.96 -1.63
C ILE G 51 -41.00 -7.49 -1.08
N PHE G 52 -40.04 -6.60 -0.80
CA PHE G 52 -38.69 -7.02 -0.42
C PHE G 52 -38.63 -7.72 0.93
N GLY G 53 -39.68 -7.65 1.73
CA GLY G 53 -39.69 -8.31 3.01
C GLY G 53 -39.66 -7.32 4.16
N PRO G 54 -39.86 -7.82 5.38
CA PRO G 54 -39.96 -6.92 6.54
C PRO G 54 -38.60 -6.43 7.02
N THR G 55 -38.62 -5.24 7.61
CA THR G 55 -37.40 -4.69 8.20
C THR G 55 -37.05 -5.39 9.50
N ARG G 56 -38.05 -5.60 10.36
CA ARG G 56 -37.85 -6.28 11.63
C ARG G 56 -38.27 -7.73 11.50
N ASP G 57 -37.55 -8.62 12.19
CA ASP G 57 -37.82 -10.05 12.09
C ASP G 57 -39.24 -10.37 12.56
N TRP G 58 -39.98 -11.07 11.71
CA TRP G 58 -41.33 -11.53 12.03
C TRP G 58 -42.22 -10.36 12.48
N GLU G 59 -42.21 -9.30 11.69
CA GLU G 59 -43.02 -8.12 12.00
C GLU G 59 -43.63 -7.57 10.73
N CYS G 60 -44.95 -7.41 10.73
CA CYS G 60 -45.62 -6.69 9.66
C CYS G 60 -45.43 -5.19 9.85
N TYR G 61 -45.64 -4.45 8.76
CA TYR G 61 -45.38 -3.02 8.78
C TYR G 61 -46.22 -2.30 9.83
N CYS G 62 -47.52 -2.62 9.88
CA CYS G 62 -48.41 -1.93 10.81
C CYS G 62 -48.29 -2.44 12.24
N GLY G 63 -47.76 -3.65 12.44
CA GLY G 63 -47.57 -4.18 13.77
C GLY G 63 -48.67 -5.07 14.29
N LYS G 64 -49.50 -5.63 13.41
CA LYS G 64 -50.55 -6.53 13.88
C LYS G 64 -49.97 -7.86 14.36
N TYR G 65 -48.99 -8.40 13.62
CA TYR G 65 -48.34 -9.66 13.96
C TYR G 65 -46.88 -9.36 14.28
N LYS G 66 -46.54 -9.37 15.56
CA LYS G 66 -45.20 -9.05 16.02
C LYS G 66 -44.42 -10.26 16.50
N ARG G 67 -45.05 -11.44 16.56
CA ARG G 67 -44.45 -12.60 17.21
C ARG G 67 -44.23 -13.72 16.20
N VAL G 68 -43.41 -14.70 16.62
CA VAL G 68 -43.03 -15.81 15.75
C VAL G 68 -44.08 -16.90 15.66
N ARG G 69 -45.19 -16.79 16.39
CA ARG G 69 -46.22 -17.81 16.31
C ARG G 69 -46.67 -18.04 14.88
N PHE G 70 -47.00 -16.95 14.18
CA PHE G 70 -47.51 -17.00 12.82
C PHE G 70 -46.43 -16.55 11.86
N LYS G 71 -46.01 -17.45 10.96
CA LYS G 71 -45.12 -17.13 9.86
C LYS G 71 -45.70 -17.73 8.58
N GLY G 72 -45.22 -17.22 7.45
CA GLY G 72 -45.80 -17.53 6.17
C GLY G 72 -47.15 -16.90 5.91
N ILE G 73 -47.56 -15.94 6.73
CA ILE G 73 -48.81 -15.22 6.54
C ILE G 73 -48.48 -13.79 6.15
N ILE G 74 -49.43 -13.14 5.48
CA ILE G 74 -49.30 -11.76 5.03
C ILE G 74 -50.34 -10.92 5.73
N CYS G 75 -49.90 -9.82 6.34
CA CYS G 75 -50.83 -8.92 7.01
C CYS G 75 -51.79 -8.32 6.00
N GLU G 76 -53.10 -8.44 6.29
CA GLU G 76 -54.11 -7.94 5.38
C GLU G 76 -54.07 -6.42 5.28
N ARG G 77 -53.77 -5.74 6.38
CA ARG G 77 -53.77 -4.28 6.37
C ARG G 77 -52.55 -3.73 5.65
N CYS G 78 -51.36 -4.10 6.10
CA CYS G 78 -50.12 -3.58 5.54
C CYS G 78 -49.57 -4.41 4.39
N GLY G 79 -50.08 -5.61 4.17
CA GLY G 79 -49.64 -6.43 3.06
C GLY G 79 -48.21 -6.90 3.13
N VAL G 80 -47.64 -7.01 4.33
CA VAL G 80 -46.27 -7.47 4.52
C VAL G 80 -46.30 -8.92 5.01
N GLU G 81 -45.45 -9.76 4.43
CA GLU G 81 -45.32 -11.13 4.87
C GLU G 81 -44.52 -11.22 6.15
N VAL G 82 -44.93 -12.12 7.04
CA VAL G 82 -44.26 -12.31 8.32
C VAL G 82 -43.22 -13.42 8.15
N THR G 83 -41.94 -13.03 8.21
CA THR G 83 -40.84 -13.97 8.04
C THR G 83 -39.56 -13.27 8.50
N ARG G 84 -38.44 -13.98 8.38
CA ARG G 84 -37.15 -13.42 8.79
C ARG G 84 -36.80 -12.21 7.93
N ALA G 85 -36.10 -11.26 8.55
CA ALA G 85 -35.68 -10.05 7.83
C ALA G 85 -34.56 -10.32 6.84
N LYS G 86 -33.98 -11.52 6.85
CA LYS G 86 -32.91 -11.82 5.90
C LYS G 86 -33.41 -11.90 4.47
N VAL G 87 -34.71 -12.14 4.27
CA VAL G 87 -35.25 -12.20 2.93
C VAL G 87 -35.04 -10.90 2.16
N ARG G 88 -34.86 -9.79 2.89
CA ARG G 88 -34.55 -8.53 2.23
C ARG G 88 -33.27 -8.60 1.41
N ARG G 89 -32.39 -9.56 1.70
CA ARG G 89 -31.17 -9.71 0.92
C ARG G 89 -31.42 -10.48 -0.38
N GLU G 90 -32.34 -11.44 -0.37
CA GLU G 90 -32.53 -12.34 -1.50
C GLU G 90 -33.71 -11.97 -2.39
N ARG G 91 -34.58 -11.08 -1.96
CA ARG G 91 -35.82 -10.79 -2.67
C ARG G 91 -35.62 -9.66 -3.67
N MET G 92 -36.02 -9.89 -4.90
CA MET G 92 -35.85 -8.96 -6.00
C MET G 92 -37.19 -8.41 -6.45
N GLY G 93 -37.18 -7.17 -6.95
CA GLY G 93 -38.32 -6.57 -7.59
C GLY G 93 -38.15 -6.48 -9.09
N HIS G 94 -39.02 -5.69 -9.70
CA HIS G 94 -38.95 -5.47 -11.15
C HIS G 94 -39.71 -4.21 -11.50
N ILE G 95 -39.40 -3.67 -12.67
CA ILE G 95 -40.05 -2.47 -13.20
C ILE G 95 -40.67 -2.83 -14.55
N GLU G 96 -41.95 -2.51 -14.70
CA GLU G 96 -42.65 -2.74 -15.96
C GLU G 96 -42.51 -1.49 -16.83
N LEU G 97 -41.77 -1.62 -17.93
CA LEU G 97 -41.49 -0.49 -18.80
C LEU G 97 -42.66 -0.21 -19.72
N ALA G 98 -42.82 1.08 -20.05
CA ALA G 98 -43.82 1.51 -21.02
C ALA G 98 -43.31 1.45 -22.45
N ALA G 99 -42.09 0.95 -22.65
CA ALA G 99 -41.46 0.81 -23.96
C ALA G 99 -40.12 0.10 -23.80
N PRO G 100 -39.82 -0.87 -24.66
CA PRO G 100 -38.62 -1.68 -24.47
C PRO G 100 -37.35 -0.83 -24.55
N VAL G 101 -36.23 -1.50 -24.28
CA VAL G 101 -34.91 -0.86 -24.29
C VAL G 101 -33.86 -1.92 -24.58
N THR G 102 -32.81 -1.51 -25.26
CA THR G 102 -31.69 -2.40 -25.54
C THR G 102 -30.83 -2.58 -24.29
N HIS G 103 -30.17 -3.74 -24.22
CA HIS G 103 -29.38 -4.07 -23.04
C HIS G 103 -28.09 -3.26 -22.94
N ILE G 104 -27.56 -2.79 -24.07
CA ILE G 104 -26.36 -1.97 -24.13
C ILE G 104 -25.12 -2.81 -23.85
N TRP G 105 -25.31 -3.98 -23.23
CA TRP G 105 -24.20 -4.92 -23.10
C TRP G 105 -23.96 -5.67 -24.40
N TYR G 106 -25.03 -6.04 -25.10
CA TYR G 106 -24.93 -6.70 -26.39
C TYR G 106 -24.84 -5.71 -27.53
N PHE G 107 -25.51 -4.56 -27.42
CA PHE G 107 -25.48 -3.56 -28.48
C PHE G 107 -24.15 -2.83 -28.50
N LYS G 108 -23.75 -2.23 -27.37
CA LYS G 108 -22.55 -1.41 -27.35
C LYS G 108 -21.28 -2.25 -27.25
N GLY G 109 -21.33 -3.35 -26.52
CA GLY G 109 -20.18 -4.23 -26.41
C GLY G 109 -19.67 -4.68 -27.76
N VAL G 110 -18.38 -4.44 -28.03
CA VAL G 110 -17.79 -4.80 -29.31
C VAL G 110 -17.21 -6.21 -29.25
N PRO G 111 -17.52 -7.04 -30.26
CA PRO G 111 -18.38 -6.66 -31.39
C PRO G 111 -19.86 -6.62 -31.00
N SER G 112 -20.64 -5.78 -31.68
CA SER G 112 -22.05 -5.62 -31.37
C SER G 112 -22.79 -6.93 -31.64
N ARG G 113 -23.43 -7.46 -30.60
CA ARG G 113 -24.21 -8.69 -30.76
C ARG G 113 -25.45 -8.44 -31.59
N LEU G 114 -26.19 -7.37 -31.29
CA LEU G 114 -27.32 -7.00 -32.13
C LEU G 114 -26.86 -6.63 -33.54
N GLY G 115 -25.69 -6.01 -33.65
CA GLY G 115 -25.18 -5.66 -34.97
C GLY G 115 -24.92 -6.88 -35.83
N TYR G 116 -24.18 -7.85 -35.28
CA TYR G 116 -23.91 -9.07 -36.03
C TYR G 116 -25.16 -9.94 -36.16
N LEU G 117 -26.11 -9.81 -35.24
CA LEU G 117 -27.30 -10.66 -35.29
C LEU G 117 -28.24 -10.22 -36.41
N LEU G 118 -28.47 -8.92 -36.56
CA LEU G 118 -29.38 -8.40 -37.57
C LEU G 118 -28.67 -7.93 -38.82
N ASP G 119 -27.35 -8.13 -38.94
CA ASP G 119 -26.58 -7.64 -40.07
C ASP G 119 -26.61 -6.12 -40.15
N LEU G 120 -26.81 -5.47 -39.01
CA LEU G 120 -26.86 -4.01 -38.94
C LEU G 120 -25.52 -3.46 -38.50
N ALA G 121 -25.14 -2.31 -39.05
CA ALA G 121 -23.90 -1.66 -38.65
C ALA G 121 -24.06 -1.00 -37.28
N PRO G 122 -23.02 -1.00 -36.45
CA PRO G 122 -23.14 -0.36 -35.13
C PRO G 122 -23.47 1.12 -35.22
N LYS G 123 -22.82 1.86 -36.11
CA LYS G 123 -23.19 3.26 -36.32
C LYS G 123 -24.67 3.40 -36.64
N ASP G 124 -25.18 2.58 -37.56
CA ASP G 124 -26.59 2.64 -37.90
C ASP G 124 -27.47 2.10 -36.79
N LEU G 125 -26.98 1.09 -36.06
CA LEU G 125 -27.78 0.53 -34.96
C LEU G 125 -27.97 1.56 -33.85
N GLU G 126 -26.95 2.37 -33.58
CA GLU G 126 -27.10 3.43 -32.58
C GLU G 126 -28.15 4.46 -33.03
N LYS G 127 -28.18 4.78 -34.32
CA LYS G 127 -29.19 5.70 -34.82
C LYS G 127 -30.60 5.16 -34.59
N ILE G 128 -30.76 3.84 -34.62
CA ILE G 128 -32.09 3.25 -34.53
C ILE G 128 -32.63 3.32 -33.10
N ILE G 129 -31.87 2.77 -32.15
CA ILE G 129 -32.39 2.62 -30.79
C ILE G 129 -32.46 3.93 -30.02
N TYR G 130 -31.64 4.92 -30.38
CA TYR G 130 -31.68 6.22 -29.72
C TYR G 130 -32.50 7.25 -30.48
N PHE G 131 -33.24 6.81 -31.50
CA PHE G 131 -34.22 7.65 -32.18
C PHE G 131 -33.53 8.75 -33.00
N ALA G 132 -32.41 8.41 -33.63
CA ALA G 132 -31.72 9.32 -34.53
C ALA G 132 -32.14 9.15 -35.98
N ALA G 133 -32.90 8.10 -36.30
CA ALA G 133 -33.36 7.84 -37.65
C ALA G 133 -34.34 6.68 -37.61
N TYR G 134 -35.09 6.52 -38.69
CA TYR G 134 -36.12 5.50 -38.78
C TYR G 134 -35.54 4.19 -39.29
N VAL G 135 -36.39 3.16 -39.36
CA VAL G 135 -36.05 1.87 -39.93
C VAL G 135 -37.32 1.22 -40.44
N ILE G 136 -37.19 0.37 -41.45
CA ILE G 136 -38.32 -0.32 -42.05
C ILE G 136 -38.47 -1.66 -41.34
N THR G 137 -39.53 -1.79 -40.53
CA THR G 137 -39.77 -3.05 -39.84
C THR G 137 -40.34 -4.11 -40.78
N SER G 138 -41.26 -3.72 -41.66
CA SER G 138 -41.84 -4.66 -42.61
C SER G 138 -42.31 -3.91 -43.85
N VAL G 139 -42.19 -4.58 -44.99
CA VAL G 139 -42.77 -4.10 -46.24
C VAL G 139 -43.73 -5.17 -46.75
N ASP G 140 -44.67 -4.74 -47.58
CA ASP G 140 -45.59 -5.65 -48.26
C ASP G 140 -45.10 -5.79 -49.69
N ASP G 141 -44.38 -6.88 -49.96
CA ASP G 141 -43.77 -7.06 -51.27
C ASP G 141 -44.80 -7.41 -52.33
N GLU G 142 -45.86 -8.14 -51.96
CA GLU G 142 -46.88 -8.53 -52.92
C GLU G 142 -47.75 -7.33 -53.31
N MET G 143 -48.33 -6.65 -52.31
CA MET G 143 -49.26 -5.56 -52.60
C MET G 143 -48.57 -4.44 -53.35
N ARG G 144 -47.31 -4.14 -52.99
CA ARG G 144 -46.55 -3.13 -53.72
C ARG G 144 -46.39 -3.52 -55.19
N HIS G 145 -46.21 -4.83 -55.45
CA HIS G 145 -46.01 -5.28 -56.82
C HIS G 145 -47.28 -5.16 -57.65
N ASN G 146 -48.44 -5.33 -57.04
CA ASN G 146 -49.69 -5.27 -57.79
C ASN G 146 -50.01 -3.84 -58.25
N GLU G 147 -49.76 -2.87 -57.38
CA GLU G 147 -50.06 -1.47 -57.70
C GLU G 147 -48.86 -0.73 -58.26
N LEU G 148 -47.75 -1.43 -58.53
CA LEU G 148 -46.55 -0.76 -59.03
C LEU G 148 -46.82 -0.07 -60.36
N SER G 149 -47.79 -0.55 -61.12
CA SER G 149 -48.11 0.06 -62.42
C SER G 149 -48.77 1.44 -62.22
N THR G 150 -49.82 1.49 -61.42
CA THR G 150 -50.53 2.76 -61.22
C THR G 150 -49.63 3.80 -60.57
N LEU G 151 -48.82 3.40 -59.59
CA LEU G 151 -47.97 4.36 -58.89
C LEU G 151 -46.86 4.87 -59.80
N GLU G 152 -46.25 3.98 -60.60
CA GLU G 152 -45.24 4.43 -61.55
C GLU G 152 -45.81 5.45 -62.52
N ALA G 153 -47.03 5.22 -63.00
CA ALA G 153 -47.68 6.17 -63.89
C ALA G 153 -47.86 7.52 -63.22
N GLU G 154 -48.57 7.53 -62.08
CA GLU G 154 -48.79 8.78 -61.36
C GLU G 154 -47.48 9.49 -61.06
N MET G 155 -46.44 8.74 -60.71
CA MET G 155 -45.16 9.36 -60.38
C MET G 155 -44.56 10.03 -61.61
N ALA G 156 -44.67 9.40 -62.78
CA ALA G 156 -44.16 10.02 -64.00
C ALA G 156 -45.00 11.24 -64.39
N VAL G 157 -46.33 11.13 -64.25
CA VAL G 157 -47.20 12.27 -64.55
C VAL G 157 -46.85 13.45 -63.65
N GLU G 158 -46.72 13.20 -62.35
CA GLU G 158 -46.32 14.26 -61.43
C GLU G 158 -44.92 14.77 -61.76
N LYS G 159 -44.00 13.85 -62.08
CA LYS G 159 -42.66 14.27 -62.47
C LYS G 159 -42.68 15.06 -63.77
N LYS G 160 -43.58 14.70 -64.69
CA LYS G 160 -43.70 15.45 -65.93
C LYS G 160 -44.32 16.82 -65.69
N ALA G 161 -45.30 16.91 -64.79
CA ALA G 161 -45.90 18.20 -64.48
C ALA G 161 -44.86 19.21 -64.02
N VAL G 162 -43.83 18.76 -63.31
CA VAL G 162 -42.75 19.65 -62.91
C VAL G 162 -41.90 20.02 -64.12
N GLU G 163 -41.71 19.09 -65.05
CA GLU G 163 -40.93 19.38 -66.25
C GLU G 163 -41.64 20.39 -67.13
N ASP G 164 -42.95 20.20 -67.35
CA ASP G 164 -43.71 21.18 -68.13
C ASP G 164 -43.71 22.54 -67.45
N GLN G 165 -43.84 22.56 -66.12
CA GLN G 165 -43.83 23.82 -65.39
C GLN G 165 -42.49 24.53 -65.52
N ARG G 166 -41.39 23.78 -65.43
CA ARG G 166 -40.07 24.38 -65.56
C ARG G 166 -39.87 24.97 -66.95
N ASP G 167 -40.21 24.20 -67.99
CA ASP G 167 -40.02 24.69 -69.35
C ASP G 167 -40.88 25.92 -69.63
N ALA G 168 -42.04 26.02 -68.99
CA ALA G 168 -42.91 27.18 -69.23
C ALA G 168 -42.36 28.42 -68.56
N ASP G 169 -41.73 28.28 -67.39
CA ASP G 169 -41.22 29.43 -66.66
C ASP G 169 -39.91 29.94 -67.27
N LEU G 170 -39.02 29.02 -67.65
CA LEU G 170 -37.75 29.44 -68.25
C LEU G 170 -37.99 30.18 -69.57
N GLU G 171 -38.97 29.73 -70.35
CA GLU G 171 -39.28 30.41 -71.61
C GLU G 171 -39.83 31.81 -71.36
N ALA G 172 -40.71 31.94 -70.37
CA ALA G 172 -41.27 33.25 -70.06
C ALA G 172 -40.20 34.20 -69.53
N ARG G 173 -39.34 33.71 -68.64
CA ARG G 173 -38.24 34.54 -68.13
C ARG G 173 -37.30 34.94 -69.27
N ALA G 174 -37.01 34.00 -70.18
CA ALA G 174 -36.16 34.33 -71.33
C ALA G 174 -36.81 35.39 -72.20
N GLN G 175 -38.13 35.29 -72.41
CA GLN G 175 -38.84 36.33 -73.17
C GLN G 175 -38.73 37.67 -72.47
N LYS G 176 -38.90 37.69 -71.14
CA LYS G 176 -38.74 38.93 -70.39
C LYS G 176 -37.33 39.51 -70.59
N LEU G 177 -36.33 38.64 -70.73
CA LEU G 177 -34.97 39.12 -70.98
C LEU G 177 -34.88 39.75 -72.37
N GLU G 178 -35.35 39.04 -73.39
CA GLU G 178 -35.32 39.59 -74.75
C GLU G 178 -36.01 40.94 -74.83
N ALA G 179 -37.24 41.01 -74.32
CA ALA G 179 -38.00 42.26 -74.40
C ALA G 179 -37.35 43.36 -73.57
N ASP G 180 -37.02 43.08 -72.31
CA ASP G 180 -36.42 44.09 -71.46
C ASP G 180 -35.00 44.41 -71.89
N LEU G 181 -34.26 43.43 -72.40
CA LEU G 181 -32.92 43.72 -72.92
C LEU G 181 -32.99 44.54 -74.20
N ALA G 182 -34.04 44.35 -75.00
CA ALA G 182 -34.20 45.14 -76.22
C ALA G 182 -34.42 46.61 -75.90
N GLU G 183 -35.20 46.90 -74.84
CA GLU G 183 -35.41 48.28 -74.42
C GLU G 183 -34.09 48.96 -74.09
N LEU G 184 -33.24 48.27 -73.32
CA LEU G 184 -31.97 48.85 -72.93
C LEU G 184 -31.01 48.98 -74.10
N GLU G 185 -31.07 48.05 -75.05
CA GLU G 185 -30.20 48.11 -76.23
C GLU G 185 -30.66 49.17 -77.23
N ALA G 186 -31.96 49.43 -77.29
CA ALA G 186 -32.47 50.44 -78.20
C ALA G 186 -32.43 51.85 -77.62
N GLU G 187 -32.24 51.98 -76.30
CA GLU G 187 -32.29 53.26 -75.61
C GLU G 187 -31.03 53.42 -74.78
N GLY G 188 -30.19 54.40 -75.14
CA GLY G 188 -28.97 54.68 -74.41
C GLY G 188 -28.15 53.43 -74.12
N ALA G 189 -27.89 52.64 -75.16
CA ALA G 189 -27.20 51.38 -74.97
C ALA G 189 -25.71 51.59 -74.81
N LYS G 190 -25.11 50.79 -73.92
CA LYS G 190 -23.67 50.77 -73.73
C LYS G 190 -23.22 49.32 -73.59
N SER G 191 -21.98 49.05 -74.02
CA SER G 191 -21.52 47.68 -74.13
C SER G 191 -21.49 46.98 -72.78
N ASP G 192 -20.93 47.63 -71.76
CA ASP G 192 -20.71 46.95 -70.49
C ASP G 192 -22.01 46.77 -69.72
N VAL G 193 -22.88 47.78 -69.73
CA VAL G 193 -24.09 47.72 -68.93
C VAL G 193 -25.01 46.60 -69.40
N ARG G 194 -25.17 46.45 -70.72
CA ARG G 194 -26.04 45.40 -71.23
C ARG G 194 -25.53 44.01 -70.83
N ARG G 195 -24.20 43.84 -70.83
CA ARG G 195 -23.63 42.57 -70.38
C ARG G 195 -23.96 42.30 -68.91
N LYS G 196 -24.01 43.35 -68.09
CA LYS G 196 -24.37 43.16 -66.69
C LYS G 196 -25.84 42.80 -66.52
N VAL G 197 -26.69 43.28 -67.43
CA VAL G 197 -28.11 42.92 -67.37
C VAL G 197 -28.33 41.49 -67.84
N ARG G 198 -27.66 41.09 -68.92
CA ARG G 198 -27.81 39.73 -69.42
C ARG G 198 -27.15 38.73 -68.49
N ASP G 199 -26.02 39.10 -67.87
CA ASP G 199 -25.40 38.23 -66.88
C ASP G 199 -26.33 37.98 -65.70
N SER G 200 -26.99 39.04 -65.22
CA SER G 200 -28.01 38.86 -64.19
C SER G 200 -29.19 38.05 -64.72
N GLY G 201 -29.46 38.14 -66.02
CA GLY G 201 -30.52 37.32 -66.60
C GLY G 201 -30.11 35.86 -66.73
N GLU G 202 -28.89 35.61 -67.20
CA GLU G 202 -28.40 34.24 -67.27
C GLU G 202 -28.31 33.62 -65.89
N ARG G 203 -27.83 34.40 -64.91
CA ARG G 203 -27.70 33.86 -63.54
C ARG G 203 -29.06 33.53 -62.95
N GLU G 204 -30.06 34.38 -63.20
CA GLU G 204 -31.41 34.08 -62.71
C GLU G 204 -31.97 32.83 -63.38
N MET G 205 -31.80 32.72 -64.69
CA MET G 205 -32.28 31.53 -65.39
C MET G 205 -31.59 30.27 -64.87
N ARG G 206 -30.29 30.36 -64.60
CA ARG G 206 -29.56 29.22 -64.04
C ARG G 206 -30.19 28.77 -62.72
N GLN G 207 -30.53 29.72 -61.85
CA GLN G 207 -31.13 29.37 -60.58
C GLN G 207 -32.51 28.74 -60.77
N LEU G 208 -33.26 29.18 -61.78
CA LEU G 208 -34.58 28.61 -62.03
C LEU G 208 -34.48 27.14 -62.42
N ARG G 209 -33.54 26.81 -63.32
CA ARG G 209 -33.37 25.42 -63.71
C ARG G 209 -32.79 24.59 -62.57
N ASP G 210 -31.90 25.18 -61.77
CA ASP G 210 -31.33 24.44 -60.65
C ASP G 210 -32.41 24.04 -59.64
N ARG G 211 -33.31 24.97 -59.30
CA ARG G 211 -34.38 24.65 -58.37
C ARG G 211 -35.26 23.52 -58.89
N ALA G 212 -35.70 23.63 -60.15
CA ALA G 212 -36.54 22.58 -60.72
C ALA G 212 -35.80 21.25 -60.77
N GLN G 213 -34.51 21.28 -61.08
CA GLN G 213 -33.74 20.04 -61.09
C GLN G 213 -33.59 19.46 -59.69
N ARG G 214 -33.56 20.31 -58.66
CA ARG G 214 -33.52 19.81 -57.29
C ARG G 214 -34.79 19.03 -56.97
N GLU G 215 -35.95 19.53 -57.40
CA GLU G 215 -37.19 18.81 -57.17
C GLU G 215 -37.23 17.50 -57.94
N LEU G 216 -36.72 17.49 -59.17
CA LEU G 216 -36.63 16.25 -59.93
C LEU G 216 -35.74 15.24 -59.22
N ASP G 217 -34.58 15.70 -58.73
CA ASP G 217 -33.71 14.82 -57.98
C ASP G 217 -34.40 14.30 -56.72
N ARG G 218 -35.15 15.16 -56.04
CA ARG G 218 -35.90 14.72 -54.86
C ARG G 218 -36.98 13.72 -55.25
N LEU G 219 -37.67 13.96 -56.36
CA LEU G 219 -38.72 13.05 -56.79
C LEU G 219 -38.16 11.68 -57.15
N ASP G 220 -37.07 11.65 -57.93
CA ASP G 220 -36.45 10.38 -58.25
C ASP G 220 -35.91 9.69 -57.00
N GLU G 221 -35.46 10.45 -56.01
CA GLU G 221 -35.01 9.85 -54.76
C GLU G 221 -36.18 9.22 -54.00
N ILE G 222 -37.38 9.74 -54.18
CA ILE G 222 -38.56 9.19 -53.49
C ILE G 222 -39.03 7.92 -54.18
N TRP G 223 -39.05 7.92 -55.52
CA TRP G 223 -39.53 6.75 -56.25
C TRP G 223 -38.55 5.59 -56.14
N ASN G 224 -37.25 5.88 -56.18
CA ASN G 224 -36.25 4.82 -56.04
C ASN G 224 -36.35 4.14 -54.69
N THR G 225 -36.54 4.93 -53.63
CA THR G 225 -36.54 4.36 -52.27
C THR G 225 -37.72 3.43 -52.05
N PHE G 226 -38.85 3.70 -52.68
CA PHE G 226 -40.03 2.85 -52.49
C PHE G 226 -39.89 1.54 -53.24
N THR G 227 -39.42 1.59 -54.49
CA THR G 227 -39.31 0.37 -55.29
C THR G 227 -38.29 -0.59 -54.69
N LYS G 228 -37.14 -0.08 -54.27
CA LYS G 228 -36.08 -0.90 -53.70
C LYS G 228 -36.23 -1.08 -52.19
N LEU G 229 -37.35 -0.64 -51.61
CA LEU G 229 -37.52 -0.69 -50.17
C LEU G 229 -37.62 -2.13 -49.68
N ALA G 230 -37.12 -2.36 -48.47
CA ALA G 230 -37.17 -3.67 -47.85
C ALA G 230 -36.92 -3.49 -46.36
N PRO G 231 -37.11 -4.54 -45.56
CA PRO G 231 -36.86 -4.43 -44.12
C PRO G 231 -35.38 -4.20 -43.81
N LYS G 232 -35.13 -3.62 -42.64
CA LYS G 232 -33.76 -3.38 -42.18
C LYS G 232 -33.20 -2.10 -42.82
N GLN G 233 -33.90 -1.54 -43.80
CA GLN G 233 -33.42 -0.33 -44.43
C GLN G 233 -33.56 0.86 -43.49
N LEU G 234 -32.60 1.78 -43.57
CA LEU G 234 -32.50 2.90 -42.64
C LEU G 234 -32.69 4.21 -43.40
N ILE G 235 -33.56 5.06 -42.88
CA ILE G 235 -33.90 6.34 -43.51
C ILE G 235 -33.55 7.45 -42.52
N VAL G 236 -32.53 8.25 -42.87
CA VAL G 236 -32.07 9.32 -42.00
C VAL G 236 -32.59 10.68 -42.42
N ASP G 237 -33.34 10.77 -43.53
CA ASP G 237 -33.79 12.07 -44.02
C ASP G 237 -34.93 12.62 -43.18
N GLU G 238 -35.93 11.80 -42.88
CA GLU G 238 -37.03 12.20 -42.00
C GLU G 238 -38.05 13.07 -42.72
N VAL G 239 -37.59 13.88 -43.67
CA VAL G 239 -38.52 14.55 -44.58
C VAL G 239 -38.89 13.62 -45.74
N LEU G 240 -37.92 12.84 -46.21
CA LEU G 240 -38.21 11.81 -47.20
C LEU G 240 -39.09 10.72 -46.59
N TYR G 241 -38.86 10.37 -45.33
CA TYR G 241 -39.71 9.40 -44.66
C TYR G 241 -41.14 9.92 -44.53
N ARG G 242 -41.29 11.20 -44.19
CA ARG G 242 -42.62 11.78 -44.10
C ARG G 242 -43.33 11.76 -45.45
N GLU G 243 -42.56 11.97 -46.53
CA GLU G 243 -43.14 11.89 -47.86
C GLU G 243 -43.52 10.45 -48.22
N LEU G 244 -42.74 9.47 -47.76
CA LEU G 244 -43.10 8.08 -47.98
C LEU G 244 -44.28 7.64 -47.12
N GLN G 245 -44.60 8.39 -46.07
CA GLN G 245 -45.71 8.02 -45.20
C GLN G 245 -47.04 8.49 -45.76
N ASP G 246 -47.10 9.73 -46.23
CA ASP G 246 -48.34 10.24 -46.82
C ASP G 246 -48.78 9.37 -47.98
N ARG G 247 -47.91 9.22 -48.99
CA ARG G 247 -48.14 8.33 -50.12
C ARG G 247 -47.25 7.10 -49.97
N TYR G 248 -47.83 5.94 -50.21
CA TYR G 248 -47.18 4.63 -50.10
C TYR G 248 -47.17 4.13 -48.65
N GLY G 249 -47.62 4.93 -47.68
CA GLY G 249 -47.55 4.54 -46.28
C GLY G 249 -48.32 3.29 -45.93
N GLU G 250 -49.20 2.82 -46.81
CA GLU G 250 -50.03 1.65 -46.54
C GLU G 250 -49.37 0.36 -47.00
N TYR G 251 -48.23 0.42 -47.68
CA TYR G 251 -47.56 -0.77 -48.17
C TYR G 251 -46.45 -1.25 -47.25
N PHE G 252 -46.10 -0.49 -46.21
CA PHE G 252 -44.98 -0.84 -45.35
C PHE G 252 -45.26 -0.32 -43.94
N THR G 253 -44.31 -0.56 -43.04
CA THR G 253 -44.36 -0.07 -41.67
C THR G 253 -42.94 0.27 -41.23
N GLY G 254 -42.83 1.31 -40.39
CA GLY G 254 -41.54 1.74 -39.90
C GLY G 254 -41.65 2.34 -38.52
N ALA G 255 -40.52 2.35 -37.83
CA ALA G 255 -40.46 2.88 -36.46
C ALA G 255 -39.00 3.13 -36.11
N MET G 256 -38.78 3.60 -34.88
CA MET G 256 -37.44 3.85 -34.38
C MET G 256 -37.34 3.34 -32.94
N GLY G 257 -36.12 3.30 -32.44
CA GLY G 257 -35.88 2.89 -31.07
C GLY G 257 -35.88 1.38 -30.89
N ALA G 258 -35.81 0.98 -29.61
CA ALA G 258 -35.81 -0.44 -29.29
C ALA G 258 -37.11 -1.13 -29.70
N GLU G 259 -38.19 -0.37 -29.86
CA GLU G 259 -39.45 -0.97 -30.28
C GLU G 259 -39.32 -1.59 -31.68
N SER G 260 -38.68 -0.85 -32.59
CA SER G 260 -38.48 -1.38 -33.94
C SER G 260 -37.45 -2.52 -33.93
N ILE G 261 -36.42 -2.40 -33.10
CA ILE G 261 -35.43 -3.48 -32.99
C ILE G 261 -36.10 -4.75 -32.49
N LYS G 262 -37.00 -4.63 -31.51
CA LYS G 262 -37.72 -5.79 -31.02
C LYS G 262 -38.58 -6.41 -32.12
N LYS G 263 -39.10 -5.59 -33.04
CA LYS G 263 -39.92 -6.12 -34.11
C LYS G 263 -39.07 -6.84 -35.16
N LEU G 264 -37.89 -6.29 -35.46
CA LEU G 264 -36.99 -6.96 -36.39
C LEU G 264 -36.51 -8.30 -35.82
N ILE G 265 -36.40 -8.41 -34.50
CA ILE G 265 -36.03 -9.69 -33.90
C ILE G 265 -37.23 -10.61 -33.84
N GLU G 266 -38.44 -10.07 -33.75
CA GLU G 266 -39.63 -10.91 -33.66
C GLU G 266 -39.83 -11.73 -34.93
N ASN G 267 -39.66 -11.10 -36.10
CA ASN G 267 -39.64 -11.81 -37.37
C ASN G 267 -38.19 -11.97 -37.80
N PHE G 268 -37.61 -13.13 -37.49
CA PHE G 268 -36.22 -13.42 -37.78
C PHE G 268 -36.06 -14.93 -37.81
N ASP G 269 -35.28 -15.42 -38.76
CA ASP G 269 -35.01 -16.85 -38.90
C ASP G 269 -33.51 -17.06 -38.72
N ILE G 270 -33.12 -17.53 -37.53
CA ILE G 270 -31.71 -17.80 -37.28
C ILE G 270 -31.21 -18.93 -38.18
N ASP G 271 -32.10 -19.82 -38.61
CA ASP G 271 -31.71 -20.87 -39.52
C ASP G 271 -31.51 -20.32 -40.94
N ALA G 272 -32.50 -19.59 -41.45
CA ALA G 272 -32.38 -19.00 -42.78
C ALA G 272 -31.20 -18.05 -42.85
N GLU G 273 -30.96 -17.28 -41.79
CA GLU G 273 -29.79 -16.43 -41.75
C GLU G 273 -28.51 -17.24 -41.66
N ALA G 274 -28.56 -18.36 -40.94
CA ALA G 274 -27.37 -19.21 -40.83
C ALA G 274 -27.13 -20.00 -42.11
N GLU G 275 -28.17 -20.65 -42.63
CA GLU G 275 -28.01 -21.41 -43.87
C GLU G 275 -27.56 -20.51 -45.01
N SER G 276 -28.13 -19.31 -45.12
CA SER G 276 -27.66 -18.36 -46.11
C SER G 276 -26.23 -17.93 -45.80
N LEU G 277 -25.89 -17.79 -44.52
CA LEU G 277 -24.52 -17.46 -44.14
C LEU G 277 -23.57 -18.60 -44.46
N ARG G 278 -24.04 -19.85 -44.37
CA ARG G 278 -23.14 -20.98 -44.59
C ARG G 278 -22.76 -21.13 -46.05
N GLU G 279 -23.65 -20.78 -46.97
CA GLU G 279 -23.30 -20.80 -48.39
C GLU G 279 -22.65 -19.51 -48.84
N VAL G 280 -22.90 -18.40 -48.15
CA VAL G 280 -22.24 -17.14 -48.50
C VAL G 280 -20.81 -17.11 -47.99
N ILE G 281 -20.52 -17.81 -46.89
CA ILE G 281 -19.18 -17.75 -46.31
C ILE G 281 -18.15 -18.29 -47.29
N ARG G 282 -18.39 -19.48 -47.84
CA ARG G 282 -17.42 -20.11 -48.72
C ARG G 282 -17.55 -19.64 -50.17
N SER G 283 -18.78 -19.43 -50.65
CA SER G 283 -18.98 -19.05 -52.04
C SER G 283 -18.49 -17.64 -52.33
N GLY G 284 -18.59 -16.73 -51.35
CA GLY G 284 -18.21 -15.35 -51.58
C GLY G 284 -16.87 -14.96 -51.00
N LYS G 285 -15.98 -15.93 -50.86
CA LYS G 285 -14.65 -15.69 -50.30
C LYS G 285 -13.95 -14.54 -51.01
N LYS G 289 -16.37 -12.15 -46.77
CA LYS G 289 -16.54 -13.51 -46.25
C LYS G 289 -15.97 -13.63 -44.85
N LEU G 290 -14.78 -13.08 -44.64
CA LEU G 290 -14.18 -13.10 -43.32
C LEU G 290 -15.06 -12.42 -42.28
N ARG G 291 -15.68 -11.30 -42.68
CA ARG G 291 -16.60 -10.62 -41.77
C ARG G 291 -17.88 -11.41 -41.60
N ALA G 292 -18.35 -12.09 -42.65
CA ALA G 292 -19.54 -12.92 -42.53
C ALA G 292 -19.29 -14.13 -41.64
N LEU G 293 -18.04 -14.58 -41.53
CA LEU G 293 -17.72 -15.70 -40.67
C LEU G 293 -17.77 -15.30 -39.20
N LYS G 294 -17.18 -14.15 -38.86
CA LYS G 294 -17.24 -13.67 -37.48
C LYS G 294 -18.68 -13.42 -37.04
N ARG G 295 -19.54 -13.01 -37.97
CA ARG G 295 -20.94 -12.81 -37.64
C ARG G 295 -21.67 -14.12 -37.39
N LEU G 296 -21.12 -15.25 -37.88
CA LEU G 296 -21.80 -16.52 -37.70
C LEU G 296 -21.78 -16.98 -36.25
N LYS G 297 -20.69 -16.70 -35.53
CA LYS G 297 -20.56 -17.20 -34.16
C LYS G 297 -21.74 -16.78 -33.30
N VAL G 298 -22.21 -15.54 -33.44
CA VAL G 298 -23.36 -15.08 -32.67
C VAL G 298 -24.64 -15.68 -33.23
N VAL G 299 -24.75 -15.77 -34.56
CA VAL G 299 -25.95 -16.35 -35.16
C VAL G 299 -26.05 -17.84 -34.82
N ALA G 300 -24.91 -18.54 -34.79
CA ALA G 300 -24.93 -19.96 -34.46
C ALA G 300 -25.16 -20.17 -32.97
N ALA G 301 -24.66 -19.27 -32.12
CA ALA G 301 -24.84 -19.43 -30.68
C ALA G 301 -26.31 -19.45 -30.30
N PHE G 302 -27.11 -18.54 -30.88
CA PHE G 302 -28.54 -18.54 -30.60
C PHE G 302 -29.23 -19.76 -31.20
N GLN G 303 -28.66 -20.33 -32.27
CA GLN G 303 -29.30 -21.47 -32.92
C GLN G 303 -29.14 -22.75 -32.11
N GLN G 304 -28.00 -22.91 -31.42
CA GLN G 304 -27.74 -24.15 -30.71
C GLN G 304 -28.52 -24.22 -29.40
N SER G 305 -28.59 -23.12 -28.65
CA SER G 305 -29.32 -23.13 -27.40
C SER G 305 -30.81 -22.86 -27.65
N GLY G 306 -31.60 -22.90 -26.58
CA GLY G 306 -33.02 -22.66 -26.65
C GLY G 306 -33.47 -21.28 -26.24
N ASN G 307 -32.54 -20.36 -26.01
CA ASN G 307 -32.90 -19.01 -25.60
C ASN G 307 -33.24 -18.15 -26.81
N SER G 308 -34.41 -17.51 -26.76
CA SER G 308 -34.82 -16.66 -27.86
C SER G 308 -33.99 -15.37 -27.86
N PRO G 309 -33.62 -14.86 -29.04
CA PRO G 309 -32.89 -13.58 -29.09
C PRO G 309 -33.68 -12.43 -28.51
N MET G 310 -34.98 -12.60 -28.25
CA MET G 310 -35.77 -11.55 -27.62
C MET G 310 -35.18 -11.09 -26.29
N GLY G 311 -34.43 -11.96 -25.62
CA GLY G 311 -33.80 -11.60 -24.35
C GLY G 311 -32.86 -10.40 -24.42
N MET G 312 -32.44 -10.00 -25.62
CA MET G 312 -31.56 -8.85 -25.78
C MET G 312 -32.27 -7.52 -25.63
N VAL G 313 -33.60 -7.52 -25.61
CA VAL G 313 -34.41 -6.33 -25.35
C VAL G 313 -35.21 -6.58 -24.09
N LEU G 314 -35.31 -5.56 -23.24
CA LEU G 314 -35.93 -5.68 -21.93
C LEU G 314 -37.30 -5.01 -21.95
N ASP G 315 -38.33 -5.80 -21.66
CA ASP G 315 -39.65 -5.26 -21.33
C ASP G 315 -39.84 -5.05 -19.83
N ALA G 316 -38.90 -5.55 -19.03
CA ALA G 316 -38.93 -5.37 -17.58
C ALA G 316 -37.50 -5.39 -17.07
N VAL G 317 -37.24 -4.59 -16.04
CA VAL G 317 -35.91 -4.43 -15.47
C VAL G 317 -35.94 -5.00 -14.05
N PRO G 318 -35.12 -5.99 -13.73
CA PRO G 318 -35.11 -6.51 -12.35
C PRO G 318 -34.53 -5.50 -11.38
N VAL G 319 -35.02 -5.54 -10.15
CA VAL G 319 -34.58 -4.66 -9.08
C VAL G 319 -33.80 -5.48 -8.06
N ILE G 320 -32.60 -5.01 -7.73
CA ILE G 320 -31.71 -5.68 -6.79
C ILE G 320 -32.28 -5.52 -5.37
N PRO G 321 -32.13 -6.53 -4.51
CA PRO G 321 -32.66 -6.46 -3.15
C PRO G 321 -32.13 -5.24 -2.42
N PRO G 322 -32.86 -4.76 -1.42
CA PRO G 322 -32.44 -3.50 -0.76
C PRO G 322 -31.13 -3.62 0.00
N GLU G 323 -30.92 -4.71 0.74
CA GLU G 323 -29.74 -4.83 1.59
C GLU G 323 -28.43 -4.79 0.80
N LEU G 324 -28.48 -5.10 -0.49
CA LEU G 324 -27.29 -5.00 -1.34
C LEU G 324 -27.08 -3.59 -1.89
N ARG G 325 -28.10 -2.74 -1.81
CA ARG G 325 -27.99 -1.31 -2.11
C ARG G 325 -28.42 -0.52 -0.88
N PRO G 326 -27.72 -0.68 0.23
CA PRO G 326 -28.26 -0.24 1.51
C PRO G 326 -28.33 1.27 1.63
N MET G 327 -29.29 1.73 2.43
CA MET G 327 -29.41 3.12 2.85
C MET G 327 -29.47 3.13 4.37
N VAL G 328 -28.41 3.61 5.01
CA VAL G 328 -28.27 3.55 6.47
C VAL G 328 -27.69 4.86 6.97
N GLN G 329 -27.91 5.11 8.27
CA GLN G 329 -27.40 6.29 8.95
C GLN G 329 -26.19 5.93 9.80
N LEU G 330 -25.27 6.88 9.92
CA LEU G 330 -24.01 6.64 10.63
C LEU G 330 -23.87 7.57 11.83
N ASP G 331 -23.59 8.85 11.62
CA ASP G 331 -23.27 9.77 12.70
C ASP G 331 -24.42 10.74 12.90
N GLY G 332 -25.12 10.61 14.01
CA GLY G 332 -26.03 11.69 14.43
C GLY G 332 -27.11 11.97 13.42
N GLY G 333 -27.54 10.95 12.69
CA GLY G 333 -28.70 11.04 11.84
C GLY G 333 -28.39 11.21 10.36
N ARG G 334 -27.20 11.65 9.99
CA ARG G 334 -26.87 11.81 8.58
C ARG G 334 -26.87 10.45 7.89
N PHE G 335 -27.25 10.46 6.62
CA PHE G 335 -27.51 9.24 5.88
C PHE G 335 -26.47 8.98 4.79
N ALA G 336 -26.36 7.71 4.41
CA ALA G 336 -25.51 7.27 3.31
C ALA G 336 -26.22 6.13 2.60
N THR G 337 -26.25 6.19 1.27
CA THR G 337 -26.95 5.19 0.48
C THR G 337 -26.11 4.83 -0.75
N SER G 338 -26.47 3.72 -1.38
CA SER G 338 -25.74 3.25 -2.54
C SER G 338 -26.14 4.05 -3.79
N ASP G 339 -25.26 4.02 -4.79
CA ASP G 339 -25.52 4.76 -6.01
C ASP G 339 -26.65 4.15 -6.83
N LEU G 340 -26.86 2.83 -6.70
CA LEU G 340 -27.90 2.18 -7.51
C LEU G 340 -29.26 2.81 -7.27
N ASN G 341 -29.53 3.23 -6.03
CA ASN G 341 -30.85 3.78 -5.72
C ASN G 341 -31.17 4.98 -6.59
N ASP G 342 -30.19 5.85 -6.83
CA ASP G 342 -30.42 6.99 -7.70
C ASP G 342 -30.40 6.60 -9.17
N LEU G 343 -29.57 5.64 -9.55
CA LEU G 343 -29.64 5.12 -10.91
C LEU G 343 -30.98 4.47 -11.19
N TYR G 344 -31.51 3.72 -10.21
CA TYR G 344 -32.87 3.21 -10.33
C TYR G 344 -33.88 4.35 -10.38
N ARG G 345 -33.67 5.37 -9.54
CA ARG G 345 -34.61 6.49 -9.50
C ARG G 345 -34.75 7.16 -10.86
N ARG G 346 -33.64 7.36 -11.57
CA ARG G 346 -33.71 7.95 -12.91
C ARG G 346 -34.50 7.07 -13.86
N VAL G 347 -34.44 5.75 -13.67
CA VAL G 347 -35.16 4.84 -14.55
C VAL G 347 -36.66 4.89 -14.26
N ILE G 348 -37.04 4.72 -13.00
CA ILE G 348 -38.45 4.70 -12.63
C ILE G 348 -39.09 6.05 -12.90
N ASN G 349 -38.39 7.15 -12.59
CA ASN G 349 -38.94 8.48 -12.83
C ASN G 349 -39.25 8.70 -14.30
N ARG G 350 -38.29 8.37 -15.18
CA ARG G 350 -38.49 8.59 -16.60
C ARG G 350 -39.49 7.61 -17.19
N ASN G 351 -39.60 6.40 -16.63
CA ASN G 351 -40.60 5.44 -17.11
C ASN G 351 -42.01 5.93 -16.80
N ASN G 352 -42.22 6.46 -15.60
CA ASN G 352 -43.56 6.93 -15.23
C ASN G 352 -43.93 8.20 -16.00
N ARG G 353 -42.98 9.09 -16.21
CA ARG G 353 -43.26 10.28 -17.01
C ARG G 353 -43.63 9.91 -18.43
N LEU G 354 -43.08 8.79 -18.94
CA LEU G 354 -43.45 8.33 -20.27
C LEU G 354 -44.88 7.83 -20.31
N LYS G 355 -45.32 7.16 -19.24
CA LYS G 355 -46.71 6.72 -19.17
C LYS G 355 -47.66 7.91 -19.17
N ARG G 356 -47.28 8.99 -18.49
CA ARG G 356 -48.14 10.17 -18.42
C ARG G 356 -48.24 10.87 -19.76
N LEU G 357 -47.14 10.91 -20.52
CA LEU G 357 -47.17 11.53 -21.84
C LEU G 357 -48.01 10.71 -22.82
N ILE G 358 -47.99 9.38 -22.69
CA ILE G 358 -48.69 8.53 -23.64
C ILE G 358 -50.20 8.62 -23.42
N ASP G 359 -50.64 8.64 -22.17
CA ASP G 359 -52.07 8.70 -21.89
C ASP G 359 -52.69 9.99 -22.39
N LEU G 360 -52.07 11.13 -22.05
CA LEU G 360 -52.53 12.40 -22.60
C LEU G 360 -52.49 12.38 -24.13
N GLY G 361 -51.52 11.69 -24.70
CA GLY G 361 -51.21 11.85 -26.10
C GLY G 361 -50.24 13.01 -26.27
N ALA G 362 -49.20 12.82 -27.07
CA ALA G 362 -48.17 13.85 -27.19
C ALA G 362 -47.56 13.79 -28.57
N PRO G 363 -47.00 14.90 -29.05
CA PRO G 363 -46.23 14.84 -30.29
C PRO G 363 -45.05 13.89 -30.15
N GLU G 364 -44.69 13.25 -31.26
CA GLU G 364 -43.60 12.28 -31.23
C GLU G 364 -42.30 12.90 -30.74
N ILE G 365 -42.13 14.22 -30.88
CA ILE G 365 -40.89 14.85 -30.44
C ILE G 365 -40.71 14.67 -28.94
N ILE G 366 -41.79 14.86 -28.17
CA ILE G 366 -41.69 14.75 -26.72
C ILE G 366 -41.63 13.28 -26.28
N VAL G 367 -42.48 12.44 -26.87
CA VAL G 367 -42.51 11.02 -26.48
C VAL G 367 -41.17 10.36 -26.82
N ASN G 368 -40.71 10.50 -28.06
CA ASN G 368 -39.45 9.88 -28.46
C ASN G 368 -38.29 10.42 -27.63
N ASN G 369 -38.31 11.71 -27.32
CA ASN G 369 -37.29 12.26 -26.43
C ASN G 369 -37.32 11.60 -25.07
N GLU G 370 -38.52 11.32 -24.56
CA GLU G 370 -38.64 10.63 -23.28
C GLU G 370 -38.19 9.18 -23.41
N LYS G 371 -38.46 8.55 -24.55
CA LYS G 371 -38.08 7.15 -24.73
C LYS G 371 -36.57 6.97 -24.73
N ARG G 372 -35.85 7.83 -25.46
CA ARG G 372 -34.40 7.74 -25.45
C ARG G 372 -33.83 8.06 -24.08
N MET G 373 -34.45 8.99 -23.34
CA MET G 373 -34.05 9.23 -21.97
C MET G 373 -34.18 7.96 -21.13
N LEU G 374 -35.29 7.23 -21.29
CA LEU G 374 -35.43 5.94 -20.63
C LEU G 374 -34.38 4.96 -21.12
N GLN G 375 -34.01 5.04 -22.40
CA GLN G 375 -32.98 4.15 -22.94
C GLN G 375 -31.64 4.40 -22.28
N GLU G 376 -31.28 5.68 -22.10
CA GLU G 376 -29.99 6.00 -21.49
C GLU G 376 -30.00 5.79 -19.99
N SER G 377 -31.16 5.95 -19.34
CA SER G 377 -31.24 5.70 -17.91
C SER G 377 -31.00 4.23 -17.60
N VAL G 378 -31.59 3.33 -18.38
CA VAL G 378 -31.33 1.90 -18.18
C VAL G 378 -29.89 1.57 -18.53
N ASP G 379 -29.34 2.21 -19.57
CA ASP G 379 -27.94 2.02 -19.90
C ASP G 379 -27.04 2.46 -18.76
N ALA G 380 -27.26 3.67 -18.23
CA ALA G 380 -26.46 4.16 -17.12
C ALA G 380 -26.56 3.24 -15.91
N LEU G 381 -27.71 2.61 -15.71
CA LEU G 381 -27.88 1.70 -14.59
C LEU G 381 -26.97 0.47 -14.74
N PHE G 382 -27.07 -0.21 -15.88
CA PHE G 382 -26.27 -1.42 -16.08
C PHE G 382 -24.79 -1.09 -16.23
N ASP G 383 -24.45 -0.21 -17.17
CA ASP G 383 -23.07 0.19 -17.40
C ASP G 383 -23.05 1.70 -17.62
N ASN G 384 -22.49 2.43 -16.66
CA ASN G 384 -22.42 3.88 -16.72
C ASN G 384 -21.10 4.31 -17.33
N GLY G 385 -21.17 5.19 -18.33
CA GLY G 385 -19.99 5.65 -19.04
C GLY G 385 -19.63 4.84 -20.26
N ARG G 386 -20.27 3.69 -20.47
CA ARG G 386 -19.99 2.89 -21.67
C ARG G 386 -20.47 3.58 -22.93
N ARG G 387 -21.60 4.29 -22.84
CA ARG G 387 -22.13 5.09 -23.95
C ARG G 387 -22.15 6.55 -23.51
N GLY G 388 -21.29 7.37 -24.13
CA GLY G 388 -21.29 8.78 -23.83
C GLY G 388 -20.78 9.08 -22.43
N ARG G 389 -21.12 10.28 -21.96
CA ARG G 389 -20.68 10.73 -20.66
C ARG G 389 -21.40 9.95 -19.56
N PRO G 390 -20.71 9.59 -18.48
CA PRO G 390 -21.37 8.87 -17.39
C PRO G 390 -22.23 9.80 -16.55
N VAL G 391 -23.25 9.22 -15.93
CA VAL G 391 -24.07 9.97 -14.98
C VAL G 391 -23.21 10.32 -13.77
N THR G 392 -23.08 11.61 -13.49
CA THR G 392 -22.20 12.11 -12.45
C THR G 392 -22.99 12.58 -11.24
N GLY G 393 -22.41 12.37 -10.06
CA GLY G 393 -23.01 12.83 -8.83
C GLY G 393 -22.51 14.23 -8.46
N PRO G 394 -22.55 14.55 -7.17
CA PRO G 394 -22.05 15.86 -6.74
C PRO G 394 -20.53 15.94 -6.89
N GLY G 395 -20.07 17.06 -7.42
CA GLY G 395 -18.65 17.24 -7.64
C GLY G 395 -18.10 16.44 -8.80
N ASN G 396 -18.94 16.07 -9.76
CA ASN G 396 -18.50 15.34 -10.95
C ASN G 396 -17.84 14.01 -10.57
N ARG G 397 -18.59 13.20 -9.81
CA ARG G 397 -18.16 11.84 -9.49
C ARG G 397 -19.07 10.86 -10.21
N PRO G 398 -18.55 10.01 -11.10
CA PRO G 398 -19.41 9.08 -11.83
C PRO G 398 -20.05 8.06 -10.89
N LEU G 399 -21.35 7.87 -11.05
CA LEU G 399 -22.06 6.91 -10.21
C LEU G 399 -21.59 5.49 -10.50
N LYS G 400 -21.53 4.67 -9.45
CA LYS G 400 -21.19 3.27 -9.61
C LYS G 400 -22.39 2.50 -10.16
N SER G 401 -22.13 1.68 -11.18
CA SER G 401 -23.16 0.93 -11.86
C SER G 401 -23.00 -0.56 -11.59
N LEU G 402 -24.07 -1.31 -11.86
CA LEU G 402 -24.06 -2.75 -11.61
C LEU G 402 -22.83 -3.41 -12.22
N SER G 403 -22.43 -2.98 -13.42
CA SER G 403 -21.23 -3.55 -14.03
C SER G 403 -19.97 -3.14 -13.27
N ASP G 404 -19.94 -1.94 -12.70
CA ASP G 404 -18.79 -1.51 -11.92
C ASP G 404 -18.60 -2.35 -10.66
N LEU G 405 -19.63 -3.08 -10.22
CA LEU G 405 -19.50 -3.88 -9.01
C LEU G 405 -18.62 -5.11 -9.26
N LEU G 406 -18.70 -5.69 -10.45
CA LEU G 406 -17.91 -6.88 -10.77
C LEU G 406 -16.51 -6.54 -11.25
N LYS G 407 -16.38 -5.52 -12.11
CA LYS G 407 -15.12 -5.26 -12.79
C LYS G 407 -14.06 -4.70 -11.84
N GLY G 408 -12.81 -4.85 -12.25
CA GLY G 408 -11.71 -4.13 -11.64
C GLY G 408 -11.15 -4.80 -10.40
N LYS G 409 -10.03 -4.25 -9.93
CA LYS G 409 -9.39 -4.71 -8.71
C LYS G 409 -10.30 -4.52 -7.50
N GLN G 410 -11.26 -3.60 -7.58
CA GLN G 410 -12.19 -3.33 -6.50
C GLN G 410 -13.52 -4.08 -6.65
N GLY G 411 -13.69 -4.81 -7.74
CA GLY G 411 -14.93 -5.52 -7.98
C GLY G 411 -15.12 -6.70 -7.04
N ARG G 412 -16.22 -7.42 -7.26
CA ARG G 412 -16.53 -8.57 -6.42
C ARG G 412 -15.49 -9.67 -6.55
N PHE G 413 -14.80 -9.74 -7.69
CA PHE G 413 -13.91 -10.86 -7.95
C PHE G 413 -12.56 -10.69 -7.24
N ARG G 414 -11.72 -9.79 -7.75
CA ARG G 414 -10.39 -9.64 -7.19
C ARG G 414 -10.39 -9.05 -5.78
N GLN G 415 -11.50 -8.45 -5.36
CA GLN G 415 -11.58 -7.82 -4.05
C GLN G 415 -12.21 -8.74 -3.01
N ASN G 416 -13.46 -9.13 -3.21
CA ASN G 416 -14.21 -9.88 -2.22
C ASN G 416 -14.31 -11.37 -2.52
N LEU G 417 -13.79 -11.83 -3.65
CA LEU G 417 -13.87 -13.24 -4.03
C LEU G 417 -12.50 -13.91 -4.01
N LEU G 418 -11.61 -13.54 -4.93
CA LEU G 418 -10.28 -14.14 -4.94
C LEU G 418 -9.46 -13.81 -3.70
N GLY G 419 -9.93 -12.88 -2.87
CA GLY G 419 -9.27 -12.56 -1.61
C GLY G 419 -10.30 -12.00 -0.64
N LYS G 420 -10.01 -12.17 0.65
CA LYS G 420 -10.92 -11.73 1.69
C LYS G 420 -10.14 -11.35 2.94
N ARG G 421 -10.79 -10.58 3.80
CA ARG G 421 -10.28 -10.30 5.13
C ARG G 421 -10.79 -11.34 6.10
N VAL G 422 -9.90 -11.90 6.91
CA VAL G 422 -10.19 -13.08 7.71
C VAL G 422 -10.08 -12.73 9.20
N ASP G 423 -10.70 -13.59 10.01
CA ASP G 423 -10.61 -13.48 11.46
C ASP G 423 -9.36 -14.19 11.96
N TYR G 424 -9.14 -14.15 13.28
CA TYR G 424 -8.01 -14.81 13.92
C TYR G 424 -6.71 -14.49 13.19
N SER G 425 -6.37 -13.20 13.19
CA SER G 425 -5.18 -12.74 12.48
C SER G 425 -4.72 -11.42 13.09
N GLY G 426 -3.46 -11.08 12.83
CA GLY G 426 -2.88 -9.85 13.33
C GLY G 426 -1.60 -9.54 12.58
N ARG G 427 -0.93 -8.48 13.03
CA ARG G 427 0.31 -8.05 12.40
C ARG G 427 1.12 -7.24 13.40
N SER G 428 2.39 -7.02 13.06
CA SER G 428 3.31 -6.23 13.87
C SER G 428 4.67 -6.26 13.19
N VAL G 429 5.60 -5.45 13.72
CA VAL G 429 6.94 -5.43 13.17
C VAL G 429 7.69 -6.70 13.58
N ILE G 430 8.76 -6.99 12.86
CA ILE G 430 9.56 -8.20 13.06
C ILE G 430 10.94 -7.80 13.55
N VAL G 431 11.44 -8.54 14.54
CA VAL G 431 12.80 -8.37 15.04
C VAL G 431 13.52 -9.71 14.91
N VAL G 432 14.85 -9.63 14.90
CA VAL G 432 15.65 -10.84 14.74
C VAL G 432 15.44 -11.76 15.92
N GLY G 433 15.35 -13.07 15.65
CA GLY G 433 15.21 -14.06 16.69
C GLY G 433 16.37 -15.01 16.70
N PRO G 434 17.61 -14.48 16.77
CA PRO G 434 18.80 -15.29 16.54
C PRO G 434 18.91 -16.51 17.45
N GLN G 435 18.23 -16.48 18.59
CA GLN G 435 18.27 -17.60 19.53
C GLN G 435 17.17 -18.62 19.27
N LEU G 436 16.31 -18.40 18.26
CA LEU G 436 15.19 -19.28 18.01
C LEU G 436 15.62 -20.52 17.22
N LYS G 437 14.83 -21.58 17.37
CA LYS G 437 14.98 -22.74 16.52
C LYS G 437 14.29 -22.48 15.18
N LEU G 438 14.71 -23.23 14.16
CA LEU G 438 14.21 -22.99 12.81
C LEU G 438 12.69 -23.08 12.75
N HIS G 439 12.08 -23.85 13.64
CA HIS G 439 10.64 -24.06 13.64
C HIS G 439 9.90 -23.17 14.64
N GLN G 440 10.59 -22.22 15.25
CA GLN G 440 10.01 -21.39 16.30
C GLN G 440 9.98 -19.93 15.85
N CYS G 441 9.08 -19.17 16.48
CA CYS G 441 8.94 -17.74 16.20
C CYS G 441 8.44 -17.05 17.45
N GLY G 442 8.99 -15.87 17.73
CA GLY G 442 8.55 -15.10 18.88
C GLY G 442 7.20 -14.46 18.61
N LEU G 443 6.27 -14.63 19.53
CA LEU G 443 4.91 -14.13 19.35
C LEU G 443 4.58 -13.16 20.48
N PRO G 444 4.22 -11.91 20.19
CA PRO G 444 3.84 -10.98 21.25
C PRO G 444 2.73 -11.56 22.12
N LYS G 445 2.86 -11.37 23.43
CA LYS G 445 1.91 -11.98 24.36
C LYS G 445 0.53 -11.34 24.25
N LEU G 446 0.46 -10.04 24.00
CA LEU G 446 -0.84 -9.41 23.81
C LEU G 446 -1.50 -9.91 22.53
N MET G 447 -0.71 -10.06 21.46
CA MET G 447 -1.25 -10.54 20.19
C MET G 447 -1.79 -11.96 20.34
N ALA G 448 -0.98 -12.86 20.90
CA ALA G 448 -1.42 -14.24 21.08
C ALA G 448 -2.64 -14.33 22.00
N LEU G 449 -2.75 -13.39 22.94
CA LEU G 449 -3.90 -13.40 23.84
C LEU G 449 -5.20 -13.12 23.08
N GLU G 450 -5.18 -12.12 22.19
CA GLU G 450 -6.37 -11.81 21.40
C GLU G 450 -6.61 -12.84 20.31
N LEU G 451 -5.54 -13.41 19.74
CA LEU G 451 -5.69 -14.43 18.72
C LEU G 451 -6.32 -15.70 19.29
N PHE G 452 -5.79 -16.19 20.40
CA PHE G 452 -6.28 -17.41 21.04
C PHE G 452 -7.39 -17.17 22.05
N LYS G 453 -7.91 -15.94 22.11
CA LYS G 453 -8.93 -15.57 23.11
C LYS G 453 -9.99 -16.63 23.35
N PRO G 454 -10.69 -17.14 22.34
CA PRO G 454 -11.71 -18.17 22.61
C PRO G 454 -11.15 -19.43 23.24
N PHE G 455 -9.90 -19.79 22.91
CA PHE G 455 -9.31 -20.99 23.50
C PHE G 455 -9.00 -20.80 24.97
N VAL G 456 -8.29 -19.73 25.32
CA VAL G 456 -7.98 -19.47 26.72
C VAL G 456 -9.24 -19.27 27.53
N MET G 457 -10.31 -18.80 26.88
CA MET G 457 -11.60 -18.68 27.58
C MET G 457 -12.12 -20.04 28.03
N LYS G 458 -12.16 -21.00 27.10
CA LYS G 458 -12.66 -22.33 27.46
C LYS G 458 -11.72 -23.03 28.43
N ARG G 459 -10.44 -22.68 28.43
CA ARG G 459 -9.50 -23.34 29.33
C ARG G 459 -9.67 -22.84 30.75
N LEU G 460 -9.74 -21.53 30.94
CA LEU G 460 -9.98 -20.98 32.27
C LEU G 460 -11.43 -21.16 32.71
N VAL G 461 -12.31 -21.61 31.81
CA VAL G 461 -13.63 -22.09 32.24
C VAL G 461 -13.54 -23.55 32.65
N ASP G 462 -12.78 -24.35 31.91
CA ASP G 462 -12.46 -25.71 32.35
C ASP G 462 -11.92 -25.68 33.77
N LEU G 463 -10.80 -25.00 33.99
CA LEU G 463 -10.35 -24.70 35.32
C LEU G 463 -11.34 -23.75 36.00
N ASN G 464 -11.31 -23.73 37.32
CA ASN G 464 -12.28 -22.96 38.10
C ASN G 464 -11.95 -21.47 38.19
N HIS G 465 -10.99 -20.99 37.41
CA HIS G 465 -10.58 -19.59 37.52
C HIS G 465 -11.74 -18.63 37.28
N ALA G 466 -12.75 -19.06 36.53
CA ALA G 466 -13.87 -18.19 36.21
C ALA G 466 -15.13 -19.03 36.05
N GLN G 467 -16.27 -18.39 36.27
CA GLN G 467 -17.58 -19.04 36.16
C GLN G 467 -18.24 -18.69 34.83
N ASN G 468 -18.89 -19.68 34.25
CA ASN G 468 -19.58 -19.55 32.96
C ASN G 468 -18.61 -18.94 31.94
N ILE G 469 -19.14 -18.29 30.90
CA ILE G 469 -18.32 -17.75 29.83
C ILE G 469 -18.18 -16.23 29.90
N LYS G 470 -19.08 -15.55 30.62
CA LYS G 470 -19.04 -14.09 30.66
C LYS G 470 -17.85 -13.59 31.49
N SER G 471 -17.68 -14.11 32.70
CA SER G 471 -16.51 -13.72 33.49
C SER G 471 -15.21 -14.15 32.82
N ALA G 472 -15.26 -15.17 31.96
CA ALA G 472 -14.06 -15.58 31.22
C ALA G 472 -13.67 -14.52 30.20
N LYS G 473 -14.63 -14.02 29.44
CA LYS G 473 -14.34 -12.97 28.47
C LYS G 473 -13.86 -11.70 29.16
N ARG G 474 -14.53 -11.31 30.25
CA ARG G 474 -14.10 -10.11 30.98
C ARG G 474 -12.73 -10.32 31.62
N MET G 475 -12.40 -11.56 32.00
CA MET G 475 -11.09 -11.82 32.59
C MET G 475 -9.98 -11.73 31.55
N VAL G 476 -10.26 -12.12 30.30
CA VAL G 476 -9.27 -11.97 29.24
C VAL G 476 -9.12 -10.50 28.86
N GLU G 477 -10.24 -9.79 28.72
CA GLU G 477 -10.17 -8.39 28.31
C GLU G 477 -9.47 -7.52 29.35
N ARG G 478 -9.60 -7.85 30.62
CA ARG G 478 -9.01 -7.04 31.69
C ARG G 478 -7.55 -7.39 31.97
N GLN G 479 -7.00 -8.40 31.29
CA GLN G 479 -5.59 -8.76 31.39
C GLN G 479 -5.23 -9.41 32.72
N ARG G 480 -6.22 -9.70 33.58
CA ARG G 480 -5.93 -10.17 34.92
C ARG G 480 -4.88 -11.29 34.87
N PRO G 481 -3.88 -11.26 35.76
CA PRO G 481 -2.68 -12.08 35.53
C PRO G 481 -2.92 -13.58 35.43
N GLN G 482 -4.08 -14.07 35.86
CA GLN G 482 -4.29 -15.52 35.87
C GLN G 482 -4.18 -16.10 34.47
N VAL G 483 -4.65 -15.37 33.45
CA VAL G 483 -4.76 -15.94 32.11
C VAL G 483 -3.40 -16.17 31.47
N TRP G 484 -2.34 -15.52 31.96
CA TRP G 484 -1.03 -15.69 31.36
C TRP G 484 -0.55 -17.14 31.46
N ASP G 485 -0.68 -17.73 32.65
CA ASP G 485 -0.33 -19.14 32.80
C ASP G 485 -1.26 -20.02 31.98
N VAL G 486 -2.48 -19.56 31.71
CA VAL G 486 -3.42 -20.34 30.91
C VAL G 486 -3.09 -20.22 29.42
N LEU G 487 -2.51 -19.11 28.99
CA LEU G 487 -2.20 -18.93 27.58
C LEU G 487 -1.08 -19.86 27.14
N GLU G 488 -0.04 -20.01 27.96
CA GLU G 488 1.04 -20.93 27.64
C GLU G 488 0.54 -22.37 27.47
N GLU G 489 -0.60 -22.70 28.06
CA GLU G 489 -1.13 -24.05 27.97
C GLU G 489 -1.77 -24.32 26.61
N VAL G 490 -2.57 -23.39 26.12
CA VAL G 490 -3.21 -23.57 24.81
C VAL G 490 -2.23 -23.29 23.68
N ILE G 491 -1.26 -22.39 23.90
CA ILE G 491 -0.28 -22.07 22.86
C ILE G 491 0.56 -23.28 22.51
N ALA G 492 0.71 -24.22 23.45
CA ALA G 492 1.65 -25.33 23.27
C ALA G 492 1.32 -26.13 22.01
N GLU G 493 2.32 -26.30 21.15
CA GLU G 493 2.22 -27.14 19.96
C GLU G 493 1.00 -26.77 19.12
N HIS G 494 0.66 -25.49 19.10
CA HIS G 494 -0.41 -24.99 18.25
C HIS G 494 0.21 -24.10 17.18
N PRO G 495 0.29 -24.54 15.93
CA PRO G 495 1.05 -23.79 14.92
C PRO G 495 0.31 -22.55 14.44
N VAL G 496 1.09 -21.60 13.95
CA VAL G 496 0.58 -20.37 13.36
C VAL G 496 1.30 -20.14 12.03
N LEU G 497 0.64 -19.40 11.15
CA LEU G 497 1.15 -19.09 9.82
C LEU G 497 1.61 -17.65 9.78
N LEU G 498 2.83 -17.42 9.31
CA LEU G 498 3.40 -16.09 9.16
C LEU G 498 3.47 -15.70 7.69
N ASN G 499 3.06 -14.47 7.39
CA ASN G 499 3.00 -13.98 6.02
C ASN G 499 3.71 -12.64 5.94
N ARG G 500 4.51 -12.47 4.89
CA ARG G 500 5.22 -11.22 4.62
C ARG G 500 4.86 -10.78 3.20
N ALA G 501 4.06 -9.73 3.08
CA ALA G 501 3.64 -9.23 1.78
C ALA G 501 4.68 -8.28 1.19
N PRO G 502 4.88 -8.33 -0.14
CA PRO G 502 4.12 -9.20 -1.05
C PRO G 502 4.61 -10.64 -1.05
N THR G 503 3.72 -11.58 -1.35
CA THR G 503 4.03 -13.00 -1.40
C THR G 503 4.30 -13.37 -2.85
N LEU G 504 5.57 -13.55 -3.20
CA LEU G 504 5.92 -13.89 -4.57
C LEU G 504 5.82 -15.38 -4.82
N HIS G 505 6.33 -16.20 -3.90
CA HIS G 505 6.28 -17.66 -4.03
C HIS G 505 5.66 -18.24 -2.76
N ARG G 506 5.50 -19.56 -2.76
CA ARG G 506 4.83 -20.22 -1.65
C ARG G 506 5.61 -20.13 -0.35
N LEU G 507 6.94 -19.97 -0.41
CA LEU G 507 7.72 -19.80 0.80
C LEU G 507 7.48 -18.45 1.47
N GLY G 508 6.75 -17.54 0.83
CA GLY G 508 6.30 -16.33 1.50
C GLY G 508 5.36 -16.57 2.66
N ILE G 509 4.87 -17.80 2.82
CA ILE G 509 4.05 -18.21 3.94
C ILE G 509 4.66 -19.47 4.53
N GLN G 510 4.92 -19.45 5.83
CA GLN G 510 5.52 -20.59 6.52
C GLN G 510 4.89 -20.75 7.90
N ALA G 511 4.82 -21.99 8.36
CA ALA G 511 4.27 -22.30 9.67
C ALA G 511 5.39 -22.37 10.71
N PHE G 512 5.09 -21.92 11.92
CA PHE G 512 6.05 -21.91 13.01
C PHE G 512 5.35 -22.35 14.29
N GLU G 513 6.16 -22.66 15.30
CA GLU G 513 5.65 -22.93 16.64
C GLU G 513 5.77 -21.66 17.47
N PRO G 514 4.67 -21.18 18.06
CA PRO G 514 4.73 -19.89 18.77
C PRO G 514 5.50 -20.00 20.07
N GLN G 515 6.22 -18.93 20.40
CA GLN G 515 6.92 -18.78 21.67
C GLN G 515 6.52 -17.44 22.26
N LEU G 516 5.77 -17.48 23.37
CA LEU G 516 5.33 -16.25 24.00
C LEU G 516 6.52 -15.36 24.33
N VAL G 517 6.49 -14.12 23.83
CA VAL G 517 7.59 -13.19 23.99
C VAL G 517 7.03 -11.85 24.46
N GLU G 518 7.79 -11.16 25.30
CA GLU G 518 7.40 -9.85 25.79
C GLU G 518 7.49 -8.82 24.65
N GLY G 519 7.09 -7.60 24.95
CA GLY G 519 7.12 -6.53 23.97
C GLY G 519 6.04 -6.71 22.92
N LYS G 520 5.96 -5.73 22.02
CA LYS G 520 4.94 -5.70 20.97
C LYS G 520 5.46 -6.18 19.62
N ALA G 521 6.74 -6.54 19.52
CA ALA G 521 7.32 -6.92 18.24
C ALA G 521 7.27 -8.43 18.05
N ILE G 522 7.69 -8.89 16.87
CA ILE G 522 7.70 -10.29 16.51
C ILE G 522 9.14 -10.72 16.27
N GLN G 523 9.51 -11.88 16.79
CA GLN G 523 10.85 -12.43 16.63
C GLN G 523 10.83 -13.46 15.51
N LEU G 524 11.63 -13.22 14.46
CA LEU G 524 11.67 -14.08 13.29
C LEU G 524 13.04 -14.75 13.20
N HIS G 525 13.04 -15.99 12.74
CA HIS G 525 14.30 -16.73 12.62
C HIS G 525 15.16 -16.10 11.53
N PRO G 526 16.45 -15.90 11.76
CA PRO G 526 17.28 -15.19 10.76
C PRO G 526 17.50 -15.96 9.48
N LEU G 527 17.28 -17.28 9.48
CA LEU G 527 17.51 -18.05 8.27
C LEU G 527 16.38 -17.93 7.27
N VAL G 528 15.15 -17.72 7.76
CA VAL G 528 13.99 -17.66 6.86
C VAL G 528 13.86 -16.32 6.17
N CYS G 529 14.75 -15.38 6.47
CA CYS G 529 14.67 -14.06 5.88
C CYS G 529 14.80 -14.12 4.36
N GLU G 530 15.67 -15.01 3.86
CA GLU G 530 15.86 -15.13 2.42
C GLU G 530 14.55 -15.52 1.73
N ALA G 531 13.75 -16.35 2.39
CA ALA G 531 12.47 -16.76 1.81
C ALA G 531 11.49 -15.60 1.77
N PHE G 532 11.27 -14.95 2.91
CA PHE G 532 10.36 -13.81 2.98
C PHE G 532 10.92 -12.56 2.32
N ASN G 533 12.22 -12.53 2.01
CA ASN G 533 12.88 -11.31 1.55
C ASN G 533 12.59 -10.16 2.52
N ALA G 534 12.64 -10.47 3.81
CA ALA G 534 12.21 -9.56 4.86
C ALA G 534 13.43 -8.87 5.46
N ASP G 535 13.55 -7.56 5.21
CA ASP G 535 14.57 -6.77 5.88
C ASP G 535 14.08 -6.36 7.27
N PHE G 536 15.02 -6.16 8.18
CA PHE G 536 14.70 -5.75 9.53
C PHE G 536 14.64 -4.24 9.70
N ASP G 537 14.49 -3.50 8.60
CA ASP G 537 14.38 -2.04 8.63
C ASP G 537 12.99 -1.55 8.99
N GLY G 538 12.11 -2.44 9.47
CA GLY G 538 10.77 -2.03 9.86
C GLY G 538 9.68 -2.76 9.11
N ASP G 539 10.02 -3.89 8.49
CA ASP G 539 9.00 -4.68 7.79
C ASP G 539 7.91 -5.11 8.76
N GLN G 540 6.71 -5.25 8.24
CA GLN G 540 5.57 -5.76 8.99
C GLN G 540 5.18 -7.13 8.45
N MET G 541 4.77 -8.02 9.34
CA MET G 541 4.34 -9.36 8.97
C MET G 541 3.01 -9.68 9.63
N ALA G 542 2.27 -10.59 9.00
CA ALA G 542 0.94 -10.98 9.45
C ALA G 542 0.97 -12.41 9.99
N VAL G 543 0.05 -12.69 10.90
CA VAL G 543 -0.07 -14.00 11.53
C VAL G 543 -1.50 -14.48 11.39
N HIS G 544 -1.66 -15.76 11.03
CA HIS G 544 -2.97 -16.38 10.92
C HIS G 544 -2.98 -17.66 11.76
N LEU G 545 -4.13 -17.95 12.34
CA LEU G 545 -4.26 -19.06 13.28
C LEU G 545 -5.14 -20.15 12.69
N PRO G 546 -4.59 -21.30 12.32
CA PRO G 546 -5.43 -22.41 11.87
C PRO G 546 -6.25 -22.98 13.01
N LEU G 547 -7.44 -23.47 12.69
CA LEU G 547 -8.39 -23.94 13.70
C LEU G 547 -8.66 -25.44 13.56
N SER G 548 -9.32 -25.87 12.48
CA SER G 548 -9.71 -27.26 12.35
C SER G 548 -8.49 -28.18 12.35
N ALA G 549 -8.72 -29.44 12.72
CA ALA G 549 -7.63 -30.40 12.78
C ALA G 549 -6.94 -30.55 11.43
N GLU G 550 -7.71 -30.50 10.34
CA GLU G 550 -7.10 -30.57 9.01
C GLU G 550 -6.16 -29.39 8.78
N ALA G 551 -6.55 -28.20 9.24
CA ALA G 551 -5.70 -27.03 9.05
C ALA G 551 -4.41 -27.14 9.85
N GLN G 552 -4.53 -27.56 11.12
CA GLN G 552 -3.32 -27.71 11.94
C GLN G 552 -2.39 -28.76 11.35
N ALA G 553 -2.95 -29.84 10.79
CA ALA G 553 -2.12 -30.88 10.19
C ALA G 553 -1.37 -30.35 8.97
N GLU G 554 -2.07 -29.58 8.12
CA GLU G 554 -1.41 -29.03 6.93
C GLU G 554 -0.31 -28.05 7.32
N ALA G 555 -0.40 -27.43 8.49
CA ALA G 555 0.63 -26.50 8.93
C ALA G 555 1.85 -27.24 9.47
N ARG G 556 1.64 -28.39 10.12
CA ARG G 556 2.75 -29.14 10.70
C ARG G 556 3.52 -29.91 9.64
N ILE G 557 2.80 -30.60 8.75
CA ILE G 557 3.46 -31.41 7.72
C ILE G 557 3.87 -30.56 6.54
N LEU G 558 2.91 -29.92 5.88
CA LEU G 558 3.19 -29.25 4.61
C LEU G 558 3.97 -27.97 4.81
N MET G 559 3.47 -27.06 5.64
CA MET G 559 3.95 -25.68 5.69
C MET G 559 4.97 -25.41 6.79
N LEU G 560 5.41 -26.44 7.52
CA LEU G 560 6.39 -26.21 8.56
C LEU G 560 7.67 -25.59 7.99
N SER G 561 8.30 -24.73 8.77
CA SER G 561 9.50 -24.05 8.31
C SER G 561 10.65 -25.04 8.09
N SER G 562 10.85 -25.97 9.03
CA SER G 562 11.93 -26.94 8.91
C SER G 562 11.73 -27.89 7.75
N ASN G 563 10.49 -28.08 7.28
CA ASN G 563 10.24 -29.06 6.23
C ASN G 563 10.67 -28.55 4.87
N ASN G 564 10.53 -27.26 4.61
CA ASN G 564 10.94 -26.66 3.34
C ASN G 564 12.21 -25.84 3.60
N ILE G 565 13.36 -26.42 3.29
CA ILE G 565 14.63 -25.71 3.35
C ILE G 565 15.16 -25.40 1.97
N LEU G 566 14.50 -25.85 0.90
CA LEU G 566 14.97 -25.71 -0.47
C LEU G 566 13.98 -24.91 -1.29
N SER G 567 14.50 -24.08 -2.18
CA SER G 567 13.67 -23.29 -3.07
C SER G 567 12.93 -24.20 -4.05
N PRO G 568 11.61 -24.23 -4.06
CA PRO G 568 10.90 -25.11 -4.99
C PRO G 568 10.88 -24.56 -6.41
N ALA G 569 12.02 -24.07 -6.88
CA ALA G 569 12.12 -23.58 -8.26
C ALA G 569 13.44 -24.06 -8.85
N SER G 570 14.56 -23.57 -8.30
CA SER G 570 15.86 -24.01 -8.75
C SER G 570 16.32 -25.27 -8.01
N GLY G 571 15.93 -25.41 -6.74
CA GLY G 571 16.36 -26.50 -5.91
C GLY G 571 17.45 -26.14 -4.93
N LYS G 572 18.15 -25.04 -5.15
CA LYS G 572 19.19 -24.60 -4.24
C LYS G 572 18.58 -24.32 -2.86
N PRO G 573 19.33 -24.55 -1.79
CA PRO G 573 18.80 -24.30 -0.44
C PRO G 573 18.49 -22.83 -0.24
N LEU G 574 17.25 -22.54 0.16
CA LEU G 574 16.84 -21.15 0.31
C LEU G 574 17.21 -20.63 1.69
N ALA G 575 17.11 -21.47 2.71
CA ALA G 575 17.48 -21.11 4.08
C ALA G 575 18.86 -21.70 4.36
N MET G 576 19.88 -20.86 4.26
CA MET G 576 21.26 -21.25 4.54
C MET G 576 21.96 -20.09 5.22
N PRO G 577 23.09 -20.35 5.88
CA PRO G 577 23.84 -19.26 6.49
C PRO G 577 24.14 -18.16 5.48
N ARG G 578 23.86 -16.91 5.88
CA ARG G 578 24.04 -15.78 5.00
C ARG G 578 24.42 -14.56 5.82
N LEU G 579 25.19 -13.66 5.20
CA LEU G 579 25.61 -12.40 5.84
C LEU G 579 26.50 -12.74 7.02
N ASP G 580 26.12 -12.37 8.25
CA ASP G 580 27.02 -12.55 9.40
C ASP G 580 27.49 -13.99 9.54
N MET G 581 26.61 -14.95 9.24
CA MET G 581 26.99 -16.35 9.37
C MET G 581 28.05 -16.74 8.35
N VAL G 582 27.98 -16.16 7.14
CA VAL G 582 28.97 -16.42 6.11
C VAL G 582 30.34 -15.96 6.60
N THR G 583 30.48 -14.65 6.80
CA THR G 583 31.75 -14.11 7.29
C THR G 583 32.12 -14.69 8.64
N GLY G 584 31.13 -15.08 9.45
CA GLY G 584 31.43 -15.71 10.73
C GLY G 584 32.10 -17.05 10.57
N LEU G 585 31.61 -17.86 9.61
CA LEU G 585 32.22 -19.16 9.37
C LEU G 585 33.45 -19.05 8.47
N TYR G 586 33.39 -18.17 7.47
CA TYR G 586 34.55 -17.93 6.62
C TYR G 586 35.78 -17.56 7.44
N TYR G 587 35.57 -16.92 8.59
CA TYR G 587 36.68 -16.56 9.46
C TYR G 587 37.26 -17.79 10.16
N LEU G 588 36.40 -18.69 10.63
CA LEU G 588 36.86 -19.86 11.36
C LEU G 588 37.72 -20.76 10.46
N THR G 589 37.20 -21.11 9.28
CA THR G 589 37.86 -22.10 8.44
C THR G 589 39.19 -21.61 7.87
N THR G 590 39.41 -20.30 7.83
CA THR G 590 40.65 -19.78 7.26
C THR G 590 41.85 -20.19 8.11
N LEU G 591 42.97 -20.45 7.43
CA LEU G 591 44.23 -20.79 8.08
C LEU G 591 45.23 -19.68 7.83
N VAL G 592 45.73 -19.07 8.91
CA VAL G 592 46.64 -17.94 8.83
C VAL G 592 48.07 -18.45 8.94
N GLU G 593 48.93 -17.95 8.05
CA GLU G 593 50.34 -18.34 8.07
C GLU G 593 51.03 -17.77 9.30
N GLY G 594 51.82 -18.62 9.96
CA GLY G 594 52.58 -18.16 11.11
C GLY G 594 51.74 -17.63 12.24
N ALA G 595 50.61 -18.29 12.53
CA ALA G 595 49.77 -17.90 13.65
C ALA G 595 50.39 -18.39 14.96
N THR G 596 49.74 -18.05 16.07
CA THR G 596 50.24 -18.45 17.38
C THR G 596 49.97 -19.94 17.61
N GLY G 597 51.00 -20.67 18.03
CA GLY G 597 50.87 -22.10 18.23
C GLY G 597 51.01 -22.93 16.97
N GLU G 598 51.44 -22.34 15.86
CA GLU G 598 51.56 -23.09 14.61
C GLU G 598 52.49 -24.27 14.78
N TYR G 599 52.11 -25.39 14.19
CA TYR G 599 52.89 -26.62 14.30
C TYR G 599 54.05 -26.63 13.32
N GLN G 600 55.21 -27.09 13.80
CA GLN G 600 56.40 -27.21 12.98
C GLN G 600 57.04 -28.57 13.21
N ALA G 601 57.75 -29.06 12.21
CA ALA G 601 58.32 -30.40 12.26
C ALA G 601 59.43 -30.48 13.30
N ALA G 602 59.70 -31.70 13.75
CA ALA G 602 60.74 -31.93 14.74
C ALA G 602 62.13 -31.78 14.11
N THR G 603 63.02 -31.10 14.81
CA THR G 603 64.38 -30.86 14.32
C THR G 603 65.36 -31.07 15.46
N LYS G 604 66.25 -32.04 15.30
CA LYS G 604 67.35 -32.31 16.24
C LYS G 604 66.74 -32.62 17.60
N ASP G 605 67.07 -31.87 18.67
CA ASP G 605 66.65 -32.20 20.01
C ASP G 605 65.18 -31.89 20.28
N ALA G 606 64.46 -31.30 19.31
CA ALA G 606 63.09 -30.91 19.53
C ALA G 606 62.15 -31.90 18.86
N PRO G 607 61.24 -32.54 19.59
CA PRO G 607 60.24 -33.41 18.94
C PRO G 607 59.26 -32.60 18.10
N GLU G 608 58.22 -33.26 17.60
CA GLU G 608 57.23 -32.56 16.79
C GLU G 608 56.59 -31.42 17.58
N GLN G 609 55.95 -31.75 18.69
CA GLN G 609 55.49 -30.75 19.66
C GLN G 609 54.35 -29.88 19.12
N GLY G 610 54.10 -29.94 17.82
CA GLY G 610 53.04 -29.14 17.23
C GLY G 610 51.68 -29.78 17.33
N VAL G 611 51.65 -31.10 17.35
CA VAL G 611 50.38 -31.83 17.42
C VAL G 611 49.79 -31.77 18.82
N TYR G 612 48.50 -32.06 18.91
CA TYR G 612 47.79 -32.10 20.18
C TYR G 612 47.12 -33.45 20.35
N SER G 613 46.94 -33.85 21.61
CA SER G 613 46.41 -35.17 21.92
C SER G 613 44.97 -35.32 21.44
N SER G 614 44.09 -34.45 21.91
CA SER G 614 42.67 -34.54 21.62
C SER G 614 42.14 -33.15 21.31
N PRO G 615 40.96 -33.06 20.68
CA PRO G 615 40.35 -31.74 20.47
C PRO G 615 40.02 -31.02 21.75
N ALA G 616 39.68 -31.76 22.81
CA ALA G 616 39.46 -31.11 24.10
C ALA G 616 40.74 -30.49 24.65
N GLU G 617 41.89 -31.11 24.35
CA GLU G 617 43.16 -30.52 24.75
C GLU G 617 43.46 -29.24 23.96
N ALA G 618 43.00 -29.18 22.69
CA ALA G 618 43.18 -27.96 21.92
C ALA G 618 42.40 -26.80 22.53
N ILE G 619 41.24 -27.08 23.14
CA ILE G 619 40.49 -26.03 23.83
C ILE G 619 41.27 -25.53 25.03
N MET G 620 41.86 -26.45 25.82
CA MET G 620 42.69 -26.04 26.94
C MET G 620 43.86 -25.20 26.46
N ALA G 621 44.43 -25.54 25.30
CA ALA G 621 45.50 -24.74 24.73
C ALA G 621 45.00 -23.44 24.13
N MET G 622 43.71 -23.37 23.77
CA MET G 622 43.15 -22.15 23.22
C MET G 622 42.82 -21.14 24.31
N ASP G 623 42.15 -21.59 25.38
CA ASP G 623 41.80 -20.71 26.48
C ASP G 623 43.03 -19.97 26.98
N ARG G 624 44.09 -20.70 27.30
CA ARG G 624 45.38 -20.07 27.52
C ARG G 624 45.95 -19.59 26.19
N GLY G 625 46.81 -18.58 26.26
CA GLY G 625 47.26 -17.88 25.08
C GLY G 625 48.06 -18.67 24.07
N ALA G 626 48.16 -19.99 24.26
CA ALA G 626 49.03 -20.79 23.40
C ALA G 626 48.45 -20.96 22.01
N LEU G 627 47.23 -21.51 21.92
CA LEU G 627 46.68 -21.96 20.66
C LEU G 627 45.81 -20.90 20.01
N SER G 628 45.86 -20.84 18.67
CA SER G 628 45.01 -19.98 17.87
C SER G 628 44.11 -20.84 17.00
N VAL G 629 42.89 -20.33 16.74
CA VAL G 629 41.92 -21.11 15.98
C VAL G 629 42.36 -21.29 14.54
N ARG G 630 43.10 -20.32 13.99
CA ARG G 630 43.52 -20.35 12.60
C ARG G 630 44.89 -21.02 12.41
N ALA G 631 45.42 -21.66 13.45
CA ALA G 631 46.73 -22.28 13.34
C ALA G 631 46.68 -23.50 12.42
N LYS G 632 47.85 -23.93 11.99
CA LYS G 632 47.99 -25.06 11.08
C LYS G 632 48.23 -26.38 11.79
N ILE G 633 48.00 -26.44 13.11
CA ILE G 633 48.33 -27.64 13.87
C ILE G 633 47.47 -28.81 13.41
N LYS G 634 47.96 -30.01 13.71
CA LYS G 634 47.24 -31.26 13.45
C LYS G 634 46.92 -31.94 14.76
N VAL G 635 45.78 -32.64 14.79
CA VAL G 635 45.28 -33.24 16.02
C VAL G 635 44.86 -34.69 15.73
N ARG G 636 44.72 -35.46 16.81
CA ARG G 636 44.20 -36.82 16.74
C ARG G 636 42.72 -36.79 17.08
N LEU G 637 41.89 -37.30 16.18
CA LEU G 637 40.44 -37.24 16.30
C LEU G 637 39.86 -38.63 16.47
N THR G 638 38.84 -38.74 17.32
CA THR G 638 38.16 -40.00 17.59
C THR G 638 36.76 -40.04 17.03
N GLU G 639 35.89 -39.12 17.45
CA GLU G 639 34.48 -39.18 17.05
C GLU G 639 34.25 -38.68 15.64
N LEU G 640 35.05 -37.72 15.18
CA LEU G 640 34.83 -37.13 13.86
C LEU G 640 35.19 -38.12 12.75
N ARG G 641 34.61 -37.89 11.57
CA ARG G 641 34.75 -38.80 10.44
C ARG G 641 35.78 -38.27 9.45
N PRO G 642 36.74 -39.08 9.05
CA PRO G 642 37.73 -38.64 8.06
C PRO G 642 37.17 -38.70 6.65
N PRO G 643 37.84 -38.06 5.69
CA PRO G 643 37.38 -38.19 4.30
C PRO G 643 37.37 -39.63 3.84
N THR G 644 36.52 -39.91 2.85
CA THR G 644 36.28 -41.28 2.41
C THR G 644 37.57 -41.97 1.99
N ASP G 645 38.24 -41.43 0.97
CA ASP G 645 39.43 -42.08 0.44
C ASP G 645 40.49 -42.23 1.52
N LEU G 646 40.76 -41.17 2.28
CA LEU G 646 41.71 -41.25 3.39
C LEU G 646 41.19 -42.14 4.51
N GLU G 647 39.86 -42.33 4.59
CA GLU G 647 39.29 -43.20 5.62
C GLU G 647 39.62 -44.66 5.34
N ALA G 648 39.56 -45.08 4.07
CA ALA G 648 39.80 -46.48 3.74
C ALA G 648 41.24 -46.89 3.98
N GLN G 649 42.19 -45.94 3.85
CA GLN G 649 43.59 -46.27 4.10
C GLN G 649 43.88 -46.41 5.59
N LEU G 650 43.36 -45.49 6.41
CA LEU G 650 43.52 -45.60 7.84
C LEU G 650 42.82 -46.86 8.38
N PHE G 651 41.61 -47.13 7.90
CA PHE G 651 40.80 -48.24 8.37
C PHE G 651 40.40 -49.09 7.18
N GLU G 652 40.83 -50.36 7.18
CA GLU G 652 40.42 -51.27 6.13
C GLU G 652 39.08 -51.93 6.42
N ASN G 653 38.78 -52.13 7.71
CA ASN G 653 37.56 -52.85 8.07
C ASN G 653 36.32 -51.99 8.02
N GLY G 654 36.43 -50.70 8.33
CA GLY G 654 35.25 -49.87 8.31
C GLY G 654 35.62 -48.43 8.63
N TRP G 655 34.62 -47.72 9.13
CA TRP G 655 34.75 -46.31 9.46
C TRP G 655 35.41 -46.16 10.84
N LYS G 656 35.35 -44.95 11.39
CA LYS G 656 35.92 -44.68 12.70
C LYS G 656 34.82 -44.37 13.71
N PRO G 657 34.05 -45.38 14.14
CA PRO G 657 32.98 -45.12 15.11
C PRO G 657 33.50 -44.56 16.42
N GLY G 658 34.48 -45.22 17.00
CA GLY G 658 35.10 -44.74 18.22
C GLY G 658 36.61 -44.79 18.10
N ASP G 659 37.10 -44.96 16.87
CA ASP G 659 38.52 -45.17 16.61
C ASP G 659 39.19 -43.87 16.19
N ALA G 660 40.42 -43.68 16.65
CA ALA G 660 41.14 -42.43 16.48
C ALA G 660 41.88 -42.40 15.14
N TRP G 661 42.28 -41.19 14.75
CA TRP G 661 43.06 -40.95 13.54
C TRP G 661 43.60 -39.52 13.64
N THR G 662 44.38 -39.11 12.65
CA THR G 662 45.00 -37.79 12.64
C THR G 662 44.97 -37.21 11.24
N GLU G 663 44.88 -35.88 11.18
CA GLU G 663 45.06 -35.15 9.93
C GLU G 663 45.47 -33.72 10.28
N GLU G 664 45.96 -33.01 9.27
CA GLU G 664 46.43 -31.64 9.44
C GLU G 664 45.35 -30.68 8.96
N THR G 665 44.69 -30.02 9.89
CA THR G 665 43.64 -29.04 9.58
C THR G 665 43.67 -27.94 10.62
N THR G 666 43.18 -26.76 10.22
CA THR G 666 43.02 -25.68 11.18
C THR G 666 41.95 -26.01 12.20
N LEU G 667 42.13 -25.51 13.43
CA LEU G 667 41.17 -25.78 14.48
C LEU G 667 39.78 -25.28 14.10
N GLY G 668 39.72 -24.15 13.40
CA GLY G 668 38.44 -23.64 12.93
C GLY G 668 37.73 -24.62 12.02
N ARG G 669 38.48 -25.35 11.20
CA ARG G 669 37.89 -26.36 10.34
C ARG G 669 37.51 -27.62 11.10
N VAL G 670 38.12 -27.86 12.27
CA VAL G 670 37.69 -28.96 13.13
C VAL G 670 36.39 -28.62 13.83
N MET G 671 36.32 -27.43 14.42
CA MET G 671 35.09 -27.02 15.10
C MET G 671 33.93 -26.90 14.10
N PHE G 672 34.23 -26.45 12.87
CA PHE G 672 33.20 -26.38 11.85
C PHE G 672 32.67 -27.77 11.52
N ASN G 673 33.57 -28.75 11.37
CA ASN G 673 33.14 -30.12 11.08
C ASN G 673 32.44 -30.78 12.27
N GLU G 674 32.51 -30.19 13.47
CA GLU G 674 31.75 -30.75 14.58
C GLU G 674 30.26 -30.44 14.43
N LEU G 675 29.92 -29.33 13.80
CA LEU G 675 28.51 -29.00 13.60
C LEU G 675 27.84 -29.98 12.66
N LEU G 676 28.52 -30.35 11.57
CA LEU G 676 27.97 -31.32 10.64
C LEU G 676 27.73 -32.65 11.34
N PRO G 677 26.84 -33.48 10.81
CA PRO G 677 26.59 -34.79 11.42
C PRO G 677 27.85 -35.64 11.43
N LYS G 678 27.87 -36.60 12.36
CA LYS G 678 29.05 -37.45 12.51
C LYS G 678 29.33 -38.26 11.25
N SER G 679 28.28 -38.68 10.54
CA SER G 679 28.47 -39.53 9.38
C SER G 679 29.09 -38.80 8.19
N TYR G 680 29.10 -37.46 8.21
CA TYR G 680 29.62 -36.75 7.06
C TYR G 680 31.15 -36.69 7.11
N PRO G 681 31.82 -36.91 5.98
CA PRO G 681 33.29 -36.90 5.98
C PRO G 681 33.83 -35.49 6.20
N PHE G 682 35.10 -35.44 6.60
CA PHE G 682 35.76 -34.17 6.86
C PHE G 682 35.82 -33.33 5.58
N VAL G 683 35.79 -32.02 5.76
CA VAL G 683 35.82 -31.09 4.64
C VAL G 683 37.22 -30.53 4.45
N ASN G 684 37.71 -29.82 5.46
CA ASN G 684 39.03 -29.18 5.40
C ASN G 684 39.09 -28.18 4.25
N GLU G 685 38.25 -27.15 4.36
CA GLU G 685 38.18 -26.08 3.37
C GLU G 685 37.79 -24.79 4.08
N GLN G 686 38.03 -23.66 3.42
CA GLN G 686 37.57 -22.38 3.92
C GLN G 686 36.19 -22.11 3.35
N MET G 687 35.24 -21.78 4.24
CA MET G 687 33.84 -21.74 3.88
C MET G 687 33.53 -20.54 2.98
N HIS G 688 33.04 -20.82 1.78
CA HIS G 688 32.49 -19.83 0.88
C HIS G 688 31.00 -20.11 0.71
N LYS G 689 30.21 -19.05 0.53
CA LYS G 689 28.77 -19.25 0.40
C LYS G 689 28.44 -20.20 -0.75
N LYS G 690 29.29 -20.26 -1.78
CA LYS G 690 29.08 -21.22 -2.85
C LYS G 690 29.39 -22.63 -2.37
N VAL G 691 30.47 -22.80 -1.60
CA VAL G 691 30.81 -24.13 -1.07
C VAL G 691 29.79 -24.56 -0.04
N GLN G 692 29.43 -23.66 0.87
CA GLN G 692 28.42 -23.97 1.88
C GLN G 692 27.10 -24.35 1.24
N ALA G 693 26.82 -23.82 0.05
CA ALA G 693 25.63 -24.25 -0.70
C ALA G 693 25.81 -25.64 -1.27
N ARG G 694 27.05 -26.02 -1.61
CA ARG G 694 27.29 -27.37 -2.10
C ARG G 694 27.16 -28.40 -0.99
N ILE G 695 27.54 -28.04 0.24
CA ILE G 695 27.46 -28.99 1.34
C ILE G 695 26.02 -29.15 1.80
N ILE G 696 25.30 -28.04 1.99
CA ILE G 696 23.91 -28.12 2.40
C ILE G 696 23.08 -28.82 1.32
N ASN G 697 23.39 -28.55 0.05
CA ASN G 697 22.72 -29.26 -1.02
C ASN G 697 22.99 -30.76 -0.95
N ASP G 698 24.16 -31.15 -0.44
CA ASP G 698 24.50 -32.56 -0.32
C ASP G 698 23.80 -33.21 0.87
N LEU G 699 23.57 -32.45 1.94
CA LEU G 699 22.87 -33.01 3.10
C LEU G 699 21.39 -33.19 2.82
N ALA G 700 20.78 -32.27 2.09
CA ALA G 700 19.36 -32.39 1.77
C ALA G 700 19.08 -33.65 0.96
N GLU G 701 20.02 -34.03 0.09
CA GLU G 701 19.82 -35.21 -0.75
C GLU G 701 20.11 -36.49 0.02
N ARG G 702 21.23 -36.53 0.75
CA ARG G 702 21.68 -37.77 1.38
C ARG G 702 20.95 -38.04 2.69
N PHE G 703 20.88 -37.05 3.57
CA PHE G 703 20.38 -37.23 4.92
C PHE G 703 18.91 -36.86 5.03
N PRO G 704 18.27 -37.15 6.16
CA PRO G 704 16.88 -36.76 6.35
C PRO G 704 16.74 -35.25 6.53
N MET G 705 15.49 -34.78 6.44
CA MET G 705 15.23 -33.34 6.55
C MET G 705 15.52 -32.83 7.95
N ILE G 706 15.16 -33.60 8.98
CA ILE G 706 15.37 -33.13 10.35
C ILE G 706 16.84 -32.92 10.63
N VAL G 707 17.70 -33.85 10.20
CA VAL G 707 19.14 -33.69 10.40
C VAL G 707 19.64 -32.42 9.73
N VAL G 708 19.06 -32.06 8.59
CA VAL G 708 19.44 -30.83 7.92
C VAL G 708 18.96 -29.62 8.69
N ALA G 709 17.76 -29.71 9.28
CA ALA G 709 17.23 -28.59 10.05
C ALA G 709 18.09 -28.29 11.26
N GLN G 710 18.55 -29.33 11.97
CA GLN G 710 19.38 -29.12 13.15
C GLN G 710 20.80 -28.71 12.77
N THR G 711 21.31 -29.21 11.64
CA THR G 711 22.65 -28.82 11.20
C THR G 711 22.68 -27.35 10.81
N VAL G 712 21.69 -26.89 10.04
CA VAL G 712 21.61 -25.48 9.70
C VAL G 712 21.39 -24.64 10.95
N ASP G 713 20.66 -25.18 11.93
CA ASP G 713 20.50 -24.49 13.20
C ASP G 713 21.83 -24.33 13.92
N LYS G 714 22.64 -25.40 13.95
CA LYS G 714 23.94 -25.32 14.59
C LYS G 714 24.90 -24.43 13.83
N LEU G 715 24.69 -24.28 12.51
CA LEU G 715 25.58 -23.43 11.73
C LEU G 715 25.36 -21.95 12.03
N LYS G 716 24.11 -21.55 12.24
CA LYS G 716 23.84 -20.14 12.49
C LYS G 716 24.35 -19.70 13.86
N ASP G 717 24.42 -20.62 14.82
CA ASP G 717 24.97 -20.28 16.14
C ASP G 717 26.46 -20.03 16.05
N ALA G 718 27.18 -20.85 15.29
CA ALA G 718 28.61 -20.63 15.11
C ALA G 718 28.87 -19.44 14.19
N GLY G 719 28.06 -19.29 13.15
CA GLY G 719 28.23 -18.15 12.26
C GLY G 719 28.06 -16.83 12.98
N PHE G 720 27.10 -16.75 13.89
CA PHE G 720 26.92 -15.52 14.68
C PHE G 720 28.00 -15.38 15.73
N TYR G 721 28.35 -16.48 16.41
CA TYR G 721 29.35 -16.42 17.47
C TYR G 721 30.66 -15.84 16.96
N TRP G 722 31.21 -16.42 15.89
CA TRP G 722 32.49 -15.97 15.36
C TRP G 722 32.36 -14.76 14.45
N ALA G 723 31.14 -14.29 14.17
CA ALA G 723 30.98 -13.03 13.45
C ALA G 723 31.39 -11.85 14.33
N THR G 724 31.15 -11.94 15.64
CA THR G 724 31.59 -10.89 16.54
C THR G 724 33.10 -10.90 16.70
N ARG G 725 33.69 -12.09 16.81
CA ARG G 725 35.14 -12.22 16.93
C ARG G 725 35.87 -12.05 15.60
N SER G 726 35.13 -11.95 14.49
CA SER G 726 35.75 -11.89 13.17
C SER G 726 36.68 -10.71 12.99
N GLY G 727 36.64 -9.73 13.90
CA GLY G 727 37.46 -8.54 13.72
C GLY G 727 37.08 -7.72 12.51
N VAL G 728 35.87 -7.90 12.00
CA VAL G 728 35.38 -7.17 10.84
C VAL G 728 34.67 -5.92 11.34
N THR G 729 35.27 -4.75 11.12
CA THR G 729 34.69 -3.48 11.51
C THR G 729 35.11 -2.43 10.50
N VAL G 730 34.18 -1.52 10.21
CA VAL G 730 34.41 -0.50 9.20
C VAL G 730 34.96 0.76 9.86
N SER G 731 35.96 1.35 9.22
CA SER G 731 36.52 2.62 9.66
C SER G 731 37.08 3.35 8.43
N MET G 732 37.26 4.66 8.58
CA MET G 732 37.86 5.42 7.49
C MET G 732 39.26 4.93 7.17
N ALA G 733 39.94 4.33 8.15
CA ALA G 733 41.32 3.90 7.96
C ALA G 733 41.41 2.61 7.17
N ASP G 734 40.50 1.66 7.42
CA ASP G 734 40.52 0.39 6.69
C ASP G 734 40.25 0.62 5.20
N VAL G 735 39.28 1.46 4.88
CA VAL G 735 39.07 1.85 3.49
C VAL G 735 40.21 2.76 3.06
N LEU G 736 40.77 2.50 1.88
CA LEU G 736 41.94 3.21 1.41
C LEU G 736 41.85 3.44 -0.10
N VAL G 737 42.71 4.32 -0.59
CA VAL G 737 42.70 4.77 -1.98
C VAL G 737 43.96 4.25 -2.67
N PRO G 738 43.84 3.58 -3.81
CA PRO G 738 45.04 3.20 -4.57
C PRO G 738 45.60 4.39 -5.32
N PRO G 739 46.92 4.49 -5.43
CA PRO G 739 47.51 5.66 -6.09
C PRO G 739 47.39 5.62 -7.61
N GLN G 740 47.39 4.43 -8.22
CA GLN G 740 47.51 4.32 -9.67
C GLN G 740 46.46 5.12 -10.43
N LYS G 741 45.35 5.50 -9.78
CA LYS G 741 44.29 6.20 -10.49
C LYS G 741 44.78 7.53 -11.04
N GLN G 742 45.54 8.29 -10.24
CA GLN G 742 46.01 9.60 -10.69
C GLN G 742 46.90 9.48 -11.92
N GLU G 743 47.71 8.43 -11.98
CA GLU G 743 48.49 8.18 -13.19
C GLU G 743 47.58 7.82 -14.35
N ILE G 744 46.68 6.86 -14.15
CA ILE G 744 45.67 6.57 -15.17
C ILE G 744 44.87 7.82 -15.51
N LEU G 745 44.54 8.62 -14.50
CA LEU G 745 43.94 9.92 -14.76
C LEU G 745 44.87 10.80 -15.57
N GLU G 746 46.12 10.94 -15.11
CA GLU G 746 47.12 11.64 -15.92
C GLU G 746 47.20 11.05 -17.32
N ARG G 747 47.30 9.72 -17.42
CA ARG G 747 47.33 9.08 -18.72
C ARG G 747 46.04 9.34 -19.48
N HIS G 748 44.92 8.82 -18.97
CA HIS G 748 43.65 8.95 -19.68
C HIS G 748 43.29 10.41 -19.93
N GLU G 749 43.11 11.17 -18.84
CA GLU G 749 42.68 12.56 -18.99
C GLU G 749 43.57 13.32 -19.97
N ALA G 750 44.89 13.11 -19.89
CA ALA G 750 45.79 13.78 -20.81
C ALA G 750 45.79 13.12 -22.18
N GLU G 751 45.84 11.79 -22.25
CA GLU G 751 45.74 11.12 -23.54
C GLU G 751 44.35 11.27 -24.13
N ALA G 752 43.34 11.43 -23.27
CA ALA G 752 42.02 11.81 -23.77
C ALA G 752 41.95 13.30 -24.06
N ASP G 753 42.79 14.09 -23.39
CA ASP G 753 42.91 15.50 -23.73
C ASP G 753 43.53 15.68 -25.10
N ALA G 754 44.49 14.80 -25.45
CA ALA G 754 45.01 14.78 -26.81
C ALA G 754 43.93 14.38 -27.81
N ILE G 755 42.99 13.52 -27.38
CA ILE G 755 41.86 13.19 -28.22
C ILE G 755 40.97 14.41 -28.45
N GLU G 756 40.92 15.31 -27.46
CA GLU G 756 40.13 16.54 -27.61
C GLU G 756 40.60 17.37 -28.80
N ARG G 757 41.84 17.22 -29.22
CA ARG G 757 42.31 17.92 -30.42
C ARG G 757 41.47 17.53 -31.63
N LYS G 758 41.24 16.23 -31.83
CA LYS G 758 40.47 15.77 -32.97
C LYS G 758 39.04 16.31 -32.94
N TYR G 759 38.49 16.53 -31.76
CA TYR G 759 37.15 17.06 -31.64
C TYR G 759 37.10 18.55 -31.95
N HIS G 766 31.98 12.86 -34.05
CA HIS G 766 31.65 13.32 -32.71
C HIS G 766 31.08 12.19 -31.85
N THR G 767 30.18 11.40 -32.42
CA THR G 767 29.65 10.25 -31.70
C THR G 767 30.75 9.26 -31.32
N GLU G 768 31.73 9.10 -32.21
CA GLU G 768 32.88 8.25 -31.91
C GLU G 768 33.89 8.97 -31.02
N ARG G 769 33.95 10.30 -31.12
CA ARG G 769 34.85 11.07 -30.25
C ARG G 769 34.50 10.84 -28.78
N ASN G 770 33.23 11.00 -28.44
CA ASN G 770 32.81 10.68 -27.07
C ASN G 770 32.96 9.20 -26.78
N GLU G 771 32.64 8.35 -27.75
CA GLU G 771 32.85 6.91 -27.58
C GLU G 771 34.34 6.61 -27.39
N SER G 772 35.21 7.33 -28.10
CA SER G 772 36.64 7.17 -27.90
C SER G 772 37.04 7.54 -26.48
N LEU G 773 36.42 8.58 -25.93
CA LEU G 773 36.68 8.93 -24.54
C LEU G 773 35.99 7.96 -23.59
N VAL G 774 34.79 7.51 -23.94
CA VAL G 774 34.09 6.52 -23.11
C VAL G 774 34.85 5.20 -23.10
N LYS G 775 35.21 4.71 -24.29
CA LYS G 775 36.00 3.48 -24.37
C LYS G 775 37.32 3.63 -23.61
N ILE G 776 37.93 4.81 -23.69
CA ILE G 776 39.14 5.06 -22.92
C ILE G 776 38.85 5.11 -21.44
N TRP G 777 37.85 5.90 -21.03
CA TRP G 777 37.51 6.01 -19.62
C TRP G 777 36.96 4.69 -19.08
N GLN G 778 36.40 3.85 -19.95
CA GLN G 778 35.94 2.54 -19.51
C GLN G 778 37.09 1.68 -19.02
N ASP G 779 38.28 1.86 -19.61
CA ASP G 779 39.45 1.11 -19.16
C ASP G 779 40.04 1.68 -17.88
N ALA G 780 39.90 3.00 -17.66
CA ALA G 780 40.43 3.60 -16.45
C ALA G 780 39.73 3.04 -15.21
N THR G 781 38.41 2.83 -15.29
CA THR G 781 37.69 2.27 -14.16
C THR G 781 38.15 0.84 -13.88
N GLU G 782 38.32 0.05 -14.93
CA GLU G 782 38.80 -1.33 -14.77
C GLU G 782 40.22 -1.35 -14.19
N GLU G 783 41.08 -0.43 -14.65
CA GLU G 783 42.45 -0.41 -14.16
C GLU G 783 42.51 -0.03 -12.69
N VAL G 784 41.71 0.95 -12.28
CA VAL G 784 41.69 1.35 -10.87
C VAL G 784 41.20 0.21 -9.98
N GLY G 785 40.11 -0.44 -10.38
CA GLY G 785 39.60 -1.56 -9.61
C GLY G 785 40.59 -2.72 -9.56
N LYS G 786 41.22 -3.01 -10.70
CA LYS G 786 42.24 -4.06 -10.72
C LYS G 786 43.41 -3.69 -9.82
N ALA G 787 43.87 -2.44 -9.89
CA ALA G 787 44.94 -2.00 -9.00
C ALA G 787 44.47 -1.95 -7.55
N LEU G 788 43.20 -1.63 -7.32
CA LEU G 788 42.67 -1.62 -5.96
C LEU G 788 42.66 -3.02 -5.37
N GLU G 789 42.24 -4.02 -6.15
CA GLU G 789 42.22 -5.39 -5.67
C GLU G 789 43.61 -5.86 -5.28
N GLU G 790 44.64 -5.44 -6.02
CA GLU G 790 46.01 -5.82 -5.69
C GLU G 790 46.53 -5.09 -4.47
N PHE G 791 46.10 -3.85 -4.25
CA PHE G 791 46.59 -3.07 -3.12
C PHE G 791 46.09 -3.65 -1.79
N TYR G 792 44.80 -3.93 -1.72
CA TYR G 792 44.19 -4.26 -0.43
C TYR G 792 44.73 -5.56 0.12
N PRO G 793 45.17 -5.60 1.38
CA PRO G 793 45.52 -6.87 2.02
C PRO G 793 44.27 -7.72 2.24
N ALA G 794 44.51 -8.99 2.54
CA ALA G 794 43.40 -9.94 2.71
C ALA G 794 42.72 -9.79 4.06
N ASP G 795 43.46 -9.42 5.11
CA ASP G 795 42.88 -9.36 6.44
C ASP G 795 41.95 -8.16 6.61
N ASN G 796 42.01 -7.18 5.73
CA ASN G 796 41.17 -6.00 5.87
C ASN G 796 39.70 -6.39 5.74
N PRO G 797 38.82 -5.82 6.57
CA PRO G 797 37.43 -6.34 6.62
C PRO G 797 36.65 -6.15 5.33
N ILE G 798 36.79 -5.02 4.65
CA ILE G 798 35.94 -4.77 3.48
C ILE G 798 36.16 -5.81 2.40
N ILE G 799 37.37 -6.34 2.29
CA ILE G 799 37.63 -7.38 1.30
C ILE G 799 37.06 -8.72 1.76
N THR G 800 37.25 -9.06 3.04
CA THR G 800 36.66 -10.29 3.56
C THR G 800 35.18 -10.37 3.27
N ILE G 801 34.49 -9.23 3.28
CA ILE G 801 33.10 -9.16 2.85
C ILE G 801 33.05 -9.12 1.33
N VAL G 802 32.11 -9.87 0.75
CA VAL G 802 31.93 -9.94 -0.69
C VAL G 802 32.96 -10.88 -1.31
N LYS G 803 34.09 -11.08 -0.64
CA LYS G 803 35.02 -12.11 -1.06
C LYS G 803 34.65 -13.47 -0.49
N SER G 804 33.91 -13.49 0.63
CA SER G 804 33.37 -14.71 1.19
C SER G 804 31.95 -15.00 0.72
N GLY G 805 31.33 -14.07 -0.02
CA GLY G 805 29.98 -14.24 -0.49
C GLY G 805 28.90 -13.78 0.46
N ALA G 806 29.27 -13.15 1.58
CA ALA G 806 28.28 -12.70 2.54
C ALA G 806 27.38 -11.62 1.94
N THR G 807 28.00 -10.53 1.47
CA THR G 807 27.25 -9.44 0.86
C THR G 807 28.21 -8.55 0.09
N GLY G 808 27.65 -7.80 -0.85
CA GLY G 808 28.40 -6.84 -1.62
C GLY G 808 29.04 -7.43 -2.87
N ASN G 809 29.54 -6.53 -3.71
CA ASN G 809 30.23 -6.90 -4.94
C ASN G 809 31.44 -5.99 -5.11
N LEU G 810 32.33 -6.40 -6.02
CA LEU G 810 33.53 -5.61 -6.28
C LEU G 810 33.20 -4.29 -6.98
N THR G 811 32.17 -4.29 -7.83
CA THR G 811 31.82 -3.05 -8.53
C THR G 811 31.38 -1.96 -7.55
N GLN G 812 30.69 -2.35 -6.48
CA GLN G 812 30.31 -1.38 -5.46
C GLN G 812 31.54 -0.81 -4.77
N THR G 813 32.52 -1.67 -4.47
CA THR G 813 33.78 -1.19 -3.92
C THR G 813 34.57 -0.36 -4.94
N ARG G 814 34.33 -0.57 -6.23
CA ARG G 814 34.99 0.25 -7.25
C ARG G 814 34.52 1.69 -7.20
N THR G 815 33.28 1.93 -6.81
CA THR G 815 32.78 3.30 -6.69
C THR G 815 33.14 3.91 -5.35
N LEU G 816 33.23 3.10 -4.29
CA LEU G 816 33.59 3.62 -2.97
C LEU G 816 34.97 4.25 -2.99
N ALA G 817 35.98 3.46 -3.34
CA ALA G 817 37.33 3.95 -3.54
C ALA G 817 37.68 3.88 -5.03
N GLY G 818 38.73 4.62 -5.41
CA GLY G 818 39.03 4.77 -6.80
C GLY G 818 38.09 5.80 -7.42
N MET G 819 37.25 5.37 -8.35
CA MET G 819 36.28 6.27 -8.97
C MET G 819 34.97 5.53 -9.23
N LYS G 820 33.86 6.24 -9.05
CA LYS G 820 32.56 5.67 -9.35
C LYS G 820 32.38 5.43 -10.85
N GLY G 821 33.16 6.12 -11.69
CA GLY G 821 33.09 5.93 -13.11
C GLY G 821 32.02 6.78 -13.78
N LEU G 822 31.87 6.56 -15.08
CA LEU G 822 30.88 7.28 -15.85
C LEU G 822 29.48 6.89 -15.43
N VAL G 823 28.57 7.87 -15.46
CA VAL G 823 27.18 7.67 -15.10
C VAL G 823 26.31 8.11 -16.26
N THR G 824 25.26 7.33 -16.54
CA THR G 824 24.42 7.57 -17.69
C THR G 824 23.63 8.86 -17.54
N ASN G 825 23.24 9.43 -18.68
CA ASN G 825 22.44 10.65 -18.73
C ASN G 825 20.97 10.28 -18.67
N PRO G 826 20.05 11.26 -18.77
CA PRO G 826 18.62 10.90 -18.82
C PRO G 826 18.30 9.88 -19.89
N LYS G 827 18.87 10.03 -21.08
CA LYS G 827 18.75 9.01 -22.12
C LYS G 827 19.77 7.91 -21.88
N GLY G 828 19.75 6.90 -22.73
CA GLY G 828 20.68 5.78 -22.59
C GLY G 828 22.13 6.11 -22.91
N GLU G 829 22.43 7.33 -23.34
CA GLU G 829 23.78 7.69 -23.73
C GLU G 829 24.66 7.91 -22.51
N PHE G 830 25.87 7.36 -22.58
CA PHE G 830 26.87 7.58 -21.54
C PHE G 830 27.39 9.03 -21.61
N ILE G 831 27.94 9.47 -20.50
CA ILE G 831 28.58 10.79 -20.41
C ILE G 831 30.09 10.58 -20.46
N PRO G 832 30.82 11.27 -21.34
CA PRO G 832 32.28 11.06 -21.39
C PRO G 832 32.98 11.50 -20.12
N ARG G 833 32.59 12.65 -19.56
CA ARG G 833 33.18 13.11 -18.32
C ARG G 833 32.86 12.13 -17.19
N PRO G 834 33.85 11.48 -16.60
CA PRO G 834 33.59 10.50 -15.55
C PRO G 834 33.45 11.18 -14.20
N ILE G 835 33.26 10.35 -13.17
CA ILE G 835 33.36 10.78 -11.79
C ILE G 835 34.76 10.39 -11.32
N LYS G 836 35.68 11.35 -11.34
CA LYS G 836 37.05 11.06 -10.95
C LYS G 836 37.18 10.86 -9.45
N SER G 837 36.32 11.52 -8.67
CA SER G 837 36.38 11.40 -7.22
C SER G 837 35.78 10.07 -6.77
N SER G 838 36.12 9.69 -5.54
CA SER G 838 35.56 8.51 -4.90
C SER G 838 34.77 8.93 -3.66
N PHE G 839 33.83 8.08 -3.27
CA PHE G 839 33.04 8.39 -2.08
C PHE G 839 33.92 8.57 -0.86
N ARG G 840 35.08 7.91 -0.83
CA ARG G 840 36.04 8.16 0.25
C ARG G 840 36.62 9.56 0.15
N GLU G 841 37.10 9.95 -1.04
CA GLU G 841 37.64 11.28 -1.23
C GLU G 841 36.55 12.35 -1.28
N GLY G 842 35.30 11.95 -1.48
CA GLY G 842 34.22 12.92 -1.61
C GLY G 842 34.04 13.37 -3.04
N LEU G 843 32.78 13.66 -3.38
CA LEU G 843 32.42 14.08 -4.72
C LEU G 843 32.18 15.59 -4.76
N THR G 844 32.58 16.21 -5.87
CA THR G 844 32.38 17.64 -6.05
C THR G 844 30.90 17.95 -6.22
N VAL G 845 30.56 19.23 -6.06
CA VAL G 845 29.17 19.66 -6.21
C VAL G 845 28.62 19.24 -7.56
N LEU G 846 29.40 19.45 -8.62
CA LEU G 846 28.93 19.13 -9.96
C LEU G 846 28.76 17.63 -10.15
N GLU G 847 29.73 16.84 -9.66
CA GLU G 847 29.64 15.39 -9.81
C GLU G 847 28.36 14.84 -9.18
N TYR G 848 27.90 15.45 -8.08
CA TYR G 848 26.70 14.96 -7.42
C TYR G 848 25.46 15.21 -8.27
N PHE G 849 25.42 16.34 -8.99
CA PHE G 849 24.26 16.65 -9.81
C PHE G 849 24.09 15.64 -10.94
N ILE G 850 25.19 15.29 -11.61
CA ILE G 850 25.13 14.31 -12.69
C ILE G 850 24.98 12.89 -12.15
N ASN G 851 25.30 12.65 -10.88
CA ASN G 851 25.11 11.33 -10.30
C ASN G 851 23.64 11.03 -10.07
N THR G 852 22.88 12.03 -9.60
CA THR G 852 21.46 11.83 -9.37
C THR G 852 20.70 11.56 -10.65
N HIS G 853 21.25 11.95 -11.80
CA HIS G 853 20.60 11.66 -13.08
C HIS G 853 20.36 10.16 -13.23
N GLY G 854 21.41 9.36 -13.04
CA GLY G 854 21.26 7.92 -13.17
C GLY G 854 20.71 7.25 -11.94
N ALA G 855 20.98 7.80 -10.76
CA ALA G 855 20.49 7.19 -9.53
C ALA G 855 18.97 7.23 -9.45
N ARG G 856 18.36 8.35 -9.82
CA ARG G 856 16.90 8.46 -9.70
C ARG G 856 16.22 7.68 -10.82
N LYS G 857 16.81 7.66 -12.02
CA LYS G 857 16.23 6.90 -13.12
C LYS G 857 16.18 5.42 -12.79
N GLY G 858 17.22 4.90 -12.14
CA GLY G 858 17.21 3.50 -11.73
C GLY G 858 16.23 3.23 -10.60
N LEU G 859 16.01 4.20 -9.72
CA LEU G 859 15.04 4.04 -8.65
C LEU G 859 13.61 4.09 -9.19
N ALA G 860 13.38 4.90 -10.23
CA ALA G 860 12.08 4.90 -10.88
C ALA G 860 11.83 3.60 -11.65
N ASP G 861 12.89 3.00 -12.19
CA ASP G 861 12.75 1.69 -12.84
C ASP G 861 12.32 0.63 -11.85
N THR G 862 12.83 0.70 -10.61
CA THR G 862 12.48 -0.29 -9.61
C THR G 862 10.97 -0.28 -9.33
N ALA G 863 10.38 0.91 -9.26
CA ALA G 863 8.94 1.01 -9.01
C ALA G 863 8.13 0.47 -10.18
N LEU G 864 8.66 0.57 -11.40
CA LEU G 864 7.91 0.10 -12.56
C LEU G 864 8.04 -1.39 -12.76
N ARG G 865 9.26 -1.94 -12.61
CA ARG G 865 9.49 -3.35 -12.89
C ARG G 865 8.64 -4.25 -11.97
N THR G 866 8.48 -3.85 -10.71
CA THR G 866 7.67 -4.65 -9.79
C THR G 866 6.20 -4.64 -10.20
N ALA G 867 5.75 -3.59 -10.90
CA ALA G 867 4.36 -3.53 -11.33
C ALA G 867 4.10 -4.43 -12.53
N ASP G 868 5.00 -4.42 -13.52
CA ASP G 868 4.82 -5.26 -14.69
C ASP G 868 5.05 -6.74 -14.37
N SER G 869 6.00 -7.03 -13.47
CA SER G 869 6.24 -8.41 -13.08
C SER G 869 5.02 -9.00 -12.36
N GLY G 870 4.36 -8.19 -11.53
CA GLY G 870 3.15 -8.66 -10.88
C GLY G 870 2.04 -8.95 -11.86
N TYR G 871 1.92 -8.12 -12.90
CA TYR G 871 0.93 -8.38 -13.95
C TYR G 871 1.30 -9.63 -14.75
N LEU G 872 2.59 -9.82 -15.01
CA LEU G 872 3.03 -11.03 -15.71
C LEU G 872 2.77 -12.27 -14.87
N THR G 873 3.02 -12.19 -13.56
CA THR G 873 2.84 -13.35 -12.70
C THR G 873 1.38 -13.78 -12.64
N ARG G 874 0.46 -12.81 -12.58
CA ARG G 874 -0.96 -13.16 -12.53
C ARG G 874 -1.42 -13.85 -13.81
N ARG G 875 -0.85 -13.47 -14.95
CA ARG G 875 -1.19 -14.15 -16.20
C ARG G 875 -0.63 -15.56 -16.23
N LEU G 876 0.58 -15.75 -15.72
CA LEU G 876 1.15 -17.10 -15.65
C LEU G 876 0.32 -18.01 -14.74
N VAL G 877 -0.07 -17.50 -13.57
CA VAL G 877 -0.83 -18.32 -12.63
C VAL G 877 -2.16 -18.74 -13.24
N ASP G 878 -2.89 -17.77 -13.82
CA ASP G 878 -4.24 -18.05 -14.29
C ASP G 878 -4.25 -19.10 -15.40
N VAL G 879 -3.19 -19.14 -16.22
CA VAL G 879 -3.19 -20.10 -17.33
C VAL G 879 -2.73 -21.48 -16.87
N SER G 880 -1.82 -21.55 -15.89
CA SER G 880 -1.24 -22.82 -15.47
C SER G 880 -1.78 -23.31 -14.12
N GLN G 881 -2.72 -22.59 -13.51
CA GLN G 881 -3.15 -22.94 -12.16
C GLN G 881 -3.90 -24.27 -12.13
N ASP G 882 -4.56 -24.64 -13.23
CA ASP G 882 -5.35 -25.87 -13.26
C ASP G 882 -4.51 -27.12 -13.53
N VAL G 883 -3.20 -26.98 -13.68
CA VAL G 883 -2.33 -28.12 -13.96
C VAL G 883 -1.87 -28.73 -12.64
N ILE G 884 -2.19 -30.00 -12.43
CA ILE G 884 -1.71 -30.77 -11.29
C ILE G 884 -1.30 -32.15 -11.77
N VAL G 885 -0.63 -32.89 -10.90
CA VAL G 885 -0.18 -34.24 -11.21
C VAL G 885 -1.32 -35.20 -10.87
N ARG G 886 -1.94 -35.77 -11.90
CA ARG G 886 -3.08 -36.65 -11.72
C ARG G 886 -2.69 -38.09 -11.42
N GLU G 887 -1.70 -38.63 -12.14
CA GLU G 887 -1.36 -40.04 -12.04
C GLU G 887 0.14 -40.21 -11.91
N HIS G 888 0.54 -41.44 -11.54
CA HIS G 888 1.96 -41.74 -11.35
C HIS G 888 2.72 -41.71 -12.67
N ASP G 889 2.23 -42.44 -13.67
CA ASP G 889 2.92 -42.57 -14.95
C ASP G 889 1.91 -42.58 -16.08
N CYS G 890 2.21 -41.85 -17.16
CA CYS G 890 1.40 -41.89 -18.36
C CYS G 890 1.78 -43.05 -19.27
N GLU G 891 2.96 -43.64 -19.06
CA GLU G 891 3.45 -44.83 -19.74
C GLU G 891 3.89 -44.57 -21.17
N THR G 892 3.79 -43.34 -21.67
CA THR G 892 4.22 -43.06 -23.03
C THR G 892 5.74 -43.08 -23.11
N GLU G 893 6.25 -43.36 -24.30
CA GLU G 893 7.69 -43.48 -24.54
C GLU G 893 8.29 -42.22 -25.15
N ARG G 894 7.50 -41.17 -25.34
CA ARG G 894 8.01 -39.95 -25.97
C ARG G 894 8.90 -39.17 -25.02
N GLY G 895 9.69 -38.27 -25.60
CA GLY G 895 10.58 -37.44 -24.82
C GLY G 895 11.29 -36.43 -25.69
N ILE G 896 12.21 -35.69 -25.07
CA ILE G 896 12.99 -34.68 -25.76
C ILE G 896 14.47 -34.91 -25.45
N ASN G 897 15.32 -34.29 -26.27
CA ASN G 897 16.76 -34.48 -26.19
C ASN G 897 17.42 -33.37 -25.39
N VAL G 898 18.49 -33.72 -24.68
CA VAL G 898 19.27 -32.79 -23.89
C VAL G 898 20.69 -32.75 -24.43
N THR G 899 21.31 -31.57 -24.34
CA THR G 899 22.64 -31.39 -24.92
C THR G 899 23.69 -32.17 -24.15
N LEU G 900 23.79 -31.96 -22.84
CA LEU G 900 24.63 -32.78 -21.97
C LEU G 900 26.06 -32.91 -22.47
N ALA G 901 26.90 -31.89 -22.22
CA ALA G 901 28.32 -31.97 -22.49
C ALA G 901 28.63 -32.17 -23.97
N GLU G 902 28.69 -31.07 -24.71
CA GLU G 902 28.85 -31.13 -26.16
C GLU G 902 30.30 -30.80 -26.55
N ARG G 903 30.90 -31.67 -27.35
CA ARG G 903 32.14 -31.40 -28.09
C ARG G 903 33.37 -31.30 -27.21
N GLY G 904 33.41 -31.97 -26.06
CA GLY G 904 34.60 -31.97 -25.23
C GLY G 904 34.97 -33.38 -24.86
N PRO G 905 36.28 -33.64 -24.62
CA PRO G 905 37.41 -32.74 -24.85
C PRO G 905 38.23 -33.16 -26.06
N ASP G 906 39.37 -32.52 -26.28
CA ASP G 906 40.23 -32.88 -27.41
C ASP G 906 41.58 -32.19 -27.32
N ILE G 910 34.48 -28.10 -22.64
CA ILE G 910 33.84 -29.39 -22.44
C ILE G 910 32.55 -29.25 -21.65
N ARG G 911 31.86 -30.36 -21.43
CA ARG G 911 30.60 -30.37 -20.69
C ARG G 911 29.62 -29.37 -21.30
N ASP G 912 28.87 -28.68 -20.45
CA ASP G 912 27.91 -27.68 -20.93
C ASP G 912 27.73 -26.63 -19.85
N ALA G 913 27.48 -25.39 -20.29
CA ALA G 913 27.31 -24.30 -19.35
C ALA G 913 26.20 -24.61 -18.34
N HIS G 914 25.02 -24.95 -18.85
CA HIS G 914 23.85 -25.19 -18.00
C HIS G 914 23.33 -26.60 -18.26
N VAL G 915 23.71 -27.53 -17.38
CA VAL G 915 23.11 -28.86 -17.34
C VAL G 915 22.18 -29.05 -16.15
N GLU G 916 22.22 -28.14 -15.16
CA GLU G 916 21.36 -28.27 -14.00
C GLU G 916 19.96 -27.72 -14.26
N THR G 917 19.82 -26.75 -15.17
CA THR G 917 18.50 -26.24 -15.51
C THR G 917 17.76 -27.17 -16.47
N SER G 918 18.47 -27.98 -17.25
CA SER G 918 17.87 -28.84 -18.26
C SER G 918 17.99 -30.31 -17.92
N ALA G 919 19.21 -30.83 -17.82
CA ALA G 919 19.38 -32.27 -17.67
C ALA G 919 19.04 -32.72 -16.25
N PHE G 920 19.40 -31.92 -15.25
CA PHE G 920 19.22 -32.34 -13.86
C PHE G 920 17.75 -32.49 -13.50
N ALA G 921 17.49 -33.33 -12.49
CA ALA G 921 16.16 -33.49 -11.91
C ALA G 921 15.22 -34.20 -12.88
N ARG G 922 15.70 -34.49 -14.09
CA ARG G 922 14.87 -35.11 -15.11
C ARG G 922 14.72 -36.61 -14.83
N THR G 923 14.02 -37.28 -15.74
CA THR G 923 13.90 -38.73 -15.75
C THR G 923 14.14 -39.22 -17.17
N LEU G 924 15.05 -40.18 -17.32
CA LEU G 924 15.43 -40.66 -18.64
C LEU G 924 14.23 -41.25 -19.37
N ALA G 925 14.03 -40.81 -20.62
CA ALA G 925 12.94 -41.33 -21.43
C ALA G 925 13.29 -42.71 -22.00
N THR G 926 14.37 -42.78 -22.78
CA THR G 926 14.84 -44.02 -23.36
C THR G 926 16.24 -44.34 -22.83
N ASP G 927 16.61 -45.61 -22.93
CA ASP G 927 17.91 -46.05 -22.42
C ASP G 927 19.04 -45.29 -23.09
N ALA G 928 20.03 -44.90 -22.30
CA ALA G 928 21.23 -44.22 -22.80
C ALA G 928 22.32 -45.25 -23.01
N VAL G 929 22.71 -45.43 -24.28
CA VAL G 929 23.70 -46.45 -24.65
C VAL G 929 24.94 -45.74 -25.19
N ASP G 930 26.07 -46.45 -25.09
CA ASP G 930 27.35 -45.94 -25.58
C ASP G 930 27.55 -46.43 -27.02
N ALA G 931 28.78 -46.28 -27.52
CA ALA G 931 29.06 -46.67 -28.91
C ALA G 931 28.84 -48.17 -29.11
N ASN G 932 29.31 -49.00 -28.19
CA ASN G 932 29.15 -50.44 -28.31
C ASN G 932 27.90 -50.97 -27.62
N GLY G 933 27.06 -50.08 -27.08
CA GLY G 933 25.77 -50.51 -26.55
C GLY G 933 25.81 -51.18 -25.19
N ASN G 934 26.58 -50.62 -24.24
CA ASN G 934 26.61 -51.18 -22.90
C ASN G 934 25.35 -50.86 -22.11
N VAL G 935 24.56 -49.88 -22.54
CA VAL G 935 23.35 -49.47 -21.83
C VAL G 935 23.74 -49.09 -20.40
N ILE G 936 24.38 -47.92 -20.25
CA ILE G 936 24.94 -47.56 -18.96
C ILE G 936 23.83 -47.21 -17.97
N ILE G 937 22.89 -46.38 -18.37
CA ILE G 937 21.82 -45.91 -17.48
C ILE G 937 20.48 -46.32 -18.08
N GLU G 938 19.67 -47.00 -17.27
CA GLU G 938 18.38 -47.49 -17.71
C GLU G 938 17.33 -46.38 -17.67
N ARG G 939 16.18 -46.66 -18.30
CA ARG G 939 15.11 -45.68 -18.35
C ARG G 939 14.62 -45.33 -16.96
N GLY G 940 14.16 -44.09 -16.80
CA GLY G 940 13.50 -43.67 -15.59
C GLY G 940 14.42 -43.22 -14.46
N HIS G 941 15.73 -43.20 -14.67
CA HIS G 941 16.63 -42.77 -13.61
C HIS G 941 16.49 -41.27 -13.37
N ASP G 942 16.78 -40.86 -12.14
CA ASP G 942 16.56 -39.48 -11.73
C ASP G 942 17.56 -38.51 -12.35
N LEU G 943 18.62 -39.01 -13.00
CA LEU G 943 19.61 -38.17 -13.66
C LEU G 943 20.20 -37.13 -12.70
N GLY G 944 20.65 -37.61 -11.55
CA GLY G 944 21.38 -36.76 -10.63
C GLY G 944 22.78 -36.49 -11.12
N ASP G 945 23.48 -35.64 -10.37
CA ASP G 945 24.87 -35.35 -10.72
C ASP G 945 25.73 -36.61 -10.76
N PRO G 946 25.62 -37.54 -9.81
CA PRO G 946 26.37 -38.80 -9.95
C PRO G 946 26.07 -39.54 -11.24
N ALA G 947 24.83 -39.48 -11.73
CA ALA G 947 24.49 -40.13 -12.99
C ALA G 947 25.07 -39.38 -14.18
N ILE G 948 25.25 -38.07 -14.06
CA ILE G 948 25.82 -37.29 -15.16
C ILE G 948 27.30 -37.63 -15.34
N ASP G 949 28.02 -37.78 -14.23
CA ASP G 949 29.44 -38.12 -14.32
C ASP G 949 29.63 -39.46 -15.03
N ALA G 950 28.86 -40.47 -14.64
CA ALA G 950 28.96 -41.77 -15.30
C ALA G 950 28.61 -41.67 -16.77
N LEU G 951 27.61 -40.85 -17.11
CA LEU G 951 27.25 -40.67 -18.52
C LEU G 951 28.39 -40.01 -19.29
N LEU G 952 29.05 -39.03 -18.67
CA LEU G 952 30.19 -38.39 -19.33
C LEU G 952 31.34 -39.37 -19.51
N ALA G 953 31.59 -40.21 -18.50
CA ALA G 953 32.66 -41.21 -18.61
C ALA G 953 32.37 -42.19 -19.75
N ALA G 954 31.10 -42.56 -19.93
CA ALA G 954 30.74 -43.44 -21.04
C ALA G 954 30.97 -42.78 -22.38
N GLY G 955 30.81 -41.46 -22.44
CA GLY G 955 31.09 -40.71 -23.65
C GLY G 955 29.91 -40.41 -24.54
N ILE G 956 28.68 -40.49 -24.03
CA ILE G 956 27.49 -40.17 -24.81
C ILE G 956 27.17 -38.69 -24.64
N THR G 957 26.89 -38.00 -25.74
CA THR G 957 26.66 -36.57 -25.72
C THR G 957 25.19 -36.19 -25.79
N THR G 958 24.28 -37.16 -25.63
CA THR G 958 22.86 -36.86 -25.74
C THR G 958 22.07 -37.92 -24.97
N VAL G 959 20.94 -37.47 -24.42
CA VAL G 959 20.00 -38.35 -23.73
C VAL G 959 18.60 -37.84 -23.97
N LYS G 960 17.70 -38.72 -24.41
CA LYS G 960 16.30 -38.39 -24.57
C LYS G 960 15.62 -38.45 -23.20
N VAL G 961 15.07 -37.32 -22.76
CA VAL G 961 14.54 -37.18 -21.41
C VAL G 961 13.03 -37.04 -21.46
N ARG G 962 12.37 -37.55 -20.42
CA ARG G 962 10.93 -37.45 -20.30
C ARG G 962 10.55 -36.05 -19.79
N SER G 963 9.60 -35.41 -20.48
CA SER G 963 9.20 -34.05 -20.18
C SER G 963 7.69 -33.95 -20.14
N VAL G 964 7.21 -32.81 -19.61
CA VAL G 964 5.78 -32.56 -19.54
C VAL G 964 5.21 -32.18 -20.90
N LEU G 965 6.06 -31.80 -21.86
CA LEU G 965 5.57 -31.45 -23.19
C LEU G 965 5.06 -32.70 -23.92
N THR G 966 5.76 -33.82 -23.78
CA THR G 966 5.37 -35.06 -24.43
C THR G 966 4.38 -35.88 -23.61
N CYS G 967 4.18 -35.55 -22.34
CA CYS G 967 3.29 -36.32 -21.49
C CYS G 967 1.87 -36.31 -22.04
N THR G 968 1.25 -37.49 -22.08
CA THR G 968 -0.12 -37.60 -22.54
C THR G 968 -1.07 -37.16 -21.43
N SER G 969 -1.25 -38.02 -20.42
CA SER G 969 -2.03 -37.69 -19.24
C SER G 969 -3.28 -36.88 -19.57
N ALA G 970 -4.35 -37.55 -20.01
CA ALA G 970 -5.56 -36.88 -20.48
C ALA G 970 -5.94 -35.70 -19.61
N THR G 971 -5.84 -35.84 -18.29
CA THR G 971 -6.12 -34.76 -17.34
C THR G 971 -4.86 -34.52 -16.52
N GLY G 972 -4.39 -33.28 -16.52
CA GLY G 972 -3.18 -32.96 -15.78
C GLY G 972 -1.94 -33.59 -16.40
N VAL G 973 -0.97 -33.91 -15.55
CA VAL G 973 0.28 -34.52 -15.97
C VAL G 973 0.59 -35.67 -15.03
N CYS G 974 1.55 -36.50 -15.43
CA CYS G 974 1.98 -37.64 -14.64
C CYS G 974 3.29 -37.34 -13.94
N ALA G 975 3.48 -37.95 -12.77
CA ALA G 975 4.64 -37.66 -11.95
C ALA G 975 5.95 -38.03 -12.65
N MET G 976 5.94 -39.15 -13.38
CA MET G 976 7.18 -39.63 -13.99
C MET G 976 7.66 -38.69 -15.09
N CYS G 977 6.75 -38.11 -15.86
CA CYS G 977 7.15 -37.23 -16.95
C CYS G 977 7.71 -35.91 -16.42
N TYR G 978 7.06 -35.36 -15.38
CA TYR G 978 7.50 -34.09 -14.82
C TYR G 978 8.95 -34.14 -14.40
N GLY G 979 9.23 -34.84 -13.30
CA GLY G 979 10.58 -35.01 -12.82
C GLY G 979 10.62 -34.97 -11.30
N ARG G 980 11.82 -34.78 -10.78
CA ARG G 980 12.02 -34.72 -9.33
C ARG G 980 11.48 -33.40 -8.79
N SER G 981 10.78 -33.49 -7.66
CA SER G 981 10.31 -32.28 -6.98
C SER G 981 11.50 -31.47 -6.49
N MET G 982 11.59 -30.21 -6.92
CA MET G 982 12.78 -29.42 -6.65
C MET G 982 12.97 -29.16 -5.16
N ALA G 983 11.87 -29.08 -4.40
CA ALA G 983 11.99 -28.78 -2.98
C ALA G 983 12.28 -30.04 -2.16
N THR G 984 11.60 -31.10 -2.51
CA THR G 984 11.76 -32.40 -1.91
C THR G 984 13.03 -33.10 -2.23
N GLY G 985 13.49 -32.98 -3.45
CA GLY G 985 14.68 -33.67 -3.85
C GLY G 985 14.34 -35.10 -4.22
N LYS G 986 13.06 -35.41 -4.17
CA LYS G 986 12.54 -36.71 -4.48
C LYS G 986 11.53 -36.57 -5.58
N LEU G 987 10.81 -37.63 -5.86
CA LEU G 987 9.81 -37.63 -6.90
C LEU G 987 8.63 -36.80 -6.46
N VAL G 988 7.85 -36.41 -7.43
CA VAL G 988 6.72 -35.51 -7.23
C VAL G 988 5.54 -36.30 -6.67
N ASP G 989 4.91 -35.76 -5.63
CA ASP G 989 3.74 -36.39 -5.04
C ASP G 989 2.54 -36.29 -5.97
N ILE G 990 1.55 -37.14 -5.73
CA ILE G 990 0.35 -37.17 -6.55
C ILE G 990 -0.51 -35.92 -6.39
N GLY G 991 -0.24 -35.12 -5.35
CA GLY G 991 -1.09 -33.97 -5.07
C GLY G 991 -0.50 -32.64 -5.52
N GLU G 992 0.78 -32.63 -5.84
CA GLU G 992 1.46 -31.38 -6.19
C GLU G 992 0.76 -30.70 -7.37
N ALA G 993 0.49 -29.40 -7.21
CA ALA G 993 -0.04 -28.56 -8.29
C ALA G 993 1.13 -27.72 -8.79
N VAL G 994 1.68 -28.09 -9.95
CA VAL G 994 2.93 -27.51 -10.43
C VAL G 994 2.72 -26.29 -11.31
N GLY G 995 1.49 -26.04 -11.78
CA GLY G 995 1.27 -24.85 -12.59
C GLY G 995 1.49 -23.57 -11.81
N ILE G 996 0.92 -23.49 -10.61
CA ILE G 996 1.11 -22.31 -9.77
C ILE G 996 2.55 -22.23 -9.30
N VAL G 997 3.17 -23.37 -9.02
CA VAL G 997 4.57 -23.38 -8.61
C VAL G 997 5.46 -22.88 -9.73
N ALA G 998 5.19 -23.31 -10.97
CA ALA G 998 5.97 -22.84 -12.10
C ALA G 998 5.73 -21.36 -12.35
N ALA G 999 4.49 -20.91 -12.24
CA ALA G 999 4.20 -19.49 -12.43
C ALA G 999 4.95 -18.63 -11.43
N GLN G 1000 4.98 -19.05 -10.16
CA GLN G 1000 5.72 -18.31 -9.16
C GLN G 1000 7.23 -18.42 -9.39
N SER G 1001 7.69 -19.59 -9.85
CA SER G 1001 9.11 -19.77 -10.09
C SER G 1001 9.61 -18.82 -11.18
N ILE G 1002 8.77 -18.53 -12.17
CA ILE G 1002 9.17 -17.65 -13.25
C ILE G 1002 8.95 -16.19 -12.86
N GLY G 1003 7.86 -15.91 -12.14
CA GLY G 1003 7.48 -14.54 -11.85
C GLY G 1003 8.30 -13.87 -10.76
N GLU G 1004 8.66 -14.65 -9.73
CA GLU G 1004 9.38 -14.06 -8.59
C GLU G 1004 10.68 -13.38 -9.01
N PRO G 1005 11.55 -14.01 -9.81
CA PRO G 1005 12.80 -13.34 -10.20
C PRO G 1005 12.61 -12.18 -11.16
N GLY G 1006 11.42 -12.01 -11.71
CA GLY G 1006 11.16 -10.97 -12.69
C GLY G 1006 11.55 -9.56 -12.26
N THR G 1007 11.78 -9.34 -10.95
CA THR G 1007 12.20 -8.02 -10.49
C THR G 1007 13.65 -7.71 -10.83
N GLN G 1008 14.43 -8.70 -11.24
CA GLN G 1008 15.84 -8.53 -11.54
C GLN G 1008 16.13 -8.33 -13.01
N LEU G 1009 15.11 -8.42 -13.86
CA LEU G 1009 15.30 -8.26 -15.29
C LEU G 1009 15.40 -6.78 -15.68
N THR G 1010 16.05 -6.52 -16.80
CA THR G 1010 16.21 -5.16 -17.30
C THR G 1010 15.48 -4.97 -18.62
N GLY G 1027 15.17 -6.94 -25.01
CA GLY G 1027 16.04 -7.89 -24.37
C GLY G 1027 15.91 -7.88 -22.86
N GLY G 1028 14.71 -8.16 -22.38
CA GLY G 1028 14.48 -8.21 -20.95
C GLY G 1028 13.05 -8.61 -20.63
N LEU G 1029 12.52 -8.09 -19.52
CA LEU G 1029 11.14 -8.41 -19.13
C LEU G 1029 10.17 -8.20 -20.27
N PRO G 1030 10.28 -7.14 -21.07
CA PRO G 1030 9.43 -7.04 -22.26
C PRO G 1030 9.63 -8.19 -23.23
N ARG G 1031 10.87 -8.67 -23.40
CA ARG G 1031 11.10 -9.81 -24.27
C ARG G 1031 10.43 -11.07 -23.74
N VAL G 1032 10.56 -11.32 -22.43
CA VAL G 1032 9.90 -12.47 -21.83
C VAL G 1032 8.39 -12.37 -22.02
N GLN G 1033 7.82 -11.19 -21.80
CA GLN G 1033 6.40 -10.99 -22.07
C GLN G 1033 6.09 -11.15 -23.55
N GLU G 1034 7.05 -10.83 -24.42
CA GLU G 1034 6.84 -10.99 -25.85
C GLU G 1034 6.72 -12.46 -26.23
N LEU G 1035 7.46 -13.33 -25.55
CA LEU G 1035 7.46 -14.75 -25.88
C LEU G 1035 6.23 -15.45 -25.34
N PHE G 1036 5.91 -15.22 -24.06
CA PHE G 1036 4.75 -15.87 -23.45
C PHE G 1036 3.44 -15.39 -24.06
N GLU G 1037 3.42 -14.22 -24.69
CA GLU G 1037 2.20 -13.68 -25.28
C GLU G 1037 2.03 -14.08 -26.74
N ALA G 1038 3.01 -14.78 -27.33
CA ALA G 1038 2.93 -15.25 -28.71
C ALA G 1038 2.72 -14.08 -29.68
N ARG G 1039 3.61 -13.10 -29.58
CA ARG G 1039 3.55 -11.92 -30.43
C ARG G 1039 4.69 -11.93 -31.44
N VAL G 1040 4.47 -11.28 -32.58
CA VAL G 1040 5.52 -11.14 -33.58
C VAL G 1040 6.62 -10.23 -33.03
N PRO G 1041 7.88 -10.65 -33.04
CA PRO G 1041 8.93 -9.85 -32.40
C PRO G 1041 9.06 -8.47 -33.02
N ARG G 1042 9.67 -7.56 -32.26
CA ARG G 1042 9.89 -6.20 -32.73
C ARG G 1042 10.75 -6.18 -33.97
N ASN G 1043 11.98 -6.71 -33.87
CA ASN G 1043 12.87 -6.88 -35.01
C ASN G 1043 12.84 -8.35 -35.40
N LYS G 1044 12.19 -8.66 -36.52
CA LYS G 1044 11.96 -10.03 -36.93
C LYS G 1044 13.26 -10.65 -37.44
N ALA G 1045 13.14 -11.84 -38.03
CA ALA G 1045 14.29 -12.56 -38.56
C ALA G 1045 13.82 -13.83 -39.27
N PRO G 1046 14.31 -14.09 -40.48
CA PRO G 1046 13.84 -15.25 -41.23
C PRO G 1046 14.42 -16.56 -40.73
N ILE G 1047 13.62 -17.62 -40.85
CA ILE G 1047 14.06 -18.98 -40.63
C ILE G 1047 14.05 -19.70 -41.98
N ALA G 1048 15.05 -20.52 -42.22
CA ALA G 1048 15.17 -21.22 -43.49
C ALA G 1048 13.94 -22.09 -43.72
N ASP G 1049 13.26 -21.86 -44.85
CA ASP G 1049 12.10 -22.68 -45.21
C ASP G 1049 12.50 -24.02 -45.81
N VAL G 1050 13.75 -24.15 -46.25
CA VAL G 1050 14.27 -25.40 -46.82
C VAL G 1050 15.76 -25.46 -46.56
N ALA G 1051 16.33 -26.65 -46.70
CA ALA G 1051 17.74 -26.90 -46.41
C ALA G 1051 18.56 -26.85 -47.69
N GLY G 1052 19.77 -26.30 -47.57
CA GLY G 1052 20.66 -26.19 -48.71
C GLY G 1052 21.63 -25.06 -48.52
N ARG G 1053 22.56 -24.95 -49.49
CA ARG G 1053 23.53 -23.87 -49.46
C ARG G 1053 22.85 -22.54 -49.75
N VAL G 1054 23.52 -21.46 -49.35
CA VAL G 1054 22.98 -20.10 -49.45
C VAL G 1054 23.81 -19.30 -50.42
N ARG G 1055 23.15 -18.51 -51.26
CA ARG G 1055 23.79 -17.51 -52.10
C ARG G 1055 23.44 -16.14 -51.54
N LEU G 1056 24.43 -15.47 -50.93
CA LEU G 1056 24.22 -14.22 -50.22
C LEU G 1056 24.72 -13.05 -51.07
N GLU G 1057 23.88 -12.02 -51.19
CA GLU G 1057 24.20 -10.82 -51.95
C GLU G 1057 23.87 -9.59 -51.11
N GLU G 1058 24.71 -8.57 -51.21
CA GLU G 1058 24.48 -7.30 -50.53
C GLU G 1058 23.98 -6.29 -51.56
N SER G 1059 22.72 -5.88 -51.43
CA SER G 1059 22.20 -4.78 -52.23
C SER G 1059 22.62 -3.46 -51.60
N ASP G 1060 22.17 -2.36 -52.18
CA ASP G 1060 22.43 -1.04 -51.60
C ASP G 1060 21.65 -0.91 -50.30
N LYS G 1061 22.36 -0.82 -49.18
CA LYS G 1061 21.71 -0.70 -47.86
C LYS G 1061 20.69 -1.81 -47.66
N PHE G 1062 20.99 -3.00 -48.18
CA PHE G 1062 20.05 -4.11 -48.11
C PHE G 1062 20.83 -5.42 -48.19
N PHE G 1063 20.14 -6.50 -47.86
CA PHE G 1063 20.66 -7.85 -47.92
C PHE G 1063 19.71 -8.73 -48.72
N LYS G 1064 20.29 -9.70 -49.43
CA LYS G 1064 19.52 -10.73 -50.12
C LYS G 1064 20.17 -12.08 -49.89
N ILE G 1065 19.38 -13.03 -49.41
CA ILE G 1065 19.86 -14.38 -49.12
C ILE G 1065 18.99 -15.37 -49.90
N THR G 1066 19.61 -16.08 -50.84
CA THR G 1066 18.94 -17.10 -51.63
C THR G 1066 19.42 -18.47 -51.21
N ILE G 1067 18.48 -19.37 -50.94
CA ILE G 1067 18.79 -20.72 -50.49
C ILE G 1067 18.68 -21.65 -51.69
N VAL G 1068 19.81 -22.20 -52.12
CA VAL G 1068 19.84 -23.24 -53.15
C VAL G 1068 19.67 -24.58 -52.45
N PRO G 1069 18.50 -25.22 -52.55
CA PRO G 1069 18.25 -26.42 -51.73
C PRO G 1069 18.99 -27.64 -52.27
N ASP G 1070 19.37 -28.51 -51.33
CA ASP G 1070 19.86 -29.83 -51.69
C ASP G 1070 18.79 -30.61 -52.45
N ASP G 1071 17.52 -30.28 -52.24
CA ASP G 1071 16.43 -30.93 -52.97
C ASP G 1071 16.55 -30.77 -54.47
N GLY G 1072 17.30 -29.77 -54.94
CA GLY G 1072 17.34 -29.51 -56.36
C GLY G 1072 16.07 -28.90 -56.91
N GLY G 1073 15.27 -28.27 -56.07
CA GLY G 1073 14.01 -27.70 -56.49
C GLY G 1073 14.03 -26.19 -56.59
N GLU G 1074 12.88 -25.57 -56.32
CA GLU G 1074 12.75 -24.13 -56.47
C GLU G 1074 13.68 -23.39 -55.51
N GLU G 1075 14.41 -22.42 -56.04
CA GLU G 1075 15.24 -21.57 -55.20
C GLU G 1075 14.36 -20.67 -54.33
N VAL G 1076 14.62 -20.67 -53.02
CA VAL G 1076 13.87 -19.86 -52.08
C VAL G 1076 14.68 -18.60 -51.80
N VAL G 1077 14.09 -17.44 -52.07
CA VAL G 1077 14.77 -16.16 -51.98
C VAL G 1077 14.13 -15.33 -50.86
N TYR G 1078 14.96 -14.67 -50.07
CA TYR G 1078 14.54 -13.69 -49.09
C TYR G 1078 15.08 -12.34 -49.54
N ASP G 1079 14.20 -11.48 -50.06
CA ASP G 1079 14.61 -10.37 -50.90
C ASP G 1079 15.38 -9.31 -50.10
N LYS G 1080 14.72 -8.68 -49.14
CA LYS G 1080 15.27 -7.51 -48.46
C LYS G 1080 15.39 -7.77 -46.97
N LEU G 1081 16.59 -7.54 -46.43
CA LEU G 1081 16.84 -7.60 -45.00
C LEU G 1081 17.76 -6.45 -44.62
N SER G 1082 17.33 -5.65 -43.66
CA SER G 1082 18.11 -4.48 -43.25
C SER G 1082 19.51 -4.91 -42.80
N LYS G 1083 20.51 -4.13 -43.21
CA LYS G 1083 21.88 -4.41 -42.82
C LYS G 1083 22.11 -4.28 -41.33
N ARG G 1084 21.15 -3.72 -40.57
CA ARG G 1084 21.35 -3.51 -39.15
C ARG G 1084 21.19 -4.79 -38.34
N GLN G 1085 20.40 -5.75 -38.83
CA GLN G 1085 20.16 -6.98 -38.08
C GLN G 1085 21.34 -7.93 -38.11
N ARG G 1086 22.31 -7.71 -38.99
CA ARG G 1086 23.53 -8.53 -39.02
C ARG G 1086 23.12 -9.95 -39.41
N LEU G 1087 23.79 -10.98 -38.89
CA LEU G 1087 23.50 -12.36 -39.22
C LEU G 1087 23.66 -13.22 -37.98
N ARG G 1088 23.11 -14.43 -38.04
CA ARG G 1088 23.25 -15.38 -36.94
C ARG G 1088 24.66 -15.93 -36.92
N VAL G 1089 25.27 -15.96 -35.74
CA VAL G 1089 26.66 -16.40 -35.59
C VAL G 1089 26.74 -17.92 -35.53
N GLY G 1098 31.15 -19.45 -37.76
CA GLY G 1098 30.13 -18.82 -36.95
C GLY G 1098 29.15 -17.98 -37.75
N VAL G 1099 29.55 -16.74 -38.04
CA VAL G 1099 28.69 -15.85 -38.82
C VAL G 1099 28.45 -16.44 -40.20
N LEU G 1100 27.26 -16.18 -40.74
CA LEU G 1100 26.90 -16.72 -42.04
C LEU G 1100 27.79 -16.12 -43.13
N SER G 1101 28.17 -16.96 -44.09
CA SER G 1101 28.94 -16.55 -45.25
C SER G 1101 28.44 -17.31 -46.47
N ASP G 1102 28.81 -16.82 -47.65
CA ASP G 1102 28.34 -17.42 -48.88
C ASP G 1102 28.84 -18.85 -49.00
N GLY G 1103 27.90 -19.78 -49.18
CA GLY G 1103 28.21 -21.19 -49.31
C GLY G 1103 27.95 -22.02 -48.08
N ASP G 1104 27.61 -21.39 -46.96
CA ASP G 1104 27.35 -22.13 -45.72
C ASP G 1104 26.09 -22.97 -45.86
N HIS G 1105 26.15 -24.20 -45.35
CA HIS G 1105 25.00 -25.07 -45.34
C HIS G 1105 24.06 -24.70 -44.20
N VAL G 1106 22.76 -24.77 -44.47
CA VAL G 1106 21.74 -24.32 -43.53
C VAL G 1106 20.70 -25.41 -43.36
N GLU G 1107 20.54 -25.91 -42.14
CA GLU G 1107 19.46 -26.81 -41.84
C GLU G 1107 18.13 -26.05 -41.76
N VAL G 1108 17.04 -26.80 -41.81
CA VAL G 1108 15.69 -26.23 -41.95
C VAL G 1108 15.45 -25.14 -40.92
N GLY G 1109 15.32 -25.52 -39.65
CA GLY G 1109 14.87 -24.59 -38.62
C GLY G 1109 15.87 -23.55 -38.16
N ASP G 1110 16.98 -23.41 -38.89
CA ASP G 1110 18.01 -22.47 -38.47
C ASP G 1110 17.58 -21.03 -38.72
N GLN G 1111 17.97 -20.14 -37.82
CA GLN G 1111 17.72 -18.72 -37.97
C GLN G 1111 18.78 -18.09 -38.87
N LEU G 1112 18.37 -17.15 -39.70
CA LEU G 1112 19.29 -16.56 -40.66
C LEU G 1112 20.01 -15.33 -40.09
N MET G 1113 19.29 -14.21 -39.99
CA MET G 1113 19.88 -12.97 -39.51
C MET G 1113 19.49 -12.71 -38.07
N GLU G 1114 20.43 -12.16 -37.31
CA GLU G 1114 20.26 -12.02 -35.86
C GLU G 1114 18.98 -11.29 -35.51
N GLY G 1115 18.26 -11.83 -34.53
CA GLY G 1115 17.00 -11.24 -34.12
C GLY G 1115 16.17 -12.26 -33.36
N ALA G 1116 14.86 -12.04 -33.37
CA ALA G 1116 13.91 -12.93 -32.73
C ALA G 1116 13.00 -13.52 -33.82
N ALA G 1117 13.07 -14.84 -33.99
CA ALA G 1117 12.28 -15.50 -35.02
C ALA G 1117 10.81 -15.57 -34.60
N ASP G 1118 9.93 -15.44 -35.59
CA ASP G 1118 8.50 -15.52 -35.34
C ASP G 1118 8.13 -16.90 -34.83
N PRO G 1119 7.58 -17.04 -33.61
CA PRO G 1119 7.17 -18.37 -33.14
C PRO G 1119 6.14 -19.01 -34.05
N HIS G 1120 5.20 -18.23 -34.58
CA HIS G 1120 4.23 -18.78 -35.53
C HIS G 1120 4.90 -19.28 -36.80
N GLU G 1121 6.08 -18.75 -37.13
CA GLU G 1121 6.77 -19.18 -38.34
C GLU G 1121 7.43 -20.54 -38.15
N VAL G 1122 8.15 -20.72 -37.04
CA VAL G 1122 8.76 -22.02 -36.78
C VAL G 1122 7.68 -23.06 -36.48
N LEU G 1123 6.53 -22.64 -35.98
CA LEU G 1123 5.40 -23.56 -35.85
C LEU G 1123 4.90 -24.01 -37.20
N ARG G 1124 4.80 -23.08 -38.16
CA ARG G 1124 4.38 -23.42 -39.52
C ARG G 1124 5.38 -24.32 -40.22
N VAL G 1125 6.65 -24.32 -39.78
CA VAL G 1125 7.70 -25.07 -40.47
C VAL G 1125 7.99 -26.38 -39.74
N GLN G 1126 8.49 -26.28 -38.51
CA GLN G 1126 9.06 -27.42 -37.81
C GLN G 1126 8.06 -28.19 -36.96
N GLY G 1127 6.82 -27.74 -36.87
CA GLY G 1127 5.79 -28.47 -36.16
C GLY G 1127 5.68 -28.08 -34.70
N PRO G 1128 4.69 -28.65 -34.01
CA PRO G 1128 4.44 -28.23 -32.61
C PRO G 1128 5.61 -28.50 -31.67
N ARG G 1129 6.19 -29.70 -31.74
CA ARG G 1129 7.22 -30.06 -30.76
C ARG G 1129 8.43 -29.14 -30.83
N GLU G 1130 8.68 -28.49 -31.96
CA GLU G 1130 9.84 -27.62 -32.07
C GLU G 1130 9.58 -26.24 -31.50
N VAL G 1131 8.36 -25.72 -31.70
CA VAL G 1131 8.03 -24.41 -31.14
C VAL G 1131 8.23 -24.40 -29.63
N GLN G 1132 7.87 -25.50 -28.97
CA GLN G 1132 8.05 -25.58 -27.52
C GLN G 1132 9.52 -25.58 -27.16
N ILE G 1133 10.37 -26.15 -28.01
CA ILE G 1133 11.81 -26.10 -27.77
C ILE G 1133 12.33 -24.68 -27.99
N HIS G 1134 11.84 -24.00 -29.02
CA HIS G 1134 12.31 -22.64 -29.31
C HIS G 1134 11.89 -21.68 -28.21
N LEU G 1135 10.65 -21.79 -27.72
CA LEU G 1135 10.18 -20.88 -26.69
C LEU G 1135 10.98 -21.04 -25.40
N VAL G 1136 11.17 -22.28 -24.95
CA VAL G 1136 11.89 -22.51 -23.71
C VAL G 1136 13.34 -22.05 -23.84
N LYS G 1137 13.93 -22.23 -25.02
CA LYS G 1137 15.31 -21.80 -25.23
C LYS G 1137 15.42 -20.27 -25.15
N GLU G 1138 14.50 -19.56 -25.81
CA GLU G 1138 14.54 -18.11 -25.78
C GLU G 1138 14.19 -17.57 -24.40
N VAL G 1139 13.15 -18.13 -23.76
CA VAL G 1139 12.74 -17.66 -22.44
C VAL G 1139 13.87 -17.86 -21.43
N GLN G 1140 14.50 -19.04 -21.44
CA GLN G 1140 15.59 -19.29 -20.52
C GLN G 1140 16.82 -18.45 -20.85
N GLU G 1141 16.97 -18.02 -22.11
CA GLU G 1141 18.12 -17.21 -22.47
C GLU G 1141 18.05 -15.82 -21.85
N VAL G 1142 16.84 -15.25 -21.78
CA VAL G 1142 16.68 -13.94 -21.14
C VAL G 1142 16.93 -14.06 -19.65
N TYR G 1143 16.39 -15.09 -19.00
CA TYR G 1143 16.58 -15.25 -17.57
C TYR G 1143 18.01 -15.63 -17.23
N ARG G 1144 18.72 -16.30 -18.14
CA ARG G 1144 20.12 -16.61 -17.89
C ARG G 1144 21.01 -15.38 -18.03
N ALA G 1145 20.60 -14.42 -18.86
CA ALA G 1145 21.43 -13.24 -19.07
C ALA G 1145 21.54 -12.39 -17.81
N GLN G 1146 20.51 -12.40 -16.97
CA GLN G 1146 20.50 -11.62 -15.74
C GLN G 1146 21.03 -12.38 -14.54
N GLY G 1147 21.47 -13.62 -14.73
CA GLY G 1147 21.92 -14.44 -13.61
C GLY G 1147 20.83 -15.21 -12.91
N VAL G 1148 19.63 -15.28 -13.48
CA VAL G 1148 18.52 -16.02 -12.89
C VAL G 1148 18.55 -17.45 -13.40
N SER G 1149 18.61 -18.41 -12.47
CA SER G 1149 18.66 -19.83 -12.81
C SER G 1149 17.34 -20.48 -12.40
N ILE G 1150 16.53 -20.81 -13.41
CA ILE G 1150 15.30 -21.57 -13.22
C ILE G 1150 15.47 -22.91 -13.94
N HIS G 1151 14.50 -23.79 -13.76
CA HIS G 1151 14.53 -25.10 -14.37
C HIS G 1151 13.60 -25.12 -15.58
N ASP G 1152 14.06 -25.76 -16.66
CA ASP G 1152 13.30 -25.79 -17.90
C ASP G 1152 11.92 -26.42 -17.71
N LYS G 1153 11.76 -27.29 -16.71
CA LYS G 1153 10.46 -27.94 -16.51
C LYS G 1153 9.38 -26.91 -16.21
N HIS G 1154 9.73 -25.85 -15.47
CA HIS G 1154 8.74 -24.81 -15.18
C HIS G 1154 8.29 -24.12 -16.46
N ILE G 1155 9.24 -23.66 -17.27
CA ILE G 1155 8.89 -22.99 -18.52
C ILE G 1155 8.11 -23.92 -19.44
N GLU G 1156 8.34 -25.23 -19.31
CA GLU G 1156 7.60 -26.19 -20.13
C GLU G 1156 6.17 -26.35 -19.62
N VAL G 1157 5.94 -26.18 -18.32
CA VAL G 1157 4.57 -26.23 -17.79
C VAL G 1157 3.74 -25.10 -18.39
N ILE G 1158 4.34 -23.93 -18.54
CA ILE G 1158 3.61 -22.80 -19.12
C ILE G 1158 3.45 -22.98 -20.63
N VAL G 1159 4.50 -23.47 -21.30
CA VAL G 1159 4.44 -23.64 -22.75
C VAL G 1159 3.41 -24.70 -23.12
N ARG G 1160 3.28 -25.74 -22.31
CA ARG G 1160 2.33 -26.81 -22.61
C ARG G 1160 0.91 -26.28 -22.78
N GLN G 1161 0.57 -25.19 -22.09
CA GLN G 1161 -0.79 -24.68 -22.13
C GLN G 1161 -1.08 -23.86 -23.38
N MET G 1162 -0.05 -23.40 -24.09
CA MET G 1162 -0.28 -22.57 -25.27
C MET G 1162 -0.69 -23.41 -26.48
N LEU G 1163 -0.15 -24.60 -26.62
CA LEU G 1163 -0.35 -25.43 -27.80
C LEU G 1163 -1.44 -26.48 -27.62
N ARG G 1164 -2.24 -26.38 -26.56
CA ARG G 1164 -3.30 -27.35 -26.30
C ARG G 1164 -4.53 -27.15 -27.16
N ARG G 1165 -4.54 -26.15 -28.04
CA ARG G 1165 -5.70 -25.87 -28.86
C ARG G 1165 -5.34 -26.02 -30.34
N VAL G 1166 -6.36 -26.29 -31.15
CA VAL G 1166 -6.19 -26.47 -32.59
C VAL G 1166 -7.29 -25.73 -33.33
N THR G 1167 -6.94 -25.15 -34.47
CA THR G 1167 -7.93 -24.49 -35.31
C THR G 1167 -8.72 -25.52 -36.09
N ILE G 1168 -9.97 -25.17 -36.40
CA ILE G 1168 -10.86 -26.03 -37.18
C ILE G 1168 -11.04 -25.37 -38.54
N ILE G 1169 -10.40 -25.93 -39.57
CA ILE G 1169 -10.43 -25.33 -40.90
C ILE G 1169 -11.76 -25.58 -41.58
N ASP G 1170 -12.25 -26.82 -41.54
CA ASP G 1170 -13.48 -27.16 -42.23
C ASP G 1170 -14.19 -28.28 -41.48
N SER G 1171 -15.47 -28.45 -41.82
CA SER G 1171 -16.29 -29.57 -41.36
C SER G 1171 -16.44 -29.47 -39.84
N GLY G 1172 -16.01 -30.46 -39.07
CA GLY G 1172 -16.43 -30.61 -37.69
C GLY G 1172 -17.61 -31.54 -37.52
N SER G 1173 -18.46 -31.66 -38.55
CA SER G 1173 -19.55 -32.63 -38.57
C SER G 1173 -20.66 -32.28 -37.59
N THR G 1174 -20.35 -31.51 -36.55
CA THR G 1174 -21.36 -31.16 -35.55
C THR G 1174 -20.90 -29.88 -34.85
N GLU G 1175 -21.49 -28.75 -35.25
CA GLU G 1175 -21.32 -27.47 -34.56
C GLU G 1175 -19.88 -27.16 -34.20
N PHE G 1176 -18.93 -27.60 -35.01
CA PHE G 1176 -17.54 -27.20 -34.89
C PHE G 1176 -17.26 -26.21 -36.03
N LEU G 1177 -17.21 -24.94 -35.69
CA LEU G 1177 -17.20 -23.88 -36.70
C LEU G 1177 -15.79 -23.65 -37.25
N PRO G 1178 -15.68 -23.18 -38.48
CA PRO G 1178 -14.37 -22.83 -39.03
C PRO G 1178 -13.76 -21.65 -38.31
N GLY G 1179 -12.44 -21.62 -38.29
CA GLY G 1179 -11.73 -20.56 -37.59
C GLY G 1179 -11.99 -20.53 -36.10
N SER G 1180 -12.29 -21.68 -35.51
CA SER G 1180 -12.56 -21.78 -34.08
C SER G 1180 -11.43 -22.56 -33.40
N LEU G 1181 -11.19 -22.25 -32.14
CA LEU G 1181 -10.12 -22.83 -31.35
C LEU G 1181 -10.74 -23.78 -30.32
N THR G 1182 -10.51 -25.08 -30.50
CA THR G 1182 -11.03 -26.10 -29.61
C THR G 1182 -9.89 -26.96 -29.08
N GLU G 1183 -10.09 -27.51 -27.88
CA GLU G 1183 -9.05 -28.32 -27.25
C GLU G 1183 -8.74 -29.55 -28.10
N ARG G 1184 -7.48 -29.96 -28.10
CA ARG G 1184 -7.06 -31.09 -28.91
C ARG G 1184 -7.75 -32.38 -28.47
N ALA G 1185 -7.70 -32.69 -27.17
CA ALA G 1185 -8.31 -33.91 -26.67
C ALA G 1185 -9.80 -33.94 -26.97
N GLU G 1186 -10.51 -32.85 -26.67
CA GLU G 1186 -11.93 -32.77 -26.99
C GLU G 1186 -12.17 -32.85 -28.49
N PHE G 1187 -11.21 -32.36 -29.29
CA PHE G 1187 -11.34 -32.45 -30.74
C PHE G 1187 -11.10 -33.88 -31.24
N GLU G 1188 -10.22 -34.62 -30.58
CA GLU G 1188 -9.95 -35.99 -30.99
C GLU G 1188 -11.14 -36.90 -30.68
N ALA G 1189 -11.86 -36.64 -29.58
CA ALA G 1189 -13.00 -37.48 -29.23
C ALA G 1189 -14.17 -37.24 -30.18
N GLU G 1190 -14.46 -35.97 -30.49
CA GLU G 1190 -15.57 -35.66 -31.39
C GLU G 1190 -15.25 -36.01 -32.83
N ASN G 1191 -13.97 -35.99 -33.22
CA ASN G 1191 -13.60 -36.24 -34.60
C ASN G 1191 -13.76 -37.71 -34.99
N ARG G 1192 -13.84 -38.61 -34.01
CA ARG G 1192 -14.06 -40.02 -34.28
C ARG G 1192 -15.31 -40.19 -35.13
N ARG G 1193 -16.48 -40.01 -34.53
CA ARG G 1193 -17.76 -39.94 -35.23
C ARG G 1193 -17.81 -40.78 -36.50
N VAL G 1194 -17.39 -42.04 -36.40
CA VAL G 1194 -17.27 -42.88 -37.58
C VAL G 1194 -18.62 -43.20 -38.22
N VAL G 1195 -19.72 -43.04 -37.48
CA VAL G 1195 -21.05 -43.36 -38.01
C VAL G 1195 -21.38 -42.53 -39.25
N ALA G 1202 -13.71 -33.29 -40.07
CA ALA G 1202 -13.08 -32.13 -39.47
C ALA G 1202 -11.57 -32.16 -39.68
N ALA G 1203 -10.99 -31.01 -40.03
CA ALA G 1203 -9.57 -30.88 -40.25
C ALA G 1203 -9.10 -29.53 -39.73
N GLY G 1204 -7.88 -29.51 -39.21
CA GLY G 1204 -7.31 -28.28 -38.67
C GLY G 1204 -5.84 -28.45 -38.37
N ARG G 1205 -5.21 -27.34 -38.03
CA ARG G 1205 -3.78 -27.33 -37.75
C ARG G 1205 -3.53 -26.89 -36.31
N PRO G 1206 -2.46 -27.39 -35.68
CA PRO G 1206 -2.13 -26.93 -34.33
C PRO G 1206 -1.78 -25.44 -34.34
N VAL G 1207 -2.16 -24.75 -33.26
CA VAL G 1207 -1.97 -23.32 -33.16
C VAL G 1207 -1.00 -23.03 -32.02
N LEU G 1208 -0.62 -21.75 -31.91
CA LEU G 1208 0.26 -21.27 -30.84
C LEU G 1208 -0.28 -19.92 -30.39
N MET G 1209 -0.76 -19.86 -29.16
CA MET G 1209 -1.43 -18.68 -28.64
C MET G 1209 -0.82 -18.27 -27.30
N GLY G 1210 -0.86 -16.97 -27.04
CA GLY G 1210 -0.32 -16.44 -25.80
C GLY G 1210 -1.07 -16.95 -24.59
N ILE G 1211 -0.46 -16.72 -23.42
CA ILE G 1211 -1.04 -17.21 -22.17
C ILE G 1211 -2.33 -16.48 -21.86
N THR G 1212 -2.43 -15.19 -22.22
CA THR G 1212 -3.66 -14.45 -21.98
C THR G 1212 -4.81 -15.01 -22.82
N LYS G 1213 -4.58 -15.20 -24.12
CA LYS G 1213 -5.62 -15.74 -24.99
C LYS G 1213 -5.99 -17.16 -24.59
N ALA G 1214 -5.04 -17.92 -24.04
CA ALA G 1214 -5.33 -19.28 -23.62
C ALA G 1214 -6.13 -19.31 -22.33
N SER G 1215 -5.69 -18.54 -21.32
CA SER G 1215 -6.41 -18.48 -20.06
C SER G 1215 -7.81 -17.89 -20.23
N LEU G 1216 -8.01 -17.04 -21.24
CA LEU G 1216 -9.33 -16.53 -21.55
C LEU G 1216 -10.22 -17.55 -22.24
N ALA G 1217 -9.63 -18.57 -22.85
CA ALA G 1217 -10.37 -19.63 -23.53
C ALA G 1217 -10.71 -20.80 -22.62
N THR G 1218 -10.42 -20.68 -21.32
CA THR G 1218 -10.69 -21.78 -20.39
C THR G 1218 -12.17 -22.17 -20.43
N ASP G 1219 -12.43 -23.46 -20.23
CA ASP G 1219 -13.79 -23.97 -20.27
C ASP G 1219 -14.66 -23.41 -19.14
N SER G 1220 -14.04 -22.86 -18.10
CA SER G 1220 -14.78 -22.26 -16.99
C SER G 1220 -15.04 -20.80 -17.31
N TRP G 1221 -16.31 -20.44 -17.44
CA TRP G 1221 -16.65 -19.07 -17.82
C TRP G 1221 -16.50 -18.08 -16.68
N LEU G 1222 -16.71 -18.51 -15.43
CA LEU G 1222 -16.49 -17.62 -14.31
C LEU G 1222 -15.02 -17.54 -13.92
N SER G 1223 -14.19 -18.51 -14.36
CA SER G 1223 -12.76 -18.38 -14.17
C SER G 1223 -12.18 -17.31 -15.09
N ALA G 1224 -12.71 -17.20 -16.30
CA ALA G 1224 -12.31 -16.11 -17.19
C ALA G 1224 -12.94 -14.79 -16.77
N ALA G 1225 -14.12 -14.83 -16.16
CA ALA G 1225 -14.75 -13.61 -15.67
C ALA G 1225 -13.94 -12.99 -14.54
N SER G 1226 -13.42 -13.81 -13.63
CA SER G 1226 -12.61 -13.30 -12.53
C SER G 1226 -11.22 -12.91 -12.97
N PHE G 1227 -10.80 -13.26 -14.19
CA PHE G 1227 -9.44 -12.98 -14.65
C PHE G 1227 -9.36 -11.60 -15.29
N GLN G 1228 -9.98 -11.43 -16.46
CA GLN G 1228 -9.82 -10.20 -17.22
C GLN G 1228 -11.00 -10.05 -18.16
N GLU G 1229 -11.27 -8.80 -18.55
CA GLU G 1229 -12.38 -8.46 -19.45
C GLU G 1229 -13.68 -9.13 -18.98
N THR G 1230 -14.05 -8.83 -17.73
CA THR G 1230 -15.22 -9.45 -17.14
C THR G 1230 -16.48 -9.16 -17.97
N THR G 1231 -16.61 -7.94 -18.49
CA THR G 1231 -17.80 -7.59 -19.26
C THR G 1231 -17.91 -8.43 -20.52
N ARG G 1232 -16.82 -8.53 -21.28
CA ARG G 1232 -16.85 -9.30 -22.52
C ARG G 1232 -17.06 -10.78 -22.24
N VAL G 1233 -16.43 -11.30 -21.19
CA VAL G 1233 -16.55 -12.73 -20.88
C VAL G 1233 -17.99 -13.07 -20.52
N LEU G 1234 -18.67 -12.18 -19.82
CA LEU G 1234 -20.02 -12.48 -19.35
C LEU G 1234 -21.02 -12.50 -20.51
N THR G 1235 -20.97 -11.49 -21.38
CA THR G 1235 -21.91 -11.43 -22.49
C THR G 1235 -21.76 -12.64 -23.41
N ASP G 1236 -20.52 -13.05 -23.68
CA ASP G 1236 -20.31 -14.21 -24.54
C ASP G 1236 -20.84 -15.48 -23.88
N ALA G 1237 -20.59 -15.66 -22.59
CA ALA G 1237 -21.07 -16.86 -21.90
C ALA G 1237 -22.59 -16.92 -21.86
N ALA G 1238 -23.24 -15.77 -21.64
CA ALA G 1238 -24.69 -15.76 -21.57
C ALA G 1238 -25.33 -15.99 -22.93
N ILE G 1239 -24.71 -15.51 -24.00
CA ILE G 1239 -25.26 -15.73 -25.34
C ILE G 1239 -25.17 -17.19 -25.73
N ASN G 1240 -24.05 -17.84 -25.41
CA ASN G 1240 -23.88 -19.25 -25.71
C ASN G 1240 -24.56 -20.17 -24.70
N CYS G 1241 -25.22 -19.61 -23.69
CA CYS G 1241 -25.85 -20.41 -22.63
C CYS G 1241 -24.86 -21.40 -22.04
N ARG G 1242 -23.65 -20.90 -21.76
CA ARG G 1242 -22.55 -21.75 -21.32
C ARG G 1242 -22.86 -22.37 -19.95
N SER G 1243 -22.20 -23.48 -19.67
CA SER G 1243 -22.31 -24.17 -18.41
C SER G 1243 -20.91 -24.48 -17.88
N ASP G 1244 -20.68 -24.17 -16.61
CA ASP G 1244 -19.38 -24.37 -15.98
C ASP G 1244 -19.46 -25.61 -15.08
N LYS G 1245 -18.62 -26.60 -15.37
CA LYS G 1245 -18.61 -27.83 -14.60
C LYS G 1245 -17.97 -27.67 -13.23
N LEU G 1246 -17.41 -26.51 -12.92
CA LEU G 1246 -16.77 -26.26 -11.62
C LEU G 1246 -15.65 -27.27 -11.37
N ASN G 1247 -14.83 -27.49 -12.39
CA ASN G 1247 -13.72 -28.43 -12.32
C ASN G 1247 -12.46 -27.79 -11.75
N GLY G 1248 -11.95 -26.74 -12.40
CA GLY G 1248 -10.73 -26.09 -11.96
C GLY G 1248 -10.79 -25.64 -10.51
N LEU G 1249 -9.62 -25.29 -9.97
CA LEU G 1249 -9.53 -24.91 -8.57
C LEU G 1249 -9.98 -23.48 -8.32
N LYS G 1250 -9.77 -22.57 -9.26
CA LYS G 1250 -10.23 -21.20 -9.07
C LYS G 1250 -11.74 -21.14 -8.88
N GLU G 1251 -12.47 -22.04 -9.53
CA GLU G 1251 -13.92 -22.11 -9.31
C GLU G 1251 -14.23 -22.55 -7.89
N ASN G 1252 -13.57 -23.62 -7.42
CA ASN G 1252 -13.84 -24.12 -6.07
C ASN G 1252 -13.44 -23.10 -5.02
N VAL G 1253 -12.47 -22.23 -5.31
CA VAL G 1253 -12.10 -21.19 -4.36
C VAL G 1253 -13.23 -20.18 -4.23
N ILE G 1254 -13.85 -19.78 -5.35
CA ILE G 1254 -14.88 -18.76 -5.30
C ILE G 1254 -16.13 -19.27 -4.60
N ILE G 1255 -16.53 -20.51 -4.86
CA ILE G 1255 -17.74 -21.05 -4.25
C ILE G 1255 -17.51 -21.58 -2.84
N GLY G 1256 -16.28 -21.58 -2.37
CA GLY G 1256 -16.00 -22.06 -1.03
C GLY G 1256 -15.89 -23.56 -0.91
N LYS G 1257 -15.52 -24.24 -1.99
CA LYS G 1257 -15.36 -25.69 -1.99
C LYS G 1257 -13.89 -26.05 -1.81
N LEU G 1258 -13.62 -27.35 -1.74
CA LEU G 1258 -12.27 -27.87 -1.59
C LEU G 1258 -11.61 -27.96 -2.96
N ILE G 1259 -10.48 -27.26 -3.12
CA ILE G 1259 -9.83 -27.22 -4.44
C ILE G 1259 -9.41 -28.63 -4.83
N PRO G 1260 -9.52 -29.01 -6.12
CA PRO G 1260 -9.13 -30.37 -6.55
C PRO G 1260 -7.63 -30.51 -6.76
N ALA G 1261 -6.88 -30.38 -5.67
CA ALA G 1261 -5.43 -30.53 -5.71
C ALA G 1261 -4.93 -30.70 -4.28
N GLY G 1262 -3.64 -31.01 -4.16
CA GLY G 1262 -3.06 -31.22 -2.85
C GLY G 1262 -3.86 -32.23 -2.04
N THR G 1263 -4.20 -31.86 -0.81
CA THR G 1263 -5.03 -32.70 0.04
C THR G 1263 -6.49 -32.75 -0.41
N GLY G 1264 -6.87 -31.96 -1.40
CA GLY G 1264 -8.23 -31.93 -1.90
C GLY G 1264 -8.54 -32.93 -2.98
N ILE G 1265 -7.58 -33.77 -3.37
CA ILE G 1265 -7.83 -34.76 -4.41
C ILE G 1265 -8.92 -35.72 -3.95
N SER G 1266 -9.66 -36.27 -4.91
CA SER G 1266 -10.77 -37.15 -4.60
C SER G 1266 -10.35 -38.36 -3.78
N ARG G 1267 -9.06 -38.72 -3.79
CA ARG G 1267 -8.59 -39.90 -3.07
C ARG G 1267 -8.25 -39.56 -1.62
N TYR G 1268 -7.35 -38.59 -1.42
CA TYR G 1268 -6.83 -38.31 -0.09
C TYR G 1268 -7.96 -38.00 0.89
N ARG G 1269 -8.87 -37.11 0.50
CA ARG G 1269 -9.90 -36.66 1.44
C ARG G 1269 -10.85 -37.77 1.85
N ASN G 1270 -10.91 -38.87 1.11
CA ASN G 1270 -11.78 -39.99 1.43
C ASN G 1270 -11.08 -41.08 2.24
N ILE G 1271 -9.86 -40.83 2.69
CA ILE G 1271 -9.13 -41.85 3.46
C ILE G 1271 -9.91 -42.20 4.71
N ASN G 1272 -9.94 -43.49 5.03
CA ASN G 1272 -10.55 -43.99 6.25
C ASN G 1272 -9.46 -44.44 7.22
N VAL G 1273 -9.64 -44.10 8.50
CA VAL G 1273 -8.67 -44.40 9.54
C VAL G 1273 -9.34 -45.24 10.61
N GLN G 1274 -8.69 -46.34 11.00
CA GLN G 1274 -9.18 -47.22 12.04
C GLN G 1274 -7.98 -47.84 12.74
N PRO G 1275 -8.06 -48.05 14.05
CA PRO G 1275 -6.95 -48.71 14.75
C PRO G 1275 -6.93 -50.20 14.44
N THR G 1276 -5.72 -50.73 14.25
CA THR G 1276 -5.58 -52.15 13.98
C THR G 1276 -6.03 -52.97 15.17
N GLU G 1277 -6.76 -54.05 14.90
CA GLU G 1277 -7.28 -54.89 15.97
C GLU G 1277 -6.17 -55.37 16.91
N GLU G 1278 -5.00 -55.68 16.35
CA GLU G 1278 -3.87 -56.09 17.18
C GLU G 1278 -3.46 -54.98 18.13
N ALA G 1279 -3.48 -53.74 17.66
CA ALA G 1279 -3.09 -52.60 18.51
C ALA G 1279 -4.21 -52.21 19.47
N ARG G 1280 -5.47 -52.38 19.08
CA ARG G 1280 -6.57 -52.05 19.97
C ARG G 1280 -6.58 -52.95 21.20
N ALA G 1281 -6.17 -54.22 21.04
CA ALA G 1281 -6.17 -55.14 22.18
C ALA G 1281 -5.35 -54.58 23.34
N ALA G 1282 -4.26 -53.89 23.04
CA ALA G 1282 -3.46 -53.26 24.11
C ALA G 1282 -4.28 -52.18 24.82
N ALA G 1283 -4.86 -51.26 24.05
CA ALA G 1283 -5.69 -50.20 24.61
C ALA G 1283 -4.94 -49.41 25.68
N SER H 24 19.22 -41.66 13.11
CA SER H 24 19.87 -41.78 14.42
C SER H 24 20.65 -40.51 14.75
N ALA H 25 20.53 -39.50 13.90
CA ALA H 25 21.17 -38.20 14.11
C ALA H 25 20.22 -37.18 14.71
N TYR H 26 19.09 -37.63 15.26
CA TYR H 26 18.03 -36.72 15.71
C TYR H 26 18.58 -35.61 16.59
N ASP H 27 19.19 -35.99 17.72
CA ASP H 27 19.45 -35.06 18.82
C ASP H 27 18.15 -34.74 19.55
N THR H 28 17.28 -35.75 19.67
CA THR H 28 15.99 -35.69 20.33
C THR H 28 15.25 -34.40 19.99
N PRO H 29 14.57 -34.34 18.83
CA PRO H 29 13.86 -33.12 18.47
C PRO H 29 12.80 -32.75 19.50
N LEU H 30 12.57 -31.44 19.65
CA LEU H 30 11.72 -30.88 20.70
C LEU H 30 10.50 -30.21 20.08
N GLY H 31 9.34 -30.88 20.14
CA GLY H 31 8.08 -30.24 19.84
C GLY H 31 7.77 -29.98 18.39
N ILE H 32 6.54 -30.30 17.98
CA ILE H 32 5.99 -29.97 16.67
C ILE H 32 6.80 -30.58 15.53
N THR H 33 8.08 -30.85 15.79
CA THR H 33 8.93 -31.60 14.87
C THR H 33 9.04 -33.06 15.24
N ASN H 34 8.44 -33.46 16.37
CA ASN H 34 8.44 -34.85 16.82
C ASN H 34 7.04 -35.43 16.75
N PRO H 35 6.88 -36.56 16.04
CA PRO H 35 7.97 -37.29 15.37
C PRO H 35 8.40 -36.65 14.05
N PRO H 36 9.62 -36.96 13.60
CA PRO H 36 10.08 -36.42 12.32
C PRO H 36 9.15 -36.84 11.18
N ILE H 37 9.14 -36.02 10.12
CA ILE H 37 8.24 -36.28 9.00
C ILE H 37 8.68 -37.51 8.22
N ASP H 38 9.99 -37.75 8.12
CA ASP H 38 10.49 -38.84 7.29
C ASP H 38 9.98 -40.19 7.79
N GLU H 39 10.11 -40.44 9.09
CA GLU H 39 9.57 -41.67 9.65
C GLU H 39 8.05 -41.74 9.55
N LEU H 40 7.37 -40.59 9.45
CA LEU H 40 5.94 -40.59 9.22
C LEU H 40 5.60 -40.79 7.75
N LEU H 41 6.51 -40.42 6.84
CA LEU H 41 6.27 -40.58 5.41
C LEU H 41 6.35 -42.03 4.97
N SER H 42 7.15 -42.85 5.65
CA SER H 42 7.21 -44.27 5.31
C SER H 42 5.94 -45.01 5.71
N ARG H 43 5.07 -44.38 6.50
CA ARG H 43 3.83 -45.00 6.96
C ARG H 43 2.64 -44.66 6.05
N ALA H 44 2.83 -43.80 5.06
CA ALA H 44 1.73 -43.37 4.20
C ALA H 44 2.24 -43.09 2.80
N SER H 45 1.30 -42.96 1.86
CA SER H 45 1.63 -42.71 0.47
C SER H 45 2.46 -41.45 0.29
N SER H 46 1.83 -40.28 0.48
CA SER H 46 2.49 -39.00 0.29
C SER H 46 2.26 -38.12 1.52
N LYS H 47 2.81 -36.91 1.47
CA LYS H 47 2.61 -35.96 2.56
C LYS H 47 1.15 -35.58 2.70
N TYR H 48 0.40 -35.59 1.60
CA TYR H 48 -1.03 -35.28 1.68
C TYR H 48 -1.80 -36.43 2.32
N ALA H 49 -1.49 -37.67 1.94
CA ALA H 49 -2.09 -38.82 2.61
C ALA H 49 -1.81 -38.80 4.10
N LEU H 50 -0.63 -38.30 4.50
CA LEU H 50 -0.30 -38.19 5.92
C LEU H 50 -1.20 -37.17 6.61
N VAL H 51 -1.58 -36.10 5.90
CA VAL H 51 -2.39 -35.05 6.51
C VAL H 51 -3.77 -35.59 6.88
N ILE H 52 -4.51 -36.08 5.88
CA ILE H 52 -5.82 -36.66 6.16
C ILE H 52 -5.69 -37.83 7.12
N TYR H 53 -4.57 -38.56 7.04
CA TYR H 53 -4.31 -39.65 7.96
C TYR H 53 -4.37 -39.17 9.41
N ALA H 54 -3.49 -38.23 9.76
CA ALA H 54 -3.44 -37.75 11.13
C ALA H 54 -4.63 -36.86 11.47
N ALA H 55 -5.14 -36.10 10.50
CA ALA H 55 -6.24 -35.17 10.77
C ALA H 55 -7.49 -35.92 11.19
N LYS H 56 -7.94 -36.87 10.37
CA LYS H 56 -9.16 -37.61 10.70
C LYS H 56 -9.04 -38.34 12.03
N ARG H 57 -7.84 -38.82 12.37
CA ARG H 57 -7.65 -39.46 13.67
C ARG H 57 -7.81 -38.45 14.80
N ALA H 58 -7.29 -37.24 14.62
CA ALA H 58 -7.47 -36.19 15.62
C ALA H 58 -8.95 -35.89 15.82
N ARG H 59 -9.75 -35.98 14.75
CA ARG H 59 -11.19 -35.82 14.89
C ARG H 59 -11.78 -36.92 15.76
N GLN H 60 -11.27 -38.15 15.62
CA GLN H 60 -11.79 -39.25 16.41
C GLN H 60 -11.42 -39.12 17.89
N ILE H 61 -10.17 -38.76 18.17
CA ILE H 61 -9.74 -38.67 19.56
C ILE H 61 -10.54 -37.61 20.31
N ASN H 62 -10.77 -36.45 19.68
CA ASN H 62 -11.59 -35.42 20.33
C ASN H 62 -13.03 -35.87 20.48
N ASP H 63 -13.52 -36.72 19.57
CA ASP H 63 -14.85 -37.29 19.74
C ASP H 63 -14.89 -38.30 20.88
N TYR H 64 -13.77 -38.96 21.16
CA TYR H 64 -13.73 -39.91 22.27
C TYR H 64 -13.92 -39.21 23.61
N TYR H 65 -13.47 -37.96 23.72
CA TYR H 65 -13.56 -37.22 24.97
C TYR H 65 -14.94 -36.62 25.20
N ASN H 66 -15.88 -36.81 24.29
CA ASN H 66 -17.23 -36.28 24.45
C ASN H 66 -18.25 -37.39 24.60
N GLU H 74 -15.89 -41.58 14.92
CA GLU H 74 -15.68 -42.91 15.49
C GLU H 74 -15.21 -42.82 16.94
N TYR H 75 -15.48 -43.88 17.71
CA TYR H 75 -15.18 -43.92 19.14
C TYR H 75 -14.17 -45.03 19.41
N VAL H 76 -12.91 -44.67 19.55
CA VAL H 76 -11.88 -45.63 19.95
C VAL H 76 -10.68 -44.90 20.54
N GLY H 77 -10.72 -44.69 21.86
CA GLY H 77 -9.69 -44.13 22.70
C GLY H 77 -8.40 -43.59 22.11
N PRO H 78 -7.43 -43.34 22.99
CA PRO H 78 -6.06 -43.10 22.54
C PRO H 78 -5.27 -44.40 22.50
N LEU H 79 -4.37 -44.47 21.52
CA LEU H 79 -3.55 -45.67 21.39
C LEU H 79 -2.29 -45.61 22.24
N VAL H 80 -1.66 -44.45 22.31
CA VAL H 80 -0.44 -44.27 23.09
C VAL H 80 -0.76 -43.48 24.34
N GLU H 81 0.01 -43.73 25.40
CA GLU H 81 -0.15 -43.02 26.66
C GLU H 81 -0.12 -41.51 26.41
N PRO H 82 -1.22 -40.80 26.64
CA PRO H 82 -1.25 -39.37 26.34
C PRO H 82 -0.43 -38.56 27.34
N GLY H 83 -0.12 -37.33 26.94
CA GLY H 83 0.52 -36.39 27.83
C GLY H 83 -0.45 -35.85 28.85
N LEU H 84 0.04 -34.89 29.64
CA LEU H 84 -0.81 -34.24 30.63
C LEU H 84 -2.03 -33.61 29.96
N GLN H 85 -1.81 -32.63 29.09
CA GLN H 85 -2.82 -32.13 28.17
C GLN H 85 -2.18 -32.07 26.80
N GLU H 86 -2.61 -32.96 25.91
CA GLU H 86 -1.99 -33.11 24.59
C GLU H 86 -3.03 -32.88 23.51
N LYS H 87 -2.68 -32.05 22.54
CA LYS H 87 -3.58 -31.80 21.41
C LYS H 87 -3.91 -33.12 20.72
N PRO H 88 -5.18 -33.39 20.41
CA PRO H 88 -5.52 -34.66 19.78
C PRO H 88 -4.71 -34.97 18.53
N LEU H 89 -4.25 -33.94 17.81
CA LEU H 89 -3.44 -34.18 16.62
C LEU H 89 -2.06 -34.72 17.00
N SER H 90 -1.46 -34.19 18.06
CA SER H 90 -0.16 -34.68 18.50
C SER H 90 -0.25 -36.12 18.96
N ILE H 91 -1.38 -36.52 19.54
CA ILE H 91 -1.58 -37.92 19.92
C ILE H 91 -1.68 -38.80 18.69
N ALA H 92 -2.41 -38.34 17.66
CA ALA H 92 -2.57 -39.13 16.45
C ALA H 92 -1.26 -39.28 15.70
N LEU H 93 -0.39 -38.27 15.75
CA LEU H 93 0.90 -38.38 15.07
C LEU H 93 1.78 -39.43 15.71
N ARG H 94 1.75 -39.53 17.04
CA ARG H 94 2.54 -40.55 17.73
C ARG H 94 1.95 -41.94 17.51
N GLU H 95 0.64 -42.04 17.28
CA GLU H 95 0.05 -43.32 16.93
C GLU H 95 0.56 -43.81 15.57
N ILE H 96 0.56 -42.92 14.57
CA ILE H 96 1.05 -43.28 13.25
C ILE H 96 2.53 -43.62 13.31
N HIS H 97 3.28 -42.98 14.22
CA HIS H 97 4.72 -43.19 14.27
C HIS H 97 5.06 -44.65 14.59
N GLY H 98 4.32 -45.27 15.50
CA GLY H 98 4.62 -46.62 15.91
C GLY H 98 3.88 -47.69 15.12
N ASP H 99 3.36 -47.34 13.94
CA ASP H 99 2.66 -48.28 13.07
C ASP H 99 1.39 -48.79 13.73
N LEU H 100 0.74 -47.97 14.54
CA LEU H 100 -0.45 -48.38 15.29
C LEU H 100 -1.75 -48.13 14.53
N LEU H 101 -1.69 -47.58 13.33
CA LEU H 101 -2.90 -47.24 12.59
C LEU H 101 -2.83 -47.78 11.17
N GLU H 102 -4.00 -47.99 10.59
CA GLU H 102 -4.14 -48.44 9.21
C GLU H 102 -5.04 -47.47 8.45
N HIS H 103 -4.76 -47.31 7.16
CA HIS H 103 -5.56 -46.42 6.33
C HIS H 103 -5.62 -46.98 4.92
N THR H 104 -6.74 -46.71 4.24
CA THR H 104 -6.96 -47.12 2.86
C THR H 104 -7.39 -45.90 2.05
N GLU H 105 -6.72 -45.66 0.94
CA GLU H 105 -7.05 -44.51 0.11
C GLU H 105 -8.31 -44.78 -0.71
N GLY H 106 -8.97 -43.70 -1.11
CA GLY H 106 -10.18 -43.79 -1.89
C GLY H 106 -9.94 -43.82 -3.38
N ALA I 149 -22.00 25.74 -52.60
CA ALA I 149 -21.53 24.63 -51.76
C ALA I 149 -22.15 24.70 -50.38
N LEU I 150 -22.63 25.89 -49.99
CA LEU I 150 -23.25 26.05 -48.69
C LEU I 150 -24.51 25.19 -48.56
N ARG I 151 -25.22 24.95 -49.66
CA ARG I 151 -26.40 24.11 -49.60
C ARG I 151 -26.04 22.68 -49.22
N GLN I 152 -24.95 22.15 -49.78
CA GLN I 152 -24.50 20.81 -49.42
C GLN I 152 -24.09 20.76 -47.94
N ALA I 153 -23.31 21.75 -47.49
CA ALA I 153 -22.93 21.80 -46.08
C ALA I 153 -24.15 21.95 -45.19
N ARG I 154 -25.16 22.68 -45.65
CA ARG I 154 -26.39 22.83 -44.87
C ARG I 154 -27.10 21.49 -44.71
N LYS I 155 -27.17 20.70 -45.79
CA LYS I 155 -27.80 19.38 -45.71
C LYS I 155 -27.02 18.46 -44.77
N ASP I 156 -25.69 18.55 -44.80
CA ASP I 156 -24.87 17.74 -43.90
C ASP I 156 -25.07 18.12 -42.44
N ALA I 157 -25.35 19.40 -42.18
CA ALA I 157 -25.57 19.84 -40.81
C ALA I 157 -26.94 19.37 -40.30
N GLU I 158 -27.93 19.37 -41.15
CA GLU I 158 -29.21 18.91 -40.66
C GLU I 158 -29.03 17.45 -40.31
N LEU I 159 -28.38 16.72 -41.20
CA LEU I 159 -28.21 15.29 -41.00
C LEU I 159 -27.02 14.85 -40.19
N THR I 160 -27.05 15.09 -38.89
CA THR I 160 -25.97 14.67 -38.02
C THR I 160 -26.57 14.04 -36.77
N ALA I 161 -26.18 12.82 -36.43
CA ALA I 161 -26.73 12.14 -35.26
C ALA I 161 -26.39 12.71 -33.90
N SER I 162 -25.11 13.00 -33.70
CA SER I 162 -24.60 13.54 -32.44
C SER I 162 -24.80 12.64 -31.21
N ALA I 163 -23.70 12.39 -30.52
CA ALA I 163 -23.69 11.58 -29.31
C ALA I 163 -24.42 12.20 -28.15
N ASP I 164 -24.32 13.50 -28.02
CA ASP I 164 -24.95 14.20 -26.91
C ASP I 164 -26.43 14.05 -26.93
N SER I 165 -27.00 13.80 -25.76
CA SER I 165 -28.44 13.64 -25.62
C SER I 165 -29.31 14.87 -25.82
N VAL I 166 -28.88 16.00 -25.31
CA VAL I 166 -29.67 17.24 -25.37
C VAL I 166 -29.62 17.86 -26.77
N ARG I 167 -28.50 17.68 -27.48
CA ARG I 167 -28.38 18.20 -28.84
C ARG I 167 -29.51 17.69 -29.73
N ALA I 168 -29.58 16.37 -29.95
CA ALA I 168 -30.61 15.81 -30.83
C ALA I 168 -31.99 16.38 -30.55
N TYR I 169 -32.27 16.76 -29.30
CA TYR I 169 -33.54 17.41 -28.99
C TYR I 169 -33.57 18.86 -29.49
N LEU I 170 -32.43 19.55 -29.43
CA LEU I 170 -32.39 20.92 -29.92
C LEU I 170 -32.61 20.98 -31.43
N LYS I 171 -32.16 19.96 -32.16
CA LYS I 171 -32.35 19.95 -33.61
C LYS I 171 -33.82 19.77 -33.96
N GLN I 172 -34.51 18.84 -33.29
CA GLN I 172 -35.89 18.55 -33.64
C GLN I 172 -36.85 19.65 -33.19
N ILE I 173 -36.50 20.36 -32.10
CA ILE I 173 -37.37 21.46 -31.66
C ILE I 173 -37.17 22.70 -32.51
N GLY I 174 -35.98 22.88 -33.11
CA GLY I 174 -35.74 24.00 -34.00
C GLY I 174 -36.13 23.76 -35.44
N LYS I 175 -36.88 22.68 -35.71
CA LYS I 175 -37.35 22.38 -37.05
C LYS I 175 -38.83 22.74 -37.26
N VAL I 176 -39.48 23.36 -36.26
CA VAL I 176 -40.87 23.80 -36.39
C VAL I 176 -40.89 25.31 -36.22
N ALA I 177 -41.39 26.03 -37.24
CA ALA I 177 -41.37 27.49 -37.20
C ALA I 177 -42.20 28.02 -36.05
N LEU I 178 -41.79 29.19 -35.53
CA LEU I 178 -42.55 29.83 -34.47
C LEU I 178 -43.86 30.38 -35.01
N LEU I 179 -44.57 31.11 -34.15
CA LEU I 179 -45.90 31.63 -34.47
C LEU I 179 -45.96 33.11 -34.15
N ASN I 180 -47.00 33.75 -34.68
CA ASN I 180 -47.38 35.10 -34.30
C ASN I 180 -48.79 35.09 -33.74
N ALA I 181 -49.17 36.20 -33.11
CA ALA I 181 -50.44 36.26 -32.37
C ALA I 181 -51.60 35.71 -33.20
N GLU I 182 -51.64 36.03 -34.50
CA GLU I 182 -52.75 35.58 -35.33
C GLU I 182 -52.79 34.06 -35.42
N GLU I 183 -51.64 33.43 -35.68
CA GLU I 183 -51.60 31.98 -35.79
C GLU I 183 -52.01 31.33 -34.48
N GLU I 184 -51.58 31.90 -33.35
CA GLU I 184 -51.95 31.34 -32.06
C GLU I 184 -53.46 31.37 -31.85
N VAL I 185 -54.10 32.49 -32.20
CA VAL I 185 -55.55 32.57 -32.09
C VAL I 185 -56.21 31.57 -33.02
N GLU I 186 -55.63 31.35 -34.20
CA GLU I 186 -56.17 30.37 -35.14
C GLU I 186 -56.13 28.97 -34.55
N LEU I 187 -54.97 28.57 -34.04
CA LEU I 187 -54.84 27.23 -33.46
C LEU I 187 -55.75 27.05 -32.25
N ALA I 188 -55.95 28.11 -31.47
CA ALA I 188 -56.81 28.00 -30.30
C ALA I 188 -58.24 27.67 -30.70
N LYS I 189 -58.76 28.34 -31.74
CA LYS I 189 -60.13 28.08 -32.18
C LYS I 189 -60.26 26.69 -32.79
N ARG I 190 -59.24 26.22 -33.50
CA ARG I 190 -59.28 24.87 -34.05
C ARG I 190 -59.33 23.83 -32.94
N ILE I 191 -58.60 24.07 -31.84
CA ILE I 191 -58.58 23.12 -30.74
C ILE I 191 -59.94 23.05 -30.06
N GLU I 192 -60.51 24.21 -29.75
CA GLU I 192 -61.81 24.24 -29.08
C GLU I 192 -62.89 23.67 -29.98
N ALA I 193 -62.82 23.96 -31.29
CA ALA I 193 -63.80 23.42 -32.21
C ALA I 193 -63.72 21.90 -32.28
N GLY I 194 -62.50 21.37 -32.41
CA GLY I 194 -62.34 19.92 -32.45
C GLY I 194 -62.77 19.24 -31.16
N LEU I 195 -62.58 19.90 -30.02
CA LEU I 195 -63.01 19.32 -28.76
C LEU I 195 -64.53 19.33 -28.64
N TYR I 196 -65.16 20.46 -28.95
CA TYR I 196 -66.61 20.52 -28.90
C TYR I 196 -67.24 19.56 -29.90
N ALA I 197 -66.67 19.46 -31.10
CA ALA I 197 -67.18 18.53 -32.09
C ALA I 197 -67.05 17.09 -31.59
N THR I 198 -65.98 16.79 -30.85
CA THR I 198 -65.80 15.45 -30.32
C THR I 198 -66.84 15.13 -29.26
N GLN I 199 -67.20 16.12 -28.43
CA GLN I 199 -68.18 15.88 -27.38
C GLN I 199 -69.59 15.79 -27.95
N LYS I 200 -69.88 16.53 -29.01
CA LYS I 200 -71.20 16.43 -29.65
C LYS I 200 -71.41 15.03 -30.20
N LEU I 201 -70.41 14.48 -30.90
CA LEU I 201 -70.52 13.11 -31.38
C LEU I 201 -70.58 12.12 -30.22
N ALA I 202 -69.95 12.45 -29.09
CA ALA I 202 -70.06 11.60 -27.91
C ALA I 202 -71.48 11.60 -27.37
N GLU I 203 -72.15 12.76 -27.41
CA GLU I 203 -73.55 12.82 -27.02
C GLU I 203 -74.43 12.04 -27.99
N LEU I 204 -73.99 11.90 -29.25
CA LEU I 204 -74.73 11.12 -30.22
C LEU I 204 -74.56 9.62 -30.03
N ALA I 205 -73.40 9.20 -29.52
CA ALA I 205 -73.16 7.77 -29.31
C ALA I 205 -74.17 7.19 -28.33
N GLU I 206 -74.46 7.90 -27.24
CA GLU I 206 -75.44 7.42 -26.28
C GLU I 206 -76.87 7.65 -26.77
N LYS I 207 -77.09 8.71 -27.55
CA LYS I 207 -78.42 9.06 -28.04
C LYS I 207 -78.68 8.58 -29.45
N GLY I 208 -77.71 7.95 -30.09
CA GLY I 208 -77.91 7.50 -31.46
C GLY I 208 -78.05 8.68 -32.39
N GLU I 209 -79.12 8.68 -33.19
CA GLU I 209 -79.41 9.77 -34.10
C GLU I 209 -78.27 10.00 -35.09
N LYS I 210 -77.92 8.94 -35.80
CA LYS I 210 -76.84 9.01 -36.79
C LYS I 210 -77.11 10.17 -37.76
N LEU I 211 -76.18 11.11 -37.80
CA LEU I 211 -76.33 12.32 -38.61
C LEU I 211 -76.00 12.02 -40.07
N PRO I 212 -76.34 12.94 -40.97
CA PRO I 212 -76.04 12.73 -42.39
C PRO I 212 -74.57 12.40 -42.61
N VAL I 213 -74.31 11.49 -43.56
CA VAL I 213 -72.96 10.98 -43.73
C VAL I 213 -71.98 12.09 -44.09
N GLN I 214 -72.45 13.14 -44.76
CA GLN I 214 -71.56 14.26 -45.08
C GLN I 214 -71.26 15.09 -43.84
N GLN I 215 -72.26 15.31 -42.99
CA GLN I 215 -72.01 16.03 -41.74
C GLN I 215 -71.22 15.18 -40.76
N ARG I 216 -71.47 13.87 -40.75
CA ARG I 216 -70.74 12.99 -39.85
C ARG I 216 -69.27 12.87 -40.26
N ARG I 217 -68.98 12.93 -41.55
CA ARG I 217 -67.59 12.88 -41.99
C ARG I 217 -66.87 14.20 -41.72
N ASP I 218 -67.58 15.32 -41.81
CA ASP I 218 -66.96 16.61 -41.53
C ASP I 218 -66.77 16.85 -40.04
N MET I 219 -67.69 16.37 -39.21
CA MET I 219 -67.50 16.46 -37.77
C MET I 219 -66.23 15.75 -37.34
N GLN I 220 -65.99 14.54 -37.85
CA GLN I 220 -64.80 13.79 -37.49
C GLN I 220 -63.53 14.40 -38.06
N TRP I 221 -63.63 15.18 -39.15
CA TRP I 221 -62.47 15.89 -39.65
C TRP I 221 -62.11 17.08 -38.75
N ILE I 222 -63.12 17.72 -38.15
CA ILE I 222 -62.84 18.78 -37.19
C ILE I 222 -62.05 18.24 -36.01
N CYS I 223 -62.45 17.06 -35.51
CA CYS I 223 -61.67 16.42 -34.45
C CYS I 223 -60.27 16.06 -34.95
N ARG I 224 -60.17 15.58 -36.19
CA ARG I 224 -58.86 15.37 -36.78
C ARG I 224 -58.05 16.66 -36.77
N ASP I 225 -58.66 17.78 -37.16
CA ASP I 225 -57.94 19.04 -37.24
C ASP I 225 -57.67 19.61 -35.86
N GLY I 226 -58.60 19.42 -34.93
CA GLY I 226 -58.39 19.91 -33.57
C GLY I 226 -57.16 19.32 -32.92
N ASP I 227 -56.96 18.01 -33.09
CA ASP I 227 -55.79 17.36 -32.52
C ASP I 227 -54.51 17.79 -33.24
N ARG I 228 -54.58 17.98 -34.56
CA ARG I 228 -53.43 18.50 -35.28
C ARG I 228 -53.11 19.92 -34.86
N ALA I 229 -54.14 20.69 -34.49
CA ALA I 229 -53.89 22.04 -34.00
C ALA I 229 -53.22 22.02 -32.63
N LYS I 230 -53.64 21.10 -31.75
CA LYS I 230 -53.00 20.98 -30.45
C LYS I 230 -51.53 20.58 -30.60
N ASN I 231 -51.26 19.58 -31.44
CA ASN I 231 -49.88 19.14 -31.66
C ASN I 231 -49.05 20.26 -32.28
N HIS I 232 -49.64 21.04 -33.18
CA HIS I 232 -48.88 22.11 -33.82
C HIS I 232 -48.54 23.21 -32.82
N LEU I 233 -49.47 23.54 -31.92
CA LEU I 233 -49.21 24.60 -30.96
C LEU I 233 -48.12 24.20 -29.97
N LEU I 234 -48.09 22.93 -29.58
CA LEU I 234 -47.04 22.46 -28.67
C LEU I 234 -45.68 22.47 -29.37
N GLU I 235 -45.59 21.84 -30.54
CA GLU I 235 -44.33 21.78 -31.27
C GLU I 235 -43.78 23.16 -31.58
N ALA I 236 -44.65 24.18 -31.66
CA ALA I 236 -44.18 25.54 -31.91
C ALA I 236 -43.58 26.17 -30.65
N ASN I 237 -44.24 25.98 -29.50
CA ASN I 237 -43.78 26.52 -28.22
C ASN I 237 -42.99 25.49 -27.39
N LEU I 238 -42.39 24.49 -28.04
CA LEU I 238 -41.46 23.58 -27.38
C LEU I 238 -40.14 24.23 -27.01
N ARG I 239 -39.77 25.33 -27.67
CA ARG I 239 -38.51 26.01 -27.37
C ARG I 239 -38.60 26.93 -26.16
N LEU I 240 -39.76 27.57 -25.96
CA LEU I 240 -39.97 28.35 -24.74
C LEU I 240 -39.74 27.50 -23.50
N VAL I 241 -40.20 26.25 -23.52
CA VAL I 241 -39.94 25.34 -22.40
C VAL I 241 -38.44 25.21 -22.17
N VAL I 242 -37.67 25.07 -23.25
CA VAL I 242 -36.23 24.90 -23.11
C VAL I 242 -35.59 26.18 -22.56
N SER I 243 -36.03 27.34 -23.06
CA SER I 243 -35.43 28.59 -22.61
C SER I 243 -35.67 28.85 -21.13
N LEU I 244 -36.77 28.32 -20.58
CA LEU I 244 -37.04 28.49 -19.16
C LEU I 244 -36.30 27.46 -18.31
N ALA I 245 -36.11 26.25 -18.82
CA ALA I 245 -35.51 25.17 -18.05
C ALA I 245 -34.00 25.27 -17.94
N LYS I 246 -33.36 26.16 -18.70
CA LYS I 246 -31.90 26.29 -18.62
C LYS I 246 -31.47 26.76 -17.24
N ARG I 247 -32.23 27.68 -16.64
CA ARG I 247 -31.81 28.35 -15.43
C ARG I 247 -31.90 27.45 -14.20
N TYR I 248 -32.62 26.34 -14.27
CA TYR I 248 -32.87 25.50 -13.12
C TYR I 248 -31.94 24.29 -13.05
N THR I 249 -30.93 24.24 -13.90
CA THR I 249 -29.98 23.13 -13.87
C THR I 249 -29.06 23.26 -12.65
N GLY I 250 -28.19 22.27 -12.48
CA GLY I 250 -27.27 22.20 -11.36
C GLY I 250 -27.91 22.06 -10.00
N ARG I 251 -29.22 21.84 -9.92
CA ARG I 251 -29.92 21.69 -8.65
C ARG I 251 -30.09 20.23 -8.24
N GLY I 252 -29.58 19.29 -9.02
CA GLY I 252 -29.77 17.87 -8.78
C GLY I 252 -30.70 17.20 -9.78
N MET I 253 -31.30 17.96 -10.68
CA MET I 253 -32.14 17.43 -11.74
C MET I 253 -31.40 17.51 -13.06
N ALA I 254 -31.40 16.42 -13.83
CA ALA I 254 -30.75 16.42 -15.13
C ALA I 254 -31.45 17.42 -16.06
N PHE I 255 -30.68 17.94 -17.02
CA PHE I 255 -31.22 18.94 -17.94
C PHE I 255 -32.46 18.41 -18.67
N LEU I 256 -32.36 17.20 -19.23
CA LEU I 256 -33.47 16.65 -20.00
C LEU I 256 -34.72 16.50 -19.14
N ASP I 257 -34.56 16.05 -17.89
CA ASP I 257 -35.71 15.90 -17.02
C ASP I 257 -36.38 17.25 -16.75
N LEU I 258 -35.58 18.31 -16.59
CA LEU I 258 -36.15 19.64 -16.44
C LEU I 258 -36.88 20.06 -17.72
N ILE I 259 -36.33 19.70 -18.88
CA ILE I 259 -36.96 20.08 -20.14
C ILE I 259 -38.29 19.35 -20.33
N GLN I 260 -38.30 18.04 -20.04
CA GLN I 260 -39.53 17.26 -20.22
C GLN I 260 -40.61 17.71 -19.25
N GLU I 261 -40.26 17.86 -17.96
CA GLU I 261 -41.23 18.35 -17.00
C GLU I 261 -41.76 19.72 -17.40
N GLY I 262 -40.92 20.56 -18.03
CA GLY I 262 -41.41 21.82 -18.56
C GLY I 262 -42.40 21.61 -19.69
N ASN I 263 -42.14 20.60 -20.54
CA ASN I 263 -43.08 20.29 -21.61
C ASN I 263 -44.44 19.90 -21.05
N LEU I 264 -44.45 19.18 -19.93
CA LEU I 264 -45.73 18.85 -19.29
C LEU I 264 -46.47 20.12 -18.86
N GLY I 265 -45.74 21.11 -18.36
CA GLY I 265 -46.37 22.37 -18.04
C GLY I 265 -46.94 23.06 -19.27
N LEU I 266 -46.24 22.90 -20.40
CA LEU I 266 -46.74 23.48 -21.64
C LEU I 266 -48.03 22.81 -22.10
N ILE I 267 -48.18 21.52 -21.85
CA ILE I 267 -49.40 20.82 -22.25
C ILE I 267 -50.60 21.39 -21.51
N ARG I 268 -50.50 21.48 -20.17
CA ARG I 268 -51.60 22.06 -19.41
C ARG I 268 -51.78 23.53 -19.72
N ALA I 269 -50.70 24.23 -20.10
CA ALA I 269 -50.84 25.62 -20.51
C ALA I 269 -51.72 25.74 -21.75
N VAL I 270 -51.50 24.86 -22.74
CA VAL I 270 -52.33 24.89 -23.94
C VAL I 270 -53.75 24.45 -23.62
N GLU I 271 -53.90 23.45 -22.74
CA GLU I 271 -55.24 22.97 -22.39
C GLU I 271 -56.04 24.05 -21.65
N LYS I 272 -55.38 24.91 -20.89
CA LYS I 272 -56.05 25.93 -20.10
C LYS I 272 -55.94 27.32 -20.71
N PHE I 273 -55.27 27.45 -21.84
CA PHE I 273 -55.08 28.76 -22.45
C PHE I 273 -56.38 29.31 -23.00
N ASP I 274 -56.54 30.63 -22.91
CA ASP I 274 -57.71 31.34 -23.40
C ASP I 274 -57.24 32.39 -24.40
N TYR I 275 -57.78 32.34 -25.62
CA TYR I 275 -57.38 33.24 -26.69
C TYR I 275 -58.20 34.52 -26.73
N THR I 276 -59.31 34.60 -25.99
CA THR I 276 -60.14 35.80 -26.02
C THR I 276 -59.53 36.97 -25.27
N LYS I 277 -58.63 36.70 -24.31
CA LYS I 277 -58.03 37.76 -23.51
C LYS I 277 -57.01 38.58 -24.30
N GLY I 278 -56.67 38.18 -25.52
CA GLY I 278 -55.81 38.98 -26.34
C GLY I 278 -54.37 39.05 -25.89
N TYR I 279 -53.96 38.16 -25.00
CA TYR I 279 -52.59 38.13 -24.51
C TYR I 279 -51.79 37.08 -25.26
N LYS I 280 -50.52 37.39 -25.51
CA LYS I 280 -49.64 36.44 -26.18
C LYS I 280 -49.57 35.14 -25.39
N PHE I 281 -49.41 34.03 -26.11
CA PHE I 281 -49.39 32.73 -25.45
C PHE I 281 -48.21 32.61 -24.50
N SER I 282 -47.06 33.19 -24.86
CA SER I 282 -45.89 33.10 -24.00
C SER I 282 -46.14 33.74 -22.64
N THR I 283 -47.06 34.71 -22.57
CA THR I 283 -47.38 35.35 -21.29
C THR I 283 -47.97 34.34 -20.31
N TYR I 284 -48.98 33.59 -20.75
CA TYR I 284 -49.66 32.65 -19.85
C TYR I 284 -48.90 31.34 -19.73
N ALA I 285 -48.16 30.93 -20.76
CA ALA I 285 -47.46 29.66 -20.71
C ALA I 285 -46.23 29.73 -19.79
N THR I 286 -45.64 30.92 -19.63
CA THR I 286 -44.47 31.04 -18.77
C THR I 286 -44.77 30.60 -17.34
N TRP I 287 -45.96 30.92 -16.85
CA TRP I 287 -46.32 30.56 -15.48
C TRP I 287 -46.42 29.04 -15.32
N TRP I 288 -47.09 28.38 -16.26
CA TRP I 288 -47.30 26.94 -16.13
C TRP I 288 -46.02 26.15 -16.31
N ILE I 289 -45.09 26.65 -17.14
CA ILE I 289 -43.84 25.92 -17.36
C ILE I 289 -42.95 25.99 -16.13
N ARG I 290 -42.83 27.18 -15.53
CA ARG I 290 -42.03 27.32 -14.31
C ARG I 290 -42.62 26.50 -13.17
N GLN I 291 -43.95 26.53 -13.02
CA GLN I 291 -44.59 25.76 -11.95
C GLN I 291 -44.36 24.27 -12.14
N ALA I 292 -44.41 23.79 -13.39
CA ALA I 292 -44.18 22.38 -13.64
C ALA I 292 -42.74 21.98 -13.32
N ILE I 293 -41.78 22.84 -13.65
CA ILE I 293 -40.38 22.54 -13.37
C ILE I 293 -40.13 22.52 -11.86
N THR I 294 -40.58 23.58 -11.17
CA THR I 294 -40.35 23.67 -9.73
C THR I 294 -41.08 22.56 -8.99
N ARG I 295 -42.35 22.34 -9.31
CA ARG I 295 -43.10 21.28 -8.65
C ARG I 295 -42.43 19.92 -8.86
N ALA I 296 -41.82 19.72 -10.03
CA ALA I 296 -41.13 18.47 -10.28
C ALA I 296 -39.87 18.35 -9.42
N MET I 297 -39.14 19.44 -9.25
CA MET I 297 -37.91 19.40 -8.46
C MET I 297 -38.20 19.05 -7.01
N ALA I 298 -39.31 19.57 -6.46
CA ALA I 298 -39.64 19.28 -5.07
C ALA I 298 -40.08 17.84 -4.87
N ASP I 299 -40.69 17.23 -5.90
CA ASP I 299 -41.19 15.87 -5.78
C ASP I 299 -40.19 14.80 -6.19
N GLN I 300 -39.04 15.17 -6.75
CA GLN I 300 -38.16 14.17 -7.34
C GLN I 300 -36.71 14.31 -6.90
N ALA I 301 -36.11 15.48 -7.14
CA ALA I 301 -34.66 15.61 -7.07
C ALA I 301 -34.05 15.12 -5.76
N ARG I 302 -34.85 14.92 -4.72
CA ARG I 302 -34.32 14.53 -3.42
C ARG I 302 -34.39 13.02 -3.25
N THR I 303 -33.25 12.40 -2.92
CA THR I 303 -33.20 10.96 -2.74
C THR I 303 -34.23 10.50 -1.72
N ILE I 304 -34.27 11.15 -0.57
CA ILE I 304 -35.37 11.00 0.37
C ILE I 304 -36.40 12.08 0.04
N ARG I 305 -37.52 11.68 -0.56
CA ARG I 305 -38.48 12.65 -1.04
C ARG I 305 -39.06 13.46 0.12
N ILE I 306 -39.23 14.76 -0.12
CA ILE I 306 -39.81 15.67 0.86
C ILE I 306 -41.07 16.27 0.26
N PRO I 307 -42.18 16.35 1.01
CA PRO I 307 -43.41 16.94 0.47
C PRO I 307 -43.20 18.40 0.08
N VAL I 308 -44.16 18.91 -0.69
CA VAL I 308 -44.03 20.26 -1.24
C VAL I 308 -44.00 21.30 -0.12
N HIS I 309 -44.90 21.17 0.85
CA HIS I 309 -45.00 22.19 1.90
C HIS I 309 -43.73 22.27 2.74
N MET I 310 -43.06 21.14 2.95
CA MET I 310 -41.79 21.17 3.70
C MET I 310 -40.67 21.77 2.86
N VAL I 311 -40.66 21.48 1.56
CA VAL I 311 -39.70 22.14 0.66
C VAL I 311 -39.96 23.64 0.62
N GLU I 312 -41.22 24.04 0.82
CA GLU I 312 -41.56 25.45 0.79
C GLU I 312 -40.95 26.20 1.98
N VAL I 313 -41.01 25.60 3.17
CA VAL I 313 -40.50 26.27 4.36
C VAL I 313 -38.98 26.30 4.36
N ILE I 314 -38.34 25.31 3.72
CA ILE I 314 -36.88 25.27 3.72
C ILE I 314 -36.32 26.39 2.85
N ASN I 315 -36.90 26.58 1.66
CA ASN I 315 -36.43 27.64 0.78
C ASN I 315 -36.59 29.01 1.42
N LYS I 316 -37.73 29.25 2.07
CA LYS I 316 -37.92 30.51 2.79
C LYS I 316 -36.92 30.62 3.94
N LEU I 317 -36.63 29.50 4.61
CA LEU I 317 -35.61 29.51 5.65
C LEU I 317 -34.25 29.89 5.09
N GLY I 318 -33.94 29.42 3.87
CA GLY I 318 -32.67 29.75 3.27
C GLY I 318 -32.58 31.20 2.83
N ARG I 319 -33.65 31.71 2.20
CA ARG I 319 -33.66 33.11 1.80
C ARG I 319 -33.59 34.03 3.01
N ILE I 320 -34.32 33.69 4.08
CA ILE I 320 -34.25 34.48 5.31
C ILE I 320 -32.86 34.41 5.91
N GLN I 321 -32.16 33.28 5.74
CA GLN I 321 -30.81 33.14 6.26
C GLN I 321 -29.79 33.89 5.41
N ARG I 322 -30.00 33.95 4.10
CA ARG I 322 -29.07 34.67 3.24
C ARG I 322 -29.21 36.17 3.39
N GLU I 323 -30.43 36.67 3.62
CA GLU I 323 -30.61 38.10 3.83
C GLU I 323 -30.07 38.53 5.19
N LEU I 324 -30.31 37.73 6.23
CA LEU I 324 -29.75 38.04 7.54
C LEU I 324 -28.22 38.03 7.50
N LEU I 325 -27.64 37.23 6.61
CA LEU I 325 -26.19 37.28 6.41
C LEU I 325 -25.77 38.63 5.84
N GLN I 326 -26.51 39.12 4.84
CA GLN I 326 -26.20 40.42 4.26
C GLN I 326 -26.41 41.55 5.25
N ASP I 327 -27.41 41.41 6.15
CA ASP I 327 -27.68 42.46 7.11
C ASP I 327 -26.69 42.44 8.26
N LEU I 328 -26.50 41.28 8.89
CA LEU I 328 -25.67 41.16 10.09
C LEU I 328 -24.21 40.89 9.80
N GLY I 329 -23.86 40.53 8.57
CA GLY I 329 -22.48 40.14 8.28
C GLY I 329 -22.03 38.85 8.93
N ARG I 330 -22.91 38.20 9.70
CA ARG I 330 -22.61 36.93 10.32
C ARG I 330 -23.81 36.01 10.16
N GLU I 331 -23.55 34.71 10.21
CA GLU I 331 -24.62 33.72 10.09
C GLU I 331 -25.63 33.90 11.20
N PRO I 332 -26.91 34.11 10.89
CA PRO I 332 -27.91 34.26 11.95
C PRO I 332 -28.10 32.95 12.72
N THR I 333 -28.04 33.05 14.04
CA THR I 333 -28.30 31.88 14.86
C THR I 333 -29.80 31.58 14.85
N PRO I 334 -30.17 30.33 15.17
CA PRO I 334 -31.60 29.95 15.05
C PRO I 334 -32.57 30.92 15.70
N GLU I 335 -32.17 31.57 16.81
CA GLU I 335 -33.07 32.51 17.45
C GLU I 335 -33.48 33.63 16.50
N GLU I 336 -32.51 34.18 15.75
CA GLU I 336 -32.82 35.20 14.76
C GLU I 336 -33.60 34.62 13.59
N LEU I 337 -33.31 33.36 13.23
CA LEU I 337 -34.03 32.72 12.13
C LEU I 337 -35.47 32.40 12.53
N ALA I 338 -35.67 31.89 13.75
CA ALA I 338 -37.03 31.62 14.22
C ALA I 338 -37.85 32.90 14.37
N LYS I 339 -37.21 33.99 14.79
CA LYS I 339 -37.93 35.26 14.92
C LYS I 339 -38.41 35.76 13.57
N GLU I 340 -37.52 35.85 12.59
CA GLU I 340 -37.89 36.29 11.25
C GLU I 340 -38.95 35.38 10.61
N MET I 341 -39.03 34.12 11.04
CA MET I 341 -39.90 33.14 10.40
C MET I 341 -41.20 32.91 11.14
N ASP I 342 -41.41 33.58 12.28
CA ASP I 342 -42.64 33.48 13.04
C ASP I 342 -42.85 32.08 13.62
N ILE I 343 -41.77 31.35 13.86
CA ILE I 343 -41.86 29.99 14.40
C ILE I 343 -40.87 29.84 15.54
N THR I 344 -41.02 28.74 16.26
CA THR I 344 -40.22 28.54 17.47
C THR I 344 -38.79 28.13 17.11
N PRO I 345 -37.82 28.46 17.97
CA PRO I 345 -36.43 28.07 17.67
C PRO I 345 -36.21 26.57 17.61
N GLU I 346 -36.88 25.80 18.48
CA GLU I 346 -36.72 24.35 18.45
C GLU I 346 -37.30 23.74 17.18
N LYS I 347 -38.18 24.46 16.48
CA LYS I 347 -38.75 23.95 15.23
C LYS I 347 -37.81 24.15 14.04
N VAL I 348 -37.04 25.25 14.03
CA VAL I 348 -36.20 25.56 12.88
C VAL I 348 -35.06 24.56 12.76
N LEU I 349 -34.45 24.16 13.89
CA LEU I 349 -33.40 23.16 13.83
C LEU I 349 -33.93 21.83 13.30
N GLU I 350 -35.09 21.40 13.78
CA GLU I 350 -35.73 20.20 13.23
C GLU I 350 -35.93 20.34 11.73
N ILE I 351 -36.37 21.51 11.27
CA ILE I 351 -36.50 21.75 9.84
C ILE I 351 -35.14 21.75 9.18
N GLN I 352 -34.13 22.29 9.86
CA GLN I 352 -32.77 22.24 9.32
C GLN I 352 -32.23 20.82 9.34
N GLN I 353 -32.70 19.98 10.25
CA GLN I 353 -32.30 18.57 10.25
C GLN I 353 -32.85 17.85 9.01
N TYR I 354 -34.07 18.21 8.58
CA TYR I 354 -34.62 17.63 7.37
C TYR I 354 -33.81 17.99 6.14
N ALA I 355 -33.20 19.18 6.15
CA ALA I 355 -32.39 19.62 5.00
C ALA I 355 -31.15 18.78 4.79
N ARG I 356 -30.77 17.95 5.75
CA ARG I 356 -29.65 17.03 5.55
C ARG I 356 -29.87 16.19 4.30
N GLU I 357 -28.82 16.05 3.50
CA GLU I 357 -28.91 15.25 2.30
C GLU I 357 -27.97 14.04 2.39
N PRO I 358 -28.40 12.89 1.88
CA PRO I 358 -27.59 11.67 2.05
C PRO I 358 -26.29 11.74 1.25
N ILE I 359 -25.33 10.93 1.68
CA ILE I 359 -24.03 10.80 1.04
C ILE I 359 -23.96 9.44 0.38
N SER I 360 -23.21 9.36 -0.72
CA SER I 360 -23.06 8.12 -1.46
C SER I 360 -22.12 7.18 -0.71
N LEU I 361 -22.58 5.94 -0.49
CA LEU I 361 -21.73 4.94 0.16
C LEU I 361 -20.50 4.61 -0.67
N ASP I 362 -20.52 4.91 -1.96
CA ASP I 362 -19.43 4.55 -2.87
C ASP I 362 -18.38 5.65 -3.01
N GLN I 363 -18.51 6.75 -2.28
CA GLN I 363 -17.50 7.80 -2.34
C GLN I 363 -16.15 7.26 -1.88
N THR I 364 -15.11 7.53 -2.66
CA THR I 364 -13.76 7.10 -2.32
C THR I 364 -13.05 8.21 -1.56
N ILE I 365 -12.26 7.81 -0.56
CA ILE I 365 -11.54 8.77 0.26
C ILE I 365 -10.27 8.13 0.81
N ASP I 370 -7.75 4.74 -0.88
CA ASP I 370 -8.47 4.44 -2.11
C ASP I 370 -9.81 3.77 -1.81
N SER I 371 -9.82 2.90 -0.80
CA SER I 371 -11.05 2.18 -0.45
C SER I 371 -12.17 3.16 -0.11
N GLN I 372 -13.35 2.87 -0.62
CA GLN I 372 -14.48 3.77 -0.49
C GLN I 372 -15.13 3.65 0.89
N LEU I 373 -16.00 4.61 1.19
CA LEU I 373 -16.59 4.73 2.52
C LEU I 373 -17.35 3.47 2.91
N GLY I 374 -18.02 2.84 1.93
CA GLY I 374 -18.89 1.71 2.24
C GLY I 374 -18.24 0.63 3.08
N ASP I 375 -16.92 0.48 3.01
CA ASP I 375 -16.20 -0.56 3.74
C ASP I 375 -16.05 -0.23 5.23
N PHE I 376 -16.31 1.01 5.64
CA PHE I 376 -16.13 1.41 7.03
C PHE I 376 -17.38 1.24 7.88
N ILE I 377 -18.52 0.94 7.28
CA ILE I 377 -19.77 0.78 8.02
C ILE I 377 -19.89 -0.68 8.46
N GLU I 378 -19.92 -0.90 9.77
CA GLU I 378 -20.09 -2.24 10.31
C GLU I 378 -21.58 -2.55 10.46
N ASP I 379 -21.94 -3.80 10.22
CA ASP I 379 -23.32 -4.22 10.30
C ASP I 379 -23.77 -4.24 11.76
N SER I 380 -24.79 -3.44 12.08
CA SER I 380 -25.22 -3.33 13.48
C SER I 380 -26.01 -4.56 13.91
N GLU I 381 -26.84 -5.11 13.03
CA GLU I 381 -27.63 -6.29 13.34
C GLU I 381 -26.84 -7.59 13.23
N ALA I 382 -25.58 -7.52 12.83
CA ALA I 382 -24.76 -8.73 12.74
C ALA I 382 -24.63 -9.37 14.12
N VAL I 383 -24.80 -10.69 14.16
CA VAL I 383 -24.78 -11.42 15.42
C VAL I 383 -23.37 -11.52 15.95
N VAL I 384 -23.18 -11.18 17.22
CA VAL I 384 -21.90 -11.34 17.89
C VAL I 384 -21.78 -12.77 18.40
N ALA I 385 -20.57 -13.33 18.31
CA ALA I 385 -20.37 -14.73 18.68
C ALA I 385 -20.50 -14.93 20.19
N VAL I 386 -19.82 -14.09 20.98
CA VAL I 386 -19.82 -14.28 22.43
C VAL I 386 -21.24 -14.18 22.99
N ASP I 387 -21.97 -13.14 22.60
CA ASP I 387 -23.32 -12.95 23.12
C ASP I 387 -24.24 -14.08 22.69
N ALA I 388 -24.09 -14.57 21.46
CA ALA I 388 -24.90 -15.68 20.98
C ALA I 388 -24.57 -16.96 21.74
N VAL I 389 -23.28 -17.22 21.97
CA VAL I 389 -22.89 -18.39 22.74
C VAL I 389 -23.29 -18.23 24.20
N SER I 390 -23.21 -16.99 24.72
CA SER I 390 -23.61 -16.75 26.10
C SER I 390 -25.10 -16.95 26.29
N PHE I 391 -25.90 -16.59 25.28
CA PHE I 391 -27.34 -16.79 25.38
C PHE I 391 -27.70 -18.27 25.49
N THR I 392 -26.95 -19.13 24.80
CA THR I 392 -27.19 -20.56 24.89
C THR I 392 -26.81 -21.09 26.27
N LEU I 393 -25.61 -20.72 26.75
CA LEU I 393 -25.21 -21.10 28.10
C LEU I 393 -26.15 -20.51 29.14
N LEU I 394 -26.75 -19.36 28.84
CA LEU I 394 -27.74 -18.79 29.74
C LEU I 394 -29.03 -19.60 29.72
N GLN I 395 -29.44 -20.07 28.54
CA GLN I 395 -30.60 -20.96 28.47
C GLN I 395 -30.33 -22.27 29.19
N ASP I 396 -29.10 -22.77 29.12
CA ASP I 396 -28.76 -24.01 29.82
C ASP I 396 -28.86 -23.83 31.33
N GLN I 397 -28.49 -22.65 31.83
CA GLN I 397 -28.48 -22.43 33.28
C GLN I 397 -29.90 -22.25 33.81
N LEU I 398 -30.75 -21.53 33.08
CA LEU I 398 -32.12 -21.32 33.54
C LEU I 398 -32.88 -22.64 33.64
N GLN I 399 -32.62 -23.57 32.72
CA GLN I 399 -33.29 -24.87 32.77
C GLN I 399 -32.98 -25.59 34.08
N SER I 400 -31.72 -25.57 34.51
CA SER I 400 -31.35 -26.24 35.75
C SER I 400 -31.97 -25.54 36.96
N VAL I 401 -31.96 -24.21 36.96
CA VAL I 401 -32.54 -23.47 38.09
C VAL I 401 -34.04 -23.70 38.16
N LEU I 402 -34.74 -23.50 37.04
CA LEU I 402 -36.18 -23.74 37.01
C LEU I 402 -36.54 -25.20 37.20
N GLU I 403 -35.60 -26.12 36.92
CA GLU I 403 -35.89 -27.54 37.10
C GLU I 403 -36.10 -27.89 38.57
N THR I 404 -35.44 -27.17 39.47
CA THR I 404 -35.63 -27.35 40.91
C THR I 404 -36.70 -26.37 41.37
N LEU I 405 -37.92 -26.88 41.54
CA LEU I 405 -39.09 -26.09 41.89
C LEU I 405 -40.32 -26.99 41.84
N SER I 406 -41.48 -26.47 42.21
CA SER I 406 -42.71 -27.23 42.03
C SER I 406 -43.06 -27.27 40.55
N GLU I 407 -43.41 -28.46 40.05
CA GLU I 407 -43.76 -28.60 38.65
C GLU I 407 -44.87 -27.64 38.27
N ARG I 408 -45.73 -27.29 39.21
CA ARG I 408 -46.77 -26.31 38.97
C ARG I 408 -46.27 -24.88 39.17
N GLU I 409 -45.27 -24.69 40.04
CA GLU I 409 -44.64 -23.38 40.14
C GLU I 409 -43.81 -23.07 38.91
N ALA I 410 -43.09 -24.07 38.38
CA ALA I 410 -42.29 -23.85 37.18
C ALA I 410 -43.18 -23.55 35.98
N GLY I 411 -44.35 -24.17 35.90
CA GLY I 411 -45.25 -23.91 34.78
C GLY I 411 -45.78 -22.49 34.79
N VAL I 412 -46.04 -21.94 35.98
CA VAL I 412 -46.54 -20.57 36.07
C VAL I 412 -45.49 -19.59 35.54
N VAL I 413 -44.22 -19.81 35.90
CA VAL I 413 -43.17 -18.90 35.45
C VAL I 413 -42.95 -19.03 33.95
N ARG I 414 -43.10 -20.23 33.40
CA ARG I 414 -42.89 -20.41 31.96
C ARG I 414 -43.99 -19.73 31.16
N LEU I 415 -45.24 -19.83 31.61
CA LEU I 415 -46.33 -19.19 30.88
C LEU I 415 -46.31 -17.67 31.07
N ARG I 416 -45.95 -17.21 32.27
CA ARG I 416 -45.96 -15.78 32.56
C ARG I 416 -45.09 -15.02 31.58
N PHE I 417 -43.81 -15.37 31.51
CA PHE I 417 -42.88 -14.71 30.61
C PHE I 417 -42.89 -15.28 29.20
N GLY I 418 -43.61 -16.36 28.96
CA GLY I 418 -43.71 -16.96 27.64
C GLY I 418 -42.70 -18.06 27.37
N LEU I 419 -41.44 -17.83 27.74
CA LEU I 419 -40.37 -18.82 27.62
C LEU I 419 -40.51 -19.73 26.40
N THR I 420 -40.86 -20.98 26.63
CA THR I 420 -40.96 -21.95 25.54
C THR I 420 -41.86 -21.44 24.43
N ASP I 421 -43.04 -20.92 24.78
CA ASP I 421 -43.97 -20.46 23.76
C ASP I 421 -43.48 -19.18 23.09
N GLY I 422 -42.96 -18.24 23.88
CA GLY I 422 -42.46 -16.98 23.36
C GLY I 422 -43.40 -15.81 23.56
N GLN I 423 -44.70 -16.07 23.76
CA GLN I 423 -45.66 -15.01 23.99
C GLN I 423 -45.94 -14.89 25.48
N PRO I 424 -45.54 -13.80 26.14
CA PRO I 424 -45.88 -13.65 27.56
C PRO I 424 -47.39 -13.65 27.76
N ARG I 425 -47.85 -14.51 28.67
CA ARG I 425 -49.28 -14.64 28.96
C ARG I 425 -49.68 -13.66 30.06
N THR I 426 -50.91 -13.80 30.55
CA THR I 426 -51.42 -12.97 31.64
C THR I 426 -51.99 -13.88 32.72
N LEU I 427 -52.25 -13.28 33.89
CA LEU I 427 -52.70 -14.06 35.04
C LEU I 427 -53.99 -14.80 34.74
N ASP I 428 -54.92 -14.17 34.01
CA ASP I 428 -56.19 -14.82 33.71
C ASP I 428 -56.01 -15.99 32.76
N GLU I 429 -55.14 -15.83 31.75
CA GLU I 429 -54.87 -16.93 30.84
C GLU I 429 -54.24 -18.11 31.57
N ILE I 430 -53.28 -17.85 32.46
CA ILE I 430 -52.69 -18.91 33.27
C ILE I 430 -53.69 -19.46 34.27
N GLY I 431 -54.77 -18.74 34.56
CA GLY I 431 -55.76 -19.21 35.50
C GLY I 431 -56.68 -20.27 34.92
N GLN I 432 -56.89 -20.25 33.61
CA GLN I 432 -57.74 -21.25 32.98
C GLN I 432 -57.03 -22.59 32.83
N VAL I 433 -55.71 -22.60 32.73
CA VAL I 433 -54.98 -23.85 32.58
C VAL I 433 -54.83 -24.56 33.92
N TYR I 434 -54.50 -23.82 34.98
CA TYR I 434 -54.37 -24.39 36.31
C TYR I 434 -55.67 -24.33 37.12
N GLY I 435 -56.73 -23.76 36.57
CA GLY I 435 -58.01 -23.73 37.24
C GLY I 435 -58.02 -22.96 38.54
N VAL I 436 -57.49 -21.74 38.52
CA VAL I 436 -57.47 -20.87 39.69
C VAL I 436 -57.72 -19.43 39.23
N THR I 437 -58.00 -18.58 40.20
CA THR I 437 -58.22 -17.17 39.90
C THR I 437 -56.90 -16.48 39.61
N ARG I 438 -56.98 -15.35 38.88
CA ARG I 438 -55.77 -14.58 38.60
C ARG I 438 -55.10 -14.09 39.88
N GLU I 439 -55.85 -13.97 40.98
CA GLU I 439 -55.24 -13.61 42.25
C GLU I 439 -54.41 -14.76 42.80
N ARG I 440 -54.89 -16.00 42.66
CA ARG I 440 -54.14 -17.14 43.18
C ARG I 440 -52.81 -17.31 42.48
N ILE I 441 -52.71 -16.87 41.22
CA ILE I 441 -51.45 -16.99 40.49
C ILE I 441 -50.48 -15.91 40.92
N ARG I 442 -50.97 -14.68 41.14
CA ARG I 442 -50.10 -13.64 41.65
C ARG I 442 -49.48 -14.04 42.98
N GLN I 443 -50.24 -14.74 43.82
CA GLN I 443 -49.67 -15.31 45.03
C GLN I 443 -48.59 -16.33 44.69
N ILE I 444 -48.86 -17.20 43.71
CA ILE I 444 -47.85 -18.16 43.28
C ILE I 444 -46.67 -17.44 42.64
N GLU I 445 -46.94 -16.39 41.86
CA GLU I 445 -45.86 -15.65 41.23
C GLU I 445 -44.98 -14.96 42.27
N SER I 446 -45.57 -14.41 43.33
CA SER I 446 -44.78 -13.73 44.35
C SER I 446 -43.96 -14.71 45.17
N LYS I 447 -44.54 -15.86 45.52
CA LYS I 447 -43.81 -16.83 46.34
C LYS I 447 -42.65 -17.44 45.58
N THR I 448 -42.84 -17.72 44.28
CA THR I 448 -41.75 -18.29 43.50
C THR I 448 -40.68 -17.26 43.18
N MET I 449 -41.05 -15.98 43.15
CA MET I 449 -40.06 -14.94 42.88
C MET I 449 -39.14 -14.73 44.07
N SER I 450 -39.71 -14.66 45.28
CA SER I 450 -38.89 -14.58 46.48
C SER I 450 -38.02 -15.82 46.64
N LYS I 451 -38.51 -16.97 46.19
CA LYS I 451 -37.68 -18.17 46.18
C LYS I 451 -36.62 -18.10 45.09
N LEU I 452 -36.88 -17.35 44.02
CA LEU I 452 -35.89 -17.17 42.96
C LEU I 452 -34.87 -16.12 43.35
N ARG I 453 -35.31 -15.01 43.96
CA ARG I 453 -34.38 -13.99 44.42
C ARG I 453 -33.44 -14.54 45.49
N HIS I 454 -33.87 -15.56 46.22
CA HIS I 454 -33.06 -16.10 47.31
C HIS I 454 -31.74 -16.63 46.76
N PRO I 455 -30.63 -16.47 47.49
CA PRO I 455 -29.31 -16.54 46.86
C PRO I 455 -28.95 -17.90 46.26
N SER I 456 -29.51 -19.00 46.77
CA SER I 456 -29.09 -20.32 46.28
C SER I 456 -29.30 -20.45 44.78
N ARG I 457 -30.40 -19.89 44.26
CA ARG I 457 -30.68 -19.91 42.83
C ARG I 457 -30.00 -18.77 42.08
N SER I 458 -29.98 -17.57 42.67
CA SER I 458 -29.54 -16.37 41.96
C SER I 458 -28.04 -16.11 42.06
N GLN I 459 -27.31 -16.85 42.88
CA GLN I 459 -25.88 -16.60 43.01
C GLN I 459 -25.14 -16.85 41.71
N VAL I 460 -25.64 -17.78 40.88
CA VAL I 460 -24.98 -18.12 39.63
C VAL I 460 -25.35 -17.19 38.48
N LEU I 461 -26.48 -16.49 38.57
CA LEU I 461 -26.96 -15.66 37.47
C LEU I 461 -26.52 -14.20 37.56
N ARG I 462 -25.65 -13.86 38.51
CA ARG I 462 -25.25 -12.48 38.66
C ARG I 462 -24.51 -11.97 37.43
N ASP I 463 -23.68 -12.83 36.82
CA ASP I 463 -22.89 -12.40 35.67
C ASP I 463 -23.74 -12.04 34.47
N TYR I 464 -25.00 -12.45 34.45
CA TYR I 464 -25.86 -12.28 33.28
C TYR I 464 -26.71 -11.01 33.33
N LEU I 465 -26.43 -10.09 34.25
CA LEU I 465 -27.16 -8.82 34.26
C LEU I 465 -27.09 -8.17 32.88
N ASP I 466 -25.89 -8.05 32.33
CA ASP I 466 -25.70 -7.62 30.95
C ASP I 466 -24.21 -7.53 30.63
N PRO J 26 -52.76 -21.96 11.41
CA PRO J 26 -53.54 -20.74 11.64
C PRO J 26 -53.54 -19.82 10.44
N ARG J 27 -53.42 -20.40 9.24
CA ARG J 27 -53.29 -19.65 8.01
C ARG J 27 -54.22 -20.23 6.95
N GLN J 28 -55.12 -19.40 6.43
CA GLN J 28 -55.98 -19.78 5.32
C GLN J 28 -55.58 -18.98 4.09
N VAL J 29 -55.55 -19.66 2.94
CA VAL J 29 -55.02 -19.10 1.70
C VAL J 29 -56.15 -18.53 0.87
N ALA J 30 -55.89 -17.40 0.21
CA ALA J 30 -56.81 -16.77 -0.71
C ALA J 30 -56.16 -16.61 -2.07
N ARG J 31 -56.97 -16.68 -3.11
CA ARG J 31 -56.50 -16.54 -4.48
C ARG J 31 -57.12 -15.31 -5.13
N TYR J 32 -56.39 -14.73 -6.09
CA TYR J 32 -56.84 -13.55 -6.80
C TYR J 32 -56.53 -13.72 -8.28
N ARG J 33 -57.20 -12.90 -9.09
CA ARG J 33 -57.02 -12.91 -10.55
C ARG J 33 -56.86 -11.49 -11.03
N THR J 34 -55.75 -11.22 -11.72
CA THR J 34 -55.49 -9.90 -12.25
C THR J 34 -56.30 -9.68 -13.54
N ASP J 35 -56.15 -8.48 -14.12
CA ASP J 35 -56.92 -8.14 -15.32
C ASP J 35 -56.41 -8.86 -16.56
N ASN J 36 -55.19 -9.39 -16.53
CA ASN J 36 -54.63 -10.09 -17.68
C ASN J 36 -54.88 -11.59 -17.66
N GLY J 37 -55.44 -12.12 -16.56
CA GLY J 37 -55.79 -13.53 -16.48
C GLY J 37 -54.92 -14.37 -15.57
N GLU J 38 -53.91 -13.78 -14.92
CA GLU J 38 -53.07 -14.53 -14.01
C GLU J 38 -53.81 -14.78 -12.70
N GLU J 39 -53.18 -15.55 -11.81
CA GLU J 39 -53.75 -15.84 -10.51
C GLU J 39 -52.62 -16.06 -9.52
N PHE J 40 -52.84 -15.60 -8.28
CA PHE J 40 -51.81 -15.62 -7.26
C PHE J 40 -52.40 -16.06 -5.94
N ASP J 41 -51.64 -16.86 -5.19
CA ASP J 41 -52.05 -17.34 -3.87
C ASP J 41 -51.43 -16.44 -2.80
N VAL J 42 -52.27 -15.87 -1.95
CA VAL J 42 -51.81 -14.99 -0.87
C VAL J 42 -52.20 -15.59 0.46
N PRO J 43 -51.24 -16.08 1.25
CA PRO J 43 -51.59 -16.63 2.57
C PRO J 43 -51.97 -15.52 3.54
N PHE J 44 -52.98 -15.81 4.35
CA PHE J 44 -53.46 -14.89 5.38
C PHE J 44 -53.67 -15.65 6.68
N ALA J 45 -53.86 -14.89 7.75
CA ALA J 45 -54.20 -15.49 9.03
C ALA J 45 -55.64 -16.01 8.98
N ASP J 46 -55.85 -17.21 9.54
CA ASP J 46 -57.18 -17.80 9.55
C ASP J 46 -58.18 -16.92 10.29
N ASP J 47 -57.71 -16.12 11.25
CA ASP J 47 -58.57 -15.21 12.00
C ASP J 47 -58.72 -13.85 11.34
N ALA J 48 -58.16 -13.66 10.15
CA ALA J 48 -58.07 -12.34 9.55
C ALA J 48 -59.29 -12.07 8.64
N GLU J 49 -59.27 -10.91 8.01
CA GLU J 49 -60.33 -10.45 7.12
C GLU J 49 -59.83 -10.48 5.69
N ILE J 50 -60.51 -11.24 4.83
CA ILE J 50 -60.11 -11.36 3.43
C ILE J 50 -60.39 -10.06 2.70
N PRO J 51 -59.38 -9.45 2.08
CA PRO J 51 -59.62 -8.24 1.28
C PRO J 51 -60.23 -8.57 -0.07
N GLY J 52 -60.91 -7.57 -0.64
CA GLY J 52 -61.54 -7.73 -1.93
C GLY J 52 -60.56 -7.73 -3.08
N THR J 53 -59.61 -6.80 -3.06
CA THR J 53 -58.58 -6.69 -4.08
C THR J 53 -57.22 -6.69 -3.42
N TRP J 54 -56.22 -7.18 -4.17
CA TRP J 54 -54.86 -7.27 -3.64
C TRP J 54 -53.87 -6.85 -4.71
N LEU J 55 -52.78 -6.22 -4.27
CA LEU J 55 -51.70 -5.85 -5.16
C LEU J 55 -50.79 -7.06 -5.37
N CYS J 56 -50.71 -7.55 -6.60
CA CYS J 56 -50.03 -8.80 -6.90
C CYS J 56 -48.61 -8.54 -7.40
N ARG J 57 -47.75 -9.54 -7.19
CA ARG J 57 -46.33 -9.41 -7.51
C ARG J 57 -46.08 -9.20 -9.00
N ASN J 58 -47.07 -9.39 -9.86
CA ASN J 58 -46.89 -9.14 -11.28
C ASN J 58 -46.98 -7.66 -11.65
N GLY J 59 -47.32 -6.80 -10.69
CA GLY J 59 -47.42 -5.38 -10.91
C GLY J 59 -48.84 -4.84 -10.98
N LEU J 60 -49.82 -5.70 -11.18
CA LEU J 60 -51.22 -5.30 -11.30
C LEU J 60 -51.97 -5.58 -10.00
N GLU J 61 -53.27 -5.35 -10.03
CA GLU J 61 -54.17 -5.73 -8.96
C GLU J 61 -55.21 -6.70 -9.50
N GLY J 62 -55.81 -7.46 -8.60
CA GLY J 62 -56.75 -8.50 -8.99
C GLY J 62 -57.87 -8.64 -7.98
N THR J 63 -59.01 -9.12 -8.47
CA THR J 63 -60.18 -9.32 -7.64
C THR J 63 -60.10 -10.66 -6.90
N LEU J 64 -60.89 -10.77 -5.84
CA LEU J 64 -60.91 -12.00 -5.06
C LEU J 64 -61.36 -13.18 -5.91
N ILE J 65 -61.01 -14.38 -5.44
CA ILE J 65 -61.29 -15.59 -6.22
C ILE J 65 -62.79 -15.85 -6.32
N GLU J 66 -63.46 -15.98 -5.18
CA GLU J 66 -64.88 -16.35 -5.17
C GLU J 66 -65.76 -15.23 -4.63
N GLY J 67 -65.59 -14.82 -3.38
CA GLY J 67 -66.34 -13.69 -2.84
C GLY J 67 -66.28 -12.49 -3.78
N ASP J 68 -67.45 -12.01 -4.21
CA ASP J 68 -67.54 -11.09 -5.33
C ASP J 68 -67.91 -9.69 -4.88
N VAL J 69 -67.13 -8.70 -5.30
CA VAL J 69 -67.47 -7.29 -5.27
C VAL J 69 -67.94 -6.84 -3.89
N PRO J 70 -67.03 -6.73 -2.91
CA PRO J 70 -67.45 -6.15 -1.63
C PRO J 70 -67.79 -4.67 -1.71
N GLU J 71 -67.01 -3.89 -2.46
CA GLU J 71 -67.20 -2.45 -2.51
C GLU J 71 -66.86 -1.94 -3.91
N PRO J 72 -67.56 -0.90 -4.39
CA PRO J 72 -67.16 -0.26 -5.65
C PRO J 72 -65.94 0.62 -5.55
N LYS J 73 -65.63 1.14 -4.36
CA LYS J 73 -64.46 1.98 -4.13
C LYS J 73 -64.73 3.43 -4.55
N LYS J 74 -65.73 3.63 -5.40
CA LYS J 74 -66.19 4.95 -5.79
C LYS J 74 -65.03 5.84 -6.25
N VAL J 75 -64.36 5.37 -7.31
CA VAL J 75 -63.26 6.13 -7.90
C VAL J 75 -63.83 7.22 -8.80
N LYS J 76 -63.34 8.45 -8.65
CA LYS J 76 -63.78 9.62 -9.40
C LYS J 76 -62.96 9.76 -10.68
N PRO J 77 -63.59 10.14 -11.79
CA PRO J 77 -62.86 10.24 -13.05
C PRO J 77 -61.93 11.45 -13.03
N PRO J 78 -60.81 11.38 -13.74
CA PRO J 78 -59.90 12.52 -13.81
C PRO J 78 -60.44 13.62 -14.71
N ARG J 79 -59.96 14.83 -14.46
CA ARG J 79 -60.39 15.98 -15.25
C ARG J 79 -59.84 15.87 -16.66
N THR J 80 -60.62 16.32 -17.64
CA THR J 80 -60.29 16.19 -19.05
C THR J 80 -60.22 17.57 -19.69
N HIS J 81 -59.63 17.60 -20.89
CA HIS J 81 -59.55 18.85 -21.64
C HIS J 81 -60.93 19.46 -21.87
N TRP J 82 -61.96 18.62 -21.92
CA TRP J 82 -63.31 19.13 -22.08
C TRP J 82 -63.79 19.86 -20.83
N ASP J 83 -63.47 19.32 -19.66
CA ASP J 83 -63.87 20.00 -18.42
C ASP J 83 -63.16 21.34 -18.27
N MET J 84 -61.88 21.41 -18.65
CA MET J 84 -61.15 22.67 -18.58
C MET J 84 -61.67 23.68 -19.58
N LEU J 85 -62.21 23.22 -20.71
CA LEU J 85 -62.75 24.13 -21.71
C LEU J 85 -64.14 24.62 -21.34
N LEU J 86 -64.90 23.81 -20.60
CA LEU J 86 -66.25 24.21 -20.21
C LEU J 86 -66.24 25.40 -19.26
N GLU J 87 -65.19 25.52 -18.44
CA GLU J 87 -65.11 26.63 -17.49
C GLU J 87 -64.97 27.96 -18.20
N ARG J 88 -64.29 28.00 -19.34
CA ARG J 88 -64.01 29.23 -20.06
C ARG J 88 -64.99 29.51 -21.19
N ARG J 89 -65.96 28.63 -21.43
CA ARG J 89 -66.88 28.79 -22.53
C ARG J 89 -68.27 28.32 -22.12
N SER J 90 -69.28 29.09 -22.52
CA SER J 90 -70.66 28.61 -22.48
C SER J 90 -70.93 27.74 -23.69
N VAL J 91 -71.87 26.81 -23.54
CA VAL J 91 -72.14 25.85 -24.62
C VAL J 91 -72.50 26.58 -25.90
N GLU J 92 -73.26 27.68 -25.79
CA GLU J 92 -73.69 28.41 -26.98
C GLU J 92 -72.49 29.03 -27.70
N GLU J 93 -71.51 29.49 -26.93
CA GLU J 93 -70.32 30.10 -27.55
C GLU J 93 -69.59 29.09 -28.42
N LEU J 94 -69.34 27.89 -27.90
CA LEU J 94 -68.74 26.84 -28.71
C LEU J 94 -69.67 26.45 -29.86
N GLU J 95 -70.97 26.36 -29.58
CA GLU J 95 -71.94 26.04 -30.63
C GLU J 95 -71.89 27.08 -31.74
N GLU J 96 -71.91 28.37 -31.38
CA GLU J 96 -71.82 29.42 -32.38
C GLU J 96 -70.50 29.36 -33.14
N LEU J 97 -69.41 29.07 -32.42
CA LEU J 97 -68.11 28.98 -33.09
C LEU J 97 -68.04 27.78 -34.01
N LEU J 98 -68.65 26.66 -33.62
CA LEU J 98 -68.66 25.48 -34.47
C LEU J 98 -69.39 25.75 -35.78
N LYS J 99 -70.57 26.37 -35.70
CA LYS J 99 -71.26 26.75 -36.92
C LYS J 99 -70.41 27.68 -37.78
N GLU J 100 -69.66 28.59 -37.15
CA GLU J 100 -68.76 29.45 -37.90
C GLU J 100 -67.62 28.65 -38.53
N ARG J 101 -67.11 27.66 -37.81
CA ARG J 101 -66.05 26.82 -38.34
C ARG J 101 -66.58 25.79 -39.33
N LEU J 102 -67.77 25.23 -39.06
CA LEU J 102 -68.32 24.21 -39.94
C LEU J 102 -68.75 24.80 -41.28
N ASP J 103 -69.34 25.99 -41.25
CA ASP J 103 -69.73 26.65 -42.50
C ASP J 103 -68.52 27.17 -43.27
N LEU J 104 -67.37 27.28 -42.63
CA LEU J 104 -66.15 27.66 -43.35
C LEU J 104 -65.73 26.56 -44.30
N ILE J 105 -65.61 25.33 -43.80
CA ILE J 105 -65.30 24.19 -44.67
C ILE J 105 -66.43 23.95 -45.65
N LYS J 106 -67.67 24.25 -45.26
CA LYS J 106 -68.79 24.13 -46.19
C LYS J 106 -68.64 25.10 -47.37
N ALA J 107 -67.93 26.20 -47.17
CA ALA J 107 -67.71 27.14 -48.27
C ALA J 107 -66.75 26.58 -49.30
N LYS J 108 -65.77 25.78 -48.88
CA LYS J 108 -64.89 25.12 -49.83
C LYS J 108 -65.64 24.04 -50.60
N ARG J 109 -66.50 23.28 -49.91
CA ARG J 109 -67.33 22.31 -50.59
C ARG J 109 -68.14 22.95 -51.70
N ARG J 110 -68.69 24.14 -51.45
CA ARG J 110 -69.43 24.87 -52.47
C ARG J 110 -68.51 25.52 -53.49
N GLY J 111 -67.32 25.95 -53.06
CA GLY J 111 -66.36 26.57 -53.96
C GLY J 111 -66.96 27.79 -54.66
S SO4 K . 18.77 -1.97 0.54
O1 SO4 K . 19.41 -3.27 0.44
O2 SO4 K . 19.79 -0.95 0.74
O3 SO4 K . 18.03 -1.67 -0.68
O4 SO4 K . 17.85 -1.96 1.67
ZN ZN L . 3.56 -38.41 -18.82
ZN ZN M . -49.30 -5.24 9.16
S SO4 N . 9.95 -38.69 -30.24
O1 SO4 N . 11.00 -39.30 -29.44
O2 SO4 N . 10.48 -38.34 -31.55
O3 SO4 N . 8.84 -39.62 -30.38
O4 SO4 N . 9.48 -37.47 -29.57
S SO4 O . -1.76 -43.86 -9.73
O1 SO4 O . -1.29 -44.07 -8.36
O2 SO4 O . -1.12 -42.67 -10.28
O3 SO4 O . -1.41 -45.01 -10.55
O4 SO4 O . -3.21 -43.68 -9.73
S SO4 P . -4.86 -30.11 -18.04
O1 SO4 P . -4.99 -29.87 -19.48
O2 SO4 P . -3.45 -30.10 -17.69
O3 SO4 P . -5.44 -31.40 -17.70
O4 SO4 P . -5.55 -29.05 -17.32
C1 EDO Q . 45.25 -14.53 12.54
O1 EDO Q . 44.66 -13.23 12.62
C2 EDO Q . 45.53 -15.06 13.94
O2 EDO Q . 44.32 -15.05 14.70
H11 EDO Q . 44.58 -15.21 12.01
H12 EDO Q . 46.19 -14.47 11.98
HO1 EDO Q . 44.49 -12.90 11.72
H21 EDO Q . 45.92 -16.08 13.88
H22 EDO Q . 46.27 -14.45 14.43
HO2 EDO Q . 44.49 -15.39 15.60
S SO4 R . -28.03 17.78 -16.82
O1 SO4 R . -27.17 17.78 -18.00
O2 SO4 R . -27.56 18.81 -15.89
O3 SO4 R . -29.41 18.05 -17.22
O4 SO4 R . -27.96 16.48 -16.16
S SO4 S . -51.69 23.08 -38.86
O1 SO4 S . -50.63 22.87 -39.84
O2 SO4 S . -51.26 24.04 -37.86
O3 SO4 S . -52.88 23.58 -39.53
O4 SO4 S . -52.01 21.80 -38.20
C1 EDO T . -47.70 -24.97 44.60
O1 EDO T . -46.47 -24.27 44.76
C2 EDO T . -47.44 -26.32 43.94
O2 EDO T . -46.50 -27.06 44.72
H11 EDO T . -48.17 -25.12 45.57
H12 EDO T . -48.39 -24.39 43.98
HO1 EDO T . -46.63 -23.42 45.18
H21 EDO T . -48.38 -26.88 43.86
H22 EDO T . -47.04 -26.17 42.93
HO2 EDO T . -46.34 -27.92 44.29
#